data_9DN5
#
_entry.id   9DN5
#
_cell.length_a   1.00
_cell.length_b   1.00
_cell.length_c   1.00
_cell.angle_alpha   90.00
_cell.angle_beta   90.00
_cell.angle_gamma   90.00
#
_symmetry.space_group_name_H-M   'P 1'
#
loop_
_entity.id
_entity.type
_entity.pdbx_description
1 polymer 'Dynein heavy chain, cytoplasmic'
2 polymer 'Nuclear distribution protein PAC1'
3 non-polymer "ADENOSINE-5'-TRIPHOSPHATE"
4 non-polymer "ADENOSINE-5'-DIPHOSPHATE"
5 non-polymer 'MAGNESIUM ION'
#
loop_
_entity_poly.entity_id
_entity_poly.type
_entity_poly.pdbx_seq_one_letter_code
_entity_poly.pdbx_strand_id
1 'polypeptide(L)'
;GDQLTHVVEEVKTYDLVWRSIKNLWEDVQRTFETPWCRVDVLLLQSDLANFLRRADELPRAVKQFEMYKSLFSQVNMLTS
VNKILVELKDGALKPRHWNMIFRDIGKRQIQKNLLDKLEFSLKDVMVLNLTLNEILLTKIIERAQKEFVIEKSLNRIKKF
WKEAQYEVIEHSSGLKLVREWDVLEQACKEDLEELVSMKASNYYKIFEQDCLDLESKLTKLSEIQVNWVEVQFYWLDLYG
ILGENLDIQNFLPLETSKFKSLTSEYKMITTRAFQLDTTIEVIHIPNFDTTLKLTIDSLKMIKSSLSTFLERQRRQFPRF
YFLGNDDLLKIIGSGKHHDQVSKFMKKMFGSIESIIFFEDSITGVRSVEGEVLNLNEKIELKDSIQAQEWLNILDTEIKL
SVFTQFRDCLGQLKDGTDIEVVVSKYIFQAILLSAQVMWTELVEKCLQTNEFSKYWKEVDMKIKGLLDKLNKSSDNVKKK
IEALLVEYLHFNNVIGQLKNCSTKEEARLLWAKVQKFYQKNDTLDDLNSVFISQSGYLLQYKFEYIGIPERLIYTPLLLV
GFATLTDSLHQKYGGCFFGPAGTGKTETVKAFGQNLGRVVVVFNCDDSFDYQVLSRLLVGITQIGAWGCFDEFNRLDEKV
LSAVSANIQQIQNGLQVGKSHITLLEEETPLSPHTAVFITLNPGYNGRSELPENLKKSFREFSMKSPQSGTIAEMILQIM
GFEDSKSLASKIVHFLELLSSKCSSMNHYHFGLRTLKGVLRNCSPLVSEFGEGEKTVVESLKRVILPSLGDTDELVFKDE
LSKIFDSAGTPLNSKAIVQCLKDAGQRSGFSMSEEFLKKCMQFYYMQKTQQALILVGKAGCGKTATWKTVIDAMAIFDGH
ANVVYVIDTKVLTKESLYGSMLKATLEWRDGLFTSILRRVNDDITGTFKNSRIWVVFDSDLDPEYVEAMNSVLDDNKILT
LPNGERLPIPPNFRILFETDNLDHTTPATITRCGLLWFSTDVCSISSKIDHLLNKSYEALDNKLSMFELDKLKDLISDSF
DMASLTNIFTCSNDLVHILGVRTFNKLETAVQLAVHLISSYRQWFQNLDDKSLKDVITLLIKRSLLYALAGDSTGESQRA
FIQTINTYFGHDSQELSDYSTIVIANDKLSFSSFCSEIPSVSLEAHEVMRPDIVIPTIDTIKHEKIFYDLLNSKRGIILC
GPPGSGKTMIMNNALRNSSLYDVVGINFSKDTTTEHILSALHRHTNYVTTSKGLTLLPKSDIKNLVLFCDEINLPKLDKY
GSQNVVLFLRQLMEKQGFWKTPENKWVTIERIHIVGACNPPTDPGRIPMSERFTRHAAILYLGYPSGKSLSQIYEIYYKA
IFKLVPEFRSYTEPFARASVHLYNECKARYSTGLQSHYLFSPRELTRLVRGVYTAINTGPRQTLRSLIRLWAYEAWRIFA
DRLVGVKEKNSFEQLLYETVDKYLPNQDLGNISSTSLLFSGLLSLDFKEVNKTDLVNFIEERFKTFCDEELEVPMVIHES
MVDHILRIDRALKQVQGHMMLIGASRTGKTILTRFVAWLNGLKIVQPKIHRHSNLSDFDMILKKAISDCSLKESRTCLII
DESNILETAFLERMNTLLANADIPDLFQGEEYDKLLNNLRNKTRSLGLLLDTEQELYDWFVGEIAKNLHVVFTICDPTNN
KSSAMISSPALFNRCIINWMGDWDTKTMSQVANNMVDVVPMEFTDFIVPEVNKELVFTEPIQTIRDAVVNILIHFDRNFY
QKMKVGVNPRSPGYFIDGLRALVKLVTAKYQDLQENQRFVNVGLEKLNESVLKVNELNKTLSKKSTELTEKEKEARSTLD
KMLMEQNESERKQEATEEIKKILKVQEEDIRKRKEVVMKSIQDIEPTILEAQRGVKNIKKQQLTEIRSMVNPPSGVKIVM
EAVCAILGYQFSNWRDIQQFIRKDDFIHNIVHYDTTLHMKPQIRKYMEEEFLSDPNFTYETINRASKACGPLYQWVNAQI
NFSKVLENVDPLRQEMKRIEFESLKTKANLLAAEEMTQDLEASIEVSKQKYSLLIRDVEAIKTEMSNVQANLDRSISLVK
SLTFEKERWLNTTKQFSKTSQELIGNCIISSIYETYFGHLNERERGDMLVILKRLLGKFAVKYDVNYRFIDYLVTLDEKM
KWLECGLDKNDYFLENMSIVMNSQDAVPFLLDPSSHMITVISNYYGNKTVLLSFLEEGFVKRLENAVRFGSVVIIQDGEF
FDPIISRLISREFNHAGNRVTVEIGDHEVDVSGDFKLFIHSCDPSGDIPIFLRSRVRLVHFVTNKESIETRIFDITLTEE
NAEMQRKREDLIKLNTEYRLKLKNLEKRLLEELNNSQGNMLENDELMVTLNNLKKEAMNIEKKLSESEEFFPQFDNLVEE
YSIIGKHSVKIFSMLEKFGQFHWFYGISIGQFLSCFKRVFIKKSRETRAARTRVDEILWLLYQEVYCQFSTALDKKFKMI
MAMTMFCLYKFDIESEQYKEAVLTMIGVLSESSDGVPKLTVDTNDDLRYLWDYVTTKSYISALNWFKNEFFVDEWNIADV
VANSENNYFTMASERDVDGTFKLIELAKASKESLKIIPLGSIENLNYAQEEISKSKIEGGWILLQNIQMSLSWVKTYLHK
HVEETKAAEEHEKFKMFMTCHLTGDKLPAPLLQRTDRVVYEDIPGILDTVKDLWGSQFFTGKISGVWSVYCTFLLSWFHA
LITARTRLVPHGFSKKYYFNDCDFQFASVYLENVLATNSTNNIPWAQVRDHIATIVYGGKIDEEKDLEVVAKLCAHVFCG
SDNLQIVPGVRIPQPLLQQSEEEERARLTAILSNTIEPADSLSSWLQLPRESILDYERLQAKEVASSTEQLLQEM
;
A
2 'polypeptide(L)'
;GMTNWQQQLPLTDTQKNELDKSVLRYLNWNYKQTVRHEHAQDYESVRHAIVTLSGFLLQESVDRQEFISNNDTSNESMVD
IDELLLPKKWNSIVRLQKKIIELEQNTETLVSQIKDLNTQVSELAQFKPTTSNGTSAHNVLKWIPRNLPSCLINVESSVT
SVKLHPNLPIVFVATDHGKLYAFDLFNYTIPLASLQSHTKAITSMDVLFTNYTNSSKKNYLVIVTASKDLQIHVFKWVSE
ECKFQQIRSLLGHEHIVSAVKIWQKNNDVHIASCSRDQTVKIWDFHNGWSLKTFQPHSQWVRSIDVLGDYIISGSHDTTL
RLTHWPSGNGLSVGTGHEFPIEKVKFIHFIEDSPEIRFRTPSTDRYKNWGMQYCVSASRDRTIKIWEIPLPTLMAHRAPI
PNPTDSNFRCVLTLKGHLSWVRDISIRGQYLFSCADDKSVRCWDLNTGQCLHVWEKLHTGFVNCLDLDVDFDSNVTPRQM
MVTGGLDCKSNVFMR
;
C
#
loop_
_chem_comp.id
_chem_comp.type
_chem_comp.name
_chem_comp.formula
ADP non-polymer ADENOSINE-5'-DIPHOSPHATE 'C10 H15 N5 O10 P2'
ATP non-polymer ADENOSINE-5'-TRIPHOSPHATE 'C10 H16 N5 O13 P3'
MG non-polymer 'MAGNESIUM ION' 'Mg 2'
#
# COMPACT_ATOMS: atom_id res chain seq x y z
N LEU A 214 51.14 12.61 -5.36
CA LEU A 214 51.21 11.30 -5.95
C LEU A 214 50.18 10.35 -5.33
N GLU A 215 49.30 10.92 -4.50
CA GLU A 215 48.26 10.12 -3.87
C GLU A 215 47.27 9.57 -4.89
N SER A 216 46.88 10.39 -5.87
CA SER A 216 45.98 9.93 -6.92
C SER A 216 46.62 8.84 -7.76
N LYS A 217 47.92 9.01 -8.09
CA LYS A 217 48.62 7.99 -8.86
C LYS A 217 48.73 6.68 -8.08
N LEU A 218 49.02 6.77 -6.78
CA LEU A 218 49.10 5.57 -5.95
C LEU A 218 47.76 4.87 -5.84
N THR A 219 46.68 5.65 -5.69
CA THR A 219 45.34 5.06 -5.62
C THR A 219 44.97 4.41 -6.94
N LYS A 220 45.30 5.05 -8.06
CA LYS A 220 45.02 4.47 -9.37
C LYS A 220 45.81 3.18 -9.57
N LEU A 221 47.08 3.16 -9.16
CA LEU A 221 47.89 1.96 -9.29
C LEU A 221 47.35 0.82 -8.41
N SER A 222 46.93 1.14 -7.19
CA SER A 222 46.36 0.13 -6.31
C SER A 222 45.05 -0.42 -6.86
N GLU A 223 44.19 0.45 -7.39
CA GLU A 223 42.93 0.00 -7.96
C GLU A 223 43.16 -0.86 -9.19
N ILE A 224 44.14 -0.47 -10.03
CA ILE A 224 44.47 -1.26 -11.21
C ILE A 224 45.03 -2.62 -10.82
N GLN A 225 45.86 -2.66 -9.78
CA GLN A 225 46.41 -3.92 -9.30
C GLN A 225 45.32 -4.83 -8.74
N VAL A 226 44.37 -4.26 -7.99
CA VAL A 226 43.29 -5.07 -7.44
C VAL A 226 42.40 -5.60 -8.56
N ASN A 227 42.07 -4.77 -9.54
CA ASN A 227 41.26 -5.21 -10.67
C ASN A 227 41.98 -6.27 -11.49
N TRP A 228 43.29 -6.11 -11.68
CA TRP A 228 44.08 -7.10 -12.41
C TRP A 228 44.15 -8.42 -11.65
N VAL A 229 44.25 -8.36 -10.31
CA VAL A 229 44.26 -9.58 -9.51
C VAL A 229 42.93 -10.31 -9.61
N GLU A 230 41.82 -9.57 -9.54
CA GLU A 230 40.50 -10.19 -9.68
C GLU A 230 40.32 -10.78 -11.07
N VAL A 231 40.75 -10.05 -12.10
CA VAL A 231 40.64 -10.54 -13.48
C VAL A 231 41.51 -11.77 -13.69
N GLN A 232 42.68 -11.80 -13.05
CA GLN A 232 43.56 -12.96 -13.17
C GLN A 232 43.00 -14.17 -12.44
N PHE A 233 42.35 -13.96 -11.29
CA PHE A 233 41.68 -15.07 -10.62
C PHE A 233 40.54 -15.63 -11.46
N TYR A 234 39.74 -14.73 -12.05
CA TYR A 234 38.67 -15.18 -12.94
C TYR A 234 39.22 -15.88 -14.17
N TRP A 235 40.33 -15.38 -14.72
CA TRP A 235 40.99 -16.02 -15.85
C TRP A 235 41.49 -17.41 -15.50
N LEU A 236 42.11 -17.56 -14.34
CA LEU A 236 42.59 -18.88 -13.92
C LEU A 236 41.42 -19.85 -13.73
N ASP A 237 40.33 -19.37 -13.13
CA ASP A 237 39.16 -20.23 -12.96
C ASP A 237 38.55 -20.63 -14.30
N LEU A 238 38.46 -19.68 -15.24
CA LEU A 238 37.89 -19.98 -16.55
C LEU A 238 38.75 -20.96 -17.34
N TYR A 239 40.08 -20.76 -17.30
CA TYR A 239 40.96 -21.69 -17.99
C TYR A 239 40.97 -23.06 -17.33
N GLY A 240 40.79 -23.11 -16.01
CA GLY A 240 40.66 -24.40 -15.35
C GLY A 240 39.39 -25.13 -15.74
N ILE A 241 38.25 -24.43 -15.78
CA ILE A 241 36.99 -25.10 -16.06
C ILE A 241 36.88 -25.47 -17.54
N LEU A 242 37.39 -24.63 -18.44
CA LEU A 242 37.18 -24.92 -19.85
C LEU A 242 38.47 -24.95 -20.67
N GLY A 243 39.42 -24.06 -20.39
CA GLY A 243 40.60 -23.94 -21.23
C GLY A 243 41.65 -25.02 -21.04
N GLU A 244 41.57 -25.81 -19.98
CA GLU A 244 42.55 -26.84 -19.71
C GLU A 244 41.99 -28.25 -19.72
N ASN A 245 40.79 -28.44 -19.18
CA ASN A 245 40.20 -29.77 -19.15
C ASN A 245 39.79 -30.21 -20.55
N LEU A 246 40.04 -31.49 -20.85
CA LEU A 246 39.68 -32.07 -22.14
C LEU A 246 38.29 -32.68 -22.07
N ASP A 247 37.60 -32.67 -23.22
CA ASP A 247 36.23 -33.18 -23.36
C ASP A 247 35.28 -32.49 -22.39
N ILE A 248 35.45 -31.19 -22.20
CA ILE A 248 34.63 -30.41 -21.29
C ILE A 248 34.03 -29.22 -22.04
N GLN A 249 34.58 -28.92 -23.21
CA GLN A 249 34.11 -27.82 -24.03
C GLN A 249 32.95 -28.20 -24.93
N ASN A 250 32.66 -29.49 -25.07
CA ASN A 250 31.58 -29.96 -25.93
C ASN A 250 30.22 -29.97 -25.23
N PHE A 251 30.19 -29.74 -23.91
CA PHE A 251 28.92 -29.71 -23.20
C PHE A 251 28.08 -28.50 -23.62
N LEU A 252 28.70 -27.33 -23.72
CA LEU A 252 28.04 -26.10 -24.14
C LEU A 252 28.88 -25.47 -25.23
N PRO A 253 28.66 -25.83 -26.50
CA PRO A 253 29.47 -25.26 -27.59
C PRO A 253 29.36 -23.75 -27.72
N LEU A 254 28.19 -23.17 -27.43
CA LEU A 254 28.08 -21.71 -27.45
C LEU A 254 28.92 -21.08 -26.35
N GLU A 255 28.89 -21.65 -25.15
CA GLU A 255 29.76 -21.19 -24.07
C GLU A 255 31.22 -21.44 -24.41
N THR A 256 31.52 -22.52 -25.12
CA THR A 256 32.89 -22.77 -25.56
C THR A 256 33.37 -21.69 -26.53
N SER A 257 32.51 -21.30 -27.47
CA SER A 257 32.87 -20.23 -28.41
C SER A 257 33.03 -18.89 -27.71
N LYS A 258 32.14 -18.59 -26.76
CA LYS A 258 32.27 -17.37 -25.98
C LYS A 258 33.56 -17.36 -25.16
N PHE A 259 33.90 -18.52 -24.58
CA PHE A 259 35.15 -18.64 -23.83
C PHE A 259 36.35 -18.47 -24.74
N LYS A 260 36.29 -19.01 -25.95
CA LYS A 260 37.40 -18.85 -26.89
C LYS A 260 37.57 -17.39 -27.31
N SER A 261 36.47 -16.70 -27.57
CA SER A 261 36.54 -15.28 -27.94
C SER A 261 37.09 -14.44 -26.79
N LEU A 262 36.59 -14.68 -25.57
CA LEU A 262 37.11 -13.98 -24.41
C LEU A 262 38.58 -14.32 -24.16
N THR A 263 38.97 -15.57 -24.45
CA THR A 263 40.37 -15.97 -24.29
C THR A 263 41.27 -15.23 -25.27
N SER A 264 40.82 -15.09 -26.52
CA SER A 264 41.59 -14.32 -27.50
C SER A 264 41.71 -12.86 -27.09
N GLU A 265 40.60 -12.26 -26.64
CA GLU A 265 40.63 -10.86 -26.24
C GLU A 265 41.54 -10.64 -25.02
N TYR A 266 41.41 -11.51 -24.02
CA TYR A 266 42.25 -11.40 -22.83
C TYR A 266 43.71 -11.72 -23.10
N LYS A 267 44.00 -12.64 -24.03
CA LYS A 267 45.39 -12.88 -24.41
C LYS A 267 45.99 -11.68 -25.12
N MET A 268 45.21 -11.02 -25.98
CA MET A 268 45.69 -9.78 -26.59
C MET A 268 45.94 -8.70 -25.55
N ILE A 269 45.03 -8.58 -24.58
CA ILE A 269 45.19 -7.58 -23.52
C ILE A 269 46.42 -7.88 -22.67
N THR A 270 46.63 -9.16 -22.33
CA THR A 270 47.77 -9.54 -21.52
C THR A 270 49.08 -9.33 -22.27
N THR A 271 49.10 -9.63 -23.57
CA THR A 271 50.29 -9.38 -24.38
C THR A 271 50.59 -7.88 -24.46
N ARG A 272 49.55 -7.05 -24.60
CA ARG A 272 49.75 -5.61 -24.63
C ARG A 272 50.27 -5.10 -23.28
N ALA A 273 49.75 -5.65 -22.18
CA ALA A 273 50.21 -5.23 -20.86
C ALA A 273 51.64 -5.67 -20.59
N PHE A 274 52.01 -6.87 -21.05
CA PHE A 274 53.37 -7.37 -20.83
C PHE A 274 54.37 -6.67 -21.74
N GLN A 275 53.93 -6.20 -22.90
CA GLN A 275 54.81 -5.49 -23.83
C GLN A 275 55.17 -4.12 -23.29
N LYS A 293 37.42 -3.82 -16.63
CA LYS A 293 36.36 -3.01 -17.23
C LYS A 293 35.52 -3.84 -18.19
N LEU A 294 35.84 -3.74 -19.48
CA LEU A 294 35.10 -4.48 -20.50
C LEU A 294 35.34 -5.98 -20.37
N THR A 295 36.57 -6.39 -20.05
CA THR A 295 36.87 -7.81 -19.88
C THR A 295 36.11 -8.40 -18.70
N ILE A 296 36.05 -7.66 -17.58
CA ILE A 296 35.33 -8.13 -16.41
C ILE A 296 33.84 -8.19 -16.70
N ASP A 297 33.31 -7.23 -17.47
CA ASP A 297 31.91 -7.25 -17.84
C ASP A 297 31.59 -8.45 -18.73
N SER A 298 32.47 -8.74 -19.70
CA SER A 298 32.26 -9.91 -20.55
C SER A 298 32.34 -11.20 -19.75
N LEU A 299 33.28 -11.28 -18.81
CA LEU A 299 33.38 -12.46 -17.96
C LEU A 299 32.13 -12.66 -17.12
N LYS A 300 31.64 -11.58 -16.50
CA LYS A 300 30.41 -11.66 -15.71
C LYS A 300 29.21 -12.00 -16.58
N MET A 301 29.21 -11.57 -17.84
CA MET A 301 28.16 -11.95 -18.76
C MET A 301 28.22 -13.45 -19.07
N ILE A 302 29.42 -14.00 -19.26
CA ILE A 302 29.52 -15.41 -19.60
C ILE A 302 29.43 -16.33 -18.40
N LYS A 303 29.44 -15.79 -17.17
CA LYS A 303 29.07 -16.62 -16.03
C LYS A 303 27.58 -16.99 -16.03
N SER A 304 26.76 -16.25 -16.77
CA SER A 304 25.32 -16.51 -16.78
C SER A 304 25.01 -17.89 -17.36
N SER A 305 25.69 -18.27 -18.44
CA SER A 305 25.51 -19.60 -19.02
C SER A 305 26.22 -20.68 -18.21
N LEU A 306 27.07 -20.31 -17.27
CA LEU A 306 27.79 -21.27 -16.44
C LEU A 306 26.97 -21.74 -15.25
N SER A 307 25.78 -21.18 -15.03
CA SER A 307 24.99 -21.56 -13.86
C SER A 307 24.51 -23.01 -13.95
N THR A 308 24.03 -23.43 -15.12
CA THR A 308 23.61 -24.82 -15.28
C THR A 308 24.79 -25.77 -15.21
N PHE A 309 25.94 -25.35 -15.74
CA PHE A 309 27.16 -26.15 -15.65
C PHE A 309 27.57 -26.35 -14.18
N LEU A 310 27.49 -25.28 -13.39
CA LEU A 310 27.83 -25.39 -11.97
C LEU A 310 26.80 -26.23 -11.23
N GLU A 311 25.52 -26.14 -11.63
CA GLU A 311 24.50 -26.96 -11.00
C GLU A 311 24.73 -28.44 -11.27
N ARG A 312 25.11 -28.78 -12.50
CA ARG A 312 25.45 -30.17 -12.80
C ARG A 312 26.71 -30.62 -12.06
N GLN A 313 27.69 -29.72 -11.92
CA GLN A 313 28.88 -30.05 -11.14
C GLN A 313 28.54 -30.32 -9.68
N ARG A 314 27.62 -29.54 -9.12
CA ARG A 314 27.14 -29.78 -7.76
C ARG A 314 26.36 -31.08 -7.68
N ARG A 315 25.63 -31.43 -8.74
CA ARG A 315 24.98 -32.74 -8.79
C ARG A 315 25.99 -33.87 -8.79
N GLN A 316 27.16 -33.66 -9.39
CA GLN A 316 28.19 -34.70 -9.39
C GLN A 316 28.70 -34.97 -7.98
N PHE A 317 29.11 -33.92 -7.27
CA PHE A 317 29.55 -34.03 -5.88
C PHE A 317 28.62 -33.22 -5.00
N PRO A 318 27.72 -33.85 -4.25
CA PRO A 318 26.64 -33.11 -3.58
C PRO A 318 27.11 -32.14 -2.50
N ARG A 319 28.32 -32.31 -1.97
CA ARG A 319 28.80 -31.42 -0.93
C ARG A 319 29.26 -30.07 -1.46
N PHE A 320 29.27 -29.88 -2.79
CA PHE A 320 29.55 -28.59 -3.37
C PHE A 320 28.46 -27.55 -3.08
N TYR A 321 27.29 -27.99 -2.62
CA TYR A 321 26.19 -27.07 -2.33
C TYR A 321 26.51 -26.11 -1.19
N PHE A 322 27.48 -26.46 -0.33
CA PHE A 322 27.92 -25.59 0.75
C PHE A 322 29.03 -24.64 0.32
N LEU A 323 29.19 -24.41 -0.99
CA LEU A 323 30.23 -23.55 -1.53
C LEU A 323 29.61 -22.48 -2.41
N GLY A 324 30.28 -21.33 -2.47
CA GLY A 324 29.89 -20.28 -3.39
C GLY A 324 30.27 -20.61 -4.81
N ASN A 325 29.70 -19.85 -5.74
CA ASN A 325 30.02 -20.04 -7.15
C ASN A 325 31.48 -19.69 -7.44
N ASP A 326 32.00 -18.64 -6.80
CA ASP A 326 33.41 -18.29 -6.96
C ASP A 326 34.31 -19.40 -6.41
N ASP A 327 33.95 -19.95 -5.25
CA ASP A 327 34.72 -21.06 -4.69
C ASP A 327 34.59 -22.32 -5.55
N LEU A 328 33.42 -22.52 -6.17
CA LEU A 328 33.26 -23.64 -7.10
C LEU A 328 34.16 -23.48 -8.32
N LEU A 329 34.24 -22.26 -8.86
CA LEU A 329 35.19 -21.97 -9.94
C LEU A 329 36.62 -22.25 -9.50
N LYS A 330 36.97 -21.83 -8.27
CA LYS A 330 38.33 -22.06 -7.78
C LYS A 330 38.63 -23.55 -7.64
N ILE A 331 37.68 -24.34 -7.13
CA ILE A 331 37.97 -25.74 -6.87
C ILE A 331 37.98 -26.55 -8.18
N ILE A 332 37.11 -26.21 -9.13
CA ILE A 332 37.14 -26.91 -10.41
C ILE A 332 38.38 -26.50 -11.21
N GLY A 333 38.80 -25.25 -11.08
CA GLY A 333 40.00 -24.79 -11.77
C GLY A 333 41.30 -25.29 -11.17
N SER A 334 41.25 -25.97 -10.03
CA SER A 334 42.44 -26.53 -9.40
C SER A 334 42.79 -27.86 -10.08
N GLY A 335 43.25 -27.74 -11.33
CA GLY A 335 43.60 -28.93 -12.09
C GLY A 335 44.84 -29.64 -11.56
N LYS A 336 45.84 -28.88 -11.14
CA LYS A 336 47.11 -29.47 -10.72
C LYS A 336 47.69 -28.88 -9.44
N HIS A 337 47.16 -27.75 -8.95
CA HIS A 337 47.72 -27.15 -7.75
C HIS A 337 47.38 -27.98 -6.51
N HIS A 338 46.13 -28.44 -6.41
CA HIS A 338 45.67 -29.33 -5.35
C HIS A 338 45.82 -28.72 -3.95
N ASP A 339 45.76 -27.39 -3.87
CA ASP A 339 45.76 -26.70 -2.59
C ASP A 339 44.53 -25.83 -2.37
N GLN A 340 43.89 -25.36 -3.44
CA GLN A 340 42.64 -24.60 -3.29
C GLN A 340 41.50 -25.51 -2.83
N VAL A 341 41.58 -26.81 -3.13
CA VAL A 341 40.57 -27.76 -2.71
C VAL A 341 40.62 -28.00 -1.20
N SER A 342 41.81 -27.93 -0.60
CA SER A 342 41.92 -28.21 0.83
C SER A 342 41.32 -27.10 1.68
N LYS A 343 41.30 -25.87 1.17
CA LYS A 343 40.75 -24.74 1.92
C LYS A 343 39.24 -24.82 2.08
N PHE A 344 38.56 -25.67 1.31
CA PHE A 344 37.11 -25.78 1.35
C PHE A 344 36.65 -27.00 2.14
N MET A 345 37.57 -27.69 2.81
CA MET A 345 37.22 -28.85 3.60
C MET A 345 36.29 -28.47 4.76
N LYS A 346 36.57 -27.34 5.41
CA LYS A 346 35.72 -26.91 6.51
C LYS A 346 34.33 -26.52 6.04
N LYS A 347 34.22 -25.98 4.83
CA LYS A 347 32.91 -25.62 4.31
C LYS A 347 32.12 -26.85 3.87
N MET A 348 32.80 -27.84 3.27
CA MET A 348 32.09 -29.01 2.76
C MET A 348 31.90 -30.10 3.81
N PHE A 349 32.75 -30.16 4.83
CA PHE A 349 32.65 -31.21 5.85
C PHE A 349 32.28 -30.67 7.22
N GLY A 350 32.95 -29.61 7.67
CA GLY A 350 32.63 -29.00 8.95
C GLY A 350 33.63 -29.30 10.04
N SER A 351 34.16 -30.53 10.06
CA SER A 351 35.08 -30.97 11.08
C SER A 351 36.50 -31.17 10.56
N ILE A 352 36.72 -30.98 9.27
CA ILE A 352 38.02 -31.23 8.63
C ILE A 352 38.57 -29.90 8.13
N GLU A 353 39.80 -29.58 8.54
CA GLU A 353 40.39 -28.29 8.20
C GLU A 353 41.14 -28.33 6.88
N SER A 354 42.01 -29.31 6.70
CA SER A 354 42.83 -29.38 5.49
C SER A 354 43.24 -30.83 5.25
N ILE A 355 43.80 -31.08 4.07
CA ILE A 355 44.22 -32.40 3.62
C ILE A 355 45.74 -32.44 3.66
N ILE A 356 46.29 -33.49 4.25
CA ILE A 356 47.74 -33.68 4.27
C ILE A 356 48.17 -34.29 2.94
N PHE A 357 49.07 -33.60 2.24
CA PHE A 357 49.59 -34.04 0.96
C PHE A 357 51.07 -34.40 1.11
N PHE A 358 51.48 -35.48 0.44
CA PHE A 358 52.86 -35.96 0.51
C PHE A 358 53.26 -36.49 -0.86
N GLU A 359 53.93 -35.64 -1.64
CA GLU A 359 54.50 -35.99 -2.95
C GLU A 359 53.42 -36.52 -3.90
N ASP A 360 52.47 -35.64 -4.22
CA ASP A 360 51.36 -35.93 -5.12
C ASP A 360 50.54 -37.12 -4.65
N SER A 361 50.36 -37.23 -3.34
CA SER A 361 49.56 -38.31 -2.76
C SER A 361 48.91 -37.78 -1.49
N ILE A 362 47.78 -38.37 -1.13
CA ILE A 362 47.04 -37.99 0.07
C ILE A 362 47.43 -38.94 1.20
N THR A 363 47.99 -38.37 2.27
CA THR A 363 48.31 -39.17 3.45
C THR A 363 47.14 -39.25 4.41
N GLY A 364 46.55 -38.10 4.74
CA GLY A 364 45.40 -38.09 5.62
C GLY A 364 44.78 -36.71 5.68
N VAL A 365 43.81 -36.57 6.58
CA VAL A 365 43.12 -35.30 6.79
C VAL A 365 43.37 -34.84 8.22
N ARG A 366 43.30 -33.53 8.42
CA ARG A 366 43.48 -32.93 9.73
C ARG A 366 42.18 -32.24 10.16
N SER A 367 41.83 -32.42 11.42
CA SER A 367 40.60 -31.87 11.96
C SER A 367 40.78 -30.40 12.30
N VAL A 368 39.70 -29.76 12.75
CA VAL A 368 39.74 -28.35 13.11
C VAL A 368 40.59 -28.15 14.36
N GLU A 369 40.52 -29.07 15.30
CA GLU A 369 41.22 -28.97 16.57
C GLU A 369 42.68 -29.38 16.50
N GLY A 370 43.15 -29.84 15.34
CA GLY A 370 44.51 -30.29 15.18
C GLY A 370 44.71 -31.78 15.19
N GLU A 371 43.64 -32.57 15.37
CA GLU A 371 43.74 -34.01 15.31
C GLU A 371 44.07 -34.46 13.89
N VAL A 372 44.85 -35.53 13.77
CA VAL A 372 45.28 -36.05 12.48
C VAL A 372 44.67 -37.42 12.29
N LEU A 373 43.92 -37.60 11.22
CA LEU A 373 43.38 -38.89 10.82
C LEU A 373 44.14 -39.35 9.58
N ASN A 374 44.85 -40.47 9.70
CA ASN A 374 45.64 -41.01 8.61
C ASN A 374 44.84 -42.07 7.88
N LEU A 375 44.79 -41.96 6.55
CA LEU A 375 44.01 -42.88 5.76
C LEU A 375 44.65 -44.27 5.75
N ASN A 376 43.82 -45.28 5.48
CA ASN A 376 44.31 -46.65 5.40
C ASN A 376 45.29 -46.81 4.24
N GLU A 377 44.97 -46.25 3.09
CA GLU A 377 45.82 -46.30 1.92
C GLU A 377 45.91 -44.92 1.30
N LYS A 378 47.09 -44.59 0.78
CA LYS A 378 47.29 -43.29 0.15
C LYS A 378 46.54 -43.23 -1.18
N ILE A 379 45.94 -42.07 -1.45
CA ILE A 379 45.21 -41.85 -2.69
C ILE A 379 46.15 -41.20 -3.70
N GLU A 380 46.28 -41.82 -4.87
CA GLU A 380 47.15 -41.31 -5.92
C GLU A 380 46.37 -40.39 -6.83
N LEU A 381 46.92 -39.19 -7.07
CA LEU A 381 46.28 -38.19 -7.90
C LEU A 381 47.08 -38.03 -9.19
N LYS A 382 46.39 -38.11 -10.32
CA LYS A 382 46.99 -37.92 -11.63
C LYS A 382 46.65 -36.53 -12.16
N ASP A 383 47.31 -36.16 -13.27
CA ASP A 383 47.08 -34.84 -13.84
C ASP A 383 45.72 -34.73 -14.51
N SER A 384 45.23 -35.82 -15.11
CA SER A 384 44.01 -35.77 -15.91
C SER A 384 42.74 -35.82 -15.08
N ILE A 385 42.80 -36.20 -13.82
CA ILE A 385 41.60 -36.37 -13.02
C ILE A 385 41.11 -35.01 -12.52
N GLN A 386 39.79 -34.84 -12.50
CA GLN A 386 39.17 -33.65 -11.95
C GLN A 386 38.75 -33.90 -10.51
N ALA A 387 38.15 -32.89 -9.88
CA ALA A 387 38.05 -32.84 -8.43
C ALA A 387 37.09 -33.90 -7.87
N GLN A 388 35.91 -34.03 -8.47
CA GLN A 388 34.81 -34.73 -7.80
C GLN A 388 35.09 -36.21 -7.59
N GLU A 389 35.82 -36.86 -8.50
CA GLU A 389 36.09 -38.30 -8.34
C GLU A 389 36.97 -38.57 -7.13
N TRP A 390 38.09 -37.84 -7.01
CA TRP A 390 38.96 -38.11 -5.88
C TRP A 390 38.42 -37.51 -4.60
N LEU A 391 37.55 -36.50 -4.67
CA LEU A 391 36.82 -36.10 -3.46
C LEU A 391 35.87 -37.19 -2.99
N ASN A 392 35.18 -37.87 -3.93
CA ASN A 392 34.33 -38.98 -3.55
C ASN A 392 35.12 -40.12 -2.91
N ILE A 393 36.26 -40.47 -3.51
CA ILE A 393 37.02 -41.58 -2.94
C ILE A 393 37.68 -41.19 -1.62
N LEU A 394 38.03 -39.90 -1.44
CA LEU A 394 38.51 -39.45 -0.14
C LEU A 394 37.40 -39.49 0.90
N ASP A 395 36.16 -39.14 0.49
CA ASP A 395 35.03 -39.21 1.39
C ASP A 395 34.79 -40.64 1.86
N THR A 396 34.91 -41.62 0.95
CA THR A 396 34.77 -43.01 1.36
C THR A 396 35.94 -43.46 2.23
N GLU A 397 37.15 -43.02 1.88
CA GLU A 397 38.34 -43.47 2.62
C GLU A 397 38.36 -42.92 4.04
N ILE A 398 37.79 -41.75 4.27
CA ILE A 398 37.73 -41.21 5.62
C ILE A 398 36.87 -42.09 6.52
N LYS A 399 35.70 -42.50 6.02
CA LYS A 399 34.84 -43.40 6.78
C LYS A 399 35.51 -44.75 7.02
N LEU A 400 36.17 -45.29 5.99
CA LEU A 400 36.86 -46.57 6.16
C LEU A 400 38.00 -46.47 7.18
N SER A 401 38.74 -45.37 7.16
CA SER A 401 39.83 -45.18 8.12
C SER A 401 39.29 -45.05 9.54
N VAL A 402 38.18 -44.32 9.71
CA VAL A 402 37.57 -44.18 11.04
C VAL A 402 37.11 -45.53 11.55
N PHE A 403 36.49 -46.33 10.68
CA PHE A 403 36.07 -47.67 11.12
C PHE A 403 37.27 -48.56 11.46
N THR A 404 38.34 -48.45 10.68
CA THR A 404 39.53 -49.27 10.96
C THR A 404 40.14 -48.92 12.31
N GLN A 405 40.23 -47.62 12.62
CA GLN A 405 40.75 -47.22 13.91
C GLN A 405 39.82 -47.64 15.05
N PHE A 406 38.50 -47.56 14.83
CA PHE A 406 37.56 -48.02 15.84
C PHE A 406 37.70 -49.51 16.09
N ARG A 407 37.84 -50.30 15.02
CA ARG A 407 37.99 -51.74 15.18
C ARG A 407 39.28 -52.11 15.89
N ASP A 408 40.37 -51.42 15.55
CA ASP A 408 41.65 -51.69 16.23
C ASP A 408 41.57 -51.35 17.71
N CYS A 409 41.00 -50.19 18.04
CA CYS A 409 40.88 -49.80 19.45
C CYS A 409 39.95 -50.75 20.21
N LEU A 410 38.86 -51.17 19.58
CA LEU A 410 37.93 -52.07 20.24
C LEU A 410 38.54 -53.45 20.45
N GLY A 411 39.35 -53.92 19.49
CA GLY A 411 40.07 -55.16 19.70
C GLY A 411 41.08 -55.07 20.83
N GLN A 412 41.78 -53.93 20.92
CA GLN A 412 42.70 -53.73 22.04
C GLN A 412 41.97 -53.70 23.37
N LEU A 413 40.81 -53.05 23.42
CA LEU A 413 40.04 -53.00 24.67
C LEU A 413 39.48 -54.37 25.05
N LYS A 414 39.06 -55.16 24.06
CA LYS A 414 38.66 -56.53 24.35
C LYS A 414 39.84 -57.37 24.82
N ASP A 415 41.06 -57.07 24.34
CA ASP A 415 42.24 -57.80 24.77
C ASP A 415 42.58 -57.57 26.24
N GLY A 416 41.99 -56.56 26.88
CA GLY A 416 42.18 -56.33 28.29
C GLY A 416 43.13 -55.23 28.67
N THR A 417 43.64 -54.47 27.71
CA THR A 417 44.55 -53.38 28.03
C THR A 417 43.77 -52.18 28.58
N ASP A 418 44.49 -51.32 29.30
CA ASP A 418 43.89 -50.13 29.86
C ASP A 418 43.73 -49.06 28.79
N ILE A 419 42.77 -48.16 29.00
CA ILE A 419 42.48 -47.14 28.01
C ILE A 419 43.54 -46.04 28.01
N GLU A 420 44.32 -45.94 29.10
CA GLU A 420 45.34 -44.90 29.20
C GLU A 420 46.46 -45.09 28.19
N VAL A 421 46.66 -46.32 27.70
CA VAL A 421 47.69 -46.56 26.70
C VAL A 421 47.15 -46.47 25.27
N VAL A 422 45.82 -46.57 25.10
CA VAL A 422 45.26 -46.46 23.76
C VAL A 422 44.79 -45.05 23.43
N VAL A 423 44.57 -44.19 24.43
CA VAL A 423 44.16 -42.82 24.15
C VAL A 423 45.26 -42.06 23.42
N SER A 424 46.52 -42.44 23.63
CA SER A 424 47.65 -41.80 22.98
C SER A 424 47.96 -42.38 21.60
N LYS A 425 47.08 -43.21 21.04
CA LYS A 425 47.35 -43.88 19.78
C LYS A 425 46.31 -43.61 18.70
N TYR A 426 45.06 -43.40 19.06
CA TYR A 426 43.97 -43.31 18.10
C TYR A 426 43.26 -41.97 18.20
N ILE A 427 42.42 -41.70 17.20
CA ILE A 427 41.60 -40.48 17.17
C ILE A 427 40.54 -40.58 18.24
N PHE A 428 39.89 -39.45 18.56
CA PHE A 428 38.93 -39.44 19.66
C PHE A 428 37.73 -40.31 19.35
N GLN A 429 37.23 -40.29 18.11
CA GLN A 429 35.98 -40.98 17.80
C GLN A 429 36.12 -42.49 17.96
N ALA A 430 37.27 -43.04 17.56
CA ALA A 430 37.52 -44.47 17.72
C ALA A 430 37.55 -44.85 19.20
N ILE A 431 38.25 -44.07 20.02
CA ILE A 431 38.30 -44.30 21.45
C ILE A 431 36.91 -44.23 22.05
N LEU A 432 36.14 -43.22 21.66
CA LEU A 432 34.81 -43.01 22.20
C LEU A 432 33.91 -44.19 21.89
N LEU A 433 33.86 -44.61 20.61
CA LEU A 433 32.95 -45.68 20.24
C LEU A 433 33.37 -47.01 20.84
N SER A 434 34.67 -47.32 20.84
CA SER A 434 35.13 -48.56 21.43
C SER A 434 34.88 -48.59 22.93
N ALA A 435 35.16 -47.47 23.61
CA ALA A 435 34.94 -47.40 25.05
C ALA A 435 33.47 -47.52 25.39
N GLN A 436 32.59 -46.93 24.58
CA GLN A 436 31.17 -47.01 24.89
C GLN A 436 30.61 -48.39 24.58
N VAL A 437 31.12 -49.07 23.56
CA VAL A 437 30.72 -50.46 23.32
C VAL A 437 31.16 -51.36 24.46
N MET A 438 32.40 -51.20 24.93
CA MET A 438 32.84 -51.96 26.10
C MET A 438 32.05 -51.60 27.35
N TRP A 439 31.71 -50.33 27.53
CA TRP A 439 30.92 -49.92 28.69
C TRP A 439 29.55 -50.57 28.67
N THR A 440 28.88 -50.54 27.51
CA THR A 440 27.54 -51.12 27.47
C THR A 440 27.58 -52.64 27.56
N GLU A 441 28.62 -53.28 27.03
CA GLU A 441 28.73 -54.73 27.20
C GLU A 441 28.98 -55.10 28.67
N LEU A 442 29.86 -54.36 29.34
CA LEU A 442 30.15 -54.67 30.75
C LEU A 442 28.96 -54.36 31.64
N VAL A 443 28.23 -53.28 31.35
CA VAL A 443 27.04 -52.96 32.14
C VAL A 443 25.94 -53.98 31.89
N GLU A 444 25.81 -54.46 30.64
CA GLU A 444 24.84 -55.53 30.37
C GLU A 444 25.22 -56.82 31.10
N LYS A 445 26.51 -57.14 31.14
CA LYS A 445 26.96 -58.33 31.86
C LYS A 445 26.74 -58.19 33.36
N CYS A 446 26.94 -56.98 33.90
CA CYS A 446 26.64 -56.73 35.31
C CYS A 446 25.14 -56.79 35.58
N LEU A 447 24.32 -56.34 34.63
CA LEU A 447 22.87 -56.43 34.75
C LEU A 447 22.38 -57.87 34.67
N GLN A 448 23.14 -58.76 34.04
CA GLN A 448 22.82 -60.18 34.07
C GLN A 448 22.82 -60.71 35.50
N THR A 449 23.65 -60.14 36.36
CA THR A 449 23.68 -60.43 37.78
C THR A 449 23.08 -59.26 38.55
N ASN A 450 23.19 -59.31 39.88
CA ASN A 450 22.79 -58.19 40.73
C ASN A 450 23.98 -57.39 41.23
N GLU A 451 25.16 -57.61 40.66
CA GLU A 451 26.39 -57.00 41.16
C GLU A 451 26.74 -55.80 40.27
N PHE A 452 26.90 -54.63 40.90
CA PHE A 452 27.30 -53.42 40.21
C PHE A 452 28.46 -52.69 40.86
N SER A 453 28.82 -53.04 42.10
CA SER A 453 29.82 -52.28 42.84
C SER A 453 31.24 -52.47 42.29
N LYS A 454 31.56 -53.67 41.83
CA LYS A 454 32.91 -53.93 41.33
C LYS A 454 33.19 -53.11 40.07
N TYR A 455 32.23 -53.01 39.15
CA TYR A 455 32.45 -52.19 37.98
C TYR A 455 32.40 -50.71 38.32
N TRP A 456 31.64 -50.33 39.36
CA TRP A 456 31.67 -48.95 39.82
C TRP A 456 33.07 -48.59 40.32
N LYS A 457 33.70 -49.48 41.09
CA LYS A 457 35.06 -49.24 41.56
C LYS A 457 36.05 -49.21 40.40
N GLU A 458 35.87 -50.11 39.43
CA GLU A 458 36.75 -50.15 38.27
C GLU A 458 36.67 -48.84 37.47
N VAL A 459 35.45 -48.37 37.22
CA VAL A 459 35.25 -47.12 36.48
C VAL A 459 35.77 -45.94 37.29
N ASP A 460 35.59 -45.96 38.61
CA ASP A 460 36.07 -44.87 39.46
C ASP A 460 37.58 -44.75 39.40
N MET A 461 38.29 -45.88 39.51
CA MET A 461 39.75 -45.78 39.47
C MET A 461 40.25 -45.53 38.05
N LYS A 462 39.50 -45.95 37.02
CA LYS A 462 39.84 -45.53 35.65
C LYS A 462 39.75 -44.01 35.51
N ILE A 463 38.68 -43.42 36.06
CA ILE A 463 38.50 -41.98 36.00
C ILE A 463 39.60 -41.26 36.77
N LYS A 464 39.96 -41.79 37.93
CA LYS A 464 41.03 -41.19 38.72
C LYS A 464 42.37 -41.27 38.00
N GLY A 465 42.65 -42.40 37.35
CA GLY A 465 43.88 -42.51 36.58
C GLY A 465 43.91 -41.57 35.39
N LEU A 466 42.78 -41.43 34.69
CA LEU A 466 42.70 -40.49 33.58
C LEU A 466 42.91 -39.06 34.05
N LEU A 467 42.28 -38.70 35.18
CA LEU A 467 42.46 -37.36 35.72
C LEU A 467 43.90 -37.13 36.18
N ASP A 468 44.55 -38.16 36.71
CA ASP A 468 45.95 -38.04 37.11
C ASP A 468 46.86 -37.86 35.91
N LYS A 469 46.59 -38.57 34.81
CA LYS A 469 47.42 -38.46 33.63
C LYS A 469 47.06 -37.27 32.75
N LEU A 470 45.96 -36.57 33.07
CA LEU A 470 45.59 -35.39 32.29
C LEU A 470 46.66 -34.30 32.35
N ASN A 471 47.24 -34.07 33.54
CA ASN A 471 48.06 -32.88 33.74
C ASN A 471 49.40 -32.93 33.02
N LYS A 472 49.79 -34.08 32.47
CA LYS A 472 51.09 -34.25 31.84
C LYS A 472 50.96 -34.74 30.41
N SER A 473 49.98 -34.21 29.68
CA SER A 473 49.71 -34.65 28.31
C SER A 473 49.62 -33.45 27.38
N SER A 474 49.85 -33.72 26.09
CA SER A 474 49.80 -32.67 25.07
C SER A 474 48.37 -32.22 24.82
N ASP A 475 48.23 -31.09 24.12
CA ASP A 475 46.94 -30.44 23.95
C ASP A 475 45.95 -31.33 23.21
N ASN A 476 46.41 -32.04 22.19
CA ASN A 476 45.57 -33.02 21.52
C ASN A 476 45.13 -34.10 22.51
N VAL A 477 46.08 -34.63 23.28
CA VAL A 477 45.74 -35.61 24.30
C VAL A 477 44.92 -34.98 25.41
N LYS A 478 45.14 -33.69 25.69
CA LYS A 478 44.32 -32.98 26.67
C LYS A 478 42.84 -32.98 26.26
N LYS A 479 42.56 -32.58 25.02
CA LYS A 479 41.17 -32.54 24.56
C LYS A 479 40.57 -33.93 24.48
N LYS A 480 41.35 -34.91 23.99
CA LYS A 480 40.87 -36.28 23.92
C LYS A 480 40.53 -36.82 25.31
N ILE A 481 41.41 -36.58 26.28
CA ILE A 481 41.18 -37.05 27.64
C ILE A 481 40.00 -36.33 28.27
N GLU A 482 39.83 -35.03 27.98
CA GLU A 482 38.69 -34.31 28.55
C GLU A 482 37.37 -34.85 28.04
N ALA A 483 37.29 -35.15 26.74
CA ALA A 483 36.06 -35.75 26.20
C ALA A 483 35.84 -37.15 26.76
N LEU A 484 36.92 -37.93 26.94
CA LEU A 484 36.77 -39.23 27.55
C LEU A 484 36.33 -39.14 29.02
N LEU A 485 36.77 -38.10 29.75
CA LEU A 485 36.23 -37.87 31.09
C LEU A 485 34.76 -37.51 31.06
N VAL A 486 34.32 -36.75 30.06
CA VAL A 486 32.88 -36.48 29.93
C VAL A 486 32.11 -37.80 29.81
N GLU A 487 32.56 -38.66 28.89
CA GLU A 487 31.85 -39.92 28.68
C GLU A 487 31.99 -40.86 29.87
N TYR A 488 33.15 -40.87 30.53
CA TYR A 488 33.34 -41.77 31.66
C TYR A 488 32.60 -41.29 32.90
N LEU A 489 32.45 -39.97 33.07
CA LEU A 489 31.60 -39.46 34.14
C LEU A 489 30.14 -39.81 33.87
N HIS A 490 29.72 -39.77 32.60
CA HIS A 490 28.39 -40.28 32.27
C HIS A 490 28.27 -41.76 32.63
N PHE A 491 29.31 -42.55 32.36
CA PHE A 491 29.32 -43.96 32.71
C PHE A 491 29.19 -44.14 34.22
N ASN A 492 29.97 -43.37 34.98
CA ASN A 492 29.95 -43.48 36.44
C ASN A 492 28.61 -43.08 37.02
N ASN A 493 27.99 -42.03 36.47
CA ASN A 493 26.66 -41.63 36.93
C ASN A 493 25.63 -42.72 36.64
N VAL A 494 25.69 -43.33 35.45
CA VAL A 494 24.72 -44.37 35.11
C VAL A 494 24.93 -45.60 35.98
N ILE A 495 26.20 -45.97 36.24
CA ILE A 495 26.48 -47.15 37.06
C ILE A 495 26.06 -46.90 38.51
N GLY A 496 26.30 -45.68 39.01
CA GLY A 496 25.86 -45.34 40.36
C GLY A 496 24.35 -45.33 40.50
N GLN A 497 23.65 -44.85 39.47
CA GLN A 497 22.19 -44.89 39.48
C GLN A 497 21.68 -46.33 39.43
N LEU A 498 22.35 -47.18 38.66
CA LEU A 498 21.94 -48.58 38.58
C LEU A 498 22.20 -49.31 39.89
N LYS A 499 23.31 -48.99 40.56
CA LYS A 499 23.60 -49.62 41.85
C LYS A 499 22.61 -49.19 42.91
N ASN A 500 22.21 -47.91 42.90
CA ASN A 500 21.24 -47.40 43.86
C ASN A 500 19.83 -47.91 43.61
N CYS A 501 19.59 -48.56 42.47
CA CYS A 501 18.25 -49.05 42.16
C CYS A 501 17.88 -50.21 43.08
N SER A 502 16.64 -50.18 43.58
CA SER A 502 16.19 -51.18 44.53
C SER A 502 15.91 -52.52 43.88
N THR A 503 15.25 -52.52 42.72
CA THR A 503 14.75 -53.74 42.10
C THR A 503 15.32 -53.92 40.70
N LYS A 504 15.04 -55.09 40.12
CA LYS A 504 15.54 -55.42 38.79
C LYS A 504 14.77 -54.71 37.69
N GLU A 505 13.44 -54.60 37.85
CA GLU A 505 12.61 -54.02 36.79
C GLU A 505 12.91 -52.55 36.58
N GLU A 506 13.05 -51.79 37.67
CA GLU A 506 13.39 -50.38 37.53
C GLU A 506 14.82 -50.19 37.03
N ALA A 507 15.72 -51.12 37.36
CA ALA A 507 17.06 -51.09 36.78
C ALA A 507 17.00 -51.30 35.27
N ARG A 508 16.16 -52.22 34.81
CA ARG A 508 15.99 -52.44 33.38
C ARG A 508 15.37 -51.22 32.70
N LEU A 509 14.41 -50.57 33.36
CA LEU A 509 13.83 -49.35 32.82
C LEU A 509 14.86 -48.23 32.70
N LEU A 510 15.68 -48.06 33.73
CA LEU A 510 16.74 -47.05 33.69
C LEU A 510 17.77 -47.38 32.62
N TRP A 511 18.04 -48.67 32.41
CA TRP A 511 18.96 -49.08 31.35
C TRP A 511 18.36 -48.82 29.97
N ALA A 512 17.04 -49.02 29.83
CA ALA A 512 16.37 -48.74 28.57
C ALA A 512 16.27 -47.24 28.30
N LYS A 513 16.36 -46.40 29.33
CA LYS A 513 16.28 -44.96 29.14
C LYS A 513 17.58 -44.34 28.63
N VAL A 514 18.65 -45.12 28.44
CA VAL A 514 19.96 -44.57 28.15
C VAL A 514 20.53 -45.22 26.89
N GLN A 515 21.44 -44.50 26.24
CA GLN A 515 22.05 -44.97 25.00
C GLN A 515 22.88 -46.23 25.22
N LYS A 516 22.82 -47.14 24.23
CA LYS A 516 23.56 -48.39 24.26
C LYS A 516 24.08 -48.63 22.85
N PHE A 517 25.40 -48.60 22.66
CA PHE A 517 25.98 -48.76 21.32
C PHE A 517 26.49 -50.19 21.17
N TYR A 518 25.85 -50.96 20.30
CA TYR A 518 26.20 -52.34 20.05
C TYR A 518 27.01 -52.44 18.75
N GLN A 519 27.27 -53.67 18.30
CA GLN A 519 27.98 -53.91 17.06
C GLN A 519 27.50 -55.22 16.46
N LYS A 520 27.15 -55.20 15.17
CA LYS A 520 26.80 -56.42 14.48
C LYS A 520 28.05 -57.22 14.14
N ASN A 521 27.95 -58.55 14.21
CA ASN A 521 29.06 -59.44 13.94
C ASN A 521 28.86 -60.27 12.68
N ASP A 522 27.68 -60.22 12.06
CA ASP A 522 27.38 -61.03 10.89
C ASP A 522 27.39 -60.26 9.58
N THR A 523 27.06 -58.97 9.61
CA THR A 523 27.02 -58.18 8.38
C THR A 523 28.43 -57.92 7.87
N LEU A 524 28.64 -58.16 6.58
CA LEU A 524 29.95 -57.95 5.97
C LEU A 524 30.22 -56.50 5.64
N ASP A 525 29.21 -55.63 5.68
CA ASP A 525 29.43 -54.21 5.44
C ASP A 525 30.05 -53.58 6.69
N ASP A 526 31.24 -53.01 6.52
CA ASP A 526 31.98 -52.52 7.67
C ASP A 526 31.39 -51.23 8.22
N LEU A 527 30.91 -50.35 7.34
CA LEU A 527 30.44 -49.04 7.78
C LEU A 527 29.06 -49.09 8.43
N ASN A 528 28.33 -50.18 8.28
CA ASN A 528 27.00 -50.33 8.88
C ASN A 528 26.97 -51.44 9.92
N SER A 529 28.10 -51.72 10.56
CA SER A 529 28.19 -52.78 11.56
C SER A 529 27.85 -52.30 12.97
N VAL A 530 27.76 -51.00 13.19
CA VAL A 530 27.52 -50.44 14.52
C VAL A 530 26.14 -49.78 14.51
N PHE A 531 25.28 -50.18 15.45
CA PHE A 531 23.96 -49.60 15.58
C PHE A 531 23.76 -49.12 17.01
N ILE A 532 23.10 -47.97 17.15
CA ILE A 532 22.92 -47.30 18.42
C ILE A 532 21.49 -47.55 18.90
N SER A 533 21.36 -48.05 20.13
CA SER A 533 20.07 -48.45 20.67
C SER A 533 19.65 -47.49 21.78
N GLN A 534 18.36 -47.19 21.83
CA GLN A 534 17.78 -46.36 22.89
C GLN A 534 16.29 -46.60 22.92
N SER A 535 15.77 -47.04 24.07
CA SER A 535 14.33 -47.23 24.31
C SER A 535 13.71 -48.18 23.28
N GLY A 536 14.46 -49.21 22.90
CA GLY A 536 14.03 -50.17 21.92
C GLY A 536 14.40 -49.84 20.49
N TYR A 537 14.46 -48.55 20.16
CA TYR A 537 14.77 -48.13 18.79
C TYR A 537 16.24 -48.35 18.49
N LEU A 538 16.55 -48.50 17.21
CA LEU A 538 17.92 -48.68 16.74
C LEU A 538 18.24 -47.63 15.69
N LEU A 539 19.37 -46.95 15.85
CA LEU A 539 19.86 -46.00 14.88
C LEU A 539 21.27 -46.40 14.44
N GLN A 540 21.55 -46.18 13.16
CA GLN A 540 22.78 -46.68 12.54
C GLN A 540 23.87 -45.63 12.62
N TYR A 541 25.08 -46.07 12.96
CA TYR A 541 26.24 -45.21 12.91
C TYR A 541 26.62 -44.92 11.46
N LYS A 542 27.29 -43.78 11.25
CA LYS A 542 27.69 -43.37 9.90
C LYS A 542 29.19 -43.31 9.71
N PHE A 543 29.97 -43.25 10.80
CA PHE A 543 31.44 -43.29 10.77
C PHE A 543 32.03 -42.10 10.03
N GLU A 544 31.29 -41.00 9.95
CA GLU A 544 31.87 -39.76 9.46
C GLU A 544 32.87 -39.22 10.47
N TYR A 545 33.88 -38.51 9.96
CA TYR A 545 34.88 -37.92 10.85
C TYR A 545 34.25 -36.81 11.69
N ILE A 546 34.43 -36.90 13.01
CA ILE A 546 33.86 -35.95 13.94
C ILE A 546 34.92 -35.00 14.48
N GLY A 547 36.09 -35.52 14.84
CA GLY A 547 37.14 -34.70 15.39
C GLY A 547 37.17 -34.79 16.90
N ILE A 548 37.56 -33.71 17.56
CA ILE A 548 37.53 -33.65 19.02
C ILE A 548 36.65 -32.49 19.44
N PRO A 549 35.33 -32.66 19.47
CA PRO A 549 34.45 -31.53 19.78
C PRO A 549 34.42 -31.22 21.26
N GLU A 550 33.69 -30.16 21.60
CA GLU A 550 33.44 -29.79 22.99
C GLU A 550 32.20 -30.56 23.44
N ARG A 551 32.43 -31.73 24.05
CA ARG A 551 31.35 -32.65 24.35
C ARG A 551 30.45 -32.11 25.45
N LEU A 552 29.18 -32.50 25.41
CA LEU A 552 28.19 -32.04 26.36
C LEU A 552 28.09 -33.00 27.54
N ILE A 553 27.89 -32.43 28.72
CA ILE A 553 27.69 -33.21 29.94
C ILE A 553 26.31 -33.86 29.88
N TYR A 554 26.24 -35.14 30.23
CA TYR A 554 25.04 -35.94 30.04
C TYR A 554 24.08 -35.70 31.20
N THR A 555 23.36 -34.59 31.15
CA THR A 555 22.29 -34.28 32.08
C THR A 555 21.08 -35.14 31.79
N PRO A 556 20.16 -35.32 32.75
CA PRO A 556 18.92 -36.05 32.45
C PRO A 556 18.10 -35.42 31.34
N LEU A 557 18.09 -34.07 31.26
CA LEU A 557 17.39 -33.40 30.18
C LEU A 557 18.00 -33.74 28.83
N LEU A 558 19.34 -33.82 28.77
CA LEU A 558 20.01 -34.20 27.54
C LEU A 558 19.65 -35.62 27.12
N LEU A 559 19.57 -36.55 28.09
CA LEU A 559 19.23 -37.93 27.77
C LEU A 559 17.79 -38.04 27.27
N VAL A 560 16.86 -37.31 27.90
CA VAL A 560 15.47 -37.35 27.44
C VAL A 560 15.35 -36.71 26.06
N GLY A 561 16.14 -35.67 25.80
CA GLY A 561 16.16 -35.08 24.47
C GLY A 561 16.71 -36.03 23.42
N PHE A 562 17.76 -36.78 23.76
CA PHE A 562 18.28 -37.79 22.85
C PHE A 562 17.23 -38.87 22.59
N ALA A 563 16.49 -39.26 23.63
CA ALA A 563 15.44 -40.26 23.47
C ALA A 563 14.34 -39.78 22.55
N THR A 564 13.92 -38.51 22.69
CA THR A 564 12.85 -38.02 21.82
C THR A 564 13.36 -37.77 20.40
N LEU A 565 14.64 -37.43 20.23
CA LEU A 565 15.19 -37.32 18.89
C LEU A 565 15.26 -38.68 18.21
N THR A 566 15.64 -39.72 18.95
CA THR A 566 15.63 -41.07 18.41
C THR A 566 14.21 -41.52 18.07
N ASP A 567 13.25 -41.18 18.94
CA ASP A 567 11.85 -41.54 18.67
C ASP A 567 11.32 -40.81 17.44
N SER A 568 11.77 -39.59 17.19
CA SER A 568 11.36 -38.87 16.00
C SER A 568 12.02 -39.42 14.75
N LEU A 569 13.33 -39.74 14.83
CA LEU A 569 14.06 -40.21 13.66
C LEU A 569 13.81 -41.67 13.34
N HIS A 570 13.22 -42.45 14.25
CA HIS A 570 12.87 -43.83 13.92
C HIS A 570 11.80 -43.88 12.84
N GLN A 571 10.94 -42.87 12.77
CA GLN A 571 9.91 -42.77 11.74
C GLN A 571 10.26 -41.72 10.69
N LYS A 572 11.54 -41.34 10.60
CA LYS A 572 12.05 -40.37 9.63
C LYS A 572 11.37 -39.01 9.75
N TYR A 573 10.84 -38.70 10.91
CA TYR A 573 10.22 -37.40 11.16
C TYR A 573 11.30 -36.37 11.47
N GLY A 574 10.90 -35.19 11.91
CA GLY A 574 11.85 -34.16 12.25
C GLY A 574 12.07 -33.99 13.73
N GLY A 575 13.16 -33.31 14.10
CA GLY A 575 13.43 -33.02 15.49
C GLY A 575 13.15 -31.57 15.83
N CYS A 576 12.29 -31.33 16.82
CA CYS A 576 11.85 -29.99 17.18
C CYS A 576 12.13 -29.73 18.65
N PHE A 577 12.79 -28.60 18.93
CA PHE A 577 13.15 -28.21 20.29
C PHE A 577 12.67 -26.79 20.53
N PHE A 578 11.73 -26.60 21.44
CA PHE A 578 11.20 -25.29 21.73
C PHE A 578 11.40 -24.95 23.21
N GLY A 579 11.75 -23.69 23.46
CA GLY A 579 11.98 -23.21 24.80
C GLY A 579 12.65 -21.84 24.79
N PRO A 580 13.05 -21.36 25.96
CA PRO A 580 13.71 -20.06 26.02
C PRO A 580 15.15 -20.10 25.52
N ALA A 581 15.86 -18.99 25.61
CA ALA A 581 17.22 -18.91 25.10
C ALA A 581 18.21 -19.49 26.09
N GLY A 582 19.31 -20.02 25.55
CA GLY A 582 20.38 -20.57 26.35
C GLY A 582 20.00 -21.79 27.18
N THR A 583 19.32 -22.75 26.55
CA THR A 583 18.90 -23.95 27.26
C THR A 583 19.52 -25.24 26.74
N GLY A 584 20.21 -25.20 25.60
CA GLY A 584 20.84 -26.41 25.07
C GLY A 584 19.96 -27.16 24.09
N LYS A 585 19.42 -26.46 23.10
CA LYS A 585 18.65 -27.11 22.05
C LYS A 585 19.53 -27.48 20.86
N THR A 586 20.18 -26.47 20.27
CA THR A 586 21.10 -26.71 19.16
C THR A 586 22.28 -27.57 19.60
N GLU A 587 22.77 -27.36 20.82
CA GLU A 587 23.86 -28.20 21.31
C GLU A 587 23.40 -29.63 21.56
N THR A 588 22.14 -29.82 21.98
CA THR A 588 21.61 -31.17 22.09
C THR A 588 21.55 -31.84 20.72
N VAL A 589 21.13 -31.09 19.70
CA VAL A 589 21.09 -31.64 18.34
C VAL A 589 22.50 -32.01 17.86
N LYS A 590 23.47 -31.13 18.10
CA LYS A 590 24.83 -31.38 17.65
C LYS A 590 25.47 -32.54 18.40
N ALA A 591 25.20 -32.66 19.70
CA ALA A 591 25.73 -33.78 20.47
C ALA A 591 25.08 -35.08 20.06
N PHE A 592 23.78 -35.05 19.72
CA PHE A 592 23.13 -36.24 19.18
C PHE A 592 23.76 -36.67 17.86
N GLY A 593 24.04 -35.70 16.99
CA GLY A 593 24.71 -36.02 15.74
C GLY A 593 26.10 -36.58 15.95
N GLN A 594 26.86 -36.01 16.89
CA GLN A 594 28.20 -36.52 17.18
C GLN A 594 28.16 -37.89 17.82
N ASN A 595 27.11 -38.19 18.59
CA ASN A 595 26.92 -39.55 19.09
C ASN A 595 26.62 -40.51 17.94
N LEU A 596 25.81 -40.07 16.98
CA LEU A 596 25.50 -40.88 15.81
C LEU A 596 26.58 -40.81 14.73
N GLY A 597 27.73 -40.23 15.04
CA GLY A 597 28.87 -40.25 14.12
C GLY A 597 28.70 -39.49 12.84
N ARG A 598 28.09 -38.30 12.89
CA ARG A 598 27.98 -37.46 11.71
C ARG A 598 27.88 -36.01 12.15
N VAL A 599 28.53 -35.12 11.41
CA VAL A 599 28.52 -33.69 11.73
C VAL A 599 27.17 -33.12 11.32
N VAL A 600 26.52 -32.43 12.27
CA VAL A 600 25.23 -31.83 12.01
C VAL A 600 25.43 -30.47 11.36
N VAL A 601 24.81 -30.27 10.20
CA VAL A 601 24.87 -29.00 9.48
C VAL A 601 23.73 -28.12 9.99
N VAL A 602 24.09 -26.97 10.57
CA VAL A 602 23.13 -26.09 11.21
C VAL A 602 22.78 -24.95 10.27
N PHE A 603 21.50 -24.63 10.15
CA PHE A 603 21.02 -23.54 9.32
C PHE A 603 20.31 -22.51 10.18
N ASN A 604 20.76 -21.26 10.11
CA ASN A 604 20.11 -20.16 10.80
C ASN A 604 19.04 -19.58 9.88
N CYS A 605 17.79 -19.94 10.12
CA CYS A 605 16.69 -19.50 9.27
C CYS A 605 16.45 -18.01 9.45
N ASP A 606 15.92 -17.39 8.40
CA ASP A 606 15.81 -15.94 8.33
C ASP A 606 14.60 -15.57 7.49
N ASP A 607 14.17 -14.31 7.62
CA ASP A 607 13.05 -13.83 6.81
C ASP A 607 13.42 -13.71 5.34
N SER A 608 14.70 -13.51 5.04
CA SER A 608 15.16 -13.44 3.66
C SER A 608 15.24 -14.80 2.99
N PHE A 609 15.06 -15.88 3.74
CA PHE A 609 15.04 -17.23 3.17
C PHE A 609 13.65 -17.47 2.58
N ASP A 610 13.51 -17.30 1.28
CA ASP A 610 12.23 -17.55 0.63
C ASP A 610 12.09 -19.04 0.32
N TYR A 611 11.08 -19.40 -0.48
CA TYR A 611 10.84 -20.81 -0.79
C TYR A 611 11.98 -21.42 -1.58
N GLN A 612 12.52 -20.66 -2.55
CA GLN A 612 13.60 -21.18 -3.39
C GLN A 612 14.86 -21.45 -2.58
N VAL A 613 15.21 -20.54 -1.66
CA VAL A 613 16.42 -20.71 -0.85
C VAL A 613 16.30 -21.93 0.05
N LEU A 614 15.16 -22.04 0.75
CA LEU A 614 14.97 -23.17 1.66
C LEU A 614 14.92 -24.49 0.90
N SER A 615 14.28 -24.51 -0.27
CA SER A 615 14.22 -25.75 -1.05
C SER A 615 15.58 -26.10 -1.64
N ARG A 616 16.39 -25.09 -1.99
CA ARG A 616 17.75 -25.36 -2.44
C ARG A 616 18.59 -25.97 -1.31
N LEU A 617 18.44 -25.45 -0.09
CA LEU A 617 19.14 -26.05 1.04
C LEU A 617 18.65 -27.47 1.32
N LEU A 618 17.34 -27.70 1.12
CA LEU A 618 16.80 -29.04 1.31
C LEU A 618 17.35 -30.03 0.29
N VAL A 619 17.41 -29.64 -0.98
CA VAL A 619 18.00 -30.55 -1.98
C VAL A 619 19.51 -30.64 -1.79
N GLY A 620 20.15 -29.65 -1.17
CA GLY A 620 21.54 -29.78 -0.82
C GLY A 620 21.78 -30.85 0.24
N ILE A 621 20.96 -30.85 1.28
CA ILE A 621 21.21 -31.77 2.40
C ILE A 621 20.61 -33.15 2.21
N THR A 622 19.57 -33.29 1.39
CA THR A 622 19.05 -34.63 1.11
C THR A 622 19.92 -35.37 0.11
N GLN A 623 20.55 -34.66 -0.83
CA GLN A 623 21.47 -35.30 -1.76
C GLN A 623 22.74 -35.75 -1.06
N ILE A 624 23.25 -34.95 -0.13
CA ILE A 624 24.43 -35.35 0.65
C ILE A 624 24.07 -36.50 1.59
N GLY A 625 22.96 -36.37 2.29
CA GLY A 625 22.65 -37.23 3.41
C GLY A 625 23.02 -36.67 4.76
N ALA A 626 23.37 -35.38 4.83
CA ALA A 626 23.73 -34.76 6.09
C ALA A 626 22.49 -34.48 6.93
N TRP A 627 22.73 -34.08 8.17
CA TRP A 627 21.67 -33.76 9.11
C TRP A 627 21.52 -32.25 9.22
N GLY A 628 20.28 -31.78 9.07
CA GLY A 628 20.04 -30.35 9.02
C GLY A 628 19.38 -29.79 10.26
N CYS A 629 20.09 -28.94 10.99
CA CYS A 629 19.57 -28.28 12.18
C CYS A 629 19.11 -26.88 11.79
N PHE A 630 17.82 -26.75 11.50
CA PHE A 630 17.26 -25.46 11.10
C PHE A 630 17.12 -24.60 12.35
N ASP A 631 18.21 -23.94 12.72
CA ASP A 631 18.22 -23.12 13.91
C ASP A 631 17.37 -21.87 13.71
N GLU A 632 16.59 -21.54 14.75
CA GLU A 632 15.70 -20.37 14.76
C GLU A 632 14.71 -20.43 13.59
N PHE A 633 13.87 -21.47 13.63
CA PHE A 633 12.91 -21.74 12.58
C PHE A 633 11.68 -20.83 12.66
N ASN A 634 11.54 -20.06 13.75
CA ASN A 634 10.47 -19.08 13.82
C ASN A 634 10.70 -17.90 12.91
N ARG A 635 11.97 -17.56 12.66
CA ARG A 635 12.30 -16.32 11.96
C ARG A 635 11.87 -16.33 10.50
N LEU A 636 11.61 -17.51 9.93
CA LEU A 636 11.07 -17.58 8.58
C LEU A 636 9.69 -16.97 8.52
N ASP A 637 9.36 -16.38 7.38
CA ASP A 637 8.03 -15.84 7.17
C ASP A 637 7.02 -16.98 7.16
N GLU A 638 5.78 -16.67 7.57
CA GLU A 638 4.74 -17.68 7.65
C GLU A 638 4.40 -18.25 6.27
N LYS A 639 4.48 -17.42 5.23
CA LYS A 639 4.24 -17.92 3.87
C LYS A 639 5.29 -18.94 3.47
N VAL A 640 6.56 -18.68 3.79
CA VAL A 640 7.62 -19.64 3.46
C VAL A 640 7.46 -20.91 4.29
N LEU A 641 7.05 -20.76 5.56
CA LEU A 641 6.83 -21.93 6.41
C LEU A 641 5.71 -22.80 5.87
N SER A 642 4.65 -22.17 5.34
CA SER A 642 3.59 -22.94 4.71
C SER A 642 4.07 -23.58 3.42
N ALA A 643 4.85 -22.84 2.61
CA ALA A 643 5.23 -23.32 1.28
C ALA A 643 6.18 -24.51 1.36
N VAL A 644 7.14 -24.50 2.29
CA VAL A 644 8.11 -25.59 2.37
C VAL A 644 7.57 -26.81 3.11
N SER A 645 6.32 -26.76 3.56
CA SER A 645 5.72 -27.92 4.21
C SER A 645 5.61 -29.10 3.25
N ALA A 646 5.27 -28.84 1.99
CA ALA A 646 5.20 -29.90 0.99
C ALA A 646 6.57 -30.52 0.74
N ASN A 647 7.61 -29.69 0.70
CA ASN A 647 8.96 -30.21 0.49
C ASN A 647 9.41 -31.07 1.66
N ILE A 648 9.13 -30.63 2.90
CA ILE A 648 9.52 -31.40 4.06
C ILE A 648 8.72 -32.71 4.13
N GLN A 649 7.43 -32.66 3.76
CA GLN A 649 6.62 -33.86 3.72
C GLN A 649 7.13 -34.84 2.67
N GLN A 650 7.57 -34.33 1.51
CA GLN A 650 8.12 -35.20 0.48
C GLN A 650 9.44 -35.82 0.93
N ILE A 651 10.26 -35.05 1.65
CA ILE A 651 11.51 -35.60 2.20
C ILE A 651 11.21 -36.73 3.16
N GLN A 652 10.25 -36.52 4.07
CA GLN A 652 9.90 -37.54 5.04
C GLN A 652 9.30 -38.77 4.37
N ASN A 653 8.45 -38.56 3.36
CA ASN A 653 7.83 -39.68 2.65
C ASN A 653 8.86 -40.49 1.89
N GLY A 654 9.82 -39.81 1.24
CA GLY A 654 10.86 -40.53 0.54
C GLY A 654 11.78 -41.28 1.48
N LEU A 655 12.08 -40.69 2.64
CA LEU A 655 12.90 -41.40 3.63
C LEU A 655 12.19 -42.60 4.20
N GLN A 656 10.88 -42.49 4.45
CA GLN A 656 10.14 -43.60 5.05
C GLN A 656 9.91 -44.72 4.04
N VAL A 657 9.53 -44.39 2.81
CA VAL A 657 9.24 -45.40 1.80
C VAL A 657 10.49 -45.84 1.03
N GLY A 658 11.64 -45.27 1.35
CA GLY A 658 12.88 -45.64 0.69
C GLY A 658 12.96 -45.28 -0.78
N LYS A 659 12.41 -44.13 -1.15
CA LYS A 659 12.49 -43.69 -2.53
C LYS A 659 13.91 -43.22 -2.85
N SER A 660 14.26 -43.28 -4.13
CA SER A 660 15.61 -42.92 -4.56
C SER A 660 15.75 -41.46 -4.93
N HIS A 661 14.69 -40.84 -5.47
CA HIS A 661 14.76 -39.46 -5.93
C HIS A 661 13.57 -38.67 -5.40
N ILE A 662 13.78 -37.36 -5.26
CA ILE A 662 12.73 -36.44 -4.83
C ILE A 662 12.72 -35.26 -5.79
N THR A 663 11.52 -34.77 -6.12
CA THR A 663 11.37 -33.66 -7.06
C THR A 663 11.07 -32.37 -6.28
N LEU A 664 12.11 -31.55 -6.11
CA LEU A 664 11.98 -30.22 -5.54
C LEU A 664 12.70 -29.23 -6.45
N LEU A 665 12.12 -28.02 -6.55
CA LEU A 665 12.63 -26.95 -7.42
C LEU A 665 12.71 -27.39 -8.88
N GLU A 666 11.69 -28.15 -9.33
CA GLU A 666 11.53 -28.54 -10.73
C GLU A 666 12.75 -29.28 -11.27
N GLU A 667 13.31 -30.17 -10.45
CA GLU A 667 14.46 -30.96 -10.86
C GLU A 667 14.51 -32.22 -10.00
N GLU A 668 14.80 -33.35 -10.64
CA GLU A 668 14.86 -34.63 -9.95
C GLU A 668 16.31 -34.88 -9.51
N THR A 669 16.50 -35.03 -8.21
CA THR A 669 17.80 -35.27 -7.60
C THR A 669 17.75 -36.52 -6.72
N PRO A 670 18.86 -37.25 -6.60
CA PRO A 670 18.85 -38.46 -5.76
C PRO A 670 18.68 -38.12 -4.29
N LEU A 671 18.09 -39.07 -3.55
CA LEU A 671 17.82 -38.91 -2.13
C LEU A 671 18.70 -39.88 -1.35
N SER A 672 19.67 -39.35 -0.63
CA SER A 672 20.47 -40.16 0.26
C SER A 672 19.66 -40.57 1.49
N PRO A 673 19.74 -41.83 1.92
CA PRO A 673 18.89 -42.29 3.01
C PRO A 673 19.37 -41.92 4.41
N HIS A 674 20.49 -41.22 4.52
CA HIS A 674 21.06 -40.86 5.82
C HIS A 674 20.69 -39.45 6.28
N THR A 675 19.82 -38.77 5.55
CA THR A 675 19.49 -37.39 5.89
C THR A 675 18.36 -37.34 6.92
N ALA A 676 18.28 -36.20 7.61
CA ALA A 676 17.22 -35.93 8.57
C ALA A 676 17.15 -34.43 8.80
N VAL A 677 16.00 -33.98 9.30
CA VAL A 677 15.75 -32.56 9.51
C VAL A 677 15.54 -32.30 11.00
N PHE A 678 16.22 -31.28 11.52
CA PHE A 678 16.02 -30.82 12.89
C PHE A 678 15.72 -29.33 12.86
N ILE A 679 14.78 -28.91 13.71
CA ILE A 679 14.47 -27.50 13.88
C ILE A 679 14.57 -27.16 15.37
N THR A 680 15.12 -25.98 15.66
CA THR A 680 15.13 -25.44 17.01
C THR A 680 14.57 -24.02 16.95
N LEU A 681 13.49 -23.78 17.70
CA LEU A 681 12.78 -22.52 17.64
C LEU A 681 12.43 -22.05 19.04
N ASN A 682 12.17 -20.75 19.19
CA ASN A 682 11.91 -20.11 20.48
C ASN A 682 10.51 -19.50 20.43
N PRO A 683 9.50 -20.21 20.91
CA PRO A 683 8.13 -19.69 20.81
C PRO A 683 7.92 -18.53 21.79
N GLY A 684 6.92 -17.72 21.47
CA GLY A 684 6.54 -16.65 22.37
C GLY A 684 7.53 -15.52 22.53
N TYR A 685 8.19 -15.12 21.44
CA TYR A 685 8.97 -13.89 21.39
C TYR A 685 8.32 -12.88 20.46
N ASN A 686 8.57 -11.60 20.74
CA ASN A 686 8.09 -10.53 19.89
C ASN A 686 8.78 -10.57 18.54
N GLY A 687 8.01 -10.25 17.49
CA GLY A 687 8.56 -10.20 16.14
C GLY A 687 9.00 -11.53 15.58
N ARG A 688 8.24 -12.60 15.85
CA ARG A 688 8.53 -13.91 15.30
C ARG A 688 7.24 -14.52 14.75
N SER A 689 7.38 -15.26 13.66
CA SER A 689 6.24 -15.91 13.04
C SER A 689 5.86 -17.17 13.80
N GLU A 690 4.64 -17.65 13.56
CA GLU A 690 4.12 -18.83 14.20
C GLU A 690 4.00 -19.95 13.17
N LEU A 691 4.47 -21.14 13.54
CA LEU A 691 4.46 -22.27 12.63
C LEU A 691 3.02 -22.76 12.42
N PRO A 692 2.57 -22.91 11.18
CA PRO A 692 1.25 -23.49 10.94
C PRO A 692 1.23 -24.96 11.33
N GLU A 693 0.03 -25.44 11.68
CA GLU A 693 -0.11 -26.79 12.23
C GLU A 693 0.22 -27.87 11.20
N ASN A 694 -0.03 -27.60 9.92
CA ASN A 694 0.31 -28.57 8.88
C ASN A 694 1.81 -28.78 8.79
N LEU A 695 2.60 -27.80 9.20
CA LEU A 695 4.05 -27.96 9.28
C LEU A 695 4.49 -28.52 10.62
N LYS A 696 3.85 -28.11 11.72
CA LYS A 696 4.22 -28.59 13.03
C LYS A 696 3.87 -30.06 13.24
N LYS A 697 2.96 -30.60 12.44
CA LYS A 697 2.66 -32.03 12.52
C LYS A 697 3.75 -32.90 11.90
N SER A 698 4.72 -32.30 11.22
CA SER A 698 5.86 -33.03 10.67
C SER A 698 7.08 -33.00 11.58
N PHE A 699 6.97 -32.40 12.76
CA PHE A 699 8.05 -32.34 13.73
C PHE A 699 7.53 -32.75 15.10
N ARG A 700 8.44 -33.22 15.95
CA ARG A 700 8.12 -33.63 17.31
C ARG A 700 8.81 -32.67 18.27
N GLU A 701 8.00 -31.86 18.97
CA GLU A 701 8.53 -30.82 19.84
C GLU A 701 8.83 -31.37 21.22
N PHE A 702 9.86 -30.82 21.85
CA PHE A 702 10.28 -31.25 23.17
C PHE A 702 10.74 -30.03 23.98
N SER A 703 10.03 -29.74 25.06
CA SER A 703 10.32 -28.57 25.87
C SER A 703 11.54 -28.80 26.76
N MET A 704 12.47 -27.85 26.74
CA MET A 704 13.65 -27.85 27.59
C MET A 704 13.82 -26.51 28.29
N LYS A 705 12.75 -26.05 28.96
CA LYS A 705 12.78 -24.75 29.62
C LYS A 705 13.86 -24.69 30.69
N SER A 706 13.96 -25.71 31.53
CA SER A 706 14.85 -25.69 32.69
C SER A 706 15.96 -26.72 32.55
N PRO A 707 17.18 -26.30 32.22
CA PRO A 707 18.31 -27.23 32.23
C PRO A 707 18.81 -27.48 33.66
N GLN A 708 19.61 -28.54 33.78
CA GLN A 708 20.25 -28.88 35.06
C GLN A 708 21.63 -28.25 35.09
N SER A 709 21.70 -27.03 35.63
CA SER A 709 22.97 -26.32 35.67
C SER A 709 23.92 -26.88 36.72
N GLY A 710 23.37 -27.48 37.79
CA GLY A 710 24.21 -28.00 38.85
C GLY A 710 25.10 -29.15 38.39
N THR A 711 24.50 -30.11 37.66
CA THR A 711 25.28 -31.24 37.15
C THR A 711 26.33 -30.78 36.15
N ILE A 712 25.97 -29.84 35.28
CA ILE A 712 26.91 -29.33 34.29
C ILE A 712 28.10 -28.67 34.99
N ALA A 713 27.83 -27.79 35.95
CA ALA A 713 28.90 -27.10 36.66
C ALA A 713 29.77 -28.08 37.43
N GLU A 714 29.14 -29.06 38.10
CA GLU A 714 29.90 -30.01 38.92
C GLU A 714 30.83 -30.85 38.07
N MET A 715 30.31 -31.44 36.98
CA MET A 715 31.15 -32.30 36.15
C MET A 715 32.22 -31.50 35.42
N ILE A 716 31.90 -30.29 34.95
CA ILE A 716 32.91 -29.52 34.22
C ILE A 716 34.02 -29.04 35.15
N LEU A 717 33.65 -28.57 36.36
CA LEU A 717 34.66 -28.18 37.33
C LEU A 717 35.48 -29.38 37.81
N GLN A 718 34.88 -30.57 37.87
CA GLN A 718 35.65 -31.77 38.12
C GLN A 718 36.63 -32.04 36.98
N ILE A 719 36.22 -31.71 35.74
CA ILE A 719 37.09 -31.94 34.59
C ILE A 719 38.31 -31.03 34.63
N MET A 720 38.14 -29.77 35.05
CA MET A 720 39.36 -29.01 35.34
C MET A 720 40.12 -29.54 36.55
N GLY A 721 39.49 -30.34 37.39
CA GLY A 721 40.17 -30.93 38.51
C GLY A 721 40.14 -30.14 39.79
N PHE A 722 39.05 -29.45 40.10
CA PHE A 722 38.94 -28.75 41.37
C PHE A 722 38.83 -29.75 42.50
N GLU A 723 39.49 -29.44 43.62
CA GLU A 723 39.50 -30.34 44.76
C GLU A 723 38.10 -30.51 45.34
N ASP A 724 37.34 -29.43 45.42
CA ASP A 724 35.95 -29.44 45.88
C ASP A 724 35.08 -29.03 44.70
N SER A 725 34.22 -29.94 44.24
CA SER A 725 33.40 -29.70 43.06
C SER A 725 31.91 -29.68 43.35
N LYS A 726 31.42 -30.61 44.18
CA LYS A 726 29.99 -30.66 44.46
C LYS A 726 29.52 -29.42 45.21
N SER A 727 30.21 -29.08 46.30
CA SER A 727 29.84 -27.89 47.09
C SER A 727 30.03 -26.62 46.29
N LEU A 728 31.10 -26.55 45.49
CA LEU A 728 31.34 -25.35 44.69
C LEU A 728 30.27 -25.17 43.63
N ALA A 729 29.85 -26.26 42.95
CA ALA A 729 28.80 -26.16 41.95
C ALA A 729 27.46 -25.80 42.58
N SER A 730 27.15 -26.40 43.73
CA SER A 730 25.92 -26.05 44.43
C SER A 730 25.91 -24.59 44.84
N LYS A 731 27.06 -24.09 45.30
CA LYS A 731 27.16 -22.68 45.66
C LYS A 731 27.01 -21.78 44.45
N ILE A 732 27.57 -22.19 43.30
CA ILE A 732 27.43 -21.41 42.07
C ILE A 732 25.97 -21.31 41.66
N VAL A 733 25.26 -22.44 41.66
CA VAL A 733 23.87 -22.44 41.22
C VAL A 733 22.98 -21.69 42.20
N HIS A 734 23.22 -21.85 43.50
CA HIS A 734 22.45 -21.09 44.48
C HIS A 734 22.72 -19.59 44.36
N PHE A 735 23.98 -19.22 44.09
CA PHE A 735 24.33 -17.83 43.89
C PHE A 735 23.62 -17.25 42.68
N LEU A 736 23.59 -18.00 41.57
CA LEU A 736 22.91 -17.52 40.38
C LEU A 736 21.40 -17.39 40.61
N GLU A 737 20.80 -18.35 41.32
CA GLU A 737 19.37 -18.29 41.57
C GLU A 737 19.00 -17.12 42.48
N LEU A 738 19.77 -16.91 43.55
CA LEU A 738 19.47 -15.79 44.44
C LEU A 738 19.83 -14.45 43.81
N LEU A 739 20.77 -14.43 42.87
CA LEU A 739 21.04 -13.21 42.13
C LEU A 739 19.91 -12.90 41.16
N SER A 740 19.32 -13.93 40.56
CA SER A 740 18.17 -13.72 39.69
C SER A 740 16.94 -13.32 40.49
N SER A 741 16.83 -13.76 41.74
CA SER A 741 15.67 -13.44 42.56
C SER A 741 15.80 -12.11 43.30
N LYS A 742 17.03 -11.67 43.62
CA LYS A 742 17.25 -10.51 44.47
C LYS A 742 17.75 -9.30 43.70
N CYS A 743 17.61 -9.27 42.38
CA CYS A 743 18.00 -8.13 41.58
C CYS A 743 16.78 -7.43 41.02
N SER A 744 16.96 -6.17 40.63
CA SER A 744 15.88 -5.40 40.02
C SER A 744 15.49 -6.01 38.69
N SER A 745 14.20 -6.27 38.51
CA SER A 745 13.71 -7.04 37.37
C SER A 745 13.60 -6.17 36.12
N MET A 746 14.76 -5.84 35.57
CA MET A 746 14.81 -5.18 34.26
C MET A 746 14.94 -6.24 33.17
N ASN A 747 14.77 -5.79 31.93
CA ASN A 747 14.55 -6.71 30.81
C ASN A 747 15.79 -7.48 30.40
N HIS A 748 16.99 -6.99 30.70
CA HIS A 748 18.21 -7.59 30.20
C HIS A 748 18.98 -8.37 31.26
N TYR A 749 18.41 -8.60 32.43
CA TYR A 749 19.04 -9.42 33.45
C TYR A 749 18.63 -10.87 33.22
N HIS A 750 19.52 -11.64 32.60
CA HIS A 750 19.28 -13.05 32.31
C HIS A 750 20.43 -13.86 32.88
N PHE A 751 20.08 -14.90 33.64
CA PHE A 751 21.07 -15.71 34.35
C PHE A 751 20.79 -17.19 34.16
N GLY A 752 20.60 -17.59 32.91
CA GLY A 752 20.40 -18.99 32.57
C GLY A 752 21.71 -19.74 32.47
N LEU A 753 21.75 -20.70 31.54
CA LEU A 753 22.92 -21.56 31.39
C LEU A 753 24.09 -20.87 30.71
N ARG A 754 23.81 -19.88 29.85
CA ARG A 754 24.86 -19.26 29.06
C ARG A 754 25.84 -18.49 29.92
N THR A 755 25.35 -17.76 30.92
CA THR A 755 26.26 -17.00 31.78
C THR A 755 27.08 -17.91 32.68
N LEU A 756 26.50 -19.02 33.15
CA LEU A 756 27.28 -20.01 33.89
C LEU A 756 28.38 -20.59 33.01
N LYS A 757 28.06 -20.91 31.76
CA LYS A 757 29.06 -21.48 30.88
C LYS A 757 30.14 -20.47 30.56
N GLY A 758 29.77 -19.19 30.42
CA GLY A 758 30.77 -18.14 30.25
C GLY A 758 31.65 -18.00 31.47
N VAL A 759 31.08 -18.19 32.66
CA VAL A 759 31.87 -18.21 33.89
C VAL A 759 32.89 -19.34 33.85
N LEU A 760 32.48 -20.52 33.38
CA LEU A 760 33.42 -21.64 33.27
C LEU A 760 34.50 -21.38 32.24
N ARG A 761 34.14 -20.84 31.06
CA ARG A 761 35.16 -20.48 30.07
C ARG A 761 36.09 -19.38 30.56
N ASN A 762 35.64 -18.53 31.50
CA ASN A 762 36.54 -17.53 32.04
C ASN A 762 37.40 -18.08 33.16
N CYS A 763 36.90 -19.07 33.90
CA CYS A 763 37.67 -19.70 34.96
C CYS A 763 38.72 -20.67 34.44
N SER A 764 38.51 -21.24 33.25
CA SER A 764 39.49 -22.19 32.71
C SER A 764 40.88 -21.61 32.50
N PRO A 765 41.09 -20.44 31.89
CA PRO A 765 42.45 -19.90 31.79
C PRO A 765 42.86 -18.99 32.93
N LEU A 766 42.07 -18.90 34.00
CA LEU A 766 42.36 -18.02 35.12
C LEU A 766 43.05 -18.75 36.26
N VAL A 767 43.03 -20.09 36.27
CA VAL A 767 43.76 -20.86 37.27
C VAL A 767 45.27 -20.71 37.11
N SER A 768 45.74 -20.24 35.95
CA SER A 768 47.17 -20.02 35.77
C SER A 768 47.69 -18.90 36.67
N GLU A 769 46.81 -17.98 37.08
CA GLU A 769 47.21 -16.91 37.98
C GLU A 769 46.52 -16.95 39.34
N PHE A 770 45.40 -17.66 39.47
CA PHE A 770 44.71 -17.73 40.75
C PHE A 770 44.72 -19.12 41.38
N GLY A 771 44.96 -20.17 40.60
CA GLY A 771 44.96 -21.52 41.12
C GLY A 771 43.57 -22.12 41.16
N GLU A 772 43.54 -23.46 41.14
CA GLU A 772 42.29 -24.21 41.12
C GLU A 772 41.65 -24.14 42.50
N GLY A 773 40.64 -23.28 42.64
CA GLY A 773 39.99 -23.13 43.92
C GLY A 773 38.83 -22.15 43.84
N GLU A 774 38.42 -21.67 45.01
CA GLU A 774 37.28 -20.78 45.11
C GLU A 774 37.60 -19.35 44.67
N LYS A 775 38.87 -18.93 44.83
CA LYS A 775 39.27 -17.61 44.36
C LYS A 775 39.10 -17.51 42.85
N THR A 776 39.44 -18.58 42.12
CA THR A 776 39.29 -18.59 40.67
C THR A 776 37.82 -18.41 40.27
N VAL A 777 36.92 -19.15 40.92
CA VAL A 777 35.53 -19.08 40.50
C VAL A 777 34.89 -17.76 40.91
N VAL A 778 35.27 -17.18 42.05
CA VAL A 778 34.69 -15.88 42.40
C VAL A 778 35.24 -14.79 41.47
N GLU A 779 36.51 -14.88 41.06
CA GLU A 779 37.03 -13.93 40.10
C GLU A 779 36.33 -14.06 38.75
N SER A 780 36.08 -15.30 38.30
CA SER A 780 35.36 -15.49 37.05
C SER A 780 33.92 -14.99 37.15
N LEU A 781 33.27 -15.21 38.30
CA LEU A 781 31.92 -14.71 38.50
C LEU A 781 31.88 -13.19 38.42
N LYS A 782 32.85 -12.52 39.06
CA LYS A 782 32.94 -11.07 38.93
C LYS A 782 33.12 -10.65 37.49
N ARG A 783 34.13 -11.23 36.82
CA ARG A 783 34.52 -10.80 35.47
C ARG A 783 33.39 -11.01 34.46
N VAL A 784 32.56 -12.02 34.66
CA VAL A 784 31.47 -12.28 33.73
C VAL A 784 30.23 -11.47 34.08
N ILE A 785 29.85 -11.42 35.36
CA ILE A 785 28.51 -10.95 35.72
C ILE A 785 28.49 -9.47 36.08
N LEU A 786 29.51 -8.97 36.77
CA LEU A 786 29.49 -7.57 37.23
C LEU A 786 29.31 -6.53 36.13
N PRO A 787 29.95 -6.60 34.96
CA PRO A 787 29.74 -5.53 33.96
C PRO A 787 28.31 -5.40 33.46
N SER A 788 27.47 -6.43 33.59
CA SER A 788 26.11 -6.37 33.09
C SER A 788 25.10 -5.91 34.13
N LEU A 789 25.55 -5.53 35.33
CA LEU A 789 24.65 -5.13 36.41
C LEU A 789 24.71 -3.63 36.63
N GLY A 790 23.65 -3.10 37.24
CA GLY A 790 23.52 -1.68 37.48
C GLY A 790 24.29 -1.17 38.67
N ASP A 791 23.71 -0.24 39.43
CA ASP A 791 24.38 0.36 40.58
C ASP A 791 23.98 -0.30 41.89
N THR A 792 22.69 -0.35 42.20
CA THR A 792 22.24 -1.03 43.40
C THR A 792 22.38 -2.54 43.27
N ASP A 793 22.17 -3.07 42.08
CA ASP A 793 22.37 -4.50 41.85
C ASP A 793 23.83 -4.89 42.01
N GLU A 794 24.75 -3.96 41.76
CA GLU A 794 26.15 -4.21 42.06
C GLU A 794 26.38 -4.41 43.56
N LEU A 795 25.72 -3.59 44.39
CA LEU A 795 25.82 -3.76 45.84
C LEU A 795 25.17 -5.06 46.28
N VAL A 796 24.05 -5.44 45.65
CA VAL A 796 23.43 -6.72 45.96
C VAL A 796 24.36 -7.88 45.60
N PHE A 797 25.02 -7.78 44.45
CA PHE A 797 25.99 -8.79 44.03
C PHE A 797 27.14 -8.90 45.02
N LYS A 798 27.68 -7.76 45.47
CA LYS A 798 28.79 -7.79 46.42
C LYS A 798 28.37 -8.39 47.75
N ASP A 799 27.21 -8.00 48.27
CA ASP A 799 26.74 -8.53 49.55
C ASP A 799 26.49 -10.03 49.46
N GLU A 800 25.84 -10.48 48.38
CA GLU A 800 25.57 -11.91 48.22
C GLU A 800 26.85 -12.71 48.01
N LEU A 801 27.80 -12.14 47.26
CA LEU A 801 29.08 -12.81 47.04
C LEU A 801 29.85 -12.98 48.34
N SER A 802 29.84 -11.95 49.20
CA SER A 802 30.46 -12.10 50.50
C SER A 802 29.69 -13.07 51.39
N LYS A 803 28.38 -13.16 51.20
CA LYS A 803 27.58 -14.05 52.05
C LYS A 803 27.79 -15.53 51.70
N ILE A 804 27.81 -15.88 50.41
CA ILE A 804 27.76 -17.28 50.03
C ILE A 804 29.16 -17.81 49.72
N PHE A 805 30.08 -16.93 49.33
CA PHE A 805 31.47 -17.29 49.14
C PHE A 805 32.32 -16.54 50.16
N ASP A 806 33.43 -17.15 50.59
CA ASP A 806 34.21 -16.57 51.68
C ASP A 806 34.99 -15.35 51.23
N SER A 807 35.54 -15.38 50.02
CA SER A 807 36.34 -14.27 49.51
C SER A 807 35.79 -13.74 48.19
N ASN A 813 48.14 -8.92 38.69
CA ASN A 813 48.39 -7.54 39.05
C ASN A 813 47.77 -6.57 38.03
N SER A 814 47.96 -6.89 36.74
CA SER A 814 47.39 -6.16 35.62
C SER A 814 47.78 -4.68 35.63
N LYS A 815 49.03 -4.41 35.99
CA LYS A 815 49.53 -3.04 35.89
C LYS A 815 49.84 -2.66 34.45
N ALA A 816 50.26 -3.64 33.64
CA ALA A 816 50.63 -3.36 32.25
C ALA A 816 49.44 -2.91 31.43
N ILE A 817 48.29 -3.57 31.59
CA ILE A 817 47.10 -3.21 30.82
C ILE A 817 46.57 -1.84 31.27
N VAL A 818 46.66 -1.55 32.57
CA VAL A 818 46.23 -0.24 33.07
C VAL A 818 47.15 0.86 32.55
N GLN A 819 48.46 0.59 32.51
CA GLN A 819 49.40 1.56 31.94
C GLN A 819 49.12 1.80 30.47
N CYS A 820 48.82 0.72 29.73
CA CYS A 820 48.51 0.86 28.31
C CYS A 820 47.22 1.65 28.10
N LEU A 821 46.20 1.41 28.93
CA LEU A 821 44.96 2.18 28.81
C LEU A 821 45.16 3.63 29.18
N LYS A 822 46.00 3.90 30.19
CA LYS A 822 46.31 5.29 30.54
C LYS A 822 47.02 6.00 29.39
N ASP A 823 47.97 5.32 28.76
CA ASP A 823 48.65 5.91 27.61
C ASP A 823 47.68 6.15 26.45
N ALA A 824 46.78 5.20 26.19
CA ALA A 824 45.81 5.37 25.11
C ALA A 824 44.85 6.51 25.40
N GLY A 825 44.40 6.64 26.65
CA GLY A 825 43.53 7.75 27.00
C GLY A 825 44.24 9.08 26.92
N GLN A 826 45.53 9.12 27.28
CA GLN A 826 46.30 10.35 27.13
C GLN A 826 46.45 10.73 25.66
N ARG A 827 46.67 9.75 24.79
CA ARG A 827 46.75 10.05 23.36
C ARG A 827 45.41 10.51 22.82
N SER A 828 44.31 9.90 23.24
CA SER A 828 42.99 10.26 22.76
C SER A 828 42.39 11.46 23.50
N GLY A 829 43.05 11.95 24.54
CA GLY A 829 42.59 13.10 25.27
C GLY A 829 41.59 12.83 26.37
N PHE A 830 41.21 11.58 26.59
CA PHE A 830 40.26 11.24 27.63
C PHE A 830 40.92 11.34 29.01
N SER A 831 40.09 11.28 30.05
CA SER A 831 40.55 11.34 31.43
C SER A 831 40.32 10.00 32.10
N MET A 832 41.37 9.46 32.72
CA MET A 832 41.32 8.15 33.35
C MET A 832 40.70 8.31 34.74
N SER A 833 39.37 8.39 34.78
CA SER A 833 38.65 8.46 36.04
C SER A 833 38.49 7.06 36.64
N GLU A 834 37.80 6.99 37.77
CA GLU A 834 37.55 5.69 38.38
C GLU A 834 36.52 4.90 37.59
N GLU A 835 35.41 5.55 37.21
CA GLU A 835 34.35 4.86 36.48
C GLU A 835 34.79 4.49 35.07
N PHE A 836 35.49 5.41 34.39
CA PHE A 836 35.96 5.13 33.03
C PHE A 836 36.96 3.98 33.00
N LEU A 837 37.92 3.98 33.94
CA LEU A 837 38.88 2.89 33.99
C LEU A 837 38.22 1.58 34.44
N LYS A 838 37.20 1.67 35.30
CA LYS A 838 36.46 0.47 35.68
C LYS A 838 35.74 -0.14 34.49
N LYS A 839 35.11 0.70 33.66
CA LYS A 839 34.46 0.20 32.45
C LYS A 839 35.48 -0.36 31.47
N CYS A 840 36.66 0.25 31.41
CA CYS A 840 37.72 -0.28 30.54
C CYS A 840 38.18 -1.66 31.01
N MET A 841 38.39 -1.83 32.33
CA MET A 841 38.72 -3.14 32.87
C MET A 841 37.64 -4.16 32.56
N GLN A 842 36.38 -3.76 32.76
CA GLN A 842 35.27 -4.69 32.52
C GLN A 842 35.19 -5.12 31.08
N PHE A 843 35.32 -4.17 30.14
CA PHE A 843 35.28 -4.50 28.72
C PHE A 843 36.45 -5.39 28.32
N TYR A 844 37.66 -5.08 28.82
CA TYR A 844 38.83 -5.87 28.45
C TYR A 844 38.73 -7.30 28.97
N TYR A 845 38.37 -7.46 30.24
CA TYR A 845 38.29 -8.79 30.81
C TYR A 845 37.12 -9.58 30.23
N MET A 846 36.06 -8.91 29.82
CA MET A 846 34.93 -9.62 29.23
C MET A 846 35.21 -10.01 27.78
N GLN A 847 35.97 -9.18 27.05
CA GLN A 847 36.32 -9.52 25.67
C GLN A 847 37.49 -10.49 25.59
N LYS A 848 38.23 -10.69 26.68
CA LYS A 848 39.33 -11.65 26.66
C LYS A 848 38.85 -13.07 26.33
N THR A 849 37.61 -13.39 26.70
CA THR A 849 37.03 -14.69 26.37
C THR A 849 35.81 -14.61 25.47
N GLN A 850 34.94 -13.61 25.66
CA GLN A 850 33.73 -13.49 24.86
C GLN A 850 34.02 -12.69 23.59
N GLN A 851 33.44 -13.15 22.48
CA GLN A 851 33.66 -12.51 21.19
C GLN A 851 32.68 -11.38 20.89
N ALA A 852 31.40 -11.57 21.18
CA ALA A 852 30.36 -10.59 20.87
C ALA A 852 29.98 -9.84 22.13
N LEU A 853 30.09 -8.52 22.09
CA LEU A 853 29.81 -7.68 23.24
C LEU A 853 28.83 -6.58 22.87
N ILE A 854 27.87 -6.34 23.74
CA ILE A 854 26.88 -5.28 23.57
C ILE A 854 27.14 -4.21 24.61
N LEU A 855 27.37 -2.97 24.15
CA LEU A 855 27.61 -1.84 25.02
C LEU A 855 26.33 -1.01 25.09
N VAL A 856 25.78 -0.86 26.29
CA VAL A 856 24.48 -0.24 26.48
C VAL A 856 24.61 0.92 27.46
N GLY A 857 24.05 2.06 27.10
CA GLY A 857 24.05 3.21 27.99
C GLY A 857 23.26 4.34 27.36
N LYS A 858 23.21 5.46 28.08
CA LYS A 858 22.56 6.65 27.56
C LYS A 858 23.36 7.24 26.41
N ALA A 859 22.75 8.16 25.69
CA ALA A 859 23.44 8.82 24.59
C ALA A 859 24.59 9.67 25.13
N GLY A 860 25.77 9.50 24.55
CA GLY A 860 26.94 10.20 25.02
C GLY A 860 27.42 9.77 26.39
N CYS A 861 27.28 8.48 26.71
CA CYS A 861 27.70 7.97 28.00
C CYS A 861 29.13 7.47 28.02
N GLY A 862 29.73 7.19 26.87
CA GLY A 862 31.12 6.77 26.83
C GLY A 862 31.36 5.39 26.26
N LYS A 863 30.51 4.94 25.34
CA LYS A 863 30.68 3.62 24.75
C LYS A 863 31.79 3.61 23.72
N THR A 864 31.70 4.49 22.71
CA THR A 864 32.69 4.53 21.65
C THR A 864 34.07 4.84 22.18
N ALA A 865 34.16 5.79 23.12
CA ALA A 865 35.43 6.11 23.74
C ALA A 865 36.02 4.90 24.47
N THR A 866 35.16 4.16 25.18
CA THR A 866 35.61 2.98 25.91
C THR A 866 36.21 1.93 24.97
N TRP A 867 35.45 1.54 23.94
CA TRP A 867 35.97 0.44 23.13
C TRP A 867 37.11 0.90 22.23
N LYS A 868 37.11 2.16 21.78
CA LYS A 868 38.24 2.65 21.01
C LYS A 868 39.52 2.69 21.85
N THR A 869 39.44 3.15 23.10
CA THR A 869 40.66 3.21 23.89
C THR A 869 41.11 1.84 24.36
N VAL A 870 40.18 0.89 24.55
CA VAL A 870 40.61 -0.47 24.89
C VAL A 870 41.27 -1.13 23.69
N ILE A 871 40.74 -0.89 22.48
CA ILE A 871 41.37 -1.39 21.26
C ILE A 871 42.76 -0.79 21.09
N ASP A 872 42.91 0.51 21.36
CA ASP A 872 44.23 1.13 21.28
C ASP A 872 45.18 0.53 22.30
N ALA A 873 44.69 0.26 23.52
CA ALA A 873 45.53 -0.35 24.53
C ALA A 873 45.96 -1.76 24.14
N MET A 874 45.04 -2.55 23.59
CA MET A 874 45.38 -3.89 23.13
C MET A 874 46.41 -3.84 22.00
N ALA A 875 46.24 -2.91 21.06
CA ALA A 875 47.19 -2.79 19.95
C ALA A 875 48.57 -2.39 20.44
N ILE A 876 48.64 -1.45 21.39
CA ILE A 876 49.95 -1.02 21.89
C ILE A 876 50.55 -2.02 22.86
N PHE A 877 49.73 -2.90 23.45
CA PHE A 877 50.20 -3.89 24.40
C PHE A 877 50.74 -5.14 23.70
N ASP A 878 49.92 -5.76 22.85
CA ASP A 878 50.33 -6.97 22.15
C ASP A 878 51.21 -6.69 20.94
N GLY A 879 51.10 -5.49 20.35
CA GLY A 879 51.79 -5.19 19.12
C GLY A 879 51.05 -5.57 17.87
N HIS A 880 49.88 -6.19 17.99
CA HIS A 880 49.11 -6.62 16.83
C HIS A 880 48.38 -5.44 16.20
N ALA A 881 48.37 -5.40 14.86
CA ALA A 881 47.59 -4.40 14.16
C ALA A 881 46.10 -4.71 14.31
N ASN A 882 45.28 -3.69 14.06
CA ASN A 882 43.86 -3.81 14.32
C ASN A 882 43.08 -3.02 13.28
N VAL A 883 41.98 -3.62 12.80
CA VAL A 883 41.08 -2.98 11.85
C VAL A 883 39.69 -2.94 12.45
N VAL A 884 38.95 -1.87 12.14
CA VAL A 884 37.60 -1.66 12.65
C VAL A 884 36.68 -1.37 11.48
N TYR A 885 35.53 -2.03 11.44
CA TYR A 885 34.54 -1.83 10.39
C TYR A 885 33.21 -1.45 11.06
N VAL A 886 33.02 -0.15 11.30
CA VAL A 886 31.80 0.34 11.93
C VAL A 886 30.69 0.36 10.89
N ILE A 887 29.60 -0.35 11.16
CA ILE A 887 28.48 -0.46 10.25
C ILE A 887 27.23 0.05 10.95
N ASP A 888 26.60 1.08 10.39
CA ASP A 888 25.33 1.57 10.90
C ASP A 888 24.25 0.59 10.49
N THR A 889 23.70 -0.14 11.47
CA THR A 889 22.87 -1.30 11.16
C THR A 889 21.55 -0.92 10.50
N LYS A 890 20.82 0.03 11.08
CA LYS A 890 19.49 0.35 10.57
C LYS A 890 19.52 1.30 9.38
N VAL A 891 20.65 1.94 9.09
CA VAL A 891 20.76 2.72 7.85
C VAL A 891 20.67 1.80 6.65
N LEU A 892 21.35 0.67 6.69
CA LEU A 892 21.37 -0.29 5.59
C LEU A 892 20.18 -1.25 5.69
N THR A 893 19.65 -1.61 4.54
CA THR A 893 18.62 -2.64 4.48
C THR A 893 19.28 -4.01 4.73
N LYS A 894 18.47 -4.97 5.19
CA LYS A 894 18.95 -6.33 5.40
C LYS A 894 19.56 -6.91 4.13
N GLU A 895 18.92 -6.67 2.99
CA GLU A 895 19.47 -7.12 1.71
C GLU A 895 20.78 -6.42 1.37
N SER A 896 21.02 -5.23 1.93
CA SER A 896 22.30 -4.56 1.76
C SER A 896 23.29 -4.89 2.86
N LEU A 897 22.84 -5.51 3.96
CA LEU A 897 23.75 -5.88 5.03
C LEU A 897 24.31 -7.28 4.83
N TYR A 898 23.45 -8.26 4.54
CA TYR A 898 23.87 -9.63 4.32
C TYR A 898 24.01 -9.97 2.84
N GLY A 899 23.01 -9.62 2.05
CA GLY A 899 23.02 -9.88 0.62
C GLY A 899 21.66 -10.31 0.15
N SER A 900 21.43 -10.14 -1.16
CA SER A 900 20.17 -10.54 -1.78
C SER A 900 20.48 -11.36 -3.02
N MET A 901 19.64 -12.36 -3.27
CA MET A 901 19.77 -13.18 -4.47
C MET A 901 18.97 -12.56 -5.60
N LEU A 902 19.64 -12.23 -6.69
CA LEU A 902 19.00 -11.63 -7.86
C LEU A 902 18.16 -12.71 -8.54
N LYS A 903 16.84 -12.59 -8.43
CA LYS A 903 15.93 -13.59 -8.95
C LYS A 903 15.91 -13.64 -10.49
N ALA A 904 16.51 -12.64 -11.15
CA ALA A 904 16.58 -12.66 -12.61
C ALA A 904 17.41 -13.83 -13.12
N THR A 905 18.55 -14.10 -12.48
CA THR A 905 19.43 -15.19 -12.92
C THR A 905 19.96 -16.02 -11.76
N LEU A 906 19.43 -15.85 -10.55
CA LEU A 906 19.79 -16.66 -9.38
C LEU A 906 21.27 -16.56 -9.04
N GLU A 907 21.81 -15.35 -9.08
CA GLU A 907 23.17 -15.09 -8.61
C GLU A 907 23.12 -14.45 -7.24
N TRP A 908 24.25 -14.47 -6.56
CA TRP A 908 24.37 -13.93 -5.20
C TRP A 908 25.19 -12.64 -5.22
N ARG A 909 24.63 -11.60 -4.62
CA ARG A 909 25.31 -10.32 -4.45
C ARG A 909 25.60 -10.13 -2.96
N ASP A 910 26.88 -9.95 -2.64
CA ASP A 910 27.28 -9.89 -1.24
C ASP A 910 26.84 -8.58 -0.59
N GLY A 911 26.28 -8.68 0.61
CA GLY A 911 26.04 -7.51 1.43
C GLY A 911 27.33 -7.03 2.07
N LEU A 912 27.21 -5.98 2.88
CA LEU A 912 28.40 -5.36 3.45
C LEU A 912 29.05 -6.27 4.49
N PHE A 913 28.26 -6.79 5.42
CA PHE A 913 28.81 -7.66 6.47
C PHE A 913 29.39 -8.94 5.88
N THR A 914 28.68 -9.53 4.92
CA THR A 914 29.19 -10.73 4.26
C THR A 914 30.45 -10.44 3.46
N SER A 915 30.51 -9.26 2.83
CA SER A 915 31.72 -8.88 2.10
C SER A 915 32.91 -8.75 3.04
N ILE A 916 32.71 -8.14 4.21
CA ILE A 916 33.80 -8.00 5.18
C ILE A 916 34.22 -9.38 5.70
N LEU A 917 33.25 -10.25 5.96
CA LEU A 917 33.56 -11.60 6.42
C LEU A 917 34.33 -12.39 5.37
N ARG A 918 33.96 -12.25 4.10
CA ARG A 918 34.68 -12.95 3.05
C ARG A 918 36.08 -12.38 2.86
N ARG A 919 36.23 -11.06 2.98
CA ARG A 919 37.55 -10.45 2.87
C ARG A 919 38.48 -10.90 3.98
N VAL A 920 37.94 -11.06 5.20
CA VAL A 920 38.79 -11.53 6.29
C VAL A 920 38.99 -13.04 6.25
N ASN A 921 38.08 -13.78 5.63
CA ASN A 921 38.27 -15.22 5.49
C ASN A 921 39.31 -15.56 4.42
N ASP A 922 39.26 -14.89 3.28
CA ASP A 922 40.15 -15.24 2.17
C ASP A 922 41.59 -14.89 2.49
N ASP A 923 41.84 -13.66 2.95
CA ASP A 923 43.18 -13.18 3.33
C ASP A 923 44.17 -13.33 2.18
N ILE A 924 43.89 -12.59 1.10
CA ILE A 924 44.70 -12.72 -0.12
C ILE A 924 46.12 -12.20 0.11
N THR A 925 46.24 -11.01 0.69
CA THR A 925 47.55 -10.40 0.91
C THR A 925 48.23 -10.86 2.19
N GLY A 926 47.56 -11.67 3.00
CA GLY A 926 48.15 -12.19 4.22
C GLY A 926 48.22 -11.22 5.37
N THR A 927 47.61 -10.04 5.25
CA THR A 927 47.69 -9.03 6.30
C THR A 927 46.72 -9.26 7.44
N PHE A 928 45.74 -10.15 7.27
CA PHE A 928 44.79 -10.47 8.34
C PHE A 928 45.20 -11.71 9.13
N LYS A 929 46.46 -12.12 9.01
CA LYS A 929 46.92 -13.32 9.70
C LYS A 929 47.02 -13.11 11.20
N ASN A 930 47.63 -12.01 11.62
CA ASN A 930 47.91 -11.74 13.03
C ASN A 930 47.29 -10.41 13.48
N SER A 931 46.05 -10.17 13.08
CA SER A 931 45.34 -8.95 13.44
C SER A 931 43.99 -9.31 14.05
N ARG A 932 43.53 -8.44 14.93
CA ARG A 932 42.18 -8.56 15.49
C ARG A 932 41.23 -7.69 14.68
N ILE A 933 40.05 -8.24 14.37
CA ILE A 933 39.09 -7.57 13.51
C ILE A 933 37.83 -7.32 14.33
N TRP A 934 37.51 -6.05 14.53
CA TRP A 934 36.32 -5.64 15.25
C TRP A 934 35.32 -5.06 14.27
N VAL A 935 34.09 -5.56 14.32
CA VAL A 935 33.00 -5.04 13.51
C VAL A 935 31.96 -4.46 14.45
N VAL A 936 31.72 -3.15 14.35
CA VAL A 936 30.90 -2.41 15.31
C VAL A 936 29.58 -2.06 14.64
N PHE A 937 28.48 -2.49 15.27
CA PHE A 937 27.13 -2.19 14.77
C PHE A 937 26.53 -1.05 15.58
N ASP A 938 26.87 0.17 15.18
CA ASP A 938 26.52 1.38 15.91
C ASP A 938 25.13 1.85 15.48
N SER A 939 24.11 1.16 16.00
CA SER A 939 22.72 1.48 15.72
C SER A 939 21.85 0.75 16.74
N ASP A 940 20.53 0.85 16.56
CA ASP A 940 19.60 0.11 17.39
C ASP A 940 19.71 -1.39 17.12
N LEU A 941 19.32 -2.19 18.10
CA LEU A 941 19.42 -3.64 18.00
C LEU A 941 18.07 -4.19 17.55
N ASP A 942 17.81 -4.07 16.25
CA ASP A 942 16.61 -4.65 15.66
C ASP A 942 16.72 -6.17 15.69
N PRO A 943 15.73 -6.88 16.26
CA PRO A 943 15.79 -8.35 16.23
C PRO A 943 15.90 -8.94 14.84
N GLU A 944 15.21 -8.35 13.86
CA GLU A 944 15.28 -8.87 12.50
C GLU A 944 16.65 -8.68 11.87
N TYR A 945 17.47 -7.79 12.41
CA TYR A 945 18.80 -7.55 11.88
C TYR A 945 19.87 -8.39 12.57
N VAL A 946 19.74 -8.60 13.88
CA VAL A 946 20.81 -9.26 14.63
C VAL A 946 20.48 -10.70 15.00
N GLU A 947 19.26 -11.17 14.77
CA GLU A 947 18.97 -12.59 14.93
C GLU A 947 19.24 -13.39 13.67
N ALA A 948 19.64 -12.74 12.59
CA ALA A 948 20.24 -13.46 11.47
C ALA A 948 21.68 -13.82 11.76
N MET A 949 22.27 -13.23 12.80
CA MET A 949 23.61 -13.54 13.26
C MET A 949 23.61 -14.48 14.45
N ASN A 950 22.52 -15.22 14.66
CA ASN A 950 22.42 -16.07 15.84
C ASN A 950 23.46 -17.18 15.82
N SER A 951 23.67 -17.81 14.66
CA SER A 951 24.71 -18.82 14.56
C SER A 951 26.10 -18.19 14.60
N VAL A 952 26.21 -16.91 14.23
CA VAL A 952 27.49 -16.22 14.31
C VAL A 952 27.89 -15.97 15.76
N LEU A 953 26.92 -15.55 16.59
CA LEU A 953 27.26 -15.07 17.93
C LEU A 953 27.61 -16.21 18.87
N ASP A 954 26.90 -17.34 18.78
CA ASP A 954 27.10 -18.42 19.73
C ASP A 954 28.34 -19.23 19.35
N ASP A 955 28.50 -20.40 19.97
CA ASP A 955 29.67 -21.24 19.77
C ASP A 955 29.72 -21.94 18.42
N ASN A 956 28.67 -21.83 17.61
CA ASN A 956 28.75 -22.35 16.24
C ASN A 956 29.80 -21.59 15.43
N LYS A 957 29.81 -20.26 15.54
CA LYS A 957 30.75 -19.39 14.83
C LYS A 957 30.70 -19.63 13.33
N ILE A 958 29.51 -19.52 12.76
CA ILE A 958 29.30 -19.77 11.34
C ILE A 958 28.14 -18.90 10.85
N LEU A 959 28.23 -18.44 9.61
CA LEU A 959 27.19 -17.63 9.00
C LEU A 959 26.58 -18.40 7.84
N THR A 960 25.32 -18.79 7.99
CA THR A 960 24.62 -19.59 6.98
C THR A 960 23.93 -18.65 6.01
N LEU A 961 24.57 -18.41 4.87
CA LEU A 961 24.00 -17.54 3.86
C LEU A 961 22.81 -18.20 3.18
N PRO A 962 21.95 -17.41 2.54
CA PRO A 962 20.87 -18.00 1.74
C PRO A 962 21.36 -18.91 0.63
N ASN A 963 22.48 -18.60 -0.03
CA ASN A 963 22.97 -19.41 -1.13
C ASN A 963 23.78 -20.61 -0.66
N GLY A 964 23.68 -20.99 0.61
CA GLY A 964 24.32 -22.18 1.11
C GLY A 964 25.74 -21.99 1.60
N GLU A 965 26.33 -20.81 1.40
CA GLU A 965 27.68 -20.58 1.86
C GLU A 965 27.74 -20.62 3.38
N ARG A 966 28.84 -21.16 3.91
CA ARG A 966 29.03 -21.32 5.35
C ARG A 966 30.37 -20.67 5.71
N LEU A 967 30.34 -19.38 5.97
CA LEU A 967 31.56 -18.65 6.26
C LEU A 967 31.93 -18.81 7.73
N PRO A 968 33.07 -19.43 8.06
CA PRO A 968 33.46 -19.56 9.46
C PRO A 968 33.86 -18.22 10.05
N ILE A 969 33.64 -18.08 11.35
CA ILE A 969 34.03 -16.89 12.09
C ILE A 969 35.40 -17.14 12.70
N PRO A 970 36.44 -16.41 12.32
CA PRO A 970 37.76 -16.61 12.91
C PRO A 970 37.77 -16.22 14.38
N PRO A 971 38.67 -16.81 15.18
CA PRO A 971 38.73 -16.43 16.60
C PRO A 971 39.09 -14.97 16.83
N ASN A 972 39.87 -14.36 15.93
CA ASN A 972 40.24 -12.95 16.04
C ASN A 972 39.23 -12.02 15.38
N PHE A 973 38.00 -12.47 15.19
CA PHE A 973 36.94 -11.68 14.55
C PHE A 973 35.85 -11.46 15.60
N ARG A 974 35.82 -10.25 16.18
CA ARG A 974 34.90 -9.94 17.25
C ARG A 974 33.88 -8.90 16.81
N ILE A 975 32.66 -9.05 17.31
CA ILE A 975 31.54 -8.19 16.96
C ILE A 975 31.20 -7.32 18.16
N LEU A 976 31.09 -6.02 17.93
CA LEU A 976 30.71 -5.07 18.97
C LEU A 976 29.34 -4.49 18.63
N PHE A 977 28.46 -4.42 19.62
CA PHE A 977 27.15 -3.79 19.48
C PHE A 977 27.14 -2.54 20.34
N GLU A 978 26.79 -1.41 19.74
CA GLU A 978 26.75 -0.13 20.43
C GLU A 978 25.35 0.45 20.26
N THR A 979 24.55 0.41 21.33
CA THR A 979 23.15 0.81 21.26
C THR A 979 22.84 1.75 22.43
N ASP A 980 21.58 2.16 22.51
CA ASP A 980 21.13 3.04 23.58
C ASP A 980 20.15 2.38 24.54
N ASN A 981 19.32 1.46 24.06
CA ASN A 981 18.41 0.73 24.93
C ASN A 981 18.26 -0.69 24.43
N LEU A 982 17.67 -1.54 25.27
CA LEU A 982 17.41 -2.93 24.95
C LEU A 982 15.93 -3.23 25.09
N ASP A 983 15.09 -2.30 24.63
CA ASP A 983 13.65 -2.45 24.81
C ASP A 983 13.08 -3.54 23.92
N HIS A 984 13.51 -3.60 22.66
CA HIS A 984 13.00 -4.58 21.71
C HIS A 984 13.95 -5.74 21.50
N THR A 985 15.11 -5.75 22.15
CA THR A 985 16.09 -6.80 21.93
C THR A 985 15.68 -8.06 22.68
N THR A 986 15.63 -9.17 21.95
CA THR A 986 15.21 -10.44 22.54
C THR A 986 16.31 -11.01 23.44
N PRO A 987 15.94 -11.86 24.40
CA PRO A 987 16.97 -12.55 25.21
C PRO A 987 17.87 -13.47 24.41
N ALA A 988 17.47 -13.90 23.21
CA ALA A 988 18.33 -14.73 22.38
C ALA A 988 19.59 -13.96 21.98
N THR A 989 19.46 -12.66 21.73
CA THR A 989 20.61 -11.82 21.44
C THR A 989 21.39 -11.43 22.69
N ILE A 990 20.71 -11.21 23.82
CA ILE A 990 21.37 -10.74 25.03
C ILE A 990 22.25 -11.84 25.62
N THR A 991 21.75 -13.06 25.71
CA THR A 991 22.49 -14.13 26.38
C THR A 991 23.72 -14.56 25.59
N ARG A 992 23.67 -14.48 24.26
CA ARG A 992 24.83 -14.85 23.46
C ARG A 992 25.97 -13.84 23.58
N CYS A 993 25.70 -12.65 24.08
CA CYS A 993 26.67 -11.55 24.06
C CYS A 993 27.03 -11.16 25.49
N GLY A 994 28.32 -11.02 25.75
CA GLY A 994 28.76 -10.45 27.01
C GLY A 994 28.41 -8.99 27.07
N LEU A 995 27.45 -8.63 27.93
CA LEU A 995 26.87 -7.30 27.93
C LEU A 995 27.63 -6.38 28.87
N LEU A 996 27.82 -5.14 28.45
CA LEU A 996 28.46 -4.10 29.26
C LEU A 996 27.46 -2.96 29.43
N TRP A 997 27.05 -2.70 30.67
CA TRP A 997 26.03 -1.71 30.98
C TRP A 997 26.67 -0.44 31.51
N PHE A 998 26.24 0.70 30.98
CA PHE A 998 26.71 2.01 31.41
C PHE A 998 25.58 2.66 32.19
N SER A 999 25.59 2.49 33.51
CA SER A 999 24.55 3.06 34.35
C SER A 999 24.62 4.57 34.42
N THR A 1000 25.81 5.15 34.48
CA THR A 1000 25.99 6.60 34.53
C THR A 1000 27.05 6.99 33.50
N ASP A 1001 27.22 8.30 33.33
CA ASP A 1001 28.26 8.81 32.46
C ASP A 1001 29.64 8.47 33.02
N VAL A 1002 30.57 8.14 32.12
CA VAL A 1002 31.93 7.81 32.55
C VAL A 1002 32.81 9.05 32.69
N CYS A 1003 32.32 10.22 32.30
CA CYS A 1003 33.12 11.44 32.27
C CYS A 1003 32.46 12.53 33.09
N SER A 1004 33.27 13.23 33.88
CA SER A 1004 32.80 14.41 34.59
C SER A 1004 32.74 15.61 33.64
N ILE A 1005 32.11 16.69 34.13
CA ILE A 1005 31.98 17.89 33.32
C ILE A 1005 33.34 18.52 33.04
N SER A 1006 34.17 18.63 34.08
CA SER A 1006 35.49 19.24 33.92
C SER A 1006 36.38 18.41 32.99
N SER A 1007 36.33 17.08 33.12
CA SER A 1007 37.13 16.21 32.27
C SER A 1007 36.68 16.30 30.82
N LYS A 1008 35.37 16.35 30.58
CA LYS A 1008 34.87 16.51 29.22
C LYS A 1008 35.27 17.86 28.65
N ILE A 1009 35.23 18.92 29.47
CA ILE A 1009 35.63 20.24 29.02
C ILE A 1009 37.11 20.24 28.62
N ASP A 1010 37.95 19.64 29.47
CA ASP A 1010 39.39 19.59 29.19
C ASP A 1010 39.68 18.79 27.92
N HIS A 1011 38.98 17.66 27.75
CA HIS A 1011 39.17 16.84 26.55
C HIS A 1011 38.75 17.59 25.30
N LEU A 1012 37.61 18.29 25.35
CA LEU A 1012 37.15 19.05 24.19
C LEU A 1012 38.10 20.19 23.86
N LEU A 1013 38.59 20.89 24.88
CA LEU A 1013 39.53 21.98 24.63
C LEU A 1013 40.82 21.47 24.00
N ASN A 1014 41.37 20.37 24.52
CA ASN A 1014 42.61 19.83 23.95
C ASN A 1014 42.39 19.29 22.54
N LYS A 1015 41.25 18.64 22.29
CA LYS A 1015 40.97 18.13 20.95
C LYS A 1015 40.80 19.27 19.95
N SER A 1016 40.10 20.34 20.35
CA SER A 1016 39.93 21.48 19.45
C SER A 1016 41.24 22.20 19.19
N TYR A 1017 42.10 22.30 20.21
CA TYR A 1017 43.42 22.91 19.99
C TYR A 1017 44.28 22.06 19.06
N GLU A 1018 44.23 20.73 19.22
CA GLU A 1018 44.95 19.85 18.32
C GLU A 1018 44.38 19.88 16.91
N ALA A 1019 43.09 20.18 16.76
CA ALA A 1019 42.47 20.22 15.44
C ALA A 1019 42.73 21.53 14.70
N LEU A 1020 43.37 22.51 15.33
CA LEU A 1020 43.68 23.77 14.68
C LEU A 1020 44.97 23.66 13.87
N GLU A 1028 51.16 33.89 21.73
CA GLU A 1028 50.76 33.12 20.56
C GLU A 1028 49.62 32.15 20.90
N LEU A 1029 49.73 30.91 20.43
CA LEU A 1029 48.72 29.91 20.70
C LEU A 1029 48.73 29.49 22.17
N ASP A 1030 49.90 29.45 22.79
CA ASP A 1030 50.00 29.00 24.18
C ASP A 1030 49.30 29.94 25.14
N LYS A 1031 49.53 31.26 24.99
CA LYS A 1031 48.88 32.23 25.86
C LYS A 1031 47.37 32.26 25.67
N LEU A 1032 46.92 32.18 24.41
CA LEU A 1032 45.48 32.13 24.14
C LEU A 1032 44.85 30.88 24.72
N LYS A 1033 45.51 29.73 24.57
CA LYS A 1033 44.99 28.49 25.14
C LYS A 1033 44.92 28.55 26.66
N ASP A 1034 45.96 29.11 27.29
CA ASP A 1034 45.96 29.25 28.74
C ASP A 1034 44.85 30.18 29.20
N LEU A 1035 44.63 31.29 28.50
CA LEU A 1035 43.57 32.22 28.89
C LEU A 1035 42.19 31.60 28.70
N ILE A 1036 41.99 30.83 27.63
CA ILE A 1036 40.70 30.17 27.42
C ILE A 1036 40.47 29.10 28.48
N SER A 1037 41.52 28.35 28.83
CA SER A 1037 41.40 27.34 29.88
C SER A 1037 41.10 27.97 31.23
N ASP A 1038 41.74 29.09 31.55
CA ASP A 1038 41.46 29.78 32.81
C ASP A 1038 40.07 30.41 32.81
N SER A 1039 39.57 30.81 31.64
CA SER A 1039 38.25 31.40 31.55
C SER A 1039 37.13 30.40 31.86
N PHE A 1040 37.32 29.13 31.52
CA PHE A 1040 36.36 28.08 31.89
C PHE A 1040 36.55 27.74 33.37
N ASP A 1041 36.07 28.66 34.22
CA ASP A 1041 36.11 28.46 35.66
C ASP A 1041 35.10 27.40 36.04
N MET A 1042 35.60 26.21 36.43
CA MET A 1042 34.71 25.08 36.71
C MET A 1042 33.81 25.34 37.91
N ALA A 1043 34.28 26.13 38.88
CA ALA A 1043 33.47 26.43 40.06
C ALA A 1043 32.21 27.19 39.68
N SER A 1044 32.33 28.19 38.80
CA SER A 1044 31.15 28.87 38.28
C SER A 1044 30.44 28.04 37.22
N LEU A 1045 31.19 27.19 36.49
CA LEU A 1045 30.60 26.41 35.42
C LEU A 1045 29.59 25.40 35.97
N THR A 1046 29.89 24.77 37.11
CA THR A 1046 28.96 23.80 37.65
C THR A 1046 27.68 24.46 38.15
N ASN A 1047 27.79 25.66 38.72
CA ASN A 1047 26.59 26.41 39.11
C ASN A 1047 25.78 26.81 37.90
N ILE A 1048 26.43 27.24 36.82
CA ILE A 1048 25.72 27.61 35.60
C ILE A 1048 25.00 26.41 35.01
N PHE A 1049 25.68 25.26 35.00
CA PHE A 1049 25.07 24.04 34.45
C PHE A 1049 23.92 23.55 35.30
N THR A 1050 24.04 23.69 36.64
CA THR A 1050 22.93 23.31 37.51
C THR A 1050 21.75 24.26 37.35
N CYS A 1051 22.01 25.54 37.13
CA CYS A 1051 20.92 26.49 36.90
C CYS A 1051 20.29 26.32 35.53
N SER A 1052 21.02 25.75 34.57
CA SER A 1052 20.46 25.50 33.25
C SER A 1052 19.35 24.46 33.27
N ASN A 1053 19.29 23.61 34.29
CA ASN A 1053 18.31 22.53 34.34
C ASN A 1053 16.90 23.02 34.64
N ASP A 1054 16.73 24.27 35.06
CA ASP A 1054 15.42 24.79 35.43
C ASP A 1054 14.69 25.44 34.26
N LEU A 1055 15.28 25.47 33.07
CA LEU A 1055 14.65 26.07 31.92
C LEU A 1055 13.68 25.09 31.26
N VAL A 1056 12.95 25.60 30.27
CA VAL A 1056 12.08 24.78 29.43
C VAL A 1056 12.77 24.60 28.09
N HIS A 1057 13.04 23.35 27.73
CA HIS A 1057 13.82 23.03 26.53
C HIS A 1057 12.93 22.32 25.51
N ILE A 1058 12.97 22.79 24.28
CA ILE A 1058 12.41 22.05 23.16
C ILE A 1058 13.53 21.18 22.59
N LEU A 1059 13.17 20.00 22.08
CA LEU A 1059 14.11 18.96 21.68
C LEU A 1059 15.06 18.63 22.83
N GLY A 1060 14.45 18.07 23.88
CA GLY A 1060 15.10 17.82 25.15
C GLY A 1060 16.39 17.03 25.08
N VAL A 1061 17.51 17.70 25.38
CA VAL A 1061 18.83 17.10 25.41
C VAL A 1061 19.46 17.42 26.76
N ARG A 1062 20.08 16.42 27.38
CA ARG A 1062 20.77 16.64 28.64
C ARG A 1062 21.93 17.62 28.44
N THR A 1063 22.21 18.40 29.49
CA THR A 1063 23.24 19.43 29.41
C THR A 1063 24.64 18.85 29.30
N PHE A 1064 24.81 17.54 29.52
CA PHE A 1064 26.13 16.92 29.38
C PHE A 1064 26.60 16.92 27.93
N ASN A 1065 25.68 16.92 26.97
CA ASN A 1065 26.04 16.81 25.56
C ASN A 1065 25.96 18.14 24.82
N LYS A 1066 25.72 19.24 25.51
CA LYS A 1066 25.79 20.56 24.89
C LYS A 1066 27.18 21.15 24.95
N LEU A 1067 28.14 20.48 25.61
CA LEU A 1067 29.50 21.00 25.68
C LEU A 1067 30.19 20.94 24.33
N GLU A 1068 29.75 20.03 23.46
CA GLU A 1068 30.27 19.98 22.09
C GLU A 1068 30.06 21.32 21.40
N THR A 1069 28.81 21.80 21.40
CA THR A 1069 28.46 23.05 20.74
C THR A 1069 29.18 24.23 21.39
N ALA A 1070 29.20 24.27 22.72
CA ALA A 1070 29.82 25.38 23.43
C ALA A 1070 31.32 25.47 23.14
N VAL A 1071 32.03 24.36 23.29
CA VAL A 1071 33.48 24.38 23.09
C VAL A 1071 33.81 24.66 21.62
N GLN A 1072 33.10 24.00 20.69
CA GLN A 1072 33.41 24.20 19.28
C GLN A 1072 33.12 25.64 18.85
N LEU A 1073 31.99 26.20 19.28
CA LEU A 1073 31.67 27.59 18.95
C LEU A 1073 32.70 28.55 19.53
N ALA A 1074 33.07 28.35 20.80
CA ALA A 1074 34.03 29.25 21.44
C ALA A 1074 35.38 29.20 20.74
N VAL A 1075 35.89 27.99 20.46
CA VAL A 1075 37.20 27.88 19.83
C VAL A 1075 37.18 28.43 18.42
N HIS A 1076 36.12 28.14 17.65
CA HIS A 1076 36.04 28.64 16.28
C HIS A 1076 35.95 30.16 16.24
N LEU A 1077 35.13 30.75 17.12
CA LEU A 1077 34.99 32.20 17.12
C LEU A 1077 36.26 32.89 17.61
N ILE A 1078 36.96 32.30 18.58
CA ILE A 1078 38.25 32.85 19.01
C ILE A 1078 39.26 32.78 17.87
N SER A 1079 39.30 31.64 17.15
CA SER A 1079 40.21 31.52 16.02
C SER A 1079 39.88 32.50 14.90
N SER A 1080 38.60 32.77 14.69
CA SER A 1080 38.21 33.76 13.69
C SER A 1080 38.57 35.18 14.12
N TYR A 1081 38.44 35.49 15.41
CA TYR A 1081 38.79 36.81 15.93
C TYR A 1081 40.28 36.94 16.23
N ARG A 1082 41.06 35.89 16.02
CA ARG A 1082 42.50 35.92 16.26
C ARG A 1082 43.25 36.94 15.40
N GLN A 1083 42.64 37.41 14.31
CA GLN A 1083 43.33 38.34 13.42
C GLN A 1083 43.64 39.67 14.10
N TRP A 1084 42.72 40.18 14.92
CA TRP A 1084 42.88 41.46 15.59
C TRP A 1084 43.30 41.30 17.05
N PHE A 1085 44.10 40.29 17.37
CA PHE A 1085 44.45 39.99 18.75
C PHE A 1085 45.90 40.34 19.07
N GLN A 1086 46.57 41.15 18.25
CA GLN A 1086 47.96 41.51 18.47
C GLN A 1086 48.16 43.00 18.75
N ASN A 1087 47.08 43.77 18.86
CA ASN A 1087 47.18 45.21 19.06
C ASN A 1087 46.22 45.68 20.14
N LEU A 1088 46.21 44.98 21.27
CA LEU A 1088 45.34 45.36 22.38
C LEU A 1088 45.98 44.90 23.69
N ASP A 1089 45.45 45.42 24.79
CA ASP A 1089 45.94 45.08 26.11
C ASP A 1089 45.42 43.71 26.54
N ASP A 1090 46.02 43.18 27.61
CA ASP A 1090 45.64 41.85 28.08
C ASP A 1090 44.25 41.85 28.71
N LYS A 1091 43.90 42.92 29.43
CA LYS A 1091 42.59 42.99 30.07
C LYS A 1091 41.47 43.07 29.02
N SER A 1092 41.69 43.82 27.94
CA SER A 1092 40.70 43.88 26.88
C SER A 1092 40.52 42.53 26.20
N LEU A 1093 41.63 41.82 25.97
CA LEU A 1093 41.56 40.47 25.42
C LEU A 1093 40.79 39.52 26.34
N LYS A 1094 41.07 39.60 27.65
CA LYS A 1094 40.39 38.75 28.61
C LYS A 1094 38.88 39.04 28.64
N ASP A 1095 38.52 40.32 28.60
CA ASP A 1095 37.10 40.69 28.60
C ASP A 1095 36.41 40.23 27.32
N VAL A 1096 37.08 40.38 26.17
CA VAL A 1096 36.50 39.96 24.89
C VAL A 1096 36.28 38.45 24.88
N ILE A 1097 37.28 37.69 25.34
CA ILE A 1097 37.16 36.23 25.36
C ILE A 1097 36.09 35.80 26.34
N THR A 1098 35.99 36.44 27.50
CA THR A 1098 34.95 36.11 28.46
C THR A 1098 33.56 36.38 27.90
N LEU A 1099 33.38 37.53 27.23
CA LEU A 1099 32.09 37.83 26.61
C LEU A 1099 31.74 36.83 25.52
N LEU A 1100 32.73 36.45 24.71
CA LEU A 1100 32.47 35.51 23.62
C LEU A 1100 32.09 34.14 24.15
N ILE A 1101 32.76 33.68 25.21
CA ILE A 1101 32.42 32.40 25.81
C ILE A 1101 31.06 32.46 26.50
N LYS A 1102 30.71 33.62 27.09
CA LYS A 1102 29.37 33.77 27.66
C LYS A 1102 28.29 33.65 26.59
N ARG A 1103 28.52 34.28 25.43
CA ARG A 1103 27.56 34.18 24.33
C ARG A 1103 27.46 32.75 23.81
N SER A 1104 28.61 32.07 23.68
CA SER A 1104 28.62 30.68 23.23
C SER A 1104 27.88 29.77 24.20
N LEU A 1105 28.10 29.97 25.51
CA LEU A 1105 27.41 29.17 26.51
C LEU A 1105 25.91 29.43 26.48
N LEU A 1106 25.51 30.69 26.29
CA LEU A 1106 24.09 31.02 26.19
C LEU A 1106 23.43 30.32 25.02
N TYR A 1107 24.01 30.44 23.82
CA TYR A 1107 23.42 29.83 22.64
C TYR A 1107 23.69 28.34 22.54
N ALA A 1108 24.50 27.77 23.42
CA ALA A 1108 24.66 26.32 23.46
C ALA A 1108 23.73 25.67 24.48
N LEU A 1109 23.42 26.35 25.57
CA LEU A 1109 22.60 25.78 26.64
C LEU A 1109 21.14 26.20 26.54
N ALA A 1110 20.87 27.50 26.41
CA ALA A 1110 19.51 28.01 26.35
C ALA A 1110 19.10 28.43 24.94
N GLY A 1111 19.91 28.09 23.93
CA GLY A 1111 19.59 28.48 22.56
C GLY A 1111 18.32 27.87 22.03
N ASP A 1112 17.85 26.77 22.62
CA ASP A 1112 16.59 26.14 22.26
C ASP A 1112 15.45 26.55 23.19
N SER A 1113 15.49 27.78 23.69
CA SER A 1113 14.47 28.29 24.59
C SER A 1113 13.92 29.60 24.04
N THR A 1114 12.84 30.08 24.67
CA THR A 1114 12.16 31.27 24.19
C THR A 1114 12.96 32.52 24.51
N GLY A 1115 12.40 33.67 24.12
CA GLY A 1115 13.07 34.94 24.37
C GLY A 1115 13.18 35.28 25.85
N GLU A 1116 12.08 35.08 26.59
CA GLU A 1116 12.11 35.34 28.03
C GLU A 1116 13.05 34.39 28.75
N SER A 1117 13.05 33.11 28.35
CA SER A 1117 13.96 32.15 28.96
C SER A 1117 15.41 32.46 28.63
N GLN A 1118 15.68 32.92 27.40
CA GLN A 1118 17.04 33.31 27.04
C GLN A 1118 17.47 34.56 27.80
N ARG A 1119 16.54 35.49 28.04
CA ARG A 1119 16.86 36.66 28.86
C ARG A 1119 17.17 36.25 30.30
N ALA A 1120 16.38 35.31 30.85
CA ALA A 1120 16.66 34.81 32.19
C ALA A 1120 18.02 34.11 32.25
N PHE A 1121 18.35 33.33 31.22
CA PHE A 1121 19.62 32.62 31.23
C PHE A 1121 20.80 33.56 31.04
N ILE A 1122 20.65 34.61 30.23
CA ILE A 1122 21.75 35.56 30.10
C ILE A 1122 21.91 36.35 31.39
N GLN A 1123 20.81 36.62 32.11
CA GLN A 1123 20.95 37.24 33.42
C GLN A 1123 21.67 36.33 34.41
N THR A 1124 21.33 35.03 34.42
CA THR A 1124 21.96 34.16 35.40
C THR A 1124 23.43 33.89 35.03
N ILE A 1125 23.76 33.89 33.74
CA ILE A 1125 25.16 33.74 33.36
C ILE A 1125 25.94 35.03 33.58
N ASN A 1126 25.26 36.18 33.60
CA ASN A 1126 25.94 37.41 34.02
C ASN A 1126 26.21 37.41 35.51
N THR A 1127 25.24 36.96 36.32
CA THR A 1127 25.44 37.02 37.77
C THR A 1127 26.30 35.87 38.27
N TYR A 1128 26.48 34.80 37.48
CA TYR A 1128 27.34 33.70 37.90
C TYR A 1128 28.78 33.85 37.44
N PHE A 1129 29.09 34.84 36.61
CA PHE A 1129 30.46 35.09 36.21
C PHE A 1129 30.94 36.43 36.75
N ASP A 1132 33.07 42.34 37.21
CA ASP A 1132 34.39 42.55 36.65
C ASP A 1132 34.45 42.10 35.19
N SER A 1133 33.87 40.93 34.92
CA SER A 1133 33.82 40.42 33.55
C SER A 1133 32.85 41.23 32.71
N GLN A 1134 33.07 41.20 31.40
CA GLN A 1134 32.23 41.97 30.48
C GLN A 1134 30.82 41.40 30.45
N GLU A 1135 29.84 42.27 30.62
CA GLU A 1135 28.44 41.86 30.71
C GLU A 1135 27.88 41.63 29.31
N LEU A 1136 27.31 40.45 29.10
CA LEU A 1136 26.65 40.12 27.84
C LEU A 1136 25.17 40.45 27.95
N SER A 1137 24.67 41.24 27.01
CA SER A 1137 23.27 41.62 26.98
C SER A 1137 22.51 40.75 25.99
N ASP A 1138 21.22 41.03 25.83
CA ASP A 1138 20.40 40.27 24.90
C ASP A 1138 20.75 40.57 23.44
N TYR A 1139 21.38 41.71 23.17
CA TYR A 1139 21.76 42.09 21.81
C TYR A 1139 23.22 42.52 21.75
N SER A 1140 24.05 42.01 22.65
CA SER A 1140 25.46 42.35 22.66
C SER A 1140 26.19 41.70 21.49
N THR A 1141 27.15 42.42 20.93
CA THR A 1141 27.92 41.93 19.80
C THR A 1141 29.24 42.67 19.75
N ILE A 1142 30.10 42.23 18.83
CA ILE A 1142 31.42 42.81 18.62
C ILE A 1142 31.52 43.25 17.16
N VAL A 1143 31.91 44.49 16.94
CA VAL A 1143 32.04 45.03 15.60
C VAL A 1143 33.52 45.09 15.23
N ILE A 1144 33.79 45.32 13.95
CA ILE A 1144 35.16 45.43 13.47
C ILE A 1144 35.59 46.89 13.43
N LEU A 1149 37.46 45.67 17.29
CA LEU A 1149 37.10 44.87 18.45
C LEU A 1149 36.56 45.76 19.57
N SER A 1150 35.25 46.02 19.54
CA SER A 1150 34.61 46.85 20.55
C SER A 1150 33.19 46.35 20.78
N PHE A 1151 32.69 46.59 21.98
CA PHE A 1151 31.35 46.16 22.36
C PHE A 1151 30.32 47.14 21.80
N SER A 1152 29.23 46.59 21.27
CA SER A 1152 28.15 47.40 20.72
C SER A 1152 26.84 46.62 20.87
N SER A 1153 25.82 47.07 20.15
CA SER A 1153 24.51 46.44 20.20
C SER A 1153 23.98 46.24 18.78
N PHE A 1154 22.84 45.57 18.67
CA PHE A 1154 22.20 45.34 17.38
C PHE A 1154 21.35 46.52 16.93
N CYS A 1155 21.15 47.52 17.79
CA CYS A 1155 20.33 48.68 17.41
C CYS A 1155 20.97 49.48 16.30
N SER A 1156 22.28 49.68 16.37
CA SER A 1156 23.00 50.52 15.41
C SER A 1156 23.41 49.77 14.14
N GLU A 1157 23.12 48.48 14.04
CA GLU A 1157 23.55 47.68 12.90
C GLU A 1157 22.46 47.46 11.86
N ILE A 1158 21.28 48.05 12.05
CA ILE A 1158 20.17 47.85 11.12
C ILE A 1158 20.35 48.75 9.90
N PRO A 1159 20.42 48.19 8.70
CA PRO A 1159 20.47 49.03 7.50
C PRO A 1159 19.09 49.52 7.10
N SER A 1160 19.06 50.68 6.46
CA SER A 1160 17.81 51.25 5.97
C SER A 1160 17.36 50.50 4.72
N VAL A 1161 16.08 50.13 4.69
CA VAL A 1161 15.50 49.36 3.59
C VAL A 1161 14.39 50.18 2.96
N SER A 1162 14.45 50.33 1.64
CA SER A 1162 13.41 51.02 0.86
C SER A 1162 13.03 50.10 -0.29
N LEU A 1163 12.04 49.24 -0.06
CA LEU A 1163 11.65 48.26 -1.05
C LEU A 1163 10.89 48.90 -2.20
N GLU A 1164 11.16 48.45 -3.42
CA GLU A 1164 10.40 48.87 -4.58
C GLU A 1164 9.02 48.22 -4.56
N ALA A 1165 8.13 48.73 -5.42
CA ALA A 1165 6.79 48.16 -5.52
C ALA A 1165 6.82 46.75 -6.07
N HIS A 1166 7.65 46.49 -7.07
CA HIS A 1166 7.67 45.22 -7.78
C HIS A 1166 8.48 44.14 -7.05
N GLU A 1167 9.09 44.45 -5.91
CA GLU A 1167 9.92 43.50 -5.21
C GLU A 1167 9.15 42.64 -4.21
N VAL A 1168 7.83 42.80 -4.13
CA VAL A 1168 7.04 41.99 -3.20
C VAL A 1168 7.03 40.54 -3.64
N MET A 1169 6.95 40.28 -4.95
CA MET A 1169 6.87 38.91 -5.45
C MET A 1169 8.14 38.12 -5.23
N ARG A 1170 9.29 38.78 -5.11
CA ARG A 1170 10.55 38.06 -4.93
C ARG A 1170 10.61 37.46 -3.53
N PRO A 1171 10.78 36.14 -3.40
CA PRO A 1171 10.77 35.52 -2.07
C PRO A 1171 12.06 35.67 -1.28
N ASP A 1172 13.08 36.31 -1.84
CA ASP A 1172 14.37 36.45 -1.17
C ASP A 1172 14.52 37.76 -0.42
N ILE A 1173 13.46 38.57 -0.34
CA ILE A 1173 13.52 39.85 0.34
C ILE A 1173 13.32 39.65 1.83
N VAL A 1174 14.05 40.42 2.63
CA VAL A 1174 13.94 40.40 4.08
C VAL A 1174 13.96 41.83 4.59
N ILE A 1175 13.40 42.01 5.78
CA ILE A 1175 13.46 43.27 6.51
C ILE A 1175 14.29 43.05 7.76
N PRO A 1176 15.47 43.65 7.89
CA PRO A 1176 16.32 43.34 9.04
C PRO A 1176 15.80 43.93 10.34
N THR A 1177 15.27 43.07 11.20
CA THR A 1177 14.89 43.42 12.55
C THR A 1177 16.01 42.98 13.50
N ILE A 1178 15.77 43.14 14.80
CA ILE A 1178 16.74 42.67 15.79
C ILE A 1178 16.80 41.15 15.79
N ASP A 1179 15.64 40.50 15.85
CA ASP A 1179 15.58 39.04 15.94
C ASP A 1179 16.10 38.39 14.67
N THR A 1180 15.75 38.95 13.51
CA THR A 1180 16.17 38.37 12.24
C THR A 1180 17.69 38.41 12.09
N ILE A 1181 18.30 39.55 12.38
CA ILE A 1181 19.75 39.65 12.23
C ILE A 1181 20.47 38.84 13.30
N LYS A 1182 19.89 38.74 14.51
CA LYS A 1182 20.50 37.91 15.55
C LYS A 1182 20.49 36.44 15.16
N HIS A 1183 19.35 35.93 14.72
CA HIS A 1183 19.25 34.54 14.31
C HIS A 1183 20.11 34.26 13.09
N GLU A 1184 20.15 35.19 12.13
CA GLU A 1184 20.98 35.02 10.95
C GLU A 1184 22.45 34.96 11.30
N LYS A 1185 22.91 35.84 12.18
CA LYS A 1185 24.32 35.85 12.55
C LYS A 1185 24.70 34.59 13.31
N ILE A 1186 23.86 34.13 14.24
CA ILE A 1186 24.23 32.91 14.95
C ILE A 1186 24.13 31.68 14.04
N PHE A 1187 23.20 31.67 13.08
CA PHE A 1187 23.14 30.57 12.13
C PHE A 1187 24.38 30.53 11.25
N TYR A 1188 24.85 31.68 10.78
CA TYR A 1188 26.08 31.73 10.01
C TYR A 1188 27.28 31.30 10.84
N ASP A 1189 27.32 31.71 12.10
CA ASP A 1189 28.43 31.32 12.97
C ASP A 1189 28.41 29.82 13.26
N LEU A 1190 27.22 29.22 13.34
CA LEU A 1190 27.14 27.78 13.55
C LEU A 1190 27.47 27.00 12.29
N LEU A 1191 27.18 27.55 11.11
CA LEU A 1191 27.67 26.95 9.87
C LEU A 1191 29.18 26.99 9.81
N ASN A 1192 29.77 28.15 10.09
CA ASN A 1192 31.21 28.32 9.95
C ASN A 1192 32.00 27.54 11.00
N SER A 1193 31.33 27.00 12.02
CA SER A 1193 31.98 26.17 13.03
C SER A 1193 32.04 24.70 12.65
N LYS A 1194 31.58 24.36 11.44
CA LYS A 1194 31.53 22.96 10.95
C LYS A 1194 30.73 22.08 11.92
N ARG A 1195 29.58 22.61 12.37
CA ARG A 1195 28.75 21.95 13.37
C ARG A 1195 27.34 21.82 12.80
N GLY A 1196 26.71 20.68 13.06
CA GLY A 1196 25.35 20.48 12.58
C GLY A 1196 24.36 21.40 13.28
N ILE A 1197 23.35 21.82 12.53
CA ILE A 1197 22.34 22.76 13.02
C ILE A 1197 20.96 22.17 12.78
N ILE A 1198 20.13 22.18 13.82
CA ILE A 1198 18.72 21.82 13.71
C ILE A 1198 17.90 23.01 14.20
N LEU A 1199 17.01 23.50 13.36
CA LEU A 1199 16.16 24.64 13.68
C LEU A 1199 14.78 24.13 14.06
N CYS A 1200 14.31 24.52 15.24
CA CYS A 1200 13.02 24.10 15.76
C CYS A 1200 12.12 25.31 15.94
N GLY A 1201 10.86 25.17 15.53
CA GLY A 1201 9.89 26.23 15.67
C GLY A 1201 8.58 25.90 15.00
N PRO A 1202 7.52 26.60 15.39
CA PRO A 1202 6.21 26.40 14.75
C PRO A 1202 6.26 26.84 13.29
N PRO A 1203 5.36 26.34 12.44
CA PRO A 1203 5.40 26.71 11.03
C PRO A 1203 5.22 28.21 10.82
N GLY A 1204 6.00 28.77 9.91
CA GLY A 1204 6.01 30.20 9.69
C GLY A 1204 6.89 30.99 10.63
N SER A 1205 7.73 30.33 11.42
CA SER A 1205 8.63 31.06 12.31
C SER A 1205 9.65 31.89 11.53
N GLY A 1206 10.20 31.32 10.46
CA GLY A 1206 11.17 32.04 9.65
C GLY A 1206 12.52 31.39 9.60
N LYS A 1207 12.58 30.07 9.85
CA LYS A 1207 13.85 29.35 9.81
C LYS A 1207 14.40 29.32 8.39
N THR A 1208 13.55 28.95 7.42
CA THR A 1208 13.96 28.96 6.03
C THR A 1208 14.36 30.36 5.58
N MET A 1209 13.62 31.37 6.04
CA MET A 1209 13.91 32.74 5.66
C MET A 1209 15.26 33.20 6.18
N ILE A 1210 15.54 32.95 7.47
CA ILE A 1210 16.81 33.42 8.03
C ILE A 1210 17.98 32.66 7.42
N MET A 1211 17.81 31.36 7.12
CA MET A 1211 18.95 30.66 6.55
C MET A 1211 19.17 31.05 5.09
N ASN A 1212 18.11 31.30 4.33
CA ASN A 1212 18.28 31.80 2.98
C ASN A 1212 18.95 33.16 3.00
N ASN A 1213 18.53 34.05 3.91
CA ASN A 1213 19.16 35.35 4.04
C ASN A 1213 20.64 35.23 4.41
N ALA A 1214 20.96 34.32 5.34
CA ALA A 1214 22.35 34.16 5.75
C ALA A 1214 23.19 33.52 4.65
N LEU A 1215 22.56 32.80 3.71
CA LEU A 1215 23.32 32.09 2.70
C LEU A 1215 23.39 32.81 1.36
N ARG A 1216 22.56 33.82 1.10
CA ARG A 1216 22.82 34.66 -0.07
C ARG A 1216 23.99 35.60 0.16
N ASN A 1217 24.22 36.04 1.40
CA ASN A 1217 25.30 36.96 1.70
C ASN A 1217 26.66 36.28 1.81
N SER A 1218 26.77 35.02 1.41
CA SER A 1218 28.03 34.29 1.43
C SER A 1218 28.27 33.64 0.08
N SER A 1219 29.50 33.77 -0.42
CA SER A 1219 29.90 33.15 -1.67
C SER A 1219 30.61 31.81 -1.45
N LEU A 1220 30.69 31.35 -0.20
CA LEU A 1220 31.39 30.12 0.13
C LEU A 1220 30.47 28.94 0.39
N TYR A 1221 29.15 29.13 0.31
CA TYR A 1221 28.20 28.08 0.63
C TYR A 1221 27.12 28.00 -0.44
N ASP A 1222 26.57 26.79 -0.60
CA ASP A 1222 25.53 26.52 -1.57
C ASP A 1222 24.39 25.78 -0.88
N VAL A 1223 23.17 26.00 -1.36
CA VAL A 1223 21.97 25.46 -0.74
C VAL A 1223 21.44 24.30 -1.57
N VAL A 1224 21.13 23.19 -0.92
CA VAL A 1224 20.45 22.06 -1.53
C VAL A 1224 19.17 21.84 -0.74
N GLY A 1225 18.03 21.95 -1.41
CA GLY A 1225 16.75 21.86 -0.74
C GLY A 1225 16.11 20.49 -0.79
N ILE A 1226 15.97 19.85 0.36
CA ILE A 1226 15.28 18.57 0.47
C ILE A 1226 14.12 18.73 1.45
N ASN A 1227 12.96 18.20 1.07
CA ASN A 1227 11.78 18.21 1.91
C ASN A 1227 11.47 16.77 2.30
N PHE A 1228 11.50 16.49 3.61
CA PHE A 1228 11.19 15.17 4.11
C PHE A 1228 9.69 15.02 4.30
N SER A 1229 9.18 13.85 3.95
CA SER A 1229 7.77 13.51 4.11
C SER A 1229 7.66 12.32 5.07
N LYS A 1230 6.46 11.76 5.16
CA LYS A 1230 6.24 10.58 5.99
C LYS A 1230 7.05 9.39 5.50
N ASP A 1231 7.40 9.35 4.21
CA ASP A 1231 8.21 8.29 3.63
C ASP A 1231 9.38 8.88 2.82
N THR A 1232 10.49 9.15 3.51
CA THR A 1232 11.72 9.57 2.86
C THR A 1232 12.81 8.55 3.19
N THR A 1233 13.61 8.21 2.19
CA THR A 1233 14.66 7.22 2.32
C THR A 1233 16.03 7.86 2.12
N THR A 1234 17.07 7.05 2.28
CA THR A 1234 18.43 7.53 2.06
C THR A 1234 18.67 7.84 0.58
N GLU A 1235 18.06 7.06 -0.31
CA GLU A 1235 18.30 7.24 -1.74
C GLU A 1235 17.74 8.56 -2.24
N HIS A 1236 16.73 9.13 -1.57
CA HIS A 1236 16.26 10.45 -1.96
C HIS A 1236 17.29 11.53 -1.63
N ILE A 1237 17.90 11.43 -0.45
CA ILE A 1237 18.97 12.37 -0.07
C ILE A 1237 20.16 12.21 -1.00
N LEU A 1238 20.45 10.97 -1.43
CA LEU A 1238 21.52 10.76 -2.40
C LEU A 1238 21.17 11.33 -3.76
N SER A 1239 19.92 11.16 -4.20
CA SER A 1239 19.49 11.64 -5.51
C SER A 1239 19.50 13.16 -5.57
N ALA A 1240 19.15 13.81 -4.46
CA ALA A 1240 19.19 15.27 -4.42
C ALA A 1240 20.61 15.83 -4.45
N LEU A 1241 21.63 14.99 -4.32
CA LEU A 1241 23.01 15.45 -4.23
C LEU A 1241 23.90 15.03 -5.37
N HIS A 1242 23.54 14.00 -6.14
CA HIS A 1242 24.46 13.52 -7.17
C HIS A 1242 24.54 14.49 -8.33
N ARG A 1243 23.48 15.27 -8.57
CA ARG A 1243 23.57 16.37 -9.52
C ARG A 1243 24.38 17.54 -8.99
N HIS A 1244 24.67 17.55 -7.69
CA HIS A 1244 25.45 18.60 -7.06
C HIS A 1244 26.86 18.19 -6.70
N THR A 1245 27.14 16.88 -6.65
CA THR A 1245 28.38 16.36 -6.11
C THR A 1245 29.02 15.38 -7.08
N ASN A 1246 30.35 15.31 -7.04
CA ASN A 1246 31.14 14.43 -7.89
C ASN A 1246 31.77 13.32 -7.05
N TYR A 1247 31.68 12.09 -7.55
CA TYR A 1247 32.33 10.94 -6.92
C TYR A 1247 33.78 10.88 -7.37
N VAL A 1248 34.70 11.04 -6.43
CA VAL A 1248 36.13 10.96 -6.73
C VAL A 1248 36.75 9.93 -5.80
N THR A 1249 37.81 9.28 -6.29
CA THR A 1249 38.50 8.22 -5.56
C THR A 1249 39.87 8.75 -5.14
N THR A 1250 39.91 9.39 -3.98
CA THR A 1250 41.15 9.94 -3.44
C THR A 1250 41.39 9.44 -2.02
N LEU A 1254 36.89 6.05 -1.88
CA LEU A 1254 35.93 7.02 -2.39
C LEU A 1254 35.92 8.29 -1.55
N THR A 1255 35.39 9.36 -2.16
CA THR A 1255 35.20 10.65 -1.49
C THR A 1255 34.16 11.42 -2.28
N LEU A 1256 33.11 11.88 -1.61
CA LEU A 1256 31.98 12.53 -2.27
C LEU A 1256 32.13 14.04 -2.10
N LEU A 1257 32.87 14.64 -3.03
CA LEU A 1257 33.09 16.08 -3.06
C LEU A 1257 31.97 16.78 -3.84
N PRO A 1258 31.67 18.03 -3.49
CA PRO A 1258 30.75 18.81 -4.32
C PRO A 1258 31.39 19.16 -5.66
N LYS A 1259 30.52 19.45 -6.64
CA LYS A 1259 30.99 19.72 -7.99
C LYS A 1259 31.85 20.98 -8.04
N SER A 1260 31.46 22.02 -7.30
CA SER A 1260 32.30 23.20 -7.20
C SER A 1260 33.50 22.92 -6.30
N ASP A 1261 34.58 23.67 -6.53
CA ASP A 1261 35.79 23.51 -5.76
C ASP A 1261 35.98 24.59 -4.70
N ILE A 1262 35.33 25.73 -4.85
CA ILE A 1262 35.46 26.82 -3.88
C ILE A 1262 34.32 26.78 -2.87
N LYS A 1263 33.08 26.77 -3.35
CA LYS A 1263 31.91 26.80 -2.48
C LYS A 1263 31.72 25.46 -1.78
N ASN A 1264 31.30 25.52 -0.52
CA ASN A 1264 30.91 24.33 0.22
C ASN A 1264 29.47 23.97 -0.15
N LEU A 1265 28.87 23.05 0.59
CA LEU A 1265 27.51 22.62 0.32
C LEU A 1265 26.74 22.55 1.64
N VAL A 1266 25.49 22.98 1.61
CA VAL A 1266 24.62 22.99 2.78
C VAL A 1266 23.37 22.20 2.44
N LEU A 1267 23.06 21.21 3.27
CA LEU A 1267 21.92 20.32 3.04
C LEU A 1267 20.74 20.76 3.89
N PHE A 1268 19.83 21.53 3.30
CA PHE A 1268 18.59 21.90 3.97
C PHE A 1268 17.65 20.70 3.96
N CYS A 1269 17.49 20.08 5.12
CA CYS A 1269 16.59 18.96 5.31
C CYS A 1269 15.40 19.48 6.12
N ASP A 1270 14.27 19.69 5.45
CA ASP A 1270 13.09 20.27 6.08
C ASP A 1270 12.23 19.15 6.64
N GLU A 1271 11.62 19.41 7.79
CA GLU A 1271 10.73 18.48 8.49
C GLU A 1271 11.43 17.15 8.78
N ILE A 1272 12.49 17.21 9.60
CA ILE A 1272 13.21 16.00 9.97
C ILE A 1272 12.34 15.07 10.81
N ASN A 1273 11.43 15.64 11.60
CA ASN A 1273 10.54 14.83 12.43
C ASN A 1273 9.50 14.07 11.62
N LEU A 1274 9.23 14.48 10.39
CA LEU A 1274 8.19 13.84 9.60
C LEU A 1274 8.43 12.37 9.24
N PRO A 1275 9.64 11.94 8.81
CA PRO A 1275 9.83 10.51 8.53
C PRO A 1275 9.52 9.63 9.73
N LYS A 1276 8.78 8.55 9.48
CA LYS A 1276 8.15 7.77 10.52
C LYS A 1276 9.10 6.76 11.14
N LEU A 1277 8.72 6.27 12.31
CA LEU A 1277 9.35 5.10 12.90
C LEU A 1277 8.88 3.83 12.22
N ASP A 1278 9.76 2.84 12.19
CA ASP A 1278 9.38 1.49 11.79
C ASP A 1278 8.72 0.81 13.00
N LYS A 1279 8.48 -0.50 12.90
CA LYS A 1279 7.84 -1.21 14.00
C LYS A 1279 8.77 -1.43 15.18
N TYR A 1280 10.06 -1.12 15.05
CA TYR A 1280 11.02 -1.26 16.14
C TYR A 1280 11.60 0.08 16.58
N GLY A 1281 10.87 1.18 16.35
CA GLY A 1281 11.24 2.48 16.88
C GLY A 1281 12.52 3.10 16.38
N SER A 1282 12.73 3.10 15.06
CA SER A 1282 13.91 3.74 14.49
C SER A 1282 13.53 4.45 13.21
N GLN A 1283 14.27 5.52 12.89
CA GLN A 1283 14.11 6.26 11.65
C GLN A 1283 15.37 6.08 10.81
N ASN A 1284 15.20 5.70 9.55
CA ASN A 1284 16.34 5.42 8.69
C ASN A 1284 17.13 6.68 8.36
N VAL A 1285 16.42 7.75 7.97
CA VAL A 1285 17.10 8.96 7.54
C VAL A 1285 17.76 9.69 8.71
N VAL A 1286 17.18 9.60 9.90
CA VAL A 1286 17.79 10.21 11.08
C VAL A 1286 19.12 9.54 11.40
N LEU A 1287 19.14 8.21 11.37
CA LEU A 1287 20.39 7.50 11.60
C LEU A 1287 21.38 7.75 10.46
N PHE A 1288 20.89 7.92 9.23
CA PHE A 1288 21.76 8.29 8.13
C PHE A 1288 22.40 9.65 8.36
N LEU A 1289 21.62 10.62 8.86
CA LEU A 1289 22.16 11.95 9.11
C LEU A 1289 23.17 11.95 10.26
N ARG A 1290 22.89 11.18 11.33
CA ARG A 1290 23.87 11.12 12.40
C ARG A 1290 25.11 10.34 11.98
N GLN A 1291 24.97 9.41 11.03
CA GLN A 1291 26.15 8.79 10.43
C GLN A 1291 26.92 9.79 9.59
N LEU A 1292 26.21 10.68 8.90
CA LEU A 1292 26.86 11.69 8.06
C LEU A 1292 27.63 12.69 8.90
N MET A 1293 27.13 13.03 10.08
CA MET A 1293 27.83 14.02 10.89
C MET A 1293 28.85 13.39 11.84
N GLU A 1294 28.45 12.36 12.59
CA GLU A 1294 29.38 11.74 13.54
C GLU A 1294 30.51 11.02 12.81
N LYS A 1295 30.17 10.16 11.85
CA LYS A 1295 31.17 9.33 11.18
C LYS A 1295 31.73 9.96 9.92
N GLN A 1296 31.13 11.04 9.43
CA GLN A 1296 31.59 11.78 8.25
C GLN A 1296 31.67 10.88 7.02
N GLY A 1297 30.55 10.24 6.70
CA GLY A 1297 30.48 9.41 5.52
C GLY A 1297 29.37 8.39 5.65
N PHE A 1298 29.32 7.48 4.67
CA PHE A 1298 28.33 6.42 4.68
C PHE A 1298 28.85 5.27 3.81
N TRP A 1299 28.28 4.09 4.03
CA TRP A 1299 28.62 2.92 3.25
C TRP A 1299 27.74 2.87 2.01
N LYS A 1300 28.37 2.87 0.84
CA LYS A 1300 27.62 2.82 -0.41
C LYS A 1300 27.05 1.42 -0.61
N THR A 1301 25.73 1.32 -0.65
CA THR A 1301 25.06 0.03 -0.64
C THR A 1301 25.37 -0.88 -1.84
N PRO A 1302 25.36 -0.43 -3.10
CA PRO A 1302 25.43 -1.41 -4.20
C PRO A 1302 26.76 -2.13 -4.32
N GLU A 1303 27.89 -1.49 -3.98
CA GLU A 1303 29.18 -2.14 -4.09
C GLU A 1303 29.94 -2.26 -2.78
N ASN A 1304 29.32 -1.88 -1.66
CA ASN A 1304 29.87 -2.06 -0.31
C ASN A 1304 31.25 -1.41 -0.16
N LYS A 1305 31.27 -0.09 -0.30
CA LYS A 1305 32.50 0.67 -0.13
C LYS A 1305 32.20 1.90 0.71
N TRP A 1306 33.23 2.38 1.40
CA TRP A 1306 33.12 3.50 2.32
C TRP A 1306 33.48 4.80 1.60
N VAL A 1307 32.51 5.69 1.46
CA VAL A 1307 32.71 7.01 0.86
C VAL A 1307 32.69 8.05 1.99
N THR A 1308 33.63 8.98 1.93
CA THR A 1308 33.84 9.95 3.00
C THR A 1308 33.35 11.32 2.55
N ILE A 1309 32.32 11.83 3.23
CA ILE A 1309 31.84 13.18 2.99
C ILE A 1309 32.92 14.16 3.43
N GLU A 1310 33.27 15.10 2.55
CA GLU A 1310 34.36 16.02 2.82
C GLU A 1310 33.91 17.46 3.00
N ARG A 1311 33.02 17.97 2.16
CA ARG A 1311 32.64 19.38 2.20
C ARG A 1311 31.13 19.55 2.10
N ILE A 1312 30.37 18.78 2.88
CA ILE A 1312 28.92 18.93 2.94
C ILE A 1312 28.51 19.15 4.39
N HIS A 1313 27.87 20.29 4.64
CA HIS A 1313 27.25 20.55 5.93
C HIS A 1313 25.79 20.15 5.90
N ILE A 1314 25.21 20.01 7.09
CA ILE A 1314 23.82 19.59 7.24
C ILE A 1314 23.09 20.61 8.09
N VAL A 1315 21.95 21.09 7.59
CA VAL A 1315 21.08 21.99 8.33
C VAL A 1315 19.70 21.36 8.41
N GLY A 1316 19.16 21.30 9.62
CA GLY A 1316 17.85 20.72 9.86
C GLY A 1316 16.84 21.80 10.23
N ALA A 1317 15.64 21.67 9.68
CA ALA A 1317 14.51 22.49 10.08
C ALA A 1317 13.38 21.57 10.52
N CYS A 1318 12.77 21.90 11.65
CA CYS A 1318 11.78 21.00 12.23
C CYS A 1318 10.80 21.81 13.07
N ASN A 1319 9.70 21.16 13.42
CA ASN A 1319 8.69 21.69 14.32
C ASN A 1319 8.81 21.02 15.68
N PRO A 1320 8.26 21.63 16.74
CA PRO A 1320 8.25 20.97 18.05
C PRO A 1320 7.49 19.66 17.99
N PRO A 1321 7.95 18.64 18.73
CA PRO A 1321 7.27 17.33 18.68
C PRO A 1321 5.86 17.34 19.27
N THR A 1322 5.48 18.38 20.01
CA THR A 1322 4.13 18.46 20.55
C THR A 1322 3.08 18.66 19.46
N ASP A 1323 3.49 19.12 18.28
CA ASP A 1323 2.55 19.25 17.17
C ASP A 1323 2.10 17.87 16.69
N PRO A 1324 0.88 17.76 16.19
CA PRO A 1324 0.45 16.49 15.60
C PRO A 1324 1.21 16.16 14.33
N GLY A 1325 1.45 14.88 14.13
CA GLY A 1325 2.28 14.42 13.03
C GLY A 1325 3.76 14.51 13.27
N ARG A 1326 4.19 15.02 14.42
CA ARG A 1326 5.59 15.10 14.79
C ARG A 1326 5.89 14.05 15.86
N ILE A 1327 6.94 13.28 15.62
CA ILE A 1327 7.27 12.12 16.44
C ILE A 1327 8.61 12.37 17.14
N PRO A 1328 8.85 11.75 18.30
CA PRO A 1328 10.10 12.05 19.04
C PRO A 1328 11.34 11.63 18.27
N MET A 1329 12.41 12.38 18.47
CA MET A 1329 13.67 12.21 17.77
C MET A 1329 14.76 11.78 18.74
N SER A 1330 15.56 10.80 18.32
CA SER A 1330 16.54 10.18 19.20
C SER A 1330 17.63 11.16 19.60
N GLU A 1331 18.08 11.06 20.86
CA GLU A 1331 19.15 11.92 21.35
C GLU A 1331 20.49 11.62 20.71
N ARG A 1332 20.68 10.41 20.18
CA ARG A 1332 21.91 10.10 19.44
C ARG A 1332 22.04 10.96 18.19
N PHE A 1333 20.91 11.38 17.60
CA PHE A 1333 20.93 12.36 16.52
C PHE A 1333 21.32 13.73 17.07
N THR A 1334 20.55 14.25 18.02
CA THR A 1334 20.69 15.62 18.48
C THR A 1334 21.91 15.85 19.35
N ARG A 1335 22.72 14.82 19.59
CA ARG A 1335 24.00 15.03 20.26
C ARG A 1335 24.92 15.89 19.40
N HIS A 1336 24.94 15.65 18.10
CA HIS A 1336 25.87 16.27 17.18
C HIS A 1336 25.33 17.54 16.54
N ALA A 1337 24.09 17.91 16.83
CA ALA A 1337 23.44 19.02 16.15
C ALA A 1337 23.11 20.12 17.15
N ALA A 1338 23.66 21.32 16.91
CA ALA A 1338 23.26 22.48 17.69
C ALA A 1338 21.82 22.87 17.35
N ILE A 1339 21.05 23.23 18.36
CA ILE A 1339 19.62 23.46 18.21
C ILE A 1339 19.33 24.92 18.52
N LEU A 1340 18.60 25.57 17.63
CA LEU A 1340 18.11 26.93 17.84
C LEU A 1340 16.59 26.94 17.74
N TYR A 1341 15.95 27.69 18.63
CA TYR A 1341 14.50 27.80 18.67
C TYR A 1341 14.08 29.19 18.21
N LEU A 1342 13.13 29.24 17.27
CA LEU A 1342 12.59 30.50 16.77
C LEU A 1342 11.09 30.53 17.03
N GLY A 1343 10.65 31.49 17.83
CA GLY A 1343 9.24 31.70 18.04
C GLY A 1343 8.64 32.65 17.03
N TYR A 1344 7.32 32.80 17.11
CA TYR A 1344 6.62 33.75 16.25
C TYR A 1344 7.03 35.17 16.62
N PRO A 1345 7.15 36.06 15.63
CA PRO A 1345 7.46 37.46 15.94
C PRO A 1345 6.31 38.12 16.69
N SER A 1346 6.65 39.17 17.44
CA SER A 1346 5.67 39.90 18.21
C SER A 1346 4.75 40.70 17.29
N GLY A 1347 3.62 41.14 17.86
CA GLY A 1347 2.66 41.91 17.08
C GLY A 1347 3.23 43.24 16.60
N LYS A 1348 4.05 43.88 17.43
CA LYS A 1348 4.70 45.13 17.03
C LYS A 1348 5.66 44.89 15.87
N SER A 1349 6.46 43.82 15.94
CA SER A 1349 7.38 43.50 14.86
C SER A 1349 6.64 43.15 13.57
N LEU A 1350 5.54 42.38 13.69
CA LEU A 1350 4.73 42.06 12.53
C LEU A 1350 4.14 43.32 11.91
N SER A 1351 3.66 44.24 12.75
CA SER A 1351 3.10 45.50 12.25
C SER A 1351 4.15 46.32 11.53
N GLN A 1352 5.37 46.38 12.07
CA GLN A 1352 6.44 47.14 11.41
C GLN A 1352 6.82 46.53 10.07
N ILE A 1353 7.01 45.20 10.04
CA ILE A 1353 7.40 44.52 8.81
C ILE A 1353 6.33 44.70 7.74
N TYR A 1354 5.06 44.59 8.13
CA TYR A 1354 4.03 44.62 7.13
C TYR A 1354 3.56 46.03 6.79
N GLU A 1355 3.91 47.02 7.62
CA GLU A 1355 3.76 48.40 7.16
C GLU A 1355 4.87 48.75 6.18
N ILE A 1356 6.05 48.13 6.30
CA ILE A 1356 7.06 48.29 5.26
C ILE A 1356 6.58 47.65 3.95
N TYR A 1357 5.99 46.45 4.04
CA TYR A 1357 5.39 45.81 2.86
C TYR A 1357 4.27 46.67 2.26
N TYR A 1358 3.41 47.24 3.10
CA TYR A 1358 2.30 48.03 2.58
C TYR A 1358 2.76 49.37 2.02
N LYS A 1359 3.84 49.94 2.56
CA LYS A 1359 4.43 51.12 1.94
C LYS A 1359 4.97 50.79 0.55
N ALA A 1360 5.63 49.63 0.43
CA ALA A 1360 6.12 49.20 -0.87
C ALA A 1360 4.96 49.00 -1.86
N ILE A 1361 3.85 48.44 -1.38
CA ILE A 1361 2.68 48.27 -2.24
C ILE A 1361 2.09 49.60 -2.64
N PHE A 1362 1.89 50.49 -1.67
CA PHE A 1362 1.17 51.75 -1.87
C PHE A 1362 2.04 52.82 -2.52
N LYS A 1363 3.32 52.51 -2.78
CA LYS A 1363 4.11 53.38 -3.65
C LYS A 1363 3.48 53.55 -5.02
N LEU A 1364 2.69 52.56 -5.47
CA LEU A 1364 1.99 52.70 -6.75
C LEU A 1364 0.85 53.71 -6.67
N VAL A 1365 0.25 53.88 -5.49
CA VAL A 1365 -0.85 54.82 -5.32
C VAL A 1365 -0.44 55.93 -4.35
N PRO A 1366 0.11 57.04 -4.84
CA PRO A 1366 0.56 58.10 -3.94
C PRO A 1366 -0.57 58.89 -3.30
N GLU A 1367 -1.81 58.73 -3.76
CA GLU A 1367 -2.93 59.45 -3.16
C GLU A 1367 -3.24 58.92 -1.77
N PHE A 1368 -3.03 57.63 -1.54
CA PHE A 1368 -3.36 56.97 -0.28
C PHE A 1368 -2.12 56.44 0.42
N ARG A 1369 -1.01 57.19 0.37
CA ARG A 1369 0.22 56.74 1.01
C ARG A 1369 0.17 56.85 2.52
N SER A 1370 -0.81 57.54 3.08
CA SER A 1370 -0.90 57.74 4.52
C SER A 1370 -1.72 56.68 5.22
N TYR A 1371 -2.24 55.70 4.49
CA TYR A 1371 -3.07 54.63 5.06
C TYR A 1371 -2.31 53.33 5.25
N THR A 1372 -0.98 53.34 5.08
CA THR A 1372 -0.20 52.11 5.16
C THR A 1372 -0.23 51.51 6.56
N GLU A 1373 0.03 52.33 7.58
CA GLU A 1373 0.07 51.84 8.95
C GLU A 1373 -1.27 51.29 9.45
N PRO A 1374 -2.42 51.94 9.24
CA PRO A 1374 -3.68 51.28 9.64
C PRO A 1374 -3.96 49.99 8.90
N PHE A 1375 -3.59 49.89 7.62
CA PHE A 1375 -3.79 48.63 6.89
C PHE A 1375 -2.93 47.51 7.48
N ALA A 1376 -1.67 47.80 7.80
CA ALA A 1376 -0.79 46.79 8.37
C ALA A 1376 -1.27 46.36 9.75
N ARG A 1377 -1.66 47.31 10.59
CA ARG A 1377 -2.17 46.95 11.91
C ARG A 1377 -3.46 46.17 11.81
N ALA A 1378 -4.31 46.51 10.83
CA ALA A 1378 -5.53 45.75 10.60
C ALA A 1378 -5.22 44.32 10.17
N SER A 1379 -4.24 44.15 9.29
CA SER A 1379 -3.86 42.81 8.84
C SER A 1379 -3.29 41.98 9.99
N VAL A 1380 -2.44 42.60 10.83
CA VAL A 1380 -1.86 41.87 11.96
C VAL A 1380 -2.94 41.50 12.96
N HIS A 1381 -3.87 42.41 13.23
CA HIS A 1381 -4.96 42.11 14.15
C HIS A 1381 -5.86 41.00 13.61
N LEU A 1382 -6.14 41.04 12.30
CA LEU A 1382 -6.92 39.98 11.68
C LEU A 1382 -6.20 38.64 11.78
N TYR A 1383 -4.88 38.65 11.60
CA TYR A 1383 -4.10 37.43 11.76
C TYR A 1383 -4.19 36.87 13.17
N ASN A 1384 -4.01 37.74 14.17
CA ASN A 1384 -4.04 37.28 15.55
C ASN A 1384 -5.41 36.74 15.94
N GLU A 1385 -6.47 37.43 15.51
CA GLU A 1385 -7.81 36.97 15.83
C GLU A 1385 -8.15 35.68 15.10
N CYS A 1386 -7.67 35.52 13.86
CA CYS A 1386 -7.89 34.28 13.13
C CYS A 1386 -7.15 33.12 13.78
N LYS A 1387 -5.91 33.36 14.21
CA LYS A 1387 -5.12 32.31 14.86
C LYS A 1387 -5.73 31.92 16.20
N ALA A 1388 -6.24 32.89 16.95
CA ALA A 1388 -6.86 32.58 18.23
C ALA A 1388 -8.20 31.87 18.06
N ARG A 1389 -9.05 32.36 17.16
CA ARG A 1389 -10.38 31.81 16.99
C ARG A 1389 -10.34 30.45 16.27
N TYR A 1390 -9.57 30.35 15.20
CA TYR A 1390 -9.51 29.13 14.39
C TYR A 1390 -8.24 28.37 14.77
N SER A 1391 -8.38 27.47 15.73
CA SER A 1391 -7.27 26.65 16.20
C SER A 1391 -7.39 25.24 15.64
N THR A 1392 -6.34 24.45 15.85
CA THR A 1392 -6.28 23.08 15.34
C THR A 1392 -7.36 22.19 15.96
N GLY A 1393 -7.86 22.54 17.16
CA GLY A 1393 -8.88 21.75 17.81
C GLY A 1393 -10.18 21.64 17.05
N LEU A 1394 -10.49 22.62 16.20
CA LEU A 1394 -11.68 22.56 15.35
C LEU A 1394 -11.44 21.72 14.11
N GLN A 1395 -10.48 22.12 13.28
CA GLN A 1395 -10.13 21.40 12.06
C GLN A 1395 -8.63 21.18 12.03
N SER A 1396 -8.22 20.09 11.38
CA SER A 1396 -6.82 19.67 11.37
C SER A 1396 -5.93 20.58 10.53
N HIS A 1397 -6.49 21.46 9.70
CA HIS A 1397 -5.72 22.29 8.79
C HIS A 1397 -5.86 23.78 9.07
N TYR A 1398 -6.34 24.15 10.27
CA TYR A 1398 -6.49 25.55 10.63
C TYR A 1398 -5.19 26.10 11.22
N LEU A 1399 -4.12 25.95 10.44
CA LEU A 1399 -2.78 26.40 10.84
C LEU A 1399 -2.49 27.72 10.14
N PHE A 1400 -2.28 28.77 10.92
CA PHE A 1400 -2.00 30.09 10.39
C PHE A 1400 -0.57 30.49 10.72
N SER A 1401 0.00 31.32 9.87
CA SER A 1401 1.42 31.67 9.96
C SER A 1401 1.61 33.02 9.28
N PRO A 1402 2.78 33.65 9.48
CA PRO A 1402 3.09 34.86 8.70
C PRO A 1402 3.15 34.62 7.20
N ARG A 1403 3.29 33.37 6.75
CA ARG A 1403 3.23 33.09 5.32
C ARG A 1403 1.86 33.42 4.74
N GLU A 1404 0.79 33.22 5.52
CA GLU A 1404 -0.54 33.63 5.09
C GLU A 1404 -0.59 35.13 4.86
N LEU A 1405 0.06 35.89 5.72
CA LEU A 1405 0.03 37.34 5.60
C LEU A 1405 0.91 37.83 4.47
N THR A 1406 2.03 37.14 4.21
CA THR A 1406 2.82 37.43 3.03
C THR A 1406 2.03 37.16 1.76
N ARG A 1407 1.26 36.07 1.74
CA ARG A 1407 0.40 35.78 0.59
C ARG A 1407 -0.68 36.84 0.43
N LEU A 1408 -1.24 37.32 1.54
CA LEU A 1408 -2.20 38.43 1.50
C LEU A 1408 -1.58 39.69 0.91
N VAL A 1409 -0.36 40.02 1.35
CA VAL A 1409 0.35 41.19 0.84
C VAL A 1409 0.64 41.04 -0.66
N ARG A 1410 1.08 39.86 -1.08
CA ARG A 1410 1.37 39.62 -2.49
C ARG A 1410 0.11 39.73 -3.35
N GLY A 1411 -1.01 39.20 -2.86
CA GLY A 1411 -2.26 39.34 -3.59
C GLY A 1411 -2.71 40.78 -3.69
N VAL A 1412 -2.54 41.54 -2.61
CA VAL A 1412 -2.88 42.97 -2.63
C VAL A 1412 -2.02 43.70 -3.65
N TYR A 1413 -0.72 43.41 -3.69
CA TYR A 1413 0.15 44.05 -4.66
C TYR A 1413 -0.24 43.69 -6.09
N THR A 1414 -0.55 42.42 -6.33
CA THR A 1414 -0.93 41.99 -7.68
C THR A 1414 -2.21 42.68 -8.13
N ALA A 1415 -3.21 42.75 -7.26
CA ALA A 1415 -4.49 43.35 -7.64
C ALA A 1415 -4.38 44.87 -7.76
N ILE A 1416 -3.47 45.50 -7.02
CA ILE A 1416 -3.22 46.92 -7.22
C ILE A 1416 -2.49 47.17 -8.53
N ASN A 1417 -1.46 46.36 -8.80
CA ASN A 1417 -0.63 46.56 -9.99
C ASN A 1417 -1.42 46.34 -11.27
N THR A 1418 -2.29 45.34 -11.29
CA THR A 1418 -3.09 45.04 -12.49
C THR A 1418 -4.48 45.63 -12.41
N GLY A 1419 -4.63 46.81 -11.80
CA GLY A 1419 -5.93 47.41 -11.63
C GLY A 1419 -5.99 48.87 -12.04
N PRO A 1420 -7.19 49.45 -12.02
CA PRO A 1420 -7.34 50.86 -12.41
C PRO A 1420 -6.99 51.80 -11.27
N ARG A 1421 -7.26 53.10 -11.47
CA ARG A 1421 -7.11 54.07 -10.40
C ARG A 1421 -8.06 53.74 -9.26
N GLN A 1422 -7.54 53.76 -8.03
CA GLN A 1422 -8.24 53.25 -6.87
C GLN A 1422 -8.73 54.39 -5.98
N THR A 1423 -9.83 54.13 -5.29
CA THR A 1423 -10.34 54.99 -4.24
C THR A 1423 -10.13 54.31 -2.89
N LEU A 1424 -10.39 55.05 -1.81
CA LEU A 1424 -10.23 54.49 -0.47
C LEU A 1424 -11.21 53.35 -0.23
N ARG A 1425 -12.46 53.52 -0.66
CA ARG A 1425 -13.43 52.43 -0.56
C ARG A 1425 -13.00 51.24 -1.41
N SER A 1426 -12.43 51.50 -2.59
CA SER A 1426 -11.92 50.42 -3.42
C SER A 1426 -10.75 49.71 -2.75
N LEU A 1427 -9.88 50.46 -2.06
CA LEU A 1427 -8.80 49.83 -1.31
C LEU A 1427 -9.33 48.96 -0.19
N ILE A 1428 -10.33 49.44 0.54
CA ILE A 1428 -10.92 48.65 1.62
C ILE A 1428 -11.54 47.37 1.07
N ARG A 1429 -12.30 47.48 -0.02
CA ARG A 1429 -12.96 46.31 -0.59
C ARG A 1429 -11.94 45.32 -1.15
N LEU A 1430 -10.89 45.82 -1.81
CA LEU A 1430 -9.85 44.96 -2.36
C LEU A 1430 -9.10 44.22 -1.25
N TRP A 1431 -8.69 44.95 -0.21
CA TRP A 1431 -7.98 44.33 0.91
C TRP A 1431 -8.87 43.30 1.61
N ALA A 1432 -10.16 43.61 1.75
CA ALA A 1432 -11.08 42.66 2.36
C ALA A 1432 -11.26 41.42 1.50
N TYR A 1433 -11.32 41.59 0.18
CA TYR A 1433 -11.43 40.43 -0.71
C TYR A 1433 -10.17 39.58 -0.66
N GLU A 1434 -9.00 40.21 -0.60
CA GLU A 1434 -7.76 39.46 -0.47
C GLU A 1434 -7.71 38.70 0.86
N ALA A 1435 -8.15 39.34 1.95
CA ALA A 1435 -8.22 38.65 3.24
C ALA A 1435 -9.21 37.49 3.19
N TRP A 1436 -10.32 37.67 2.46
CA TRP A 1436 -11.27 36.59 2.28
C TRP A 1436 -10.64 35.41 1.55
N ARG A 1437 -9.87 35.68 0.50
CA ARG A 1437 -9.28 34.61 -0.29
C ARG A 1437 -8.05 34.00 0.36
N ILE A 1438 -7.47 34.65 1.37
CA ILE A 1438 -6.31 34.09 2.06
C ILE A 1438 -6.72 33.35 3.33
N PHE A 1439 -7.51 33.97 4.20
CA PHE A 1439 -7.84 33.39 5.50
C PHE A 1439 -9.07 32.48 5.43
N ALA A 1440 -10.14 32.95 4.79
CA ALA A 1440 -11.43 32.31 4.87
C ALA A 1440 -11.71 31.36 3.73
N ASP A 1441 -10.71 31.04 2.91
CA ASP A 1441 -10.89 30.02 1.89
C ASP A 1441 -11.11 28.65 2.51
N ARG A 1442 -10.40 28.36 3.60
CA ARG A 1442 -10.36 27.03 4.21
C ARG A 1442 -11.43 26.82 5.27
N LEU A 1443 -12.25 27.82 5.57
CA LEU A 1443 -13.27 27.66 6.60
C LEU A 1443 -14.36 26.71 6.14
N VAL A 1444 -14.71 25.77 7.01
CA VAL A 1444 -15.64 24.71 6.65
C VAL A 1444 -17.07 25.15 6.95
N GLY A 1445 -17.36 25.44 8.21
CA GLY A 1445 -18.72 25.75 8.60
C GLY A 1445 -19.14 27.15 8.21
N VAL A 1446 -20.45 27.32 8.01
CA VAL A 1446 -21.00 28.64 7.73
C VAL A 1446 -20.88 29.55 8.95
N LYS A 1447 -20.88 28.96 10.15
CA LYS A 1447 -20.71 29.74 11.38
C LYS A 1447 -19.35 30.42 11.42
N GLU A 1448 -18.30 29.70 11.01
CA GLU A 1448 -16.98 30.32 10.96
C GLU A 1448 -16.88 31.37 9.86
N LYS A 1449 -17.63 31.18 8.76
CA LYS A 1449 -17.67 32.20 7.72
C LYS A 1449 -18.33 33.48 8.22
N ASN A 1450 -19.45 33.35 8.94
CA ASN A 1450 -20.09 34.52 9.53
C ASN A 1450 -19.20 35.15 10.61
N SER A 1451 -18.47 34.33 11.35
CA SER A 1451 -17.52 34.85 12.34
C SER A 1451 -16.43 35.66 11.68
N PHE A 1452 -15.90 35.18 10.55
CA PHE A 1452 -14.89 35.94 9.83
C PHE A 1452 -15.48 37.22 9.22
N GLU A 1453 -16.73 37.16 8.78
CA GLU A 1453 -17.39 38.37 8.26
C GLU A 1453 -17.52 39.43 9.35
N GLN A 1454 -17.98 39.03 10.53
CA GLN A 1454 -18.09 39.96 11.65
C GLN A 1454 -16.72 40.45 12.10
N LEU A 1455 -15.70 39.58 12.03
CA LEU A 1455 -14.35 39.98 12.38
C LEU A 1455 -13.80 41.01 11.40
N LEU A 1456 -14.08 40.84 10.11
CA LEU A 1456 -13.69 41.84 9.13
C LEU A 1456 -14.40 43.16 9.36
N TYR A 1457 -15.70 43.09 9.69
CA TYR A 1457 -16.46 44.30 9.99
C TYR A 1457 -15.87 45.03 11.19
N GLU A 1458 -15.55 44.29 12.25
CA GLU A 1458 -14.98 44.90 13.45
C GLU A 1458 -13.60 45.48 13.17
N THR A 1459 -12.77 44.76 12.40
CA THR A 1459 -11.44 45.25 12.09
C THR A 1459 -11.49 46.52 11.28
N VAL A 1460 -12.38 46.58 10.28
CA VAL A 1460 -12.54 47.79 9.48
C VAL A 1460 -13.08 48.93 10.33
N ASP A 1461 -14.08 48.64 11.18
CA ASP A 1461 -14.70 49.70 11.99
C ASP A 1461 -13.73 50.28 12.99
N LYS A 1462 -12.86 49.45 13.57
CA LYS A 1462 -11.98 49.94 14.62
C LYS A 1462 -10.65 50.45 14.09
N TYR A 1463 -10.22 50.01 12.91
CA TYR A 1463 -8.92 50.43 12.38
C TYR A 1463 -9.04 51.41 11.21
N LEU A 1464 -9.99 51.23 10.31
CA LEU A 1464 -10.11 52.04 9.09
C LEU A 1464 -11.53 52.55 8.93
N PRO A 1465 -11.90 53.61 9.67
CA PRO A 1465 -13.27 54.15 9.59
C PRO A 1465 -13.51 54.91 8.29
N LEU A 1469 -18.79 52.62 2.17
CA LEU A 1469 -18.45 51.20 2.22
C LEU A 1469 -19.68 50.34 2.41
N GLY A 1470 -19.89 49.40 1.49
CA GLY A 1470 -21.08 48.57 1.47
C GLY A 1470 -20.89 47.24 2.18
N ASN A 1471 -21.71 46.27 1.76
CA ASN A 1471 -21.66 44.94 2.35
C ASN A 1471 -20.40 44.20 1.89
N ILE A 1472 -19.75 43.54 2.84
CA ILE A 1472 -18.43 42.94 2.61
C ILE A 1472 -18.52 41.43 2.76
N SER A 1473 -19.65 40.85 2.36
CA SER A 1473 -19.77 39.41 2.37
C SER A 1473 -18.90 38.80 1.26
N SER A 1474 -18.78 37.47 1.30
CA SER A 1474 -17.93 36.79 0.32
C SER A 1474 -18.49 36.92 -1.09
N THR A 1475 -19.79 36.71 -1.26
CA THR A 1475 -20.41 36.78 -2.58
C THR A 1475 -20.65 38.21 -3.05
N SER A 1476 -20.55 39.20 -2.17
CA SER A 1476 -20.65 40.59 -2.55
C SER A 1476 -19.33 41.17 -3.04
N LEU A 1477 -18.22 40.47 -2.82
CA LEU A 1477 -16.92 40.87 -3.34
C LEU A 1477 -16.62 39.97 -4.52
N LEU A 1478 -16.84 40.49 -5.73
CA LEU A 1478 -16.59 39.77 -6.97
C LEU A 1478 -15.57 40.56 -7.77
N PHE A 1479 -14.29 40.29 -7.52
CA PHE A 1479 -13.20 40.94 -8.24
C PHE A 1479 -12.71 40.01 -9.33
N SER A 1480 -12.55 40.55 -10.54
CA SER A 1480 -12.17 39.73 -11.67
C SER A 1480 -11.50 40.59 -12.73
N GLY A 1481 -10.56 39.99 -13.45
CA GLY A 1481 -9.95 40.59 -14.62
C GLY A 1481 -10.46 40.07 -15.93
N LEU A 1482 -11.56 39.30 -15.94
CA LEU A 1482 -12.09 38.73 -17.17
C LEU A 1482 -12.79 39.77 -18.02
N LEU A 1483 -13.56 40.65 -17.39
CA LEU A 1483 -14.44 41.56 -18.11
C LEU A 1483 -13.75 42.83 -18.60
N SER A 1484 -12.47 43.01 -18.30
CA SER A 1484 -11.75 44.21 -18.71
C SER A 1484 -10.26 43.88 -18.81
N LEU A 1485 -9.46 44.91 -19.11
CA LEU A 1485 -8.01 44.77 -19.18
C LEU A 1485 -7.35 44.86 -17.81
N ASP A 1486 -8.11 45.16 -16.76
CA ASP A 1486 -7.53 45.37 -15.44
C ASP A 1486 -8.38 44.67 -14.39
N PHE A 1487 -7.75 44.36 -13.26
CA PHE A 1487 -8.42 43.70 -12.16
C PHE A 1487 -9.26 44.70 -11.38
N LYS A 1488 -10.57 44.52 -11.38
CA LYS A 1488 -11.47 45.43 -10.69
C LYS A 1488 -12.75 44.70 -10.34
N GLU A 1489 -13.50 45.27 -9.39
CA GLU A 1489 -14.78 44.71 -9.02
C GLU A 1489 -15.79 44.88 -10.16
N VAL A 1490 -16.62 43.86 -10.37
CA VAL A 1490 -17.59 43.85 -11.44
C VAL A 1490 -18.96 43.51 -10.89
N ASN A 1491 -19.99 43.80 -11.67
CA ASN A 1491 -21.36 43.50 -11.30
C ASN A 1491 -21.60 41.99 -11.35
N LYS A 1492 -22.75 41.56 -10.82
CA LYS A 1492 -23.06 40.14 -10.78
C LYS A 1492 -23.68 39.66 -12.08
N THR A 1493 -24.63 40.41 -12.63
CA THR A 1493 -25.41 39.93 -13.77
C THR A 1493 -24.58 39.84 -15.04
N ASP A 1494 -23.76 40.87 -15.31
CA ASP A 1494 -22.93 40.84 -16.51
C ASP A 1494 -21.86 39.76 -16.41
N LEU A 1495 -21.30 39.55 -15.22
CA LEU A 1495 -20.34 38.48 -15.02
C LEU A 1495 -21.00 37.11 -15.23
N VAL A 1496 -22.23 36.93 -14.71
CA VAL A 1496 -22.93 35.67 -14.90
C VAL A 1496 -23.21 35.42 -16.38
N ASN A 1497 -23.66 36.43 -17.10
CA ASN A 1497 -23.94 36.27 -18.52
C ASN A 1497 -22.66 35.97 -19.31
N PHE A 1498 -21.57 36.65 -18.99
CA PHE A 1498 -20.30 36.39 -19.65
C PHE A 1498 -19.82 34.98 -19.40
N ILE A 1499 -19.94 34.50 -18.16
CA ILE A 1499 -19.53 33.13 -17.84
C ILE A 1499 -20.44 32.13 -18.54
N GLU A 1500 -21.74 32.42 -18.67
CA GLU A 1500 -22.64 31.51 -19.37
C GLU A 1500 -22.28 31.39 -20.85
N GLU A 1501 -22.00 32.51 -21.51
CA GLU A 1501 -21.61 32.44 -22.91
C GLU A 1501 -20.26 31.77 -23.10
N ARG A 1502 -19.30 32.06 -22.21
CA ARG A 1502 -18.00 31.40 -22.29
C ARG A 1502 -18.12 29.90 -22.05
N PHE A 1503 -19.03 29.50 -21.16
CA PHE A 1503 -19.20 28.08 -20.88
C PHE A 1503 -19.94 27.37 -22.01
N LYS A 1504 -20.84 28.07 -22.69
CA LYS A 1504 -21.44 27.50 -23.90
C LYS A 1504 -20.37 27.28 -24.97
N THR A 1505 -19.47 28.25 -25.15
CA THR A 1505 -18.36 28.08 -26.09
C THR A 1505 -17.46 26.92 -25.66
N PHE A 1506 -17.19 26.81 -24.36
CA PHE A 1506 -16.36 25.72 -23.84
C PHE A 1506 -17.00 24.35 -24.08
N CYS A 1507 -18.33 24.26 -23.89
CA CYS A 1507 -19.03 23.02 -24.20
C CYS A 1507 -19.00 22.71 -25.69
N ASP A 1508 -19.06 23.74 -26.53
CA ASP A 1508 -18.96 23.51 -27.97
C ASP A 1508 -17.55 23.05 -28.37
N GLU A 1509 -16.52 23.47 -27.65
CA GLU A 1509 -15.15 23.27 -28.10
C GLU A 1509 -14.41 22.11 -27.44
N GLU A 1510 -14.59 21.89 -26.14
CA GLU A 1510 -13.82 20.87 -25.43
C GLU A 1510 -14.65 19.66 -25.04
N LEU A 1511 -15.71 19.84 -24.25
CA LEU A 1511 -16.56 18.73 -23.84
C LEU A 1511 -17.94 19.26 -23.46
N GLU A 1512 -18.97 18.51 -23.84
CA GLU A 1512 -20.35 18.92 -23.64
C GLU A 1512 -20.86 18.36 -22.32
N VAL A 1513 -21.22 19.25 -21.40
CA VAL A 1513 -21.84 18.87 -20.13
C VAL A 1513 -23.06 19.76 -19.90
N PRO A 1514 -24.17 19.22 -19.39
CA PRO A 1514 -25.38 20.03 -19.15
C PRO A 1514 -25.33 20.76 -17.81
N MET A 1515 -24.49 21.79 -17.74
CA MET A 1515 -24.25 22.53 -16.51
C MET A 1515 -24.80 23.94 -16.61
N VAL A 1516 -25.53 24.35 -15.58
CA VAL A 1516 -26.04 25.71 -15.45
C VAL A 1516 -25.25 26.40 -14.35
N ILE A 1517 -25.08 27.71 -14.48
CA ILE A 1517 -24.11 28.45 -13.68
C ILE A 1517 -24.82 29.27 -12.61
N HIS A 1518 -24.34 29.16 -11.39
CA HIS A 1518 -24.88 29.82 -10.20
C HIS A 1518 -23.80 30.71 -9.57
N GLU A 1519 -24.19 31.43 -8.53
CA GLU A 1519 -23.35 32.51 -8.00
C GLU A 1519 -22.12 31.98 -7.29
N SER A 1520 -22.27 30.91 -6.50
CA SER A 1520 -21.10 30.34 -5.83
C SER A 1520 -20.16 29.69 -6.83
N MET A 1521 -20.70 29.16 -7.93
CA MET A 1521 -19.86 28.72 -9.04
C MET A 1521 -19.07 29.89 -9.61
N VAL A 1522 -19.70 31.05 -9.74
CA VAL A 1522 -19.01 32.23 -10.25
C VAL A 1522 -17.87 32.62 -9.31
N ASP A 1523 -18.14 32.61 -8.01
CA ASP A 1523 -17.11 32.95 -7.04
C ASP A 1523 -15.96 31.94 -7.06
N HIS A 1524 -16.29 30.66 -7.20
CA HIS A 1524 -15.26 29.63 -7.27
C HIS A 1524 -14.41 29.78 -8.54
N ILE A 1525 -15.05 30.13 -9.66
CA ILE A 1525 -14.32 30.41 -10.88
C ILE A 1525 -13.38 31.58 -10.69
N LEU A 1526 -13.85 32.63 -10.00
CA LEU A 1526 -13.01 33.80 -9.78
C LEU A 1526 -11.80 33.47 -8.91
N ARG A 1527 -11.99 32.68 -7.85
CA ARG A 1527 -10.85 32.40 -6.98
C ARG A 1527 -9.88 31.42 -7.62
N ILE A 1528 -10.39 30.44 -8.38
CA ILE A 1528 -9.51 29.53 -9.12
C ILE A 1528 -8.71 30.31 -10.15
N ASP A 1529 -9.35 31.26 -10.85
CA ASP A 1529 -8.65 32.10 -11.80
C ASP A 1529 -7.59 32.94 -11.10
N ARG A 1530 -7.93 33.49 -9.92
CA ARG A 1530 -6.97 34.29 -9.17
C ARG A 1530 -5.74 33.48 -8.79
N ALA A 1531 -5.94 32.23 -8.38
CA ALA A 1531 -4.80 31.39 -8.03
C ALA A 1531 -4.01 30.98 -9.26
N LEU A 1532 -4.69 30.73 -10.38
CA LEU A 1532 -3.99 30.25 -11.58
C LEU A 1532 -3.23 31.37 -12.29
N LYS A 1533 -3.65 32.63 -12.14
CA LYS A 1533 -2.87 33.74 -12.67
C LYS A 1533 -1.51 33.86 -12.00
N GLN A 1534 -1.38 33.42 -10.75
CA GLN A 1534 -0.17 33.59 -9.98
C GLN A 1534 0.94 32.66 -10.47
N VAL A 1535 2.17 33.14 -10.41
CA VAL A 1535 3.33 32.28 -10.60
C VAL A 1535 3.47 31.38 -9.37
N GLN A 1536 3.71 30.09 -9.62
CA GLN A 1536 3.70 29.05 -8.59
C GLN A 1536 2.37 29.08 -7.83
N GLY A 1537 1.29 28.96 -8.59
CA GLY A 1537 -0.04 28.98 -8.01
C GLY A 1537 -0.73 27.64 -8.12
N HIS A 1538 -0.90 26.95 -6.99
CA HIS A 1538 -1.47 25.63 -6.95
C HIS A 1538 -2.81 25.66 -6.20
N MET A 1539 -3.47 24.52 -6.15
CA MET A 1539 -4.81 24.42 -5.60
C MET A 1539 -4.99 23.11 -4.87
N MET A 1540 -5.88 23.12 -3.87
CA MET A 1540 -6.42 21.89 -3.25
C MET A 1540 -7.93 22.08 -3.15
N LEU A 1541 -8.66 21.69 -4.19
CA LEU A 1541 -10.11 21.78 -4.18
C LEU A 1541 -10.66 20.69 -3.27
N ILE A 1542 -11.09 21.08 -2.08
CA ILE A 1542 -11.66 20.16 -1.11
C ILE A 1542 -13.17 20.37 -1.09
N GLY A 1543 -13.92 19.29 -1.27
CA GLY A 1543 -15.36 19.37 -1.29
C GLY A 1543 -15.96 18.04 -1.66
N ALA A 1544 -17.27 18.03 -1.77
CA ALA A 1544 -17.99 16.80 -2.09
C ALA A 1544 -17.78 16.42 -3.56
N SER A 1545 -18.09 15.18 -3.87
CA SER A 1545 -18.02 14.72 -5.25
C SER A 1545 -19.18 15.31 -6.06
N ARG A 1546 -18.94 15.49 -7.36
CA ARG A 1546 -19.88 16.12 -8.28
C ARG A 1546 -20.24 17.55 -7.83
N THR A 1547 -19.24 18.26 -7.31
CA THR A 1547 -19.41 19.66 -6.96
C THR A 1547 -19.05 20.57 -8.12
N GLY A 1548 -18.16 20.14 -9.01
CA GLY A 1548 -17.64 21.02 -10.03
C GLY A 1548 -16.20 21.42 -9.77
N LYS A 1549 -15.38 20.46 -9.36
CA LYS A 1549 -13.96 20.74 -9.13
C LYS A 1549 -13.17 20.70 -10.44
N THR A 1550 -13.12 19.54 -11.08
CA THR A 1550 -12.24 19.38 -12.24
C THR A 1550 -12.82 20.05 -13.48
N ILE A 1551 -14.13 20.11 -13.62
CA ILE A 1551 -14.72 20.77 -14.78
C ILE A 1551 -14.50 22.28 -14.71
N LEU A 1552 -14.62 22.87 -13.52
CA LEU A 1552 -14.31 24.29 -13.39
C LEU A 1552 -12.82 24.55 -13.50
N THR A 1553 -11.98 23.60 -13.06
CA THR A 1553 -10.54 23.74 -13.29
C THR A 1553 -10.22 23.76 -14.79
N ARG A 1554 -10.85 22.85 -15.55
CA ARG A 1554 -10.66 22.84 -16.99
C ARG A 1554 -11.18 24.10 -17.65
N PHE A 1555 -12.33 24.61 -17.19
CA PHE A 1555 -12.90 25.83 -17.75
C PHE A 1555 -11.99 27.03 -17.50
N VAL A 1556 -11.45 27.14 -16.28
CA VAL A 1556 -10.57 28.25 -15.96
C VAL A 1556 -9.25 28.11 -16.72
N ALA A 1557 -8.75 26.89 -16.89
CA ALA A 1557 -7.54 26.69 -17.67
C ALA A 1557 -7.76 27.03 -19.13
N TRP A 1558 -8.94 26.72 -19.67
CA TRP A 1558 -9.27 27.08 -21.04
C TRP A 1558 -9.41 28.59 -21.20
N LEU A 1559 -9.93 29.26 -20.18
CA LEU A 1559 -10.00 30.73 -20.21
C LEU A 1559 -8.60 31.33 -20.20
N ASN A 1560 -7.69 30.76 -19.41
CA ASN A 1560 -6.31 31.21 -19.37
C ASN A 1560 -5.46 30.65 -20.49
N GLY A 1561 -5.96 29.69 -21.25
CA GLY A 1561 -5.17 29.06 -22.29
C GLY A 1561 -4.24 27.98 -21.81
N LEU A 1562 -4.42 27.48 -20.59
CA LEU A 1562 -3.57 26.42 -20.08
C LEU A 1562 -3.92 25.10 -20.75
N LYS A 1563 -3.00 24.14 -20.65
CA LYS A 1563 -3.17 22.81 -21.21
C LYS A 1563 -3.49 21.83 -20.09
N ILE A 1564 -4.58 21.10 -20.24
CA ILE A 1564 -5.04 20.16 -19.22
C ILE A 1564 -4.30 18.84 -19.40
N VAL A 1565 -3.64 18.39 -18.34
CA VAL A 1565 -2.99 17.08 -18.30
C VAL A 1565 -3.55 16.34 -17.10
N GLN A 1566 -4.44 15.39 -17.34
CA GLN A 1566 -4.91 14.49 -16.30
C GLN A 1566 -4.11 13.21 -16.38
N PRO A 1567 -3.38 12.82 -15.34
CA PRO A 1567 -2.54 11.61 -15.43
C PRO A 1567 -3.38 10.37 -15.68
N LYS A 1568 -2.84 9.48 -16.52
CA LYS A 1568 -3.53 8.25 -16.91
C LYS A 1568 -3.10 7.12 -15.98
N ILE A 1569 -3.53 7.24 -14.73
CA ILE A 1569 -3.23 6.25 -13.70
C ILE A 1569 -4.44 5.33 -13.57
N HIS A 1570 -4.21 4.03 -13.64
CA HIS A 1570 -5.28 3.05 -13.61
C HIS A 1570 -4.86 1.88 -12.73
N ARG A 1571 -5.64 0.81 -12.78
CA ARG A 1571 -5.26 -0.42 -12.08
C ARG A 1571 -4.10 -1.09 -12.81
N HIS A 1572 -3.39 -1.96 -12.08
CA HIS A 1572 -2.18 -2.62 -12.55
C HIS A 1572 -1.13 -1.61 -13.00
N SER A 1573 -1.06 -0.49 -12.29
CA SER A 1573 -0.06 0.54 -12.53
C SER A 1573 0.89 0.63 -11.34
N ASN A 1574 2.05 1.22 -11.59
CA ASN A 1574 3.08 1.35 -10.56
C ASN A 1574 3.62 2.78 -10.62
N LEU A 1575 4.73 3.00 -9.91
CA LEU A 1575 5.37 4.31 -9.90
C LEU A 1575 5.96 4.67 -11.25
N SER A 1576 6.22 3.68 -12.12
CA SER A 1576 6.85 3.96 -13.41
C SER A 1576 5.94 4.77 -14.32
N ASP A 1577 4.64 4.42 -14.36
CA ASP A 1577 3.71 5.17 -15.20
C ASP A 1577 3.56 6.62 -14.71
N PHE A 1578 3.47 6.80 -13.40
CA PHE A 1578 3.40 8.15 -12.83
C PHE A 1578 4.66 8.93 -13.13
N ASP A 1579 5.83 8.28 -13.04
CA ASP A 1579 7.08 8.94 -13.35
C ASP A 1579 7.16 9.35 -14.82
N MET A 1580 6.70 8.48 -15.72
CA MET A 1580 6.71 8.82 -17.15
C MET A 1580 5.74 9.98 -17.44
N ILE A 1581 4.57 9.96 -16.82
CA ILE A 1581 3.59 11.03 -17.04
C ILE A 1581 4.13 12.36 -16.55
N LEU A 1582 4.72 12.36 -15.34
CA LEU A 1582 5.28 13.59 -14.79
C LEU A 1582 6.51 14.05 -15.57
N LYS A 1583 7.31 13.11 -16.07
CA LYS A 1583 8.46 13.45 -16.91
C LYS A 1583 8.01 14.12 -18.19
N LYS A 1584 6.99 13.57 -18.84
CA LYS A 1584 6.48 14.18 -20.07
C LYS A 1584 5.87 15.54 -19.79
N ALA A 1585 5.15 15.69 -18.66
CA ALA A 1585 4.56 16.97 -18.32
C ALA A 1585 5.62 18.03 -18.06
N ILE A 1586 6.68 17.66 -17.32
CA ILE A 1586 7.77 18.59 -17.04
C ILE A 1586 8.50 18.97 -18.33
N SER A 1587 8.73 17.99 -19.21
CA SER A 1587 9.39 18.27 -20.48
C SER A 1587 8.55 19.21 -21.34
N ASP A 1588 7.24 19.00 -21.37
CA ASP A 1588 6.36 19.89 -22.14
C ASP A 1588 6.31 21.29 -21.52
N CYS A 1589 6.39 21.37 -20.19
CA CYS A 1589 6.38 22.66 -19.53
C CYS A 1589 7.66 23.45 -19.80
N SER A 1590 8.81 22.77 -19.81
CA SER A 1590 10.09 23.45 -19.88
C SER A 1590 10.60 23.59 -21.31
N LEU A 1591 10.80 22.47 -22.00
CA LEU A 1591 11.34 22.50 -23.36
C LEU A 1591 10.34 23.14 -24.33
N LYS A 1592 9.10 22.71 -24.29
CA LYS A 1592 8.11 23.15 -25.26
C LYS A 1592 7.38 24.41 -24.81
N GLU A 1593 7.75 24.98 -23.66
CA GLU A 1593 7.14 26.14 -23.01
C GLU A 1593 5.62 26.15 -23.08
N SER A 1594 5.01 24.97 -22.97
CA SER A 1594 3.56 24.86 -22.99
C SER A 1594 3.03 24.98 -21.58
N ARG A 1595 2.26 26.04 -21.32
CA ARG A 1595 1.70 26.25 -20.00
C ARG A 1595 0.65 25.18 -19.71
N THR A 1596 0.78 24.55 -18.55
CA THR A 1596 0.07 23.31 -18.26
C THR A 1596 -0.57 23.37 -16.88
N CYS A 1597 -1.82 22.95 -16.79
CA CYS A 1597 -2.50 22.71 -15.53
C CYS A 1597 -2.56 21.21 -15.31
N LEU A 1598 -2.01 20.76 -14.18
CA LEU A 1598 -1.91 19.33 -13.87
C LEU A 1598 -2.91 19.01 -12.76
N ILE A 1599 -3.95 18.25 -13.11
CA ILE A 1599 -5.07 17.98 -12.21
C ILE A 1599 -4.86 16.60 -11.60
N ILE A 1600 -4.68 16.55 -10.28
CA ILE A 1600 -4.47 15.30 -9.56
C ILE A 1600 -5.68 15.05 -8.68
N ASP A 1601 -6.37 13.93 -8.94
CA ASP A 1601 -7.49 13.51 -8.11
C ASP A 1601 -6.97 12.70 -6.93
N GLU A 1602 -7.86 12.44 -5.97
CA GLU A 1602 -7.48 11.62 -4.83
C GLU A 1602 -7.39 10.14 -5.19
N SER A 1603 -8.04 9.73 -6.27
CA SER A 1603 -7.95 8.34 -6.73
C SER A 1603 -6.74 8.09 -7.62
N ASN A 1604 -6.04 9.14 -8.05
CA ASN A 1604 -4.84 8.98 -8.85
C ASN A 1604 -3.58 8.83 -8.00
N ILE A 1605 -3.72 8.82 -6.68
CA ILE A 1605 -2.59 8.59 -5.78
C ILE A 1605 -2.79 7.20 -5.21
N LEU A 1606 -2.14 6.21 -5.83
CA LEU A 1606 -2.32 4.82 -5.41
C LEU A 1606 -1.45 4.49 -4.20
N GLU A 1607 -0.17 4.81 -4.28
CA GLU A 1607 0.80 4.50 -3.23
C GLU A 1607 1.28 5.79 -2.58
N THR A 1608 1.99 5.63 -1.47
CA THR A 1608 2.54 6.79 -0.78
C THR A 1608 3.75 7.37 -1.51
N ALA A 1609 4.38 6.58 -2.39
CA ALA A 1609 5.43 7.12 -3.23
C ALA A 1609 4.89 8.13 -4.23
N PHE A 1610 3.61 8.00 -4.60
CA PHE A 1610 2.96 9.03 -5.41
C PHE A 1610 2.93 10.36 -4.66
N LEU A 1611 2.58 10.31 -3.36
CA LEU A 1611 2.64 11.50 -2.54
C LEU A 1611 4.07 12.02 -2.40
N GLU A 1612 5.05 11.12 -2.31
CA GLU A 1612 6.43 11.57 -2.26
C GLU A 1612 6.82 12.33 -3.53
N ARG A 1613 6.39 11.83 -4.69
CA ARG A 1613 6.67 12.51 -5.94
C ARG A 1613 5.98 13.87 -6.02
N MET A 1614 4.71 13.93 -5.60
CA MET A 1614 3.99 15.21 -5.60
C MET A 1614 4.62 16.21 -4.65
N ASN A 1615 5.01 15.75 -3.46
CA ASN A 1615 5.63 16.61 -2.47
C ASN A 1615 6.97 17.12 -2.94
N THR A 1616 7.76 16.27 -3.60
CA THR A 1616 9.05 16.71 -4.13
C THR A 1616 8.85 17.70 -5.27
N LEU A 1617 7.84 17.48 -6.11
CA LEU A 1617 7.56 18.41 -7.21
C LEU A 1617 7.12 19.77 -6.69
N LEU A 1618 6.31 19.81 -5.63
CA LEU A 1618 5.81 21.09 -5.14
C LEU A 1618 6.81 21.82 -4.26
N ALA A 1619 7.53 21.09 -3.40
CA ALA A 1619 8.45 21.74 -2.47
C ALA A 1619 9.58 22.41 -3.23
N ASN A 1620 10.25 21.68 -4.10
CA ASN A 1620 11.24 22.24 -5.00
C ASN A 1620 10.54 22.65 -6.31
N ALA A 1621 11.31 22.93 -7.35
CA ALA A 1621 10.74 23.16 -8.68
C ALA A 1621 11.18 22.08 -9.66
N ASP A 1622 11.33 20.85 -9.17
CA ASP A 1622 11.72 19.71 -9.97
C ASP A 1622 11.52 18.45 -9.14
N ILE A 1623 11.84 17.30 -9.73
CA ILE A 1623 11.98 16.06 -8.99
C ILE A 1623 13.35 15.48 -9.32
N PRO A 1624 14.34 15.60 -8.43
CA PRO A 1624 15.70 15.13 -8.76
C PRO A 1624 15.81 13.63 -8.92
N ASP A 1625 14.84 12.86 -8.42
CA ASP A 1625 14.96 11.40 -8.48
C ASP A 1625 14.75 10.87 -9.89
N LEU A 1626 13.84 11.46 -10.67
CA LEU A 1626 13.55 10.95 -12.01
C LEU A 1626 14.71 11.17 -12.96
N PHE A 1627 15.33 12.34 -12.91
CA PHE A 1627 16.33 12.76 -13.90
C PHE A 1627 17.71 12.64 -13.27
N GLN A 1628 18.29 11.44 -13.34
CA GLN A 1628 19.58 11.19 -12.72
C GLN A 1628 20.35 10.20 -13.59
N GLY A 1629 21.60 10.56 -13.91
CA GLY A 1629 22.44 9.71 -14.73
C GLY A 1629 22.33 10.00 -16.22
N GLU A 1630 22.01 8.98 -17.01
CA GLU A 1630 21.82 9.19 -18.44
C GLU A 1630 20.57 10.03 -18.71
N GLU A 1631 19.58 9.96 -17.82
CA GLU A 1631 18.43 10.86 -17.91
C GLU A 1631 18.85 12.29 -17.66
N TYR A 1632 19.76 12.52 -16.70
CA TYR A 1632 20.31 13.84 -16.48
C TYR A 1632 21.10 14.32 -17.70
N ASP A 1633 21.85 13.41 -18.34
CA ASP A 1633 22.63 13.78 -19.51
C ASP A 1633 21.73 14.17 -20.68
N LYS A 1634 20.65 13.41 -20.92
CA LYS A 1634 19.75 13.76 -22.01
C LYS A 1634 18.94 15.00 -21.69
N LEU A 1635 18.64 15.24 -20.41
CA LEU A 1635 18.09 16.53 -20.00
C LEU A 1635 19.03 17.67 -20.37
N LEU A 1636 20.32 17.51 -20.04
CA LEU A 1636 21.28 18.56 -20.36
C LEU A 1636 21.37 18.82 -21.86
N ASN A 1637 21.38 17.74 -22.65
CA ASN A 1637 21.41 17.91 -24.11
C ASN A 1637 20.18 18.65 -24.60
N ASN A 1638 18.99 18.23 -24.14
CA ASN A 1638 17.75 18.87 -24.58
C ASN A 1638 17.70 20.34 -24.18
N LEU A 1639 18.14 20.66 -22.96
CA LEU A 1639 18.07 22.05 -22.50
C LEU A 1639 19.11 22.93 -23.18
N ARG A 1640 20.31 22.40 -23.48
CA ARG A 1640 21.25 23.18 -24.28
C ARG A 1640 20.69 23.46 -25.67
N ASN A 1641 20.05 22.44 -26.29
CA ASN A 1641 19.46 22.66 -27.60
C ASN A 1641 18.33 23.69 -27.55
N LYS A 1642 17.48 23.63 -26.52
CA LYS A 1642 16.37 24.57 -26.42
C LYS A 1642 16.85 25.98 -26.11
N THR A 1643 17.88 26.11 -25.27
CA THR A 1643 18.42 27.43 -24.95
C THR A 1643 19.13 28.03 -26.16
N ARG A 1644 19.84 27.20 -26.93
CA ARG A 1644 20.43 27.70 -28.17
C ARG A 1644 19.37 28.07 -29.19
N SER A 1645 18.23 27.39 -29.16
CA SER A 1645 17.11 27.79 -30.02
C SER A 1645 16.57 29.16 -29.61
N LEU A 1646 16.50 29.42 -28.30
CA LEU A 1646 15.98 30.69 -27.81
C LEU A 1646 17.02 31.81 -27.78
N GLY A 1647 18.29 31.49 -28.05
CA GLY A 1647 19.33 32.51 -28.08
C GLY A 1647 19.64 33.15 -26.74
N LEU A 1648 19.75 32.35 -25.68
CA LEU A 1648 20.12 32.84 -24.36
C LEU A 1648 21.53 32.38 -24.04
N LEU A 1649 22.36 33.31 -23.58
CA LEU A 1649 23.79 33.06 -23.36
C LEU A 1649 23.99 32.49 -21.97
N LEU A 1650 24.23 31.18 -21.89
CA LEU A 1650 24.55 30.51 -20.64
C LEU A 1650 25.33 29.25 -20.96
N ASP A 1651 26.30 28.92 -20.09
CA ASP A 1651 27.18 27.78 -20.33
C ASP A 1651 27.22 26.84 -19.14
N THR A 1652 27.10 27.38 -17.93
CA THR A 1652 27.25 26.58 -16.73
C THR A 1652 26.06 25.66 -16.51
N GLU A 1653 26.30 24.56 -15.78
CA GLU A 1653 25.24 23.66 -15.39
C GLU A 1653 24.23 24.35 -14.46
N GLN A 1654 24.74 25.17 -13.54
CA GLN A 1654 23.89 25.79 -12.54
C GLN A 1654 22.89 26.75 -13.16
N GLU A 1655 23.34 27.62 -14.06
CA GLU A 1655 22.43 28.59 -14.69
C GLU A 1655 21.40 27.88 -15.56
N LEU A 1656 21.82 26.84 -16.28
CA LEU A 1656 20.89 26.08 -17.11
C LEU A 1656 19.83 25.40 -16.27
N TYR A 1657 20.23 24.78 -15.15
CA TYR A 1657 19.24 24.12 -14.31
C TYR A 1657 18.36 25.13 -13.58
N ASP A 1658 18.89 26.32 -13.29
CA ASP A 1658 18.07 27.38 -12.72
C ASP A 1658 17.01 27.85 -13.73
N TRP A 1659 17.39 27.97 -15.00
CA TRP A 1659 16.41 28.27 -16.04
C TRP A 1659 15.37 27.15 -16.14
N PHE A 1660 15.83 25.90 -16.00
CA PHE A 1660 14.93 24.75 -16.04
C PHE A 1660 13.88 24.83 -14.94
N VAL A 1661 14.33 25.04 -13.69
CA VAL A 1661 13.40 25.06 -12.57
C VAL A 1661 12.54 26.31 -12.60
N GLY A 1662 13.06 27.43 -13.14
CA GLY A 1662 12.24 28.60 -13.32
C GLY A 1662 11.12 28.39 -14.33
N GLU A 1663 11.43 27.70 -15.44
CA GLU A 1663 10.40 27.37 -16.41
C GLU A 1663 9.37 26.42 -15.80
N ILE A 1664 9.82 25.45 -15.00
CA ILE A 1664 8.88 24.53 -14.35
C ILE A 1664 7.96 25.27 -13.40
N ALA A 1665 8.53 26.18 -12.59
CA ALA A 1665 7.71 26.94 -11.65
C ALA A 1665 6.75 27.88 -12.36
N LYS A 1666 7.19 28.49 -13.46
CA LYS A 1666 6.36 29.46 -14.15
C LYS A 1666 5.23 28.81 -14.95
N ASN A 1667 5.51 27.68 -15.62
CA ASN A 1667 4.57 27.12 -16.58
C ASN A 1667 3.94 25.82 -16.11
N LEU A 1668 3.74 25.65 -14.81
CA LEU A 1668 3.09 24.45 -14.30
C LEU A 1668 2.32 24.79 -13.03
N HIS A 1669 1.04 24.44 -13.01
CA HIS A 1669 0.18 24.69 -11.86
C HIS A 1669 -0.57 23.42 -11.53
N VAL A 1670 -0.17 22.76 -10.44
CA VAL A 1670 -0.77 21.51 -10.01
C VAL A 1670 -2.04 21.81 -9.23
N VAL A 1671 -3.13 21.16 -9.59
CA VAL A 1671 -4.41 21.33 -8.92
C VAL A 1671 -4.82 19.99 -8.32
N PHE A 1672 -5.14 19.99 -7.02
CA PHE A 1672 -5.50 18.79 -6.30
C PHE A 1672 -7.01 18.73 -6.10
N THR A 1673 -7.59 17.56 -6.32
CA THR A 1673 -9.01 17.34 -6.17
C THR A 1673 -9.22 16.30 -5.07
N ILE A 1674 -9.90 16.69 -4.00
CA ILE A 1674 -10.15 15.83 -2.85
C ILE A 1674 -11.64 15.75 -2.62
N CYS A 1675 -12.16 14.52 -2.54
CA CYS A 1675 -13.59 14.29 -2.38
C CYS A 1675 -13.99 13.88 -0.97
N ASP A 1676 -13.10 13.19 -0.24
CA ASP A 1676 -13.37 12.73 1.12
C ASP A 1676 -12.19 13.10 2.00
N PRO A 1677 -12.22 14.29 2.62
CA PRO A 1677 -11.08 14.69 3.46
C PRO A 1677 -10.89 13.85 4.71
N THR A 1678 -11.90 13.07 5.12
CA THR A 1678 -11.78 12.23 6.30
C THR A 1678 -10.90 11.01 6.04
N ASN A 1679 -10.73 10.61 4.77
CA ASN A 1679 -9.94 9.42 4.45
C ASN A 1679 -8.48 9.61 4.81
N ASN A 1680 -7.80 8.49 5.08
CA ASN A 1680 -6.41 8.53 5.48
C ASN A 1680 -5.52 9.06 4.36
N LYS A 1681 -5.80 8.68 3.11
CA LYS A 1681 -5.02 9.16 1.98
C LYS A 1681 -5.18 10.67 1.81
N SER A 1682 -6.42 11.16 1.88
CA SER A 1682 -6.65 12.60 1.77
C SER A 1682 -6.13 13.34 2.99
N SER A 1683 -6.16 12.71 4.17
CA SER A 1683 -5.56 13.34 5.34
C SER A 1683 -4.04 13.46 5.17
N ALA A 1684 -3.41 12.46 4.54
CA ALA A 1684 -1.99 12.56 4.24
C ALA A 1684 -1.72 13.64 3.21
N MET A 1685 -2.63 13.81 2.25
CA MET A 1685 -2.49 14.89 1.28
C MET A 1685 -2.58 16.26 1.94
N ILE A 1686 -3.56 16.45 2.82
CA ILE A 1686 -3.77 17.75 3.45
C ILE A 1686 -2.65 18.05 4.44
N SER A 1687 -2.24 17.05 5.22
CA SER A 1687 -1.26 17.24 6.28
C SER A 1687 0.18 17.21 5.78
N SER A 1688 0.41 17.00 4.50
CA SER A 1688 1.77 16.98 3.98
C SER A 1688 2.38 18.37 4.09
N PRO A 1689 3.61 18.51 4.58
CA PRO A 1689 4.18 19.84 4.83
C PRO A 1689 4.36 20.68 3.57
N ALA A 1690 4.64 20.06 2.43
CA ALA A 1690 4.83 20.84 1.21
C ALA A 1690 3.52 21.01 0.45
N LEU A 1691 2.58 20.09 0.61
CA LEU A 1691 1.26 20.25 0.02
C LEU A 1691 0.40 21.23 0.80
N PHE A 1692 0.85 21.68 1.97
CA PHE A 1692 0.09 22.60 2.81
C PHE A 1692 0.61 24.04 2.70
N ASN A 1693 1.93 24.21 2.75
CA ASN A 1693 2.51 25.55 2.76
C ASN A 1693 2.71 26.13 1.37
N ARG A 1694 2.53 25.34 0.31
CA ARG A 1694 2.69 25.82 -1.06
C ARG A 1694 1.36 25.93 -1.81
N CYS A 1695 0.43 25.03 -1.54
CA CYS A 1695 -0.85 25.05 -2.21
C CYS A 1695 -1.77 26.12 -1.64
N ILE A 1696 -2.87 26.37 -2.34
CA ILE A 1696 -3.90 27.30 -1.89
C ILE A 1696 -5.13 26.45 -1.60
N ILE A 1697 -5.40 26.22 -0.31
CA ILE A 1697 -6.50 25.35 0.07
C ILE A 1697 -7.82 26.05 -0.22
N ASN A 1698 -8.73 25.35 -0.89
CA ASN A 1698 -10.00 25.89 -1.35
C ASN A 1698 -11.10 24.93 -0.88
N TRP A 1699 -11.58 25.13 0.35
CA TRP A 1699 -12.60 24.26 0.91
C TRP A 1699 -13.97 24.73 0.44
N MET A 1700 -14.39 24.23 -0.73
CA MET A 1700 -15.73 24.53 -1.21
C MET A 1700 -16.78 23.76 -0.43
N GLY A 1701 -16.51 22.50 -0.09
CA GLY A 1701 -17.42 21.72 0.71
C GLY A 1701 -18.69 21.37 -0.05
N ASP A 1702 -19.69 20.94 0.73
CA ASP A 1702 -21.00 20.62 0.18
C ASP A 1702 -21.70 21.91 -0.24
N TRP A 1703 -22.61 21.79 -1.20
CA TRP A 1703 -23.39 22.93 -1.66
C TRP A 1703 -24.26 23.47 -0.54
N ASP A 1704 -24.24 24.80 -0.35
CA ASP A 1704 -25.22 25.42 0.51
C ASP A 1704 -26.58 25.43 -0.18
N THR A 1705 -27.63 25.61 0.63
CA THR A 1705 -28.98 25.51 0.11
C THR A 1705 -29.34 26.64 -0.85
N LYS A 1706 -28.67 27.78 -0.77
CA LYS A 1706 -28.86 28.84 -1.75
C LYS A 1706 -28.41 28.39 -3.13
N THR A 1707 -27.28 27.69 -3.21
CA THR A 1707 -26.81 27.15 -4.48
C THR A 1707 -27.78 26.10 -5.02
N MET A 1708 -28.32 25.26 -4.15
CA MET A 1708 -29.31 24.27 -4.58
C MET A 1708 -30.56 24.95 -5.11
N SER A 1709 -31.01 26.02 -4.45
CA SER A 1709 -32.16 26.78 -4.94
C SER A 1709 -31.88 27.38 -6.32
N GLN A 1710 -30.69 27.96 -6.49
CA GLN A 1710 -30.35 28.59 -7.75
C GLN A 1710 -30.32 27.57 -8.89
N VAL A 1711 -29.62 26.45 -8.68
CA VAL A 1711 -29.50 25.44 -9.73
C VAL A 1711 -30.86 24.80 -10.00
N ALA A 1712 -31.68 24.62 -8.96
CA ALA A 1712 -32.97 23.95 -9.16
C ALA A 1712 -33.93 24.83 -9.92
N ASN A 1713 -34.03 26.11 -9.56
CA ASN A 1713 -34.86 27.03 -10.33
C ASN A 1713 -34.37 27.16 -11.76
N ASN A 1714 -33.05 27.26 -11.94
CA ASN A 1714 -32.48 27.41 -13.27
C ASN A 1714 -32.68 26.17 -14.14
N MET A 1715 -32.84 25.00 -13.55
CA MET A 1715 -33.03 23.80 -14.36
C MET A 1715 -34.46 23.29 -14.38
N VAL A 1716 -35.39 23.88 -13.63
CA VAL A 1716 -36.81 23.57 -13.81
C VAL A 1716 -37.61 24.73 -14.38
N ASP A 1717 -36.98 25.87 -14.65
CA ASP A 1717 -37.73 26.96 -15.27
C ASP A 1717 -37.83 26.83 -16.79
N VAL A 1718 -37.27 25.78 -17.38
CA VAL A 1718 -37.31 25.58 -18.83
C VAL A 1718 -38.39 24.62 -19.27
N VAL A 1719 -39.14 24.03 -18.33
CA VAL A 1719 -40.16 23.05 -18.68
C VAL A 1719 -41.53 23.70 -18.54
N PRO A 1720 -42.56 23.22 -19.26
CA PRO A 1720 -43.92 23.71 -19.01
C PRO A 1720 -44.38 23.30 -17.62
N MET A 1721 -44.47 24.25 -16.71
CA MET A 1721 -44.62 23.96 -15.29
C MET A 1721 -46.01 24.28 -14.79
N GLU A 1722 -46.49 25.50 -15.00
CA GLU A 1722 -47.76 25.95 -14.42
C GLU A 1722 -48.92 25.56 -15.35
N PHE A 1723 -49.66 24.53 -14.94
CA PHE A 1723 -50.87 24.13 -15.64
C PHE A 1723 -51.98 23.68 -14.70
N THR A 1724 -51.83 23.90 -13.40
CA THR A 1724 -52.81 23.47 -12.41
C THR A 1724 -52.92 24.52 -11.33
N ASP A 1725 -54.04 24.45 -10.59
CA ASP A 1725 -54.28 25.39 -9.50
C ASP A 1725 -53.31 25.14 -8.36
N PHE A 1726 -52.93 26.23 -7.68
CA PHE A 1726 -51.96 26.14 -6.60
C PHE A 1726 -52.31 27.16 -5.53
N ILE A 1727 -52.25 26.75 -4.27
CA ILE A 1727 -52.46 27.63 -3.13
C ILE A 1727 -51.19 27.63 -2.28
N VAL A 1728 -50.66 28.81 -2.00
CA VAL A 1728 -49.40 28.94 -1.27
C VAL A 1728 -49.62 28.59 0.20
N PRO A 1729 -48.93 27.59 0.73
CA PRO A 1729 -49.08 27.26 2.15
C PRO A 1729 -48.41 28.31 3.04
N GLU A 1730 -48.92 28.40 4.26
CA GLU A 1730 -48.36 29.28 5.29
C GLU A 1730 -47.36 28.47 6.09
N VAL A 1731 -46.08 28.59 5.73
CA VAL A 1731 -45.01 27.82 6.34
C VAL A 1731 -44.05 28.76 7.06
N ASN A 1732 -43.20 28.18 7.89
CA ASN A 1732 -42.22 28.95 8.63
C ASN A 1732 -41.18 29.52 7.68
N LYS A 1733 -40.72 30.74 7.98
CA LYS A 1733 -39.75 31.41 7.14
C LYS A 1733 -38.39 30.72 7.18
N GLU A 1734 -38.03 30.12 8.32
CA GLU A 1734 -36.70 29.54 8.48
C GLU A 1734 -36.49 28.34 7.58
N LEU A 1735 -37.50 27.49 7.42
CA LEU A 1735 -37.33 26.29 6.61
C LEU A 1735 -37.32 26.57 5.11
N VAL A 1736 -37.83 27.71 4.67
CA VAL A 1736 -37.84 28.08 3.26
C VAL A 1736 -36.54 28.81 2.96
N PHE A 1737 -35.72 28.23 2.09
CA PHE A 1737 -34.44 28.81 1.71
C PHE A 1737 -34.49 29.56 0.40
N THR A 1738 -35.53 29.35 -0.41
CA THR A 1738 -35.67 29.97 -1.71
C THR A 1738 -36.40 31.30 -1.56
N GLU A 1739 -36.83 31.87 -2.68
CA GLU A 1739 -37.69 33.04 -2.66
C GLU A 1739 -39.07 32.64 -2.10
N PRO A 1740 -39.84 33.61 -1.63
CA PRO A 1740 -41.20 33.30 -1.14
C PRO A 1740 -42.05 32.64 -2.22
N ILE A 1741 -42.86 31.68 -1.79
CA ILE A 1741 -43.58 30.81 -2.71
C ILE A 1741 -44.65 31.60 -3.45
N GLN A 1742 -44.64 31.51 -4.78
CA GLN A 1742 -45.61 32.21 -5.60
C GLN A 1742 -46.29 31.29 -6.61
N THR A 1743 -45.57 30.28 -7.10
CA THR A 1743 -46.16 29.21 -7.90
C THR A 1743 -45.62 27.86 -7.46
N ILE A 1744 -45.88 26.82 -8.27
CA ILE A 1744 -45.44 25.48 -7.91
C ILE A 1744 -43.95 25.26 -8.15
N ARG A 1745 -43.29 26.14 -8.91
CA ARG A 1745 -41.87 25.95 -9.19
C ARG A 1745 -41.03 26.07 -7.92
N ASP A 1746 -41.27 27.11 -7.13
CA ASP A 1746 -40.54 27.29 -5.88
C ASP A 1746 -40.88 26.19 -4.89
N ALA A 1747 -42.13 25.72 -4.90
CA ALA A 1747 -42.51 24.60 -4.05
C ALA A 1747 -41.75 23.34 -4.42
N VAL A 1748 -41.63 23.07 -5.72
CA VAL A 1748 -40.87 21.90 -6.20
C VAL A 1748 -39.41 22.01 -5.78
N VAL A 1749 -38.82 23.20 -5.96
CA VAL A 1749 -37.43 23.42 -5.59
C VAL A 1749 -37.21 23.18 -4.10
N ASN A 1750 -38.09 23.75 -3.27
CA ASN A 1750 -37.96 23.59 -1.83
C ASN A 1750 -38.15 22.14 -1.41
N ILE A 1751 -39.09 21.43 -2.05
CA ILE A 1751 -39.31 20.03 -1.74
C ILE A 1751 -38.07 19.20 -2.04
N LEU A 1752 -37.46 19.43 -3.20
CA LEU A 1752 -36.27 18.65 -3.57
C LEU A 1752 -35.10 18.96 -2.64
N ILE A 1753 -34.88 20.24 -2.30
CA ILE A 1753 -33.79 20.58 -1.40
C ILE A 1753 -34.01 19.98 -0.02
N HIS A 1754 -35.24 20.06 0.49
CA HIS A 1754 -35.53 19.53 1.81
C HIS A 1754 -35.37 18.01 1.84
N PHE A 1755 -35.78 17.33 0.76
CA PHE A 1755 -35.60 15.87 0.76
C PHE A 1755 -34.13 15.49 0.64
N ASP A 1756 -33.34 16.26 -0.11
CA ASP A 1756 -31.91 16.00 -0.13
C ASP A 1756 -31.30 16.15 1.25
N ARG A 1757 -31.68 17.22 1.97
CA ARG A 1757 -31.16 17.44 3.32
C ARG A 1757 -31.57 16.30 4.25
N ASN A 1758 -32.84 15.89 4.19
CA ASN A 1758 -33.31 14.83 5.07
C ASN A 1758 -32.65 13.49 4.74
N PHE A 1759 -32.47 13.20 3.45
CA PHE A 1759 -31.82 11.96 3.05
C PHE A 1759 -30.38 11.91 3.52
N TYR A 1760 -29.65 13.01 3.38
CA TYR A 1760 -28.26 12.98 3.82
C TYR A 1760 -28.15 13.02 5.33
N GLN A 1761 -29.15 13.57 6.02
CA GLN A 1761 -29.11 13.58 7.48
C GLN A 1761 -29.42 12.20 8.06
N LYS A 1762 -30.38 11.49 7.49
CA LYS A 1762 -30.77 10.19 8.06
C LYS A 1762 -29.71 9.13 7.81
N MET A 1763 -28.95 9.22 6.72
CA MET A 1763 -27.91 8.24 6.43
C MET A 1763 -26.68 8.37 7.33
N LYS A 1764 -26.68 9.25 8.33
CA LYS A 1764 -25.59 9.38 9.29
C LYS A 1764 -24.26 9.64 8.61
N VAL A 1765 -24.26 10.62 7.69
CA VAL A 1765 -23.04 10.95 6.96
C VAL A 1765 -22.01 11.61 7.88
N GLY A 1766 -22.45 12.22 8.99
CA GLY A 1766 -21.55 12.88 9.89
C GLY A 1766 -21.08 14.22 9.37
N VAL A 1767 -19.78 14.50 9.51
CA VAL A 1767 -19.19 15.74 9.04
C VAL A 1767 -18.61 15.52 7.64
N ASN A 1768 -18.86 14.35 7.07
CA ASN A 1768 -18.40 14.06 5.73
C ASN A 1768 -19.13 14.93 4.72
N PRO A 1769 -18.45 15.41 3.68
CA PRO A 1769 -19.13 16.21 2.66
C PRO A 1769 -20.20 15.40 1.93
N ARG A 1770 -21.30 16.07 1.60
CA ARG A 1770 -22.47 15.42 1.03
C ARG A 1770 -22.53 15.74 -0.46
N SER A 1771 -22.53 14.70 -1.28
CA SER A 1771 -22.45 14.88 -2.73
C SER A 1771 -23.80 15.35 -3.27
N PRO A 1772 -23.84 16.46 -4.01
CA PRO A 1772 -25.07 16.90 -4.65
C PRO A 1772 -25.42 16.16 -5.93
N GLY A 1773 -24.75 15.04 -6.23
CA GLY A 1773 -25.04 14.30 -7.45
C GLY A 1773 -26.43 13.71 -7.45
N TYR A 1774 -26.91 13.27 -6.28
CA TYR A 1774 -28.28 12.79 -6.17
C TYR A 1774 -29.27 13.89 -6.50
N PHE A 1775 -29.00 15.11 -6.02
CA PHE A 1775 -29.91 16.23 -6.25
C PHE A 1775 -29.97 16.59 -7.74
N ILE A 1776 -28.81 16.68 -8.39
CA ILE A 1776 -28.77 17.01 -9.81
C ILE A 1776 -29.41 15.91 -10.65
N ASP A 1777 -29.12 14.64 -10.32
CA ASP A 1777 -29.73 13.53 -11.05
C ASP A 1777 -31.24 13.52 -10.89
N GLY A 1778 -31.74 13.77 -9.68
CA GLY A 1778 -33.18 13.84 -9.48
C GLY A 1778 -33.81 15.00 -10.20
N LEU A 1779 -33.11 16.13 -10.27
CA LEU A 1779 -33.60 17.29 -11.00
C LEU A 1779 -33.74 16.98 -12.49
N ARG A 1780 -32.71 16.39 -13.09
CA ARG A 1780 -32.75 16.05 -14.50
C ARG A 1780 -33.78 14.97 -14.78
N ALA A 1781 -33.88 13.96 -13.91
CA ALA A 1781 -34.87 12.91 -14.08
C ALA A 1781 -36.28 13.46 -13.98
N LEU A 1782 -36.52 14.38 -13.03
CA LEU A 1782 -37.82 15.01 -12.93
C LEU A 1782 -38.15 15.81 -14.19
N VAL A 1783 -37.17 16.54 -14.72
CA VAL A 1783 -37.39 17.32 -15.93
C VAL A 1783 -37.81 16.43 -17.09
N LYS A 1784 -37.02 15.38 -17.34
CA LYS A 1784 -37.31 14.53 -18.50
C LYS A 1784 -38.59 13.72 -18.30
N LEU A 1785 -38.86 13.29 -17.06
CA LEU A 1785 -40.03 12.47 -16.82
C LEU A 1785 -41.31 13.29 -16.87
N VAL A 1786 -41.28 14.53 -16.37
CA VAL A 1786 -42.47 15.36 -16.46
C VAL A 1786 -42.70 15.78 -17.90
N THR A 1787 -41.63 15.99 -18.68
CA THR A 1787 -41.81 16.29 -20.10
C THR A 1787 -42.47 15.13 -20.82
N ALA A 1788 -41.95 13.92 -20.64
CA ALA A 1788 -42.51 12.76 -21.32
C ALA A 1788 -43.93 12.46 -20.86
N LYS A 1789 -44.19 12.56 -19.55
CA LYS A 1789 -45.51 12.26 -19.02
C LYS A 1789 -46.53 13.30 -19.46
N TYR A 1790 -46.14 14.58 -19.51
CA TYR A 1790 -47.07 15.59 -19.98
C TYR A 1790 -47.36 15.44 -21.46
N GLN A 1791 -46.35 15.09 -22.26
CA GLN A 1791 -46.60 14.82 -23.68
C GLN A 1791 -47.56 13.65 -23.85
N ASP A 1792 -47.34 12.56 -23.10
CA ASP A 1792 -48.20 11.39 -23.20
C ASP A 1792 -49.62 11.70 -22.74
N LEU A 1793 -49.76 12.45 -21.64
CA LEU A 1793 -51.09 12.77 -21.14
C LEU A 1793 -51.84 13.70 -22.07
N GLN A 1794 -51.14 14.69 -22.64
CA GLN A 1794 -51.78 15.59 -23.60
C GLN A 1794 -52.22 14.84 -24.85
N GLU A 1795 -51.37 13.94 -25.35
CA GLU A 1795 -51.74 13.15 -26.52
C GLU A 1795 -52.93 12.24 -26.22
N ASN A 1796 -52.93 11.61 -25.04
CA ASN A 1796 -54.03 10.72 -24.68
C ASN A 1796 -55.34 11.49 -24.50
N GLN A 1797 -55.29 12.66 -23.86
CA GLN A 1797 -56.49 13.47 -23.72
C GLN A 1797 -56.99 13.97 -25.06
N ARG A 1798 -56.09 14.36 -25.96
CA ARG A 1798 -56.51 14.79 -27.28
C ARG A 1798 -57.19 13.64 -28.03
N PHE A 1799 -56.62 12.44 -27.93
CA PHE A 1799 -57.23 11.28 -28.61
C PHE A 1799 -58.59 10.94 -28.03
N VAL A 1800 -58.71 10.97 -26.70
CA VAL A 1800 -59.99 10.67 -26.04
C VAL A 1800 -61.03 11.72 -26.41
N ASN A 1801 -60.64 13.00 -26.42
CA ASN A 1801 -61.56 14.07 -26.74
C ASN A 1801 -62.04 13.99 -28.18
N VAL A 1802 -61.13 13.74 -29.13
CA VAL A 1802 -61.56 13.66 -30.52
C VAL A 1802 -62.38 12.40 -30.76
N GLY A 1803 -62.09 11.30 -30.06
CA GLY A 1803 -62.91 10.11 -30.18
C GLY A 1803 -64.31 10.31 -29.65
N LEU A 1804 -64.43 10.96 -28.48
CA LEU A 1804 -65.74 11.25 -27.91
C LEU A 1804 -66.52 12.22 -28.80
N GLU A 1805 -65.84 13.22 -29.36
CA GLU A 1805 -66.50 14.17 -30.26
C GLU A 1805 -66.98 13.47 -31.53
N LYS A 1806 -66.16 12.58 -32.09
CA LYS A 1806 -66.57 11.84 -33.28
C LYS A 1806 -67.74 10.91 -32.99
N LEU A 1807 -67.74 10.26 -31.82
CA LEU A 1807 -68.85 9.39 -31.44
C LEU A 1807 -70.13 10.20 -31.25
N ASN A 1808 -70.04 11.36 -30.61
CA ASN A 1808 -71.21 12.22 -30.43
C ASN A 1808 -71.73 12.74 -31.77
N GLU A 1809 -70.82 13.11 -32.68
CA GLU A 1809 -71.24 13.57 -34.00
C GLU A 1809 -71.92 12.46 -34.79
N SER A 1810 -71.39 11.23 -34.70
CA SER A 1810 -72.00 10.11 -35.39
C SER A 1810 -73.38 9.79 -34.82
N VAL A 1811 -73.52 9.86 -33.48
CA VAL A 1811 -74.82 9.62 -32.86
C VAL A 1811 -75.82 10.70 -33.26
N LEU A 1812 -75.38 11.95 -33.31
CA LEU A 1812 -76.27 13.04 -33.73
C LEU A 1812 -76.67 12.89 -35.19
N LYS A 1813 -75.74 12.47 -36.04
CA LYS A 1813 -76.06 12.25 -37.45
C LYS A 1813 -77.03 11.10 -37.63
N VAL A 1814 -76.88 10.04 -36.84
CA VAL A 1814 -77.80 8.90 -36.91
C VAL A 1814 -79.18 9.30 -36.42
N ASN A 1815 -79.24 10.12 -35.36
CA ASN A 1815 -80.53 10.56 -34.84
C ASN A 1815 -81.24 11.51 -35.81
N GLU A 1816 -80.47 12.42 -36.43
CA GLU A 1816 -81.07 13.36 -37.38
C GLU A 1816 -81.56 12.65 -38.64
N LEU A 1817 -80.79 11.70 -39.14
CA LEU A 1817 -81.17 10.97 -40.35
C LEU A 1817 -82.27 9.96 -40.05
N LEU A 2072 -77.10 0.22 -42.54
CA LEU A 2072 -77.65 1.00 -41.44
C LEU A 2072 -77.62 0.21 -40.14
N ASP A 2073 -77.73 -1.11 -40.25
CA ASP A 2073 -77.71 -1.96 -39.06
C ASP A 2073 -76.32 -2.05 -38.46
N ARG A 2074 -75.28 -2.05 -39.30
CA ARG A 2074 -73.91 -2.12 -38.79
C ARG A 2074 -73.54 -0.88 -37.99
N SER A 2075 -73.95 0.30 -38.47
CA SER A 2075 -73.66 1.53 -37.74
C SER A 2075 -74.38 1.56 -36.40
N ILE A 2076 -75.65 1.11 -36.38
CA ILE A 2076 -76.41 1.07 -35.14
C ILE A 2076 -75.79 0.09 -34.15
N SER A 2077 -75.36 -1.08 -34.64
CA SER A 2077 -74.71 -2.05 -33.77
C SER A 2077 -73.39 -1.53 -33.22
N LEU A 2078 -72.62 -0.82 -34.06
CA LEU A 2078 -71.36 -0.24 -33.60
C LEU A 2078 -71.61 0.84 -32.55
N VAL A 2079 -72.64 1.67 -32.74
CA VAL A 2079 -72.96 2.70 -31.76
C VAL A 2079 -73.41 2.07 -30.45
N LYS A 2080 -74.25 1.03 -30.52
CA LYS A 2080 -74.77 0.40 -29.30
C LYS A 2080 -73.68 -0.36 -28.56
N SER A 2081 -72.75 -0.98 -29.29
CA SER A 2081 -71.72 -1.78 -28.63
C SER A 2081 -70.66 -0.91 -27.95
N LEU A 2082 -70.48 0.33 -28.43
CA LEU A 2082 -69.47 1.22 -27.89
C LEU A 2082 -69.97 2.06 -26.71
N THR A 2083 -71.02 1.62 -26.02
CA THR A 2083 -71.49 2.34 -24.84
C THR A 2083 -70.47 2.24 -23.70
N PHE A 2084 -69.86 1.07 -23.52
CA PHE A 2084 -68.86 0.90 -22.48
C PHE A 2084 -67.62 1.75 -22.75
N GLU A 2085 -67.19 1.84 -24.01
CA GLU A 2085 -66.06 2.68 -24.36
C GLU A 2085 -66.39 4.15 -24.15
N LYS A 2086 -67.63 4.55 -24.44
CA LYS A 2086 -68.04 5.93 -24.17
C LYS A 2086 -68.04 6.22 -22.68
N GLU A 2087 -68.50 5.27 -21.87
CA GLU A 2087 -68.47 5.44 -20.42
C GLU A 2087 -67.03 5.55 -19.91
N ARG A 2088 -66.13 4.71 -20.44
CA ARG A 2088 -64.73 4.78 -20.03
C ARG A 2088 -64.10 6.10 -20.45
N TRP A 2089 -64.42 6.59 -21.65
CA TRP A 2089 -63.89 7.88 -22.10
C TRP A 2089 -64.41 9.03 -21.23
N LEU A 2090 -65.69 8.99 -20.86
CA LEU A 2090 -66.25 10.01 -19.98
C LEU A 2090 -65.60 9.96 -18.60
N ASN A 2091 -65.35 8.75 -18.09
CA ASN A 2091 -64.68 8.62 -16.79
C ASN A 2091 -63.25 9.16 -16.84
N THR A 2092 -62.53 8.87 -17.91
CA THR A 2092 -61.17 9.40 -18.05
C THR A 2092 -61.18 10.91 -18.22
N THR A 2093 -62.17 11.45 -18.94
CA THR A 2093 -62.28 12.90 -19.07
C THR A 2093 -62.56 13.55 -17.72
N LYS A 2094 -63.43 12.93 -16.91
CA LYS A 2094 -63.70 13.45 -15.57
C LYS A 2094 -62.47 13.36 -14.68
N GLN A 2095 -61.70 12.28 -14.80
CA GLN A 2095 -60.50 12.10 -13.98
C GLN A 2095 -59.27 12.79 -14.53
N PHE A 2096 -59.37 13.44 -15.70
CA PHE A 2096 -58.23 14.19 -16.21
C PHE A 2096 -57.86 15.34 -15.28
N SER A 2097 -58.86 16.02 -14.71
CA SER A 2097 -58.56 17.08 -13.75
C SER A 2097 -57.86 16.51 -12.52
N LYS A 2098 -58.32 15.34 -12.05
CA LYS A 2098 -57.71 14.71 -10.88
C LYS A 2098 -56.28 14.30 -11.15
N THR A 2099 -56.01 13.73 -12.32
CA THR A 2099 -54.65 13.29 -12.64
C THR A 2099 -53.73 14.43 -13.06
N SER A 2100 -54.29 15.56 -13.51
CA SER A 2100 -53.47 16.75 -13.73
C SER A 2100 -53.15 17.45 -12.42
N GLN A 2101 -54.02 17.31 -11.42
CA GLN A 2101 -53.69 17.80 -10.08
C GLN A 2101 -52.49 17.05 -9.51
N GLU A 2102 -52.43 15.73 -9.74
CA GLU A 2102 -51.43 14.87 -9.12
C GLU A 2102 -50.28 14.51 -10.05
N LEU A 2103 -50.17 15.15 -11.22
CA LEU A 2103 -49.12 14.78 -12.16
C LEU A 2103 -47.75 15.26 -11.68
N ILE A 2104 -47.67 16.49 -11.19
CA ILE A 2104 -46.39 17.01 -10.72
C ILE A 2104 -45.92 16.24 -9.48
N GLY A 2105 -46.84 15.93 -8.58
CA GLY A 2105 -46.46 15.26 -7.35
C GLY A 2105 -45.91 13.87 -7.58
N ASN A 2106 -46.61 13.06 -8.39
CA ASN A 2106 -46.11 11.71 -8.61
C ASN A 2106 -44.94 11.70 -9.59
N CYS A 2107 -44.80 12.73 -10.43
CA CYS A 2107 -43.57 12.85 -11.21
C CYS A 2107 -42.37 13.10 -10.30
N ILE A 2108 -42.52 13.98 -9.31
CA ILE A 2108 -41.44 14.23 -8.34
C ILE A 2108 -41.14 12.96 -7.57
N ILE A 2109 -42.20 12.26 -7.12
CA ILE A 2109 -42.02 11.04 -6.34
C ILE A 2109 -41.29 9.98 -7.17
N SER A 2110 -41.69 9.81 -8.44
CA SER A 2110 -41.05 8.83 -9.31
C SER A 2110 -39.59 9.18 -9.57
N SER A 2111 -39.29 10.46 -9.82
CA SER A 2111 -37.90 10.85 -10.09
C SER A 2111 -37.01 10.61 -8.87
N ILE A 2112 -37.46 11.05 -7.70
CA ILE A 2112 -36.68 10.86 -6.48
C ILE A 2112 -36.58 9.38 -6.14
N TYR A 2113 -37.65 8.63 -6.40
CA TYR A 2113 -37.70 7.21 -6.07
C TYR A 2113 -36.75 6.43 -6.96
N GLU A 2114 -36.55 6.88 -8.20
CA GLU A 2114 -35.57 6.28 -9.09
C GLU A 2114 -34.14 6.63 -8.68
N THR A 2115 -33.88 7.91 -8.42
CA THR A 2115 -32.49 8.35 -8.31
C THR A 2115 -31.93 8.28 -6.90
N TYR A 2116 -32.75 8.21 -5.86
CA TYR A 2116 -32.29 8.25 -4.49
C TYR A 2116 -32.28 6.90 -3.81
N PHE A 2117 -33.24 6.03 -4.14
CA PHE A 2117 -33.47 4.82 -3.38
C PHE A 2117 -32.86 3.59 -4.04
N GLY A 2118 -31.97 3.80 -5.01
CA GLY A 2118 -31.34 2.67 -5.68
C GLY A 2118 -30.50 1.79 -4.76
N HIS A 2119 -29.88 2.39 -3.75
CA HIS A 2119 -28.98 1.68 -2.85
C HIS A 2119 -29.63 1.51 -1.47
N LEU A 2120 -30.93 1.26 -1.44
CA LEU A 2120 -31.69 1.19 -0.19
C LEU A 2120 -32.47 -0.11 -0.14
N ASN A 2121 -32.73 -0.60 1.07
CA ASN A 2121 -33.60 -1.77 1.24
C ASN A 2121 -35.06 -1.31 1.40
N GLU A 2122 -35.98 -2.27 1.42
CA GLU A 2122 -37.40 -1.98 1.31
C GLU A 2122 -37.92 -1.15 2.48
N ARG A 2123 -37.45 -1.44 3.69
CA ARG A 2123 -37.97 -0.75 4.87
C ARG A 2123 -37.64 0.73 4.87
N GLU A 2124 -36.37 1.08 4.65
CA GLU A 2124 -36.03 2.49 4.63
C GLU A 2124 -36.54 3.17 3.35
N ARG A 2125 -36.70 2.41 2.26
CA ARG A 2125 -37.39 2.97 1.09
C ARG A 2125 -38.82 3.38 1.44
N GLY A 2126 -39.56 2.52 2.14
CA GLY A 2126 -40.90 2.88 2.55
C GLY A 2126 -40.93 4.03 3.53
N ASP A 2127 -39.99 4.04 4.47
CA ASP A 2127 -39.89 5.13 5.44
C ASP A 2127 -39.64 6.47 4.75
N MET A 2128 -38.71 6.50 3.81
CA MET A 2128 -38.40 7.76 3.14
C MET A 2128 -39.46 8.13 2.12
N LEU A 2129 -40.21 7.15 1.60
CA LEU A 2129 -41.37 7.48 0.79
C LEU A 2129 -42.45 8.15 1.64
N VAL A 2130 -42.66 7.69 2.87
CA VAL A 2130 -43.58 8.37 3.78
C VAL A 2130 -43.08 9.77 4.09
N ILE A 2131 -41.76 9.91 4.32
CA ILE A 2131 -41.17 11.23 4.54
C ILE A 2131 -41.41 12.15 3.34
N LEU A 2132 -41.21 11.62 2.13
CA LEU A 2132 -41.40 12.41 0.92
C LEU A 2132 -42.87 12.82 0.75
N LYS A 2133 -43.80 11.91 1.06
CA LYS A 2133 -45.21 12.25 0.95
C LYS A 2133 -45.62 13.32 1.96
N ARG A 2134 -45.13 13.21 3.20
CA ARG A 2134 -45.42 14.22 4.20
C ARG A 2134 -44.85 15.58 3.80
N LEU A 2135 -43.61 15.58 3.31
CA LEU A 2135 -42.96 16.83 2.92
C LEU A 2135 -43.57 17.40 1.64
N LEU A 2136 -44.15 16.55 0.80
CA LEU A 2136 -44.85 17.00 -0.38
C LEU A 2136 -46.18 17.64 -0.02
N GLY A 2137 -46.92 17.03 0.91
CA GLY A 2137 -48.14 17.62 1.41
C GLY A 2137 -47.91 18.87 2.23
N LYS A 2138 -46.71 19.04 2.79
CA LYS A 2138 -46.38 20.25 3.51
C LYS A 2138 -46.38 21.47 2.60
N PHE A 2139 -45.85 21.33 1.39
CA PHE A 2139 -45.68 22.45 0.46
C PHE A 2139 -46.82 22.57 -0.55
N ALA A 2140 -47.96 21.94 -0.26
CA ALA A 2140 -49.19 22.07 -1.06
C ALA A 2140 -48.98 21.65 -2.51
N VAL A 2141 -48.32 20.52 -2.71
CA VAL A 2141 -48.19 19.88 -4.01
C VAL A 2141 -48.84 18.52 -3.91
N LYS A 2142 -49.93 18.33 -4.65
CA LYS A 2142 -50.74 17.13 -4.52
C LYS A 2142 -50.09 15.96 -5.24
N TYR A 2143 -50.38 14.76 -4.75
CA TYR A 2143 -49.83 13.53 -5.30
C TYR A 2143 -50.93 12.47 -5.31
N ASP A 2144 -50.60 11.30 -5.84
CA ASP A 2144 -51.55 10.21 -5.95
C ASP A 2144 -51.60 9.44 -4.63
N VAL A 2145 -52.79 9.38 -4.02
CA VAL A 2145 -52.97 8.66 -2.77
C VAL A 2145 -52.72 7.17 -2.95
N ASN A 2146 -53.08 6.62 -4.09
CA ASN A 2146 -52.89 5.20 -4.41
C ASN A 2146 -51.67 5.01 -5.31
N TYR A 2147 -50.60 5.77 -5.04
CA TYR A 2147 -49.39 5.71 -5.85
C TYR A 2147 -48.73 4.34 -5.74
N ARG A 2148 -48.15 3.89 -6.85
CA ARG A 2148 -47.34 2.70 -6.89
C ARG A 2148 -46.36 2.84 -8.05
N PHE A 2149 -45.06 2.67 -7.75
CA PHE A 2149 -44.02 2.96 -8.74
C PHE A 2149 -44.08 2.00 -9.92
N ILE A 2150 -44.42 0.73 -9.68
CA ILE A 2150 -44.52 -0.24 -10.77
C ILE A 2150 -45.62 0.14 -11.73
N ASP A 2151 -46.75 0.61 -11.20
CA ASP A 2151 -47.86 1.01 -12.07
C ASP A 2151 -47.56 2.30 -12.82
N TYR A 2152 -46.58 3.07 -12.36
CA TYR A 2152 -46.33 4.38 -12.95
C TYR A 2152 -45.16 4.39 -13.92
N LEU A 2153 -44.17 3.52 -13.74
CA LEU A 2153 -43.03 3.44 -14.67
C LEU A 2153 -42.94 2.13 -15.42
N VAL A 2154 -43.11 1.00 -14.74
CA VAL A 2154 -42.91 -0.30 -15.36
C VAL A 2154 -44.11 -0.60 -16.25
N THR A 2155 -43.90 -0.58 -17.57
CA THR A 2155 -44.96 -0.94 -18.51
C THR A 2155 -45.14 -2.46 -18.52
N LEU A 2156 -46.27 -2.89 -19.09
CA LEU A 2156 -46.60 -4.32 -19.07
C LEU A 2156 -45.76 -5.09 -20.07
N ASP A 2157 -45.44 -4.48 -21.22
CA ASP A 2157 -44.53 -5.11 -22.19
C ASP A 2157 -43.15 -5.32 -21.57
N GLU A 2158 -42.62 -4.29 -20.91
CA GLU A 2158 -41.34 -4.43 -20.23
C GLU A 2158 -41.45 -5.44 -19.09
N LYS A 2159 -42.59 -5.49 -18.40
CA LYS A 2159 -42.78 -6.45 -17.32
C LYS A 2159 -42.70 -7.88 -17.84
N MET A 2160 -43.37 -8.18 -18.95
CA MET A 2160 -43.28 -9.52 -19.51
C MET A 2160 -41.90 -9.82 -20.07
N LYS A 2161 -41.23 -8.82 -20.67
CA LYS A 2161 -39.88 -9.05 -21.17
C LYS A 2161 -38.93 -9.38 -20.02
N TRP A 2162 -39.07 -8.68 -18.90
CA TRP A 2162 -38.23 -8.95 -17.73
C TRP A 2162 -38.56 -10.31 -17.13
N LEU A 2163 -39.84 -10.67 -17.05
CA LEU A 2163 -40.21 -11.98 -16.49
C LEU A 2163 -39.70 -13.12 -17.36
N GLU A 2164 -39.76 -12.98 -18.68
CA GLU A 2164 -39.21 -14.02 -19.54
C GLU A 2164 -37.70 -13.96 -19.59
N CYS A 2165 -37.09 -12.84 -19.19
CA CYS A 2165 -35.63 -12.74 -19.14
C CYS A 2165 -35.06 -13.30 -17.85
N GLY A 2166 -35.88 -13.50 -16.82
CA GLY A 2166 -35.41 -14.16 -15.61
C GLY A 2166 -35.48 -13.36 -14.32
N LEU A 2167 -36.38 -12.38 -14.25
CA LEU A 2167 -36.59 -11.68 -12.98
C LEU A 2167 -37.38 -12.53 -12.02
N ASP A 2168 -37.31 -12.15 -10.75
CA ASP A 2168 -38.14 -12.75 -9.72
C ASP A 2168 -39.51 -12.08 -9.71
N LYS A 2169 -40.51 -12.83 -9.22
CA LYS A 2169 -41.86 -12.30 -9.12
C LYS A 2169 -42.00 -11.19 -8.09
N ASN A 2170 -41.00 -11.01 -7.22
CA ASN A 2170 -41.04 -9.94 -6.23
C ASN A 2170 -41.03 -8.58 -6.91
N ASP A 2171 -41.82 -7.66 -6.35
CA ASP A 2171 -41.91 -6.32 -6.92
C ASP A 2171 -40.63 -5.52 -6.69
N TYR A 2172 -39.84 -5.90 -5.70
CA TYR A 2172 -38.57 -5.23 -5.44
C TYR A 2172 -37.60 -5.40 -6.61
N PHE A 2173 -37.54 -6.62 -7.17
CA PHE A 2173 -36.59 -6.88 -8.24
C PHE A 2173 -37.04 -6.24 -9.55
N LEU A 2174 -38.34 -6.28 -9.83
CA LEU A 2174 -38.87 -5.60 -11.02
C LEU A 2174 -38.67 -4.10 -10.90
N GLU A 2175 -38.86 -3.55 -9.69
CA GLU A 2175 -38.63 -2.14 -9.43
C GLU A 2175 -37.16 -1.78 -9.66
N ASN A 2176 -36.25 -2.62 -9.18
CA ASN A 2176 -34.82 -2.39 -9.38
C ASN A 2176 -34.44 -2.42 -10.86
N MET A 2177 -34.96 -3.39 -11.60
CA MET A 2177 -34.65 -3.45 -13.04
C MET A 2177 -35.31 -2.29 -13.79
N SER A 2178 -36.46 -1.80 -13.30
CA SER A 2178 -37.07 -0.62 -13.88
C SER A 2178 -36.17 0.61 -13.67
N ILE A 2179 -35.52 0.70 -12.51
CA ILE A 2179 -34.52 1.75 -12.32
C ILE A 2179 -33.36 1.55 -13.28
N VAL A 2180 -32.96 0.30 -13.49
CA VAL A 2180 -31.78 0.02 -14.34
C VAL A 2180 -32.03 0.44 -15.77
N MET A 2181 -33.18 0.07 -16.33
CA MET A 2181 -33.47 0.40 -17.73
C MET A 2181 -33.81 1.86 -17.95
N ASN A 2182 -34.38 2.55 -16.95
CA ASN A 2182 -34.79 3.93 -17.10
C ASN A 2182 -33.70 4.91 -16.67
N SER A 2183 -32.44 4.51 -16.79
CA SER A 2183 -31.30 5.39 -16.54
C SER A 2183 -30.51 5.50 -17.84
N GLN A 2184 -30.92 6.44 -18.68
CA GLN A 2184 -30.26 6.66 -19.97
C GLN A 2184 -29.11 7.65 -19.86
N ASP A 2185 -28.95 8.32 -18.72
CA ASP A 2185 -27.89 9.30 -18.52
C ASP A 2185 -26.73 8.76 -17.69
N ALA A 2186 -27.02 7.95 -16.68
CA ALA A 2186 -26.01 7.38 -15.81
C ALA A 2186 -25.94 5.87 -15.97
N VAL A 2187 -24.73 5.35 -16.04
CA VAL A 2187 -24.55 3.89 -16.16
C VAL A 2187 -24.93 3.22 -14.86
N PRO A 2188 -25.63 2.09 -14.89
CA PRO A 2188 -26.07 1.46 -13.64
C PRO A 2188 -25.01 0.53 -13.07
N PHE A 2189 -25.01 0.47 -11.73
CA PHE A 2189 -24.15 -0.45 -10.98
C PHE A 2189 -25.01 -1.60 -10.49
N LEU A 2190 -24.67 -2.82 -10.91
CA LEU A 2190 -25.46 -4.00 -10.59
C LEU A 2190 -24.77 -4.73 -9.43
N LEU A 2191 -25.16 -4.41 -8.21
CA LEU A 2191 -24.63 -5.10 -7.03
C LEU A 2191 -25.51 -6.31 -6.80
N ASP A 2192 -25.17 -7.41 -7.47
CA ASP A 2192 -25.95 -8.65 -7.41
C ASP A 2192 -25.05 -9.78 -6.93
N PRO A 2193 -25.10 -10.14 -5.64
CA PRO A 2193 -24.30 -11.28 -5.17
C PRO A 2193 -24.65 -12.60 -5.82
N SER A 2194 -25.92 -12.81 -6.18
CA SER A 2194 -26.34 -14.07 -6.77
C SER A 2194 -25.91 -14.24 -8.22
N SER A 2195 -25.42 -13.18 -8.86
CA SER A 2195 -24.96 -13.20 -10.26
C SER A 2195 -26.06 -13.66 -11.21
N HIS A 2196 -27.30 -13.25 -10.94
CA HIS A 2196 -28.44 -13.61 -11.77
C HIS A 2196 -28.78 -12.53 -12.79
N MET A 2197 -28.54 -11.26 -12.44
CA MET A 2197 -28.85 -10.17 -13.36
C MET A 2197 -27.98 -10.22 -14.61
N ILE A 2198 -26.77 -10.77 -14.49
CA ILE A 2198 -25.91 -10.95 -15.66
C ILE A 2198 -26.57 -11.88 -16.67
N THR A 2199 -27.09 -13.01 -16.19
CA THR A 2199 -27.80 -13.94 -17.07
C THR A 2199 -29.08 -13.30 -17.61
N VAL A 2200 -29.77 -12.52 -16.79
CA VAL A 2200 -31.00 -11.86 -17.25
C VAL A 2200 -30.72 -10.90 -18.39
N ILE A 2201 -29.71 -10.04 -18.23
CA ILE A 2201 -29.38 -9.08 -19.27
C ILE A 2201 -28.78 -9.76 -20.49
N SER A 2202 -28.05 -10.86 -20.30
CA SER A 2202 -27.56 -11.63 -21.43
C SER A 2202 -28.71 -12.24 -22.22
N ASN A 2203 -29.79 -12.62 -21.54
CA ASN A 2203 -31.00 -13.02 -22.25
C ASN A 2203 -31.69 -11.83 -22.88
N TYR A 2204 -31.53 -10.63 -22.31
CA TYR A 2204 -32.23 -9.45 -22.81
C TYR A 2204 -31.69 -9.03 -24.17
N TYR A 2205 -30.37 -8.93 -24.31
CA TYR A 2205 -29.75 -8.43 -25.52
C TYR A 2205 -29.33 -9.55 -26.47
N GLY A 2206 -29.65 -10.80 -26.15
CA GLY A 2206 -29.35 -11.91 -27.06
C GLY A 2206 -27.86 -12.13 -27.19
N ASN A 2207 -27.44 -12.41 -28.43
CA ASN A 2207 -26.03 -12.61 -28.72
C ASN A 2207 -25.27 -11.29 -28.89
N LYS A 2208 -25.97 -10.16 -28.87
CA LYS A 2208 -25.30 -8.87 -28.98
C LYS A 2208 -24.47 -8.57 -27.74
N THR A 2209 -24.91 -9.03 -26.57
CA THR A 2209 -24.23 -8.69 -25.33
C THR A 2209 -22.85 -9.37 -25.28
N VAL A 2210 -21.99 -8.82 -24.42
CA VAL A 2210 -20.65 -9.34 -24.20
C VAL A 2210 -20.34 -9.21 -22.71
N LEU A 2211 -19.66 -10.20 -22.16
CA LEU A 2211 -19.29 -10.22 -20.75
C LEU A 2211 -17.80 -9.93 -20.62
N LEU A 2212 -17.46 -8.79 -20.03
CA LEU A 2212 -16.09 -8.41 -19.78
C LEU A 2212 -15.84 -8.41 -18.28
N SER A 2213 -14.60 -8.09 -17.89
CA SER A 2213 -14.23 -8.09 -16.48
C SER A 2213 -13.08 -7.12 -16.27
N PHE A 2214 -13.05 -6.51 -15.09
CA PHE A 2214 -11.93 -5.66 -14.71
C PHE A 2214 -10.69 -6.45 -14.31
N LEU A 2215 -10.85 -7.72 -13.97
CA LEU A 2215 -9.76 -8.55 -13.48
C LEU A 2215 -9.06 -9.34 -14.57
N GLU A 2216 -9.51 -9.25 -15.81
CA GLU A 2216 -8.93 -10.01 -16.91
C GLU A 2216 -7.92 -9.16 -17.67
N GLU A 2217 -7.05 -9.85 -18.39
CA GLU A 2217 -6.07 -9.19 -19.26
C GLU A 2217 -6.65 -9.04 -20.67
N GLY A 2218 -6.24 -7.96 -21.34
CA GLY A 2218 -6.81 -7.67 -22.64
C GLY A 2218 -8.21 -7.11 -22.58
N PHE A 2219 -8.65 -6.64 -21.41
CA PHE A 2219 -9.99 -6.10 -21.25
C PHE A 2219 -10.16 -4.79 -22.01
N VAL A 2220 -9.08 -4.00 -22.11
CA VAL A 2220 -9.16 -2.70 -22.79
C VAL A 2220 -9.50 -2.88 -24.26
N LYS A 2221 -8.83 -3.83 -24.92
CA LYS A 2221 -9.08 -4.07 -26.34
C LYS A 2221 -10.47 -4.65 -26.56
N ARG A 2222 -10.93 -5.53 -25.65
CA ARG A 2222 -12.27 -6.08 -25.76
C ARG A 2222 -13.32 -4.98 -25.64
N LEU A 2223 -13.14 -4.06 -24.68
CA LEU A 2223 -14.09 -2.96 -24.53
C LEU A 2223 -14.05 -2.01 -25.72
N GLU A 2224 -12.85 -1.76 -26.26
CA GLU A 2224 -12.75 -0.89 -27.43
C GLU A 2224 -13.42 -1.51 -28.65
N ASN A 2225 -13.25 -2.81 -28.86
CA ASN A 2225 -13.95 -3.48 -29.95
C ASN A 2225 -15.46 -3.49 -29.72
N ALA A 2226 -15.88 -3.65 -28.46
CA ALA A 2226 -17.30 -3.66 -28.13
C ALA A 2226 -17.94 -2.29 -28.35
N VAL A 2227 -17.20 -1.21 -28.11
CA VAL A 2227 -17.75 0.12 -28.32
C VAL A 2227 -17.63 0.54 -29.79
N ARG A 2228 -16.68 -0.02 -30.54
CA ARG A 2228 -16.68 0.20 -31.98
C ARG A 2228 -17.86 -0.50 -32.63
N PHE A 2229 -18.11 -1.76 -32.26
CA PHE A 2229 -19.24 -2.49 -32.83
C PHE A 2229 -20.57 -2.01 -32.26
N GLY A 2230 -20.56 -1.46 -31.06
CA GLY A 2230 -21.77 -1.02 -30.40
C GLY A 2230 -22.46 -2.08 -29.55
N SER A 2231 -21.77 -3.15 -29.20
CA SER A 2231 -22.38 -4.21 -28.42
C SER A 2231 -22.58 -3.78 -26.97
N VAL A 2232 -23.61 -4.34 -26.35
CA VAL A 2232 -23.93 -4.03 -24.95
C VAL A 2232 -22.92 -4.72 -24.05
N VAL A 2233 -22.33 -3.96 -23.13
CA VAL A 2233 -21.21 -4.42 -22.30
C VAL A 2233 -21.69 -4.61 -20.88
N ILE A 2234 -21.35 -5.76 -20.30
CA ILE A 2234 -21.47 -5.99 -18.86
C ILE A 2234 -20.07 -6.24 -18.33
N ILE A 2235 -19.63 -5.40 -17.40
CA ILE A 2235 -18.30 -5.54 -16.80
C ILE A 2235 -18.47 -6.17 -15.42
N GLN A 2236 -17.89 -7.34 -15.24
CA GLN A 2236 -17.90 -8.00 -13.94
C GLN A 2236 -16.85 -7.38 -13.03
N ASP A 2237 -16.90 -7.77 -11.76
CA ASP A 2237 -15.96 -7.35 -10.73
C ASP A 2237 -15.94 -5.82 -10.58
N GLY A 2238 -17.10 -5.28 -10.20
CA GLY A 2238 -17.26 -3.84 -10.12
C GLY A 2238 -16.47 -3.18 -9.01
N GLU A 2239 -16.08 -3.93 -7.99
CA GLU A 2239 -15.26 -3.40 -6.90
C GLU A 2239 -13.79 -3.32 -7.27
N PHE A 2240 -13.44 -3.60 -8.52
CA PHE A 2240 -12.08 -3.46 -9.02
C PHE A 2240 -12.05 -2.43 -10.14
N PHE A 2241 -12.69 -1.28 -9.90
CA PHE A 2241 -12.92 -0.29 -10.95
C PHE A 2241 -11.64 0.16 -11.62
N ASP A 2242 -11.67 0.24 -12.95
CA ASP A 2242 -10.51 0.60 -13.74
C ASP A 2242 -10.66 2.06 -14.18
N PRO A 2243 -9.78 2.96 -13.75
CA PRO A 2243 -9.96 4.39 -14.04
C PRO A 2243 -9.83 4.77 -15.51
N ILE A 2244 -9.45 3.86 -16.42
CA ILE A 2244 -9.37 4.23 -17.82
C ILE A 2244 -10.74 4.48 -18.42
N ILE A 2245 -11.81 3.93 -17.84
CA ILE A 2245 -13.16 4.09 -18.35
C ILE A 2245 -13.87 5.25 -17.67
N SER A 2246 -13.13 6.12 -16.98
CA SER A 2246 -13.73 7.24 -16.27
C SER A 2246 -14.44 8.19 -17.20
N ARG A 2247 -13.94 8.36 -18.43
CA ARG A 2247 -14.60 9.22 -19.39
C ARG A 2247 -15.87 8.58 -19.93
N LEU A 2248 -15.97 7.25 -19.92
CA LEU A 2248 -17.24 6.60 -20.19
C LEU A 2248 -18.20 6.71 -19.00
N ILE A 2249 -17.64 6.74 -17.79
CA ILE A 2249 -18.47 6.80 -16.59
C ILE A 2249 -19.17 8.14 -16.48
N SER A 2250 -18.45 9.23 -16.69
CA SER A 2250 -19.03 10.57 -16.65
C SER A 2250 -19.74 10.95 -17.94
N ARG A 2251 -19.80 10.03 -18.91
CA ARG A 2251 -20.48 10.24 -20.19
C ARG A 2251 -19.91 11.45 -20.93
N GLU A 2252 -18.60 11.63 -20.86
CA GLU A 2252 -17.92 12.69 -21.59
C GLU A 2252 -17.82 12.19 -23.04
N PHE A 2253 -18.69 12.71 -23.90
CA PHE A 2253 -18.72 12.31 -25.29
C PHE A 2253 -18.47 13.51 -26.19
N ASN A 2254 -17.58 13.32 -27.17
CA ASN A 2254 -17.30 14.31 -28.19
C ASN A 2254 -18.07 13.91 -29.43
N HIS A 2255 -18.92 14.81 -29.92
CA HIS A 2255 -19.79 14.53 -31.06
C HIS A 2255 -19.09 14.95 -32.34
N ALA A 2256 -18.67 13.96 -33.14
CA ALA A 2256 -18.01 14.21 -34.41
C ALA A 2256 -19.08 14.31 -35.49
N GLY A 2257 -19.82 15.42 -35.46
CA GLY A 2257 -20.94 15.62 -36.36
C GLY A 2257 -22.07 14.66 -36.05
N ASN A 2258 -22.31 13.72 -36.97
CA ASN A 2258 -23.25 12.64 -36.73
C ASN A 2258 -22.65 11.49 -35.92
N ARG A 2259 -21.33 11.49 -35.73
CA ARG A 2259 -20.61 10.44 -35.03
C ARG A 2259 -20.31 10.90 -33.60
N VAL A 2260 -20.22 9.94 -32.69
CA VAL A 2260 -19.88 10.19 -31.30
C VAL A 2260 -18.58 9.46 -31.00
N THR A 2261 -17.60 10.17 -30.44
CA THR A 2261 -16.31 9.58 -30.08
C THR A 2261 -16.01 9.85 -28.61
N VAL A 2262 -15.29 8.91 -28.00
CA VAL A 2262 -14.89 8.99 -26.60
C VAL A 2262 -13.42 8.61 -26.49
N GLU A 2263 -12.77 9.08 -25.44
CA GLU A 2263 -11.37 8.78 -25.18
C GLU A 2263 -11.27 7.70 -24.11
N ILE A 2264 -10.69 6.56 -24.46
CA ILE A 2264 -10.46 5.46 -23.53
C ILE A 2264 -8.97 5.13 -23.55
N GLY A 2265 -8.35 5.11 -22.38
CA GLY A 2265 -6.94 4.83 -22.29
C GLY A 2265 -6.07 5.95 -22.83
N ASP A 2266 -5.44 5.73 -23.98
CA ASP A 2266 -4.55 6.72 -24.59
C ASP A 2266 -4.98 7.15 -25.98
N HIS A 2267 -5.89 6.44 -26.63
CA HIS A 2267 -6.34 6.78 -27.97
C HIS A 2267 -7.86 6.84 -28.00
N GLU A 2268 -8.38 7.81 -28.74
CA GLU A 2268 -9.83 8.00 -28.83
C GLU A 2268 -10.46 6.87 -29.64
N VAL A 2269 -11.73 6.60 -29.35
CA VAL A 2269 -12.49 5.56 -30.01
C VAL A 2269 -13.90 6.08 -30.27
N ASP A 2270 -14.56 5.49 -31.26
CA ASP A 2270 -15.89 5.93 -31.66
C ASP A 2270 -16.97 5.24 -30.83
N VAL A 2271 -18.08 5.94 -30.64
CA VAL A 2271 -19.27 5.40 -30.00
C VAL A 2271 -20.31 5.18 -31.08
N SER A 2272 -20.83 3.94 -31.16
CA SER A 2272 -21.75 3.60 -32.24
C SER A 2272 -23.09 4.30 -32.09
N GLY A 2273 -23.62 4.39 -30.87
CA GLY A 2273 -24.93 4.94 -30.61
C GLY A 2273 -25.87 3.96 -29.91
N ASP A 2274 -25.73 2.67 -30.22
CA ASP A 2274 -26.43 1.62 -29.48
C ASP A 2274 -25.55 1.01 -28.39
N PHE A 2275 -24.44 1.66 -28.08
CA PHE A 2275 -23.53 1.21 -27.04
C PHE A 2275 -24.12 1.47 -25.66
N LYS A 2276 -24.17 0.43 -24.83
CA LYS A 2276 -24.62 0.54 -23.45
C LYS A 2276 -23.55 -0.03 -22.53
N LEU A 2277 -23.42 0.58 -21.35
CA LEU A 2277 -22.42 0.16 -20.37
C LEU A 2277 -23.12 -0.27 -19.08
N PHE A 2278 -22.73 -1.42 -18.56
CA PHE A 2278 -23.22 -1.92 -17.29
C PHE A 2278 -22.03 -2.35 -16.44
N ILE A 2279 -22.12 -2.09 -15.14
CA ILE A 2279 -21.11 -2.51 -14.18
C ILE A 2279 -21.76 -3.44 -13.17
N HIS A 2280 -21.21 -4.65 -13.03
CA HIS A 2280 -21.75 -5.65 -12.13
C HIS A 2280 -20.72 -6.01 -11.08
N SER A 2281 -21.19 -6.28 -9.86
CA SER A 2281 -20.33 -6.68 -8.77
C SER A 2281 -21.12 -7.59 -7.84
N CYS A 2282 -20.53 -8.74 -7.52
CA CYS A 2282 -21.21 -9.74 -6.69
C CYS A 2282 -20.73 -9.71 -5.24
N ASP A 2283 -20.00 -8.66 -4.86
CA ASP A 2283 -19.43 -8.57 -3.52
C ASP A 2283 -20.14 -7.50 -2.70
N PRO A 2284 -21.03 -7.86 -1.79
CA PRO A 2284 -21.61 -6.86 -0.89
C PRO A 2284 -20.55 -6.31 0.06
N SER A 2285 -20.76 -5.06 0.48
CA SER A 2285 -19.84 -4.34 1.36
C SER A 2285 -18.43 -4.31 0.77
N GLY A 2286 -18.35 -4.09 -0.55
CA GLY A 2286 -17.08 -4.07 -1.23
C GLY A 2286 -16.34 -2.75 -1.08
N ASP A 2287 -15.70 -2.29 -2.14
CA ASP A 2287 -14.94 -1.05 -2.10
C ASP A 2287 -15.20 -0.31 -3.41
N ILE A 2288 -16.18 0.58 -3.39
CA ILE A 2288 -16.58 1.37 -4.54
C ILE A 2288 -16.03 2.78 -4.36
N PRO A 2289 -15.14 3.24 -5.25
CA PRO A 2289 -14.57 4.58 -5.08
C PRO A 2289 -15.64 5.66 -5.20
N ILE A 2290 -15.39 6.79 -4.53
CA ILE A 2290 -16.36 7.88 -4.50
C ILE A 2290 -16.57 8.45 -5.90
N PHE A 2291 -15.52 8.48 -6.71
CA PHE A 2291 -15.66 8.90 -8.10
C PHE A 2291 -16.62 7.98 -8.85
N LEU A 2292 -16.49 6.66 -8.65
CA LEU A 2292 -17.44 5.75 -9.26
C LEU A 2292 -18.79 5.77 -8.56
N ARG A 2293 -18.79 5.99 -7.24
CA ARG A 2293 -20.04 5.94 -6.47
C ARG A 2293 -20.98 7.08 -6.83
N SER A 2294 -20.42 8.26 -7.09
CA SER A 2294 -21.24 9.46 -7.25
C SER A 2294 -21.89 9.57 -8.63
N ARG A 2295 -21.46 8.81 -9.63
CA ARG A 2295 -22.00 8.95 -10.98
C ARG A 2295 -22.90 7.81 -11.42
N VAL A 2296 -22.85 6.66 -10.74
CA VAL A 2296 -23.57 5.48 -11.21
C VAL A 2296 -24.87 5.36 -10.43
N ARG A 2297 -25.90 4.85 -11.11
CA ARG A 2297 -27.18 4.52 -10.49
C ARG A 2297 -27.01 3.16 -9.81
N LEU A 2298 -26.39 3.20 -8.63
CA LEU A 2298 -26.10 1.96 -7.91
C LEU A 2298 -27.39 1.32 -7.44
N VAL A 2299 -27.55 0.03 -7.75
CA VAL A 2299 -28.77 -0.70 -7.45
C VAL A 2299 -28.40 -1.96 -6.69
N HIS A 2300 -28.96 -2.11 -5.49
CA HIS A 2300 -28.79 -3.31 -4.69
C HIS A 2300 -29.85 -4.34 -5.06
N PHE A 2301 -29.42 -5.60 -5.18
CA PHE A 2301 -30.32 -6.73 -5.42
C PHE A 2301 -30.16 -7.67 -4.22
N VAL A 2302 -30.93 -7.41 -3.17
CA VAL A 2302 -30.83 -8.15 -1.91
C VAL A 2302 -32.15 -8.88 -1.67
N THR A 2303 -32.05 -10.17 -1.38
CA THR A 2303 -33.23 -11.01 -1.20
C THR A 2303 -33.97 -10.61 0.07
N ASN A 2304 -35.30 -10.72 0.05
CA ASN A 2304 -36.14 -10.35 1.18
C ASN A 2304 -37.24 -11.37 1.45
N LYS A 2305 -38.21 -10.98 2.28
CA LYS A 2305 -39.30 -11.85 2.72
C LYS A 2305 -40.03 -12.52 1.55
N GLU A 2306 -40.61 -11.71 0.66
CA GLU A 2306 -41.47 -12.25 -0.39
C GLU A 2306 -40.69 -13.10 -1.39
N SER A 2307 -39.44 -12.73 -1.67
CA SER A 2307 -38.62 -13.52 -2.58
C SER A 2307 -38.36 -14.91 -2.00
N ILE A 2308 -38.01 -14.99 -0.71
CA ILE A 2308 -37.78 -16.29 -0.08
C ILE A 2308 -39.06 -17.11 -0.10
N GLU A 2309 -40.19 -16.48 0.24
CA GLU A 2309 -41.45 -17.21 0.27
C GLU A 2309 -41.82 -17.75 -1.12
N THR A 2310 -41.67 -16.93 -2.15
CA THR A 2310 -42.00 -17.35 -3.51
C THR A 2310 -41.07 -18.47 -3.99
N ARG A 2311 -39.76 -18.35 -3.74
CA ARG A 2311 -38.83 -19.37 -4.21
C ARG A 2311 -39.05 -20.70 -3.49
N ILE A 2312 -39.27 -20.65 -2.16
CA ILE A 2312 -39.55 -21.88 -1.42
C ILE A 2312 -40.85 -22.52 -1.89
N PHE A 2313 -41.88 -21.71 -2.13
CA PHE A 2313 -43.15 -22.25 -2.62
C PHE A 2313 -42.99 -22.89 -3.99
N ASP A 2314 -42.24 -22.24 -4.88
CA ASP A 2314 -42.02 -22.80 -6.21
C ASP A 2314 -41.24 -24.10 -6.13
N ILE A 2315 -40.22 -24.16 -5.27
CA ILE A 2315 -39.41 -25.37 -5.14
C ILE A 2315 -40.25 -26.53 -4.60
N THR A 2316 -41.05 -26.27 -3.55
CA THR A 2316 -41.83 -27.37 -2.98
C THR A 2316 -42.96 -27.79 -3.91
N LEU A 2317 -43.50 -26.86 -4.72
CA LEU A 2317 -44.50 -27.26 -5.70
C LEU A 2317 -43.88 -28.08 -6.82
N THR A 2318 -42.67 -27.70 -7.26
CA THR A 2318 -42.00 -28.45 -8.31
C THR A 2318 -41.61 -29.85 -7.84
N GLU A 2319 -41.16 -29.98 -6.60
CA GLU A 2319 -40.71 -31.26 -6.09
C GLU A 2319 -41.83 -32.08 -5.44
N GLU A 2320 -43.02 -31.51 -5.27
CA GLU A 2320 -44.16 -32.27 -4.76
C GLU A 2320 -45.11 -32.68 -5.89
N ASN A 2321 -45.62 -31.72 -6.66
CA ASN A 2321 -46.53 -31.99 -7.76
C ASN A 2321 -46.19 -31.02 -8.89
N ALA A 2322 -45.33 -31.47 -9.81
CA ALA A 2322 -44.85 -30.58 -10.86
C ALA A 2322 -45.94 -30.25 -11.88
N GLU A 2323 -46.93 -31.14 -12.03
CA GLU A 2323 -48.01 -30.88 -12.98
C GLU A 2323 -48.84 -29.68 -12.56
N MET A 2324 -49.17 -29.59 -11.27
CA MET A 2324 -49.94 -28.45 -10.78
C MET A 2324 -49.18 -27.15 -10.91
N GLN A 2325 -47.88 -27.15 -10.61
CA GLN A 2325 -47.06 -25.95 -10.75
C GLN A 2325 -46.96 -25.52 -12.21
N ARG A 2326 -46.76 -26.49 -13.11
CA ARG A 2326 -46.69 -26.17 -14.54
C ARG A 2326 -48.01 -25.61 -15.04
N LYS A 2327 -49.13 -26.20 -14.61
CA LYS A 2327 -50.44 -25.69 -14.99
C LYS A 2327 -50.65 -24.28 -14.46
N ARG A 2328 -50.23 -24.02 -13.21
CA ARG A 2328 -50.40 -22.70 -12.62
C ARG A 2328 -49.59 -21.64 -13.37
N GLU A 2329 -48.32 -21.94 -13.66
CA GLU A 2329 -47.48 -20.96 -14.34
C GLU A 2329 -47.94 -20.75 -15.78
N ASP A 2330 -48.38 -21.81 -16.46
CA ASP A 2330 -48.91 -21.65 -17.81
C ASP A 2330 -50.20 -20.84 -17.81
N LEU A 2331 -51.07 -21.06 -16.82
CA LEU A 2331 -52.30 -20.30 -16.72
C LEU A 2331 -52.01 -18.82 -16.43
N ILE A 2332 -51.03 -18.55 -15.57
CA ILE A 2332 -50.67 -17.16 -15.28
C ILE A 2332 -50.12 -16.47 -16.53
N LYS A 2333 -49.24 -17.16 -17.27
CA LYS A 2333 -48.70 -16.59 -18.50
C LYS A 2333 -49.78 -16.35 -19.54
N LEU A 2334 -50.71 -17.29 -19.70
CA LEU A 2334 -51.80 -17.12 -20.65
C LEU A 2334 -52.73 -15.98 -20.24
N ASN A 2335 -53.01 -15.86 -18.94
CA ASN A 2335 -53.86 -14.77 -18.46
C ASN A 2335 -53.22 -13.41 -18.70
N THR A 2336 -51.92 -13.27 -18.39
CA THR A 2336 -51.29 -11.98 -18.61
C THR A 2336 -51.13 -11.68 -20.10
N GLU A 2337 -50.92 -12.70 -20.94
CA GLU A 2337 -50.88 -12.48 -22.38
C GLU A 2337 -52.23 -12.05 -22.91
N TYR A 2338 -53.32 -12.64 -22.40
CA TYR A 2338 -54.65 -12.24 -22.81
C TYR A 2338 -54.96 -10.81 -22.38
N ARG A 2339 -54.52 -10.42 -21.18
CA ARG A 2339 -54.73 -9.05 -20.74
C ARG A 2339 -53.92 -8.06 -21.58
N LEU A 2340 -52.70 -8.43 -21.96
CA LEU A 2340 -51.92 -7.58 -22.86
C LEU A 2340 -52.57 -7.45 -24.23
N LYS A 2341 -53.10 -8.56 -24.75
CA LYS A 2341 -53.81 -8.52 -26.02
C LYS A 2341 -55.05 -7.63 -25.93
N LEU A 2342 -55.76 -7.70 -24.80
CA LEU A 2342 -56.90 -6.82 -24.58
C LEU A 2342 -56.47 -5.35 -24.59
N LYS A 2343 -55.40 -5.01 -23.86
CA LYS A 2343 -54.96 -3.62 -23.78
C LYS A 2343 -54.51 -3.10 -25.14
N ASN A 2344 -53.73 -3.90 -25.87
CA ASN A 2344 -53.37 -3.53 -27.24
C ASN A 2344 -54.60 -3.43 -28.13
N LEU A 2345 -55.66 -4.17 -27.81
CA LEU A 2345 -56.86 -4.12 -28.63
C LEU A 2345 -57.64 -2.82 -28.39
N GLU A 2346 -57.75 -2.37 -27.13
CA GLU A 2346 -58.37 -1.05 -26.93
C GLU A 2346 -57.50 0.05 -27.52
N LYS A 2347 -56.17 -0.14 -27.49
CA LYS A 2347 -55.30 0.81 -28.18
C LYS A 2347 -55.57 0.83 -29.68
N ARG A 2348 -55.82 -0.35 -30.27
CA ARG A 2348 -56.14 -0.43 -31.70
C ARG A 2348 -57.47 0.23 -32.01
N LEU A 2349 -58.48 0.03 -31.16
CA LEU A 2349 -59.77 0.69 -31.36
C LEU A 2349 -59.63 2.21 -31.26
N LEU A 2350 -58.85 2.69 -30.29
CA LEU A 2350 -58.63 4.13 -30.17
C LEU A 2350 -57.91 4.68 -31.38
N GLU A 2351 -56.90 3.97 -31.88
CA GLU A 2351 -56.18 4.40 -33.07
C GLU A 2351 -57.08 4.40 -34.30
N GLU A 2352 -57.94 3.39 -34.43
CA GLU A 2352 -58.83 3.32 -35.59
C GLU A 2352 -59.88 4.43 -35.55
N LEU A 2353 -60.44 4.71 -34.37
CA LEU A 2353 -61.40 5.80 -34.27
C LEU A 2353 -60.73 7.16 -34.41
N ASN A 2354 -59.46 7.26 -34.05
CA ASN A 2354 -58.71 8.50 -34.29
C ASN A 2354 -58.37 8.68 -35.76
N ASN A 2355 -58.33 7.60 -36.54
CA ASN A 2355 -58.03 7.65 -37.96
C ASN A 2355 -59.29 7.58 -38.82
N SER A 2356 -60.39 8.15 -38.35
CA SER A 2356 -61.64 8.14 -39.09
C SER A 2356 -62.10 9.57 -39.39
N GLU A 2365 -65.83 -2.22 -44.33
CA GLU A 2365 -64.49 -1.66 -44.22
C GLU A 2365 -64.05 -1.52 -42.76
N LEU A 2366 -64.17 -0.30 -42.23
CA LEU A 2366 -63.79 -0.06 -40.85
C LEU A 2366 -64.80 -0.65 -39.88
N MET A 2367 -66.09 -0.61 -40.23
CA MET A 2367 -67.13 -1.11 -39.34
C MET A 2367 -67.01 -2.62 -39.11
N VAL A 2368 -66.73 -3.38 -40.17
CA VAL A 2368 -66.58 -4.83 -40.04
C VAL A 2368 -65.36 -5.16 -39.20
N THR A 2369 -64.26 -4.43 -39.39
CA THR A 2369 -63.05 -4.65 -38.59
C THR A 2369 -63.32 -4.32 -37.13
N LEU A 2370 -64.05 -3.24 -36.86
CA LEU A 2370 -64.37 -2.89 -35.47
C LEU A 2370 -65.26 -3.94 -34.83
N ASN A 2371 -66.23 -4.47 -35.58
CA ASN A 2371 -67.08 -5.53 -35.05
C ASN A 2371 -66.27 -6.80 -34.76
N ASN A 2372 -65.33 -7.13 -35.66
CA ASN A 2372 -64.49 -8.31 -35.43
C ASN A 2372 -63.60 -8.12 -34.21
N LEU A 2373 -63.04 -6.93 -34.02
CA LEU A 2373 -62.21 -6.67 -32.85
C LEU A 2373 -63.03 -6.69 -31.56
N LYS A 2374 -64.27 -6.19 -31.61
CA LYS A 2374 -65.16 -6.27 -30.46
C LYS A 2374 -65.49 -7.73 -30.12
N LYS A 2375 -65.75 -8.55 -31.15
CA LYS A 2375 -66.00 -9.96 -30.91
C LYS A 2375 -64.78 -10.66 -30.32
N GLU A 2376 -63.59 -10.29 -30.81
CA GLU A 2376 -62.35 -10.84 -30.23
C GLU A 2376 -62.19 -10.44 -28.78
N ALA A 2377 -62.52 -9.18 -28.45
CA ALA A 2377 -62.46 -8.73 -27.06
C ALA A 2377 -63.43 -9.52 -26.19
N MET A 2378 -64.64 -9.74 -26.68
CA MET A 2378 -65.62 -10.53 -25.92
C MET A 2378 -65.15 -11.96 -25.73
N ASN A 2379 -64.56 -12.56 -26.77
CA ASN A 2379 -64.07 -13.92 -26.66
C ASN A 2379 -62.91 -14.03 -25.66
N ILE A 2380 -61.99 -13.07 -25.69
CA ILE A 2380 -60.87 -13.11 -24.76
C ILE A 2380 -61.34 -12.87 -23.33
N GLU A 2381 -62.32 -11.97 -23.15
CA GLU A 2381 -62.90 -11.75 -21.83
C GLU A 2381 -63.58 -13.00 -21.29
N LYS A 2382 -64.32 -13.70 -22.15
CA LYS A 2382 -64.95 -14.96 -21.73
C LYS A 2382 -63.91 -16.02 -21.41
N LYS A 2383 -62.82 -16.07 -22.19
CA LYS A 2383 -61.75 -17.02 -21.91
C LYS A 2383 -61.09 -16.74 -20.56
N LEU A 2384 -60.86 -15.46 -20.26
CA LEU A 2384 -60.29 -15.10 -18.96
C LEU A 2384 -61.25 -15.44 -17.82
N SER A 2385 -62.54 -15.19 -18.01
CA SER A 2385 -63.52 -15.52 -16.99
C SER A 2385 -63.59 -17.03 -16.76
N GLU A 2386 -63.45 -17.82 -17.82
CA GLU A 2386 -63.39 -19.27 -17.66
C GLU A 2386 -62.11 -19.70 -16.98
N SER A 2387 -61.00 -19.02 -17.27
CA SER A 2387 -59.71 -19.38 -16.69
C SER A 2387 -59.58 -18.97 -15.23
N GLU A 2388 -60.40 -18.03 -14.76
CA GLU A 2388 -60.30 -17.54 -13.39
C GLU A 2388 -61.01 -18.43 -12.36
N GLU A 2389 -61.26 -19.70 -12.68
CA GLU A 2389 -61.98 -20.60 -11.79
C GLU A 2389 -61.06 -21.49 -10.96
N PHE A 2390 -59.74 -21.41 -11.16
CA PHE A 2390 -58.79 -22.27 -10.44
C PHE A 2390 -58.02 -21.51 -9.37
N PHE A 2391 -58.28 -20.22 -9.18
CA PHE A 2391 -57.57 -19.44 -8.18
C PHE A 2391 -57.77 -19.91 -6.73
N PRO A 2392 -58.97 -20.30 -6.26
CA PRO A 2392 -59.08 -20.78 -4.87
C PRO A 2392 -58.21 -21.98 -4.53
N GLN A 2393 -57.92 -22.86 -5.49
CA GLN A 2393 -57.00 -23.96 -5.22
C GLN A 2393 -55.60 -23.43 -4.92
N PHE A 2394 -55.15 -22.45 -5.69
CA PHE A 2394 -53.86 -21.81 -5.42
C PHE A 2394 -53.86 -21.10 -4.07
N ASP A 2395 -54.99 -20.47 -3.71
CA ASP A 2395 -55.09 -19.82 -2.41
C ASP A 2395 -55.01 -20.84 -1.28
N ASN A 2396 -55.64 -22.00 -1.46
CA ASN A 2396 -55.56 -23.06 -0.46
C ASN A 2396 -54.14 -23.58 -0.32
N LEU A 2397 -53.44 -23.73 -1.45
CA LEU A 2397 -52.03 -24.15 -1.39
C LEU A 2397 -51.17 -23.11 -0.67
N VAL A 2398 -51.44 -21.82 -0.92
CA VAL A 2398 -50.72 -20.74 -0.23
C VAL A 2398 -50.95 -20.83 1.28
N GLU A 2399 -52.22 -20.99 1.68
CA GLU A 2399 -52.54 -21.09 3.10
C GLU A 2399 -51.97 -22.35 3.73
N GLU A 2400 -51.80 -23.41 2.94
CA GLU A 2400 -51.23 -24.64 3.47
C GLU A 2400 -49.72 -24.55 3.66
N TYR A 2401 -49.01 -23.88 2.75
CA TYR A 2401 -47.55 -23.88 2.78
C TYR A 2401 -46.97 -22.57 3.31
N SER A 2402 -47.82 -21.67 3.81
CA SER A 2402 -47.33 -20.44 4.44
C SER A 2402 -46.49 -20.73 5.68
N ILE A 2403 -46.79 -21.81 6.40
CA ILE A 2403 -45.99 -22.15 7.59
C ILE A 2403 -44.59 -22.58 7.19
N ILE A 2404 -44.47 -23.37 6.12
CA ILE A 2404 -43.15 -23.74 5.59
C ILE A 2404 -42.41 -22.50 5.14
N GLY A 2405 -43.11 -21.59 4.47
CA GLY A 2405 -42.47 -20.35 4.03
C GLY A 2405 -41.94 -19.52 5.18
N LYS A 2406 -42.75 -19.34 6.23
CA LYS A 2406 -42.32 -18.50 7.35
C LYS A 2406 -41.22 -19.16 8.17
N HIS A 2407 -41.23 -20.50 8.29
CA HIS A 2407 -40.11 -21.14 8.97
C HIS A 2407 -38.84 -21.07 8.14
N SER A 2408 -38.96 -21.14 6.82
CA SER A 2408 -37.80 -20.95 5.95
C SER A 2408 -37.22 -19.56 6.13
N VAL A 2409 -38.06 -18.52 6.16
CA VAL A 2409 -37.52 -17.17 6.32
C VAL A 2409 -36.95 -16.97 7.72
N LYS A 2410 -37.51 -17.65 8.74
CA LYS A 2410 -36.97 -17.51 10.09
C LYS A 2410 -35.59 -18.14 10.21
N ILE A 2411 -35.43 -19.37 9.68
CA ILE A 2411 -34.13 -20.02 9.69
C ILE A 2411 -33.13 -19.23 8.84
N PHE A 2412 -33.60 -18.66 7.73
CA PHE A 2412 -32.72 -17.88 6.85
C PHE A 2412 -32.22 -16.62 7.55
N SER A 2413 -33.12 -15.92 8.26
CA SER A 2413 -32.72 -14.74 9.02
C SER A 2413 -31.76 -15.10 10.13
N MET A 2414 -31.99 -16.23 10.80
CA MET A 2414 -31.04 -16.73 11.80
C MET A 2414 -29.67 -16.97 11.19
N LEU A 2415 -29.64 -17.57 10.00
CA LEU A 2415 -28.37 -17.88 9.35
C LEU A 2415 -27.61 -16.62 8.96
N GLU A 2416 -28.31 -15.60 8.45
CA GLU A 2416 -27.60 -14.34 8.21
C GLU A 2416 -27.22 -13.62 9.50
N LYS A 2417 -27.93 -13.84 10.60
CA LYS A 2417 -27.46 -13.30 11.86
C LYS A 2417 -26.15 -13.94 12.28
N PHE A 2418 -26.04 -15.26 12.11
CA PHE A 2418 -24.76 -15.95 12.33
C PHE A 2418 -23.68 -15.42 11.40
N GLY A 2419 -24.04 -15.17 10.14
CA GLY A 2419 -23.09 -14.57 9.21
C GLY A 2419 -22.65 -13.18 9.64
N GLN A 2420 -23.55 -12.44 10.30
CA GLN A 2420 -23.16 -11.16 10.89
C GLN A 2420 -22.21 -11.36 12.08
N PHE A 2421 -22.40 -12.43 12.85
CA PHE A 2421 -21.51 -12.70 13.98
C PHE A 2421 -20.08 -12.97 13.52
N HIS A 2422 -19.91 -13.89 12.57
CA HIS A 2422 -18.59 -14.26 12.07
C HIS A 2422 -18.62 -14.33 10.54
N TRP A 2423 -17.51 -13.93 9.93
CA TRP A 2423 -17.44 -13.83 8.48
C TRP A 2423 -17.48 -15.19 7.79
N PHE A 2424 -17.17 -16.26 8.51
CA PHE A 2424 -17.18 -17.59 7.91
C PHE A 2424 -18.57 -18.21 7.85
N TYR A 2425 -19.53 -17.66 8.59
CA TYR A 2425 -20.83 -18.30 8.76
C TYR A 2425 -21.91 -17.71 7.86
N GLY A 2426 -21.54 -16.85 6.92
CA GLY A 2426 -22.51 -16.33 5.98
C GLY A 2426 -23.07 -17.41 5.09
N ILE A 2427 -24.39 -17.33 4.83
CA ILE A 2427 -25.11 -18.36 4.11
C ILE A 2427 -25.72 -17.75 2.86
N SER A 2428 -25.51 -18.40 1.72
CA SER A 2428 -26.08 -17.96 0.46
C SER A 2428 -27.43 -18.65 0.23
N ILE A 2429 -28.12 -18.25 -0.83
CA ILE A 2429 -29.40 -18.84 -1.15
C ILE A 2429 -29.26 -20.14 -1.96
N GLY A 2430 -28.19 -20.29 -2.72
CA GLY A 2430 -28.00 -21.51 -3.49
C GLY A 2430 -27.87 -22.73 -2.61
N GLN A 2431 -27.07 -22.62 -1.54
CA GLN A 2431 -26.90 -23.73 -0.61
C GLN A 2431 -28.21 -24.07 0.09
N PHE A 2432 -28.97 -23.05 0.52
CA PHE A 2432 -30.20 -23.29 1.25
C PHE A 2432 -31.26 -23.92 0.35
N LEU A 2433 -31.35 -23.46 -0.90
CA LEU A 2433 -32.30 -24.06 -1.82
C LEU A 2433 -31.88 -25.47 -2.23
N SER A 2434 -30.58 -25.73 -2.33
CA SER A 2434 -30.11 -27.09 -2.56
C SER A 2434 -30.49 -27.99 -1.39
N CYS A 2435 -30.39 -27.47 -0.16
CA CYS A 2435 -30.84 -28.22 1.01
C CYS A 2435 -32.33 -28.50 0.95
N PHE A 2436 -33.12 -27.51 0.53
CA PHE A 2436 -34.56 -27.71 0.41
C PHE A 2436 -34.89 -28.77 -0.63
N LYS A 2437 -34.16 -28.79 -1.74
CA LYS A 2437 -34.32 -29.87 -2.72
C LYS A 2437 -33.91 -31.22 -2.14
N ARG A 2438 -32.82 -31.26 -1.38
CA ARG A 2438 -32.34 -32.49 -0.79
C ARG A 2438 -33.32 -33.03 0.24
N VAL A 2439 -34.12 -32.16 0.85
CA VAL A 2439 -35.15 -32.59 1.80
C VAL A 2439 -36.12 -33.56 1.13
N PHE A 2440 -36.59 -33.20 -0.06
CA PHE A 2440 -37.49 -34.09 -0.79
C PHE A 2440 -36.73 -35.19 -1.53
N ILE A 2441 -35.46 -34.96 -1.85
CA ILE A 2441 -34.65 -36.02 -2.47
C ILE A 2441 -34.50 -37.20 -1.52
N LYS A 2442 -34.20 -36.91 -0.25
CA LYS A 2442 -34.05 -37.96 0.75
C LYS A 2442 -35.38 -38.25 1.43
N THR A 2452 -51.37 -35.59 8.41
CA THR A 2452 -50.17 -34.89 8.87
C THR A 2452 -49.00 -35.14 7.92
N ARG A 2453 -48.83 -34.26 6.96
CA ARG A 2453 -47.73 -34.35 5.99
C ARG A 2453 -46.90 -33.07 5.95
N VAL A 2454 -47.52 -31.90 6.03
CA VAL A 2454 -46.77 -30.65 5.96
C VAL A 2454 -45.87 -30.48 7.18
N ASP A 2455 -46.34 -30.90 8.36
CA ASP A 2455 -45.51 -30.84 9.55
C ASP A 2455 -44.33 -31.81 9.44
N GLU A 2456 -44.54 -32.96 8.81
CA GLU A 2456 -43.43 -33.88 8.59
C GLU A 2456 -42.43 -33.32 7.60
N ILE A 2457 -42.91 -32.62 6.57
CA ILE A 2457 -42.01 -31.93 5.64
C ILE A 2457 -41.18 -30.88 6.40
N LEU A 2458 -41.83 -30.15 7.31
CA LEU A 2458 -41.13 -29.17 8.13
C LEU A 2458 -40.08 -29.84 9.02
N TRP A 2459 -40.41 -31.01 9.58
CA TRP A 2459 -39.48 -31.72 10.44
C TRP A 2459 -38.26 -32.20 9.66
N LEU A 2460 -38.47 -32.80 8.49
CA LEU A 2460 -37.34 -33.20 7.64
C LEU A 2460 -36.52 -31.99 7.20
N LEU A 2461 -37.18 -30.87 6.93
CA LEU A 2461 -36.45 -29.63 6.62
C LEU A 2461 -35.54 -29.24 7.77
N TYR A 2462 -36.07 -29.27 9.00
CA TYR A 2462 -35.30 -28.89 10.17
C TYR A 2462 -34.09 -29.81 10.36
N GLN A 2463 -34.31 -31.12 10.24
CA GLN A 2463 -33.22 -32.07 10.41
C GLN A 2463 -32.14 -31.90 9.34
N GLU A 2464 -32.56 -31.76 8.07
CA GLU A 2464 -31.59 -31.64 6.98
C GLU A 2464 -30.80 -30.34 7.07
N VAL A 2465 -31.47 -29.23 7.39
CA VAL A 2465 -30.75 -27.96 7.48
C VAL A 2465 -29.80 -27.96 8.68
N TYR A 2466 -30.19 -28.59 9.79
CA TYR A 2466 -29.29 -28.68 10.92
C TYR A 2466 -28.08 -29.54 10.59
N CYS A 2467 -28.30 -30.70 9.96
CA CYS A 2467 -27.20 -31.58 9.61
C CYS A 2467 -26.24 -30.93 8.62
N GLN A 2468 -26.77 -30.17 7.67
CA GLN A 2468 -25.89 -29.53 6.69
C GLN A 2468 -25.11 -28.38 7.30
N PHE A 2469 -25.76 -27.51 8.07
CA PHE A 2469 -25.13 -26.27 8.51
C PHE A 2469 -24.54 -26.35 9.91
N SER A 2470 -24.57 -27.52 10.56
CA SER A 2470 -23.83 -27.67 11.81
C SER A 2470 -22.34 -27.74 11.55
N THR A 2471 -21.92 -28.44 10.50
CA THR A 2471 -20.51 -28.64 10.21
C THR A 2471 -19.80 -27.34 9.82
N ALA A 2472 -20.55 -26.32 9.43
CA ALA A 2472 -19.96 -25.03 9.08
C ALA A 2472 -19.72 -24.14 10.31
N LEU A 2473 -20.08 -24.61 11.49
CA LEU A 2473 -19.95 -23.84 12.72
C LEU A 2473 -19.12 -24.59 13.75
N ASP A 2474 -18.44 -23.85 14.61
CA ASP A 2474 -17.72 -24.45 15.73
C ASP A 2474 -18.71 -24.85 16.82
N LYS A 2475 -18.18 -25.44 17.89
CA LYS A 2475 -19.01 -26.17 18.85
C LYS A 2475 -20.01 -25.26 19.56
N LYS A 2476 -19.57 -24.07 19.98
CA LYS A 2476 -20.48 -23.16 20.67
C LYS A 2476 -21.62 -22.73 19.75
N PHE A 2477 -21.31 -22.41 18.50
CA PHE A 2477 -22.37 -22.06 17.57
C PHE A 2477 -23.20 -23.28 17.18
N LYS A 2478 -22.60 -24.48 17.21
CA LYS A 2478 -23.37 -25.70 17.00
C LYS A 2478 -24.47 -25.85 18.03
N MET A 2479 -24.11 -25.73 19.32
CA MET A 2479 -25.13 -25.89 20.36
C MET A 2479 -26.09 -24.70 20.38
N ILE A 2480 -25.60 -23.49 20.07
CA ILE A 2480 -26.49 -22.33 20.00
C ILE A 2480 -27.56 -22.53 18.93
N MET A 2481 -27.13 -22.93 17.72
CA MET A 2481 -28.08 -23.10 16.63
C MET A 2481 -29.01 -24.29 16.88
N ALA A 2482 -28.49 -25.38 17.45
CA ALA A 2482 -29.33 -26.52 17.78
C ALA A 2482 -30.41 -26.13 18.78
N MET A 2483 -30.03 -25.39 19.83
CA MET A 2483 -31.00 -25.00 20.85
C MET A 2483 -32.03 -24.02 20.32
N THR A 2484 -31.61 -22.99 19.56
CA THR A 2484 -32.60 -22.04 19.06
C THR A 2484 -33.48 -22.67 17.98
N MET A 2485 -32.98 -23.66 17.23
CA MET A 2485 -33.79 -24.30 16.21
C MET A 2485 -34.82 -25.23 16.83
N PHE A 2486 -34.41 -25.98 17.86
CA PHE A 2486 -35.37 -26.78 18.61
C PHE A 2486 -36.40 -25.90 19.29
N CYS A 2487 -35.97 -24.74 19.79
CA CYS A 2487 -36.90 -23.78 20.37
C CYS A 2487 -37.92 -23.31 19.36
N LEU A 2488 -37.46 -22.94 18.15
CA LEU A 2488 -38.39 -22.47 17.12
C LEU A 2488 -39.39 -23.55 16.74
N TYR A 2489 -38.91 -24.78 16.53
CA TYR A 2489 -39.81 -25.86 16.14
C TYR A 2489 -40.84 -26.16 17.23
N LYS A 2490 -40.39 -26.27 18.48
CA LYS A 2490 -41.31 -26.63 19.55
C LYS A 2490 -42.24 -25.48 19.91
N PHE A 2491 -41.82 -24.24 19.68
CA PHE A 2491 -42.72 -23.10 19.91
C PHE A 2491 -43.79 -23.05 18.83
N ASP A 2492 -43.44 -23.43 17.60
CA ASP A 2492 -44.48 -23.57 16.57
C ASP A 2492 -45.43 -24.70 16.91
N ILE A 2493 -44.92 -25.83 17.40
CA ILE A 2493 -45.77 -27.00 17.58
C ILE A 2493 -46.53 -26.94 18.90
N GLU A 2494 -45.82 -26.74 20.01
CA GLU A 2494 -46.42 -26.89 21.33
C GLU A 2494 -47.20 -25.64 21.73
N SER A 2495 -47.61 -25.58 23.00
CA SER A 2495 -48.47 -24.53 23.51
C SER A 2495 -47.65 -23.39 24.07
N GLU A 2496 -48.31 -22.47 24.79
CA GLU A 2496 -47.67 -21.30 25.37
C GLU A 2496 -46.99 -21.58 26.69
N GLN A 2497 -47.57 -22.47 27.51
CA GLN A 2497 -46.97 -22.80 28.81
C GLN A 2497 -45.63 -23.52 28.60
N TYR A 2498 -45.55 -24.38 27.59
CA TYR A 2498 -44.29 -25.03 27.25
C TYR A 2498 -43.25 -23.99 26.85
N LYS A 2499 -43.65 -22.98 26.06
CA LYS A 2499 -42.73 -21.93 25.66
C LYS A 2499 -42.26 -21.12 26.87
N GLU A 2500 -43.18 -20.82 27.80
CA GLU A 2500 -42.80 -20.09 29.00
C GLU A 2500 -41.82 -20.89 29.85
N ALA A 2501 -42.05 -22.21 29.96
CA ALA A 2501 -41.13 -23.06 30.69
C ALA A 2501 -39.76 -23.09 30.03
N VAL A 2502 -39.72 -23.16 28.70
CA VAL A 2502 -38.44 -23.17 27.99
C VAL A 2502 -37.72 -21.83 28.18
N LEU A 2503 -38.45 -20.72 28.13
CA LEU A 2503 -37.84 -19.42 28.36
C LEU A 2503 -37.27 -19.29 29.76
N THR A 2504 -38.02 -19.72 30.79
CA THR A 2504 -37.49 -19.57 32.14
C THR A 2504 -36.36 -20.56 32.42
N MET A 2505 -36.34 -21.69 31.74
CA MET A 2505 -35.25 -22.64 31.90
C MET A 2505 -33.99 -22.16 31.20
N ILE A 2506 -34.12 -21.49 30.05
CA ILE A 2506 -32.98 -20.81 29.46
C ILE A 2506 -32.54 -19.64 30.33
N GLY A 2507 -33.49 -18.96 30.98
CA GLY A 2507 -33.14 -17.85 31.85
C GLY A 2507 -32.32 -18.28 33.06
N VAL A 2508 -32.75 -19.37 33.71
CA VAL A 2508 -31.94 -19.91 34.81
C VAL A 2508 -30.64 -20.51 34.27
N LEU A 2509 -30.64 -20.97 33.00
CA LEU A 2509 -29.37 -21.31 32.36
C LEU A 2509 -28.53 -20.07 32.08
N SER A 2510 -29.18 -18.95 31.73
CA SER A 2510 -28.48 -17.70 31.44
C SER A 2510 -28.27 -16.84 32.68
N GLU A 2511 -28.78 -17.26 33.84
CA GLU A 2511 -28.71 -16.50 35.09
C GLU A 2511 -29.36 -15.12 34.94
N SER A 2512 -30.42 -15.03 34.15
CA SER A 2512 -31.17 -13.80 33.96
C SER A 2512 -32.52 -13.82 34.66
N SER A 2513 -33.30 -14.89 34.47
CA SER A 2513 -34.57 -15.07 35.16
C SER A 2513 -34.51 -16.37 35.94
N ASP A 2514 -34.82 -16.30 37.23
CA ASP A 2514 -34.75 -17.44 38.12
C ASP A 2514 -36.15 -17.86 38.54
N GLY A 2515 -36.48 -19.13 38.32
CA GLY A 2515 -37.80 -19.63 38.68
C GLY A 2515 -38.06 -21.03 38.17
N VAL A 2516 -38.79 -21.82 38.94
CA VAL A 2516 -39.11 -23.20 38.53
C VAL A 2516 -40.13 -23.16 37.39
N PRO A 2517 -39.94 -23.96 36.34
CA PRO A 2517 -40.95 -24.02 35.27
C PRO A 2517 -42.25 -24.65 35.77
N LYS A 2518 -43.34 -24.29 35.10
CA LYS A 2518 -44.66 -24.78 35.48
C LYS A 2518 -44.79 -26.26 35.14
N LEU A 2519 -45.28 -27.03 36.10
CA LEU A 2519 -45.53 -28.45 35.87
C LEU A 2519 -46.73 -28.64 34.96
N THR A 2520 -46.64 -29.63 34.08
CA THR A 2520 -47.74 -29.95 33.17
C THR A 2520 -48.45 -31.21 33.62
N ASN A 2524 -44.42 -32.17 29.96
CA ASN A 2524 -44.81 -33.58 29.97
C ASN A 2524 -43.78 -34.40 30.73
N ASP A 2525 -42.88 -35.04 30.00
CA ASP A 2525 -41.79 -35.82 30.58
C ASP A 2525 -40.41 -35.34 30.18
N ASP A 2526 -40.25 -34.83 28.96
CA ASP A 2526 -38.97 -34.31 28.51
C ASP A 2526 -38.53 -33.11 29.34
N LEU A 2527 -39.48 -32.22 29.66
CA LEU A 2527 -39.17 -31.08 30.52
C LEU A 2527 -38.70 -31.52 31.89
N ARG A 2528 -39.25 -32.63 32.41
CA ARG A 2528 -38.77 -33.17 33.67
C ARG A 2528 -37.34 -33.68 33.56
N TYR A 2529 -37.00 -34.31 32.43
CA TYR A 2529 -35.63 -34.76 32.22
C TYR A 2529 -34.65 -33.59 32.17
N LEU A 2530 -35.02 -32.52 31.47
CA LEU A 2530 -34.13 -31.36 31.42
C LEU A 2530 -34.08 -30.63 32.76
N TRP A 2531 -35.17 -30.64 33.51
CA TRP A 2531 -35.17 -30.08 34.85
C TRP A 2531 -34.24 -30.85 35.77
N ASP A 2532 -34.25 -32.18 35.68
CA ASP A 2532 -33.31 -32.99 36.44
C ASP A 2532 -31.87 -32.74 35.99
N TYR A 2533 -31.67 -32.52 34.69
CA TYR A 2533 -30.33 -32.20 34.19
C TYR A 2533 -29.81 -30.88 34.74
N VAL A 2534 -30.67 -29.86 34.80
CA VAL A 2534 -30.22 -28.53 35.19
C VAL A 2534 -30.19 -28.35 36.70
N THR A 2535 -31.05 -29.05 37.46
CA THR A 2535 -31.00 -28.94 38.91
C THR A 2535 -29.82 -29.69 39.50
N THR A 2536 -29.33 -30.71 38.80
CA THR A 2536 -28.12 -31.42 39.21
C THR A 2536 -26.84 -30.70 38.79
N LYS A 2537 -26.96 -29.44 38.36
CA LYS A 2537 -25.83 -28.59 37.96
C LYS A 2537 -25.02 -29.22 36.83
N SER A 2538 -25.73 -29.83 35.88
CA SER A 2538 -25.11 -30.42 34.69
C SER A 2538 -25.49 -29.52 33.51
N TYR A 2539 -24.68 -28.48 33.29
CA TYR A 2539 -24.98 -27.50 32.26
C TYR A 2539 -24.71 -28.04 30.86
N ILE A 2540 -23.61 -28.78 30.70
CA ILE A 2540 -23.27 -29.33 29.38
C ILE A 2540 -24.32 -30.35 28.95
N SER A 2541 -24.78 -31.17 29.88
CA SER A 2541 -25.85 -32.12 29.58
C SER A 2541 -27.13 -31.39 29.17
N ALA A 2542 -27.45 -30.30 29.85
CA ALA A 2542 -28.63 -29.52 29.49
C ALA A 2542 -28.50 -28.91 28.11
N LEU A 2543 -27.31 -28.40 27.76
CA LEU A 2543 -27.10 -27.82 26.44
C LEU A 2543 -27.19 -28.88 25.35
N ASN A 2544 -26.61 -30.05 25.57
CA ASN A 2544 -26.59 -31.08 24.55
C ASN A 2544 -27.83 -31.97 24.56
N TRP A 2545 -28.72 -31.79 25.52
CA TRP A 2545 -29.94 -32.60 25.56
C TRP A 2545 -30.85 -32.28 24.37
N PHE A 2546 -30.83 -31.04 23.89
CA PHE A 2546 -31.60 -30.68 22.71
C PHE A 2546 -31.09 -31.41 21.47
N LYS A 2547 -29.76 -31.51 21.32
CA LYS A 2547 -29.20 -32.33 20.24
C LYS A 2547 -29.56 -33.81 20.45
N ASN A 2548 -29.58 -34.25 21.71
CA ASN A 2548 -29.92 -35.65 22.00
C ASN A 2548 -31.36 -35.96 21.57
N GLU A 2549 -32.29 -35.06 21.87
CA GLU A 2549 -33.71 -35.34 21.66
C GLU A 2549 -34.18 -34.99 20.25
N PHE A 2550 -33.98 -33.75 19.82
CA PHE A 2550 -34.58 -33.29 18.57
C PHE A 2550 -33.85 -33.88 17.35
N PHE A 2551 -32.57 -33.58 17.21
CA PHE A 2551 -31.84 -33.95 16.00
C PHE A 2551 -31.31 -35.38 16.12
N VAL A 2552 -31.68 -36.21 15.16
CA VAL A 2552 -31.36 -37.64 15.20
C VAL A 2552 -30.34 -38.02 14.13
N ASP A 2553 -29.54 -37.06 13.66
CA ASP A 2553 -28.51 -37.35 12.67
C ASP A 2553 -27.41 -36.32 12.79
N GLU A 2554 -26.19 -36.73 12.43
CA GLU A 2554 -25.03 -35.86 12.44
C GLU A 2554 -24.17 -36.17 11.22
N TRP A 2555 -23.43 -35.16 10.76
CA TRP A 2555 -22.61 -35.27 9.56
C TRP A 2555 -21.17 -34.92 9.89
N ASN A 2556 -20.25 -35.77 9.46
CA ASN A 2556 -18.82 -35.51 9.55
C ASN A 2556 -18.33 -34.95 8.21
N ILE A 2557 -17.00 -34.89 8.05
CA ILE A 2557 -16.44 -34.43 6.78
C ILE A 2557 -16.79 -35.39 5.65
N ALA A 2558 -16.75 -36.71 5.94
CA ALA A 2558 -17.06 -37.71 4.92
C ALA A 2558 -18.49 -37.59 4.43
N ASP A 2559 -19.45 -37.40 5.35
CA ASP A 2559 -20.84 -37.26 4.95
C ASP A 2559 -21.07 -35.96 4.17
N VAL A 2560 -20.35 -34.90 4.52
CA VAL A 2560 -20.51 -33.63 3.81
C VAL A 2560 -19.99 -33.77 2.37
N VAL A 2561 -18.80 -34.35 2.21
CA VAL A 2561 -18.23 -34.50 0.88
C VAL A 2561 -19.05 -35.47 0.04
N ALA A 2562 -19.57 -36.54 0.67
CA ALA A 2562 -20.35 -37.53 -0.07
C ALA A 2562 -21.69 -36.96 -0.54
N ASN A 2563 -22.35 -36.17 0.31
CA ASN A 2563 -23.70 -35.66 0.03
C ASN A 2563 -23.69 -34.21 -0.46
N SER A 2564 -22.67 -33.83 -1.23
CA SER A 2564 -22.58 -32.48 -1.77
C SER A 2564 -22.46 -32.55 -3.29
N GLU A 2565 -23.32 -31.78 -3.98
CA GLU A 2565 -23.21 -31.63 -5.43
C GLU A 2565 -22.19 -30.58 -5.83
N ASN A 2566 -21.63 -29.84 -4.87
CA ASN A 2566 -20.64 -28.81 -5.15
C ASN A 2566 -19.32 -29.45 -5.53
N ASN A 2567 -18.51 -28.71 -6.29
CA ASN A 2567 -17.23 -29.19 -6.78
C ASN A 2567 -16.04 -28.68 -5.98
N TYR A 2568 -16.25 -27.71 -5.08
CA TYR A 2568 -15.15 -27.09 -4.37
C TYR A 2568 -15.47 -27.06 -2.88
N PHE A 2569 -14.45 -27.30 -2.06
CA PHE A 2569 -14.60 -27.34 -0.62
C PHE A 2569 -13.53 -26.49 0.04
N THR A 2570 -13.89 -25.91 1.19
CA THR A 2570 -12.94 -25.21 2.05
C THR A 2570 -13.15 -25.70 3.47
N MET A 2571 -12.06 -25.78 4.24
CA MET A 2571 -12.10 -26.29 5.60
C MET A 2571 -11.45 -25.27 6.52
N ALA A 2572 -12.14 -24.95 7.62
CA ALA A 2572 -11.65 -23.97 8.59
C ALA A 2572 -11.47 -24.63 9.94
N SER A 2573 -10.39 -24.26 10.62
CA SER A 2573 -10.15 -24.73 11.98
C SER A 2573 -9.32 -23.68 12.69
N GLU A 2574 -9.35 -23.74 14.01
CA GLU A 2574 -8.56 -22.83 14.84
C GLU A 2574 -7.08 -23.10 14.60
N ARG A 2575 -6.25 -22.12 14.94
CA ARG A 2575 -4.81 -22.33 14.90
C ARG A 2575 -4.41 -23.44 15.87
N ASP A 2576 -3.27 -24.07 15.56
CA ASP A 2576 -2.71 -25.19 16.31
C ASP A 2576 -3.61 -26.43 16.28
N VAL A 2577 -4.48 -26.54 15.27
CA VAL A 2577 -5.19 -27.79 14.99
C VAL A 2577 -5.49 -27.82 13.49
N ASP A 2578 -5.29 -28.98 12.87
CA ASP A 2578 -5.46 -29.15 11.44
C ASP A 2578 -6.21 -30.44 11.17
N GLY A 2579 -6.97 -30.44 10.08
CA GLY A 2579 -7.73 -31.60 9.66
C GLY A 2579 -7.28 -32.16 8.33
N THR A 2580 -6.02 -31.92 7.98
CA THR A 2580 -5.47 -32.44 6.74
C THR A 2580 -5.44 -33.97 6.75
N PHE A 2581 -5.15 -34.57 7.91
CA PHE A 2581 -5.12 -36.02 8.00
C PHE A 2581 -6.50 -36.63 7.82
N LYS A 2582 -7.56 -35.93 8.24
CA LYS A 2582 -8.92 -36.41 7.99
C LYS A 2582 -9.22 -36.43 6.49
N LEU A 2583 -8.78 -35.40 5.77
CA LEU A 2583 -8.97 -35.38 4.32
C LEU A 2583 -8.14 -36.45 3.63
N ILE A 2584 -6.94 -36.73 4.15
CA ILE A 2584 -6.13 -37.81 3.61
C ILE A 2584 -6.81 -39.17 3.83
N GLU A 2585 -7.38 -39.37 5.03
CA GLU A 2585 -8.12 -40.59 5.30
C GLU A 2585 -9.35 -40.71 4.41
N LEU A 2586 -10.03 -39.59 4.16
CA LEU A 2586 -11.16 -39.59 3.24
C LEU A 2586 -10.73 -39.97 1.82
N ALA A 2587 -9.61 -39.43 1.36
CA ALA A 2587 -9.10 -39.77 0.04
C ALA A 2587 -8.74 -41.24 -0.06
N LYS A 2588 -8.10 -41.79 0.97
CA LYS A 2588 -7.77 -43.21 0.96
C LYS A 2588 -9.02 -44.08 1.04
N ALA A 2589 -10.07 -43.60 1.70
CA ALA A 2589 -11.31 -44.36 1.79
C ALA A 2589 -12.04 -44.39 0.46
N SER A 2590 -12.00 -43.30 -0.30
CA SER A 2590 -12.66 -43.21 -1.60
C SER A 2590 -11.75 -43.65 -2.74
N LYS A 2591 -10.55 -44.15 -2.43
CA LYS A 2591 -9.57 -44.64 -3.41
C LYS A 2591 -9.23 -43.58 -4.44
N GLU A 2592 -9.06 -42.34 -3.97
CA GLU A 2592 -8.67 -41.23 -4.81
C GLU A 2592 -7.21 -40.86 -4.53
N SER A 2593 -6.75 -39.80 -5.18
CA SER A 2593 -5.38 -39.32 -5.03
C SER A 2593 -5.40 -37.83 -4.75
N LEU A 2594 -4.69 -37.40 -3.72
CA LEU A 2594 -4.55 -36.00 -3.39
C LEU A 2594 -3.29 -35.42 -4.02
N LYS A 2595 -3.19 -34.10 -3.97
CA LYS A 2595 -1.98 -33.39 -4.38
C LYS A 2595 -1.88 -32.16 -3.48
N ILE A 2596 -1.15 -32.30 -2.37
CA ILE A 2596 -1.07 -31.26 -1.35
C ILE A 2596 -0.26 -30.11 -1.92
N ILE A 2597 -0.93 -28.99 -2.19
CA ILE A 2597 -0.26 -27.80 -2.71
C ILE A 2597 -0.42 -26.67 -1.71
N PRO A 2598 0.49 -26.50 -0.77
CA PRO A 2598 0.43 -25.36 0.13
C PRO A 2598 0.68 -24.05 -0.63
N LEU A 2599 0.07 -22.99 -0.13
CA LEU A 2599 0.13 -21.68 -0.77
C LEU A 2599 1.06 -20.75 0.02
N GLY A 2600 1.60 -19.77 -0.68
CA GLY A 2600 2.48 -18.81 -0.03
C GLY A 2600 3.65 -18.34 -0.88
N SER A 2601 3.89 -18.99 -2.01
CA SER A 2601 5.00 -18.61 -2.88
C SER A 2601 4.59 -18.77 -4.33
N ILE A 2602 5.34 -18.07 -5.20
CA ILE A 2602 4.99 -17.98 -6.62
C ILE A 2602 5.06 -19.36 -7.28
N GLU A 2603 6.10 -20.13 -6.96
CA GLU A 2603 6.25 -21.46 -7.56
C GLU A 2603 5.09 -22.37 -7.16
N ASN A 2604 4.66 -22.30 -5.90
CA ASN A 2604 3.51 -23.08 -5.45
C ASN A 2604 2.25 -22.65 -6.16
N LEU A 2605 2.08 -21.34 -6.38
CA LEU A 2605 0.90 -20.86 -7.10
C LEU A 2605 0.89 -21.36 -8.55
N ASN A 2606 2.05 -21.33 -9.22
CA ASN A 2606 2.12 -21.80 -10.59
C ASN A 2606 1.84 -23.30 -10.68
N TYR A 2607 2.44 -24.08 -9.78
CA TYR A 2607 2.18 -25.52 -9.76
C TYR A 2607 0.72 -25.79 -9.41
N ALA A 2608 0.11 -24.95 -8.57
CA ALA A 2608 -1.32 -25.08 -8.28
C ALA A 2608 -2.16 -24.85 -9.52
N GLN A 2609 -1.83 -23.82 -10.32
CA GLN A 2609 -2.58 -23.57 -11.55
C GLN A 2609 -2.46 -24.74 -12.52
N GLU A 2610 -1.23 -25.25 -12.70
CA GLU A 2610 -1.02 -26.37 -13.61
C GLU A 2610 -1.77 -27.62 -13.14
N GLU A 2611 -1.71 -27.91 -11.84
CA GLU A 2611 -2.41 -29.09 -11.33
C GLU A 2611 -3.92 -28.90 -11.39
N ILE A 2612 -4.40 -27.67 -11.21
CA ILE A 2612 -5.84 -27.40 -11.32
C ILE A 2612 -6.32 -27.69 -12.73
N SER A 2613 -5.57 -27.21 -13.73
CA SER A 2613 -5.93 -27.51 -15.11
C SER A 2613 -5.86 -29.01 -15.40
N LYS A 2614 -4.80 -29.68 -14.93
CA LYS A 2614 -4.62 -31.10 -15.20
C LYS A 2614 -5.72 -31.94 -14.57
N SER A 2615 -6.06 -31.67 -13.31
CA SER A 2615 -7.08 -32.43 -12.63
C SER A 2615 -8.49 -31.95 -12.96
N LYS A 2616 -8.63 -30.84 -13.67
CA LYS A 2616 -9.92 -30.53 -14.28
C LYS A 2616 -10.09 -31.29 -15.59
N ILE A 2617 -9.01 -31.52 -16.33
CA ILE A 2617 -9.15 -32.18 -17.62
C ILE A 2617 -9.04 -33.72 -17.55
N GLU A 2618 -8.56 -34.30 -16.43
CA GLU A 2618 -8.77 -35.73 -16.29
C GLU A 2618 -9.13 -36.18 -14.87
N GLY A 2619 -9.48 -35.28 -13.97
CA GLY A 2619 -9.97 -35.69 -12.66
C GLY A 2619 -8.87 -35.81 -11.63
N GLY A 2620 -9.28 -36.19 -10.42
CA GLY A 2620 -8.40 -36.31 -9.29
C GLY A 2620 -8.63 -35.20 -8.28
N TRP A 2621 -8.24 -35.48 -7.03
CA TRP A 2621 -8.43 -34.53 -5.95
C TRP A 2621 -7.23 -33.61 -5.80
N ILE A 2622 -7.50 -32.38 -5.37
CA ILE A 2622 -6.46 -31.40 -5.08
C ILE A 2622 -6.81 -30.76 -3.75
N LEU A 2623 -5.82 -30.62 -2.87
CA LEU A 2623 -6.00 -30.00 -1.57
C LEU A 2623 -5.03 -28.84 -1.46
N LEU A 2624 -5.56 -27.65 -1.14
CA LEU A 2624 -4.76 -26.45 -1.00
C LEU A 2624 -4.65 -26.09 0.48
N GLN A 2625 -3.44 -25.85 0.95
CA GLN A 2625 -3.16 -25.63 2.36
C GLN A 2625 -2.90 -24.16 2.61
N ASN A 2626 -3.51 -23.62 3.67
CA ASN A 2626 -3.28 -22.26 4.16
C ASN A 2626 -3.56 -21.22 3.08
N ILE A 2627 -4.78 -21.27 2.54
CA ILE A 2627 -5.17 -20.39 1.46
C ILE A 2627 -5.35 -18.95 1.91
N GLN A 2628 -5.40 -18.70 3.21
CA GLN A 2628 -5.46 -17.34 3.73
C GLN A 2628 -4.12 -16.65 3.71
N MET A 2629 -3.13 -17.20 3.02
CA MET A 2629 -1.79 -16.62 3.00
C MET A 2629 -1.37 -16.19 1.61
N SER A 2630 -2.23 -16.38 0.61
CA SER A 2630 -2.04 -15.95 -0.77
C SER A 2630 -3.30 -15.26 -1.25
N LEU A 2631 -3.77 -14.30 -0.45
CA LEU A 2631 -5.11 -13.75 -0.60
C LEU A 2631 -5.33 -13.07 -1.95
N SER A 2632 -4.27 -12.47 -2.51
CA SER A 2632 -4.42 -11.85 -3.83
C SER A 2632 -4.73 -12.90 -4.90
N TRP A 2633 -3.96 -13.99 -4.90
CA TRP A 2633 -4.20 -15.09 -5.84
C TRP A 2633 -5.56 -15.73 -5.58
N VAL A 2634 -5.95 -15.84 -4.31
CA VAL A 2634 -7.26 -16.40 -3.96
C VAL A 2634 -8.38 -15.51 -4.48
N LYS A 2635 -8.24 -14.19 -4.32
CA LYS A 2635 -9.26 -13.27 -4.77
C LYS A 2635 -9.36 -13.22 -6.29
N THR A 2636 -8.27 -13.45 -7.00
CA THR A 2636 -8.35 -13.39 -8.47
C THR A 2636 -8.64 -14.75 -9.09
N TYR A 2637 -7.67 -15.68 -8.99
CA TYR A 2637 -7.74 -16.88 -9.81
C TYR A 2637 -8.78 -17.86 -9.30
N LEU A 2638 -8.78 -18.12 -8.00
CA LEU A 2638 -9.74 -19.07 -7.45
C LEU A 2638 -11.17 -18.55 -7.58
N HIS A 2639 -11.36 -17.24 -7.41
CA HIS A 2639 -12.69 -16.66 -7.59
C HIS A 2639 -13.16 -16.80 -9.04
N LYS A 2640 -12.29 -16.46 -10.00
CA LYS A 2640 -12.73 -16.53 -11.39
C LYS A 2640 -12.84 -17.97 -11.89
N HIS A 2641 -12.19 -18.92 -11.21
CA HIS A 2641 -12.29 -20.31 -11.62
C HIS A 2641 -13.50 -21.01 -11.01
N VAL A 2642 -13.82 -20.74 -9.74
CA VAL A 2642 -15.04 -21.28 -9.16
C VAL A 2642 -16.26 -20.60 -9.77
N GLU A 2643 -16.14 -19.32 -10.16
CA GLU A 2643 -17.26 -18.62 -10.78
C GLU A 2643 -17.68 -19.25 -12.09
N GLU A 2644 -16.72 -19.67 -12.92
CA GLU A 2644 -17.04 -20.30 -14.19
C GLU A 2644 -17.28 -21.79 -14.01
N HIS A 2651 -14.67 -32.72 -14.68
CA HIS A 2651 -14.76 -34.14 -14.37
C HIS A 2651 -15.46 -34.34 -13.04
N GLU A 2652 -16.34 -35.36 -12.97
CA GLU A 2652 -17.04 -35.66 -11.73
C GLU A 2652 -16.10 -36.24 -10.68
N LYS A 2653 -15.00 -36.87 -11.10
CA LYS A 2653 -14.04 -37.46 -10.18
C LYS A 2653 -12.95 -36.47 -9.77
N PHE A 2654 -13.25 -35.17 -9.83
CA PHE A 2654 -12.32 -34.12 -9.43
C PHE A 2654 -12.95 -33.32 -8.30
N LYS A 2655 -12.15 -32.99 -7.29
CA LYS A 2655 -12.59 -32.18 -6.16
C LYS A 2655 -11.46 -31.27 -5.73
N MET A 2656 -11.83 -30.17 -5.09
CA MET A 2656 -10.87 -29.18 -4.61
C MET A 2656 -11.12 -28.93 -3.13
N PHE A 2657 -10.05 -29.04 -2.33
CA PHE A 2657 -10.12 -28.78 -0.91
C PHE A 2657 -9.22 -27.61 -0.56
N MET A 2658 -9.68 -26.77 0.35
CA MET A 2658 -8.93 -25.60 0.79
C MET A 2658 -8.92 -25.58 2.32
N THR A 2659 -7.80 -25.14 2.89
CA THR A 2659 -7.64 -25.07 4.33
C THR A 2659 -7.42 -23.62 4.74
N CYS A 2660 -8.24 -23.13 5.66
CA CYS A 2660 -8.19 -21.76 6.14
C CYS A 2660 -8.31 -21.75 7.65
N HIS A 2661 -8.05 -20.60 8.25
CA HIS A 2661 -8.11 -20.43 9.70
C HIS A 2661 -9.28 -19.54 10.07
N LEU A 2662 -9.96 -19.89 11.16
CA LEU A 2662 -11.09 -19.09 11.63
C LEU A 2662 -10.64 -17.74 12.15
N THR A 2663 -9.44 -17.66 12.71
CA THR A 2663 -8.90 -16.42 13.28
C THR A 2663 -7.96 -15.70 12.33
N GLY A 2664 -7.92 -16.11 11.07
CA GLY A 2664 -7.06 -15.48 10.09
C GLY A 2664 -7.73 -14.30 9.41
N ASP A 2665 -7.23 -13.97 8.22
CA ASP A 2665 -7.78 -12.88 7.45
C ASP A 2665 -9.13 -13.27 6.86
N LYS A 2666 -9.83 -12.28 6.31
CA LYS A 2666 -11.17 -12.49 5.80
C LYS A 2666 -11.11 -13.06 4.39
N LEU A 2667 -11.61 -14.28 4.24
CA LEU A 2667 -11.74 -14.87 2.90
C LEU A 2667 -12.85 -14.15 2.13
N PRO A 2668 -12.75 -14.10 0.81
CA PRO A 2668 -13.77 -13.39 0.01
C PRO A 2668 -15.14 -14.05 0.17
N ALA A 2669 -16.15 -13.19 0.36
CA ALA A 2669 -17.53 -13.68 0.41
C ALA A 2669 -17.98 -14.32 -0.90
N PRO A 2670 -17.76 -13.74 -2.10
CA PRO A 2670 -18.17 -14.47 -3.32
C PRO A 2670 -17.48 -15.80 -3.49
N LEU A 2671 -16.24 -15.94 -3.02
CA LEU A 2671 -15.58 -17.24 -3.07
C LEU A 2671 -16.13 -18.19 -2.01
N LEU A 2672 -16.40 -17.68 -0.81
CA LEU A 2672 -16.85 -18.54 0.28
C LEU A 2672 -18.25 -19.08 0.05
N GLN A 2673 -19.15 -18.25 -0.49
CA GLN A 2673 -20.53 -18.69 -0.69
C GLN A 2673 -20.66 -19.71 -1.81
N ARG A 2674 -19.65 -19.85 -2.66
CA ARG A 2674 -19.68 -20.82 -3.75
C ARG A 2674 -19.02 -22.14 -3.41
N THR A 2675 -18.40 -22.25 -2.22
CA THR A 2675 -17.73 -23.47 -1.79
C THR A 2675 -18.34 -23.95 -0.48
N ASP A 2676 -18.48 -25.26 -0.33
CA ASP A 2676 -18.96 -25.82 0.93
C ASP A 2676 -17.94 -25.59 2.04
N ARG A 2677 -18.45 -25.28 3.22
CA ARG A 2677 -17.63 -24.94 4.37
C ARG A 2677 -17.78 -25.99 5.45
N VAL A 2678 -16.64 -26.52 5.93
CA VAL A 2678 -16.62 -27.49 7.01
C VAL A 2678 -15.66 -26.97 8.08
N VAL A 2679 -16.11 -27.03 9.34
CA VAL A 2679 -15.27 -26.65 10.47
C VAL A 2679 -14.87 -27.92 11.20
N TYR A 2680 -13.58 -28.22 11.19
CA TYR A 2680 -13.05 -29.41 11.87
C TYR A 2680 -12.56 -29.01 13.25
N GLU A 2681 -13.20 -29.57 14.28
CA GLU A 2681 -12.76 -29.39 15.65
C GLU A 2681 -12.79 -30.74 16.35
N ASP A 2682 -12.04 -30.84 17.44
CA ASP A 2682 -11.95 -32.07 18.19
C ASP A 2682 -13.31 -32.42 18.81
N ILE A 2683 -13.58 -33.71 18.89
CA ILE A 2683 -14.87 -34.18 19.41
C ILE A 2683 -14.96 -33.86 20.90
N PRO A 2684 -16.02 -33.18 21.35
CA PRO A 2684 -16.05 -32.72 22.75
C PRO A 2684 -16.29 -33.83 23.76
N GLY A 2685 -16.74 -35.01 23.33
CA GLY A 2685 -17.02 -36.08 24.26
C GLY A 2685 -15.78 -36.82 24.70
N ILE A 2686 -16.01 -37.92 25.43
CA ILE A 2686 -14.93 -38.78 25.89
C ILE A 2686 -15.10 -40.16 25.25
N LEU A 2687 -16.26 -40.78 25.52
CA LEU A 2687 -16.57 -42.06 24.89
C LEU A 2687 -16.65 -41.93 23.38
N ASP A 2688 -17.10 -40.78 22.88
CA ASP A 2688 -17.10 -40.54 21.44
C ASP A 2688 -15.68 -40.49 20.88
N THR A 2689 -14.75 -39.88 21.61
CA THR A 2689 -13.36 -39.86 21.18
C THR A 2689 -12.75 -41.25 21.21
N VAL A 2690 -13.07 -42.05 22.23
CA VAL A 2690 -12.60 -43.43 22.28
C VAL A 2690 -13.14 -44.21 21.09
N LYS A 2691 -14.43 -44.05 20.78
CA LYS A 2691 -15.03 -44.75 19.66
C LYS A 2691 -14.40 -44.32 18.34
N ASP A 2692 -14.10 -43.03 18.20
CA ASP A 2692 -13.47 -42.53 16.98
C ASP A 2692 -12.07 -43.11 16.81
N LEU A 2693 -11.25 -43.08 17.87
CA LEU A 2693 -9.90 -43.61 17.76
C LEU A 2693 -9.89 -45.12 17.63
N TRP A 2694 -10.92 -45.80 18.13
CA TRP A 2694 -11.01 -47.25 17.97
C TRP A 2694 -11.46 -47.63 16.56
N GLY A 2695 -12.38 -46.84 15.98
CA GLY A 2695 -12.78 -47.05 14.61
C GLY A 2695 -11.78 -46.61 13.57
N SER A 2696 -10.83 -45.76 13.95
CA SER A 2696 -9.76 -45.36 13.03
C SER A 2696 -8.76 -46.48 12.77
N GLN A 2697 -8.81 -47.57 13.53
CA GLN A 2697 -7.93 -48.71 13.30
C GLN A 2697 -8.63 -49.77 12.47
N GLY A 2705 -0.52 -59.40 17.62
CA GLY A 2705 -1.30 -60.32 18.43
C GLY A 2705 -2.39 -59.65 19.23
N VAL A 2706 -2.83 -60.32 20.30
CA VAL A 2706 -3.88 -59.76 21.16
C VAL A 2706 -3.35 -58.59 21.97
N TRP A 2707 -2.07 -58.65 22.37
CA TRP A 2707 -1.56 -57.65 23.29
C TRP A 2707 -1.38 -56.31 22.59
N SER A 2708 -1.10 -56.32 21.29
CA SER A 2708 -1.08 -55.08 20.53
C SER A 2708 -2.45 -54.42 20.50
N VAL A 2709 -3.50 -55.23 20.36
CA VAL A 2709 -4.86 -54.71 20.40
C VAL A 2709 -5.17 -54.11 21.77
N TYR A 2710 -4.76 -54.80 22.84
CA TYR A 2710 -4.99 -54.28 24.19
C TYR A 2710 -4.25 -52.97 24.42
N CYS A 2711 -2.99 -52.89 23.98
CA CYS A 2711 -2.21 -51.68 24.16
C CYS A 2711 -2.77 -50.54 23.32
N THR A 2712 -3.27 -50.83 22.11
CA THR A 2712 -3.91 -49.81 21.30
C THR A 2712 -5.18 -49.30 21.96
N PHE A 2713 -5.96 -50.19 22.57
CA PHE A 2713 -7.16 -49.79 23.30
C PHE A 2713 -6.81 -48.87 24.46
N LEU A 2714 -5.80 -49.25 25.24
CA LEU A 2714 -5.39 -48.43 26.38
C LEU A 2714 -4.85 -47.08 25.92
N LEU A 2715 -4.10 -47.05 24.82
CA LEU A 2715 -3.59 -45.79 24.30
C LEU A 2715 -4.71 -44.89 23.81
N SER A 2716 -5.71 -45.46 23.13
CA SER A 2716 -6.85 -44.66 22.68
C SER A 2716 -7.61 -44.07 23.87
N TRP A 2717 -7.80 -44.87 24.91
CA TRP A 2717 -8.44 -44.37 26.13
C TRP A 2717 -7.63 -43.24 26.77
N PHE A 2718 -6.31 -43.42 26.85
CA PHE A 2718 -5.44 -42.40 27.44
C PHE A 2718 -5.48 -41.10 26.64
N HIS A 2719 -5.43 -41.21 25.30
CA HIS A 2719 -5.48 -40.02 24.46
C HIS A 2719 -6.82 -39.31 24.59
N ALA A 2720 -7.92 -40.07 24.64
CA ALA A 2720 -9.23 -39.44 24.80
C ALA A 2720 -9.35 -38.74 26.14
N LEU A 2721 -8.87 -39.37 27.22
CA LEU A 2721 -8.95 -38.76 28.54
C LEU A 2721 -8.10 -37.50 28.62
N ILE A 2722 -6.88 -37.54 28.04
CA ILE A 2722 -6.03 -36.35 28.14
C ILE A 2722 -6.55 -35.23 27.23
N THR A 2723 -7.18 -35.57 26.10
CA THR A 2723 -7.75 -34.51 25.27
C THR A 2723 -9.03 -33.94 25.88
N ALA A 2724 -9.75 -34.75 26.66
CA ALA A 2724 -10.87 -34.20 27.42
C ALA A 2724 -10.37 -33.32 28.56
N ARG A 2725 -9.23 -33.66 29.15
CA ARG A 2725 -8.70 -32.88 30.26
C ARG A 2725 -8.07 -31.56 29.80
N THR A 2726 -7.49 -31.53 28.60
CA THR A 2726 -6.74 -30.35 28.18
C THR A 2726 -7.62 -29.15 27.86
N ARG A 2727 -8.94 -29.31 27.73
CA ARG A 2727 -9.80 -28.17 27.44
C ARG A 2727 -10.23 -27.42 28.70
N LEU A 2728 -9.98 -27.96 29.88
CA LEU A 2728 -10.20 -27.24 31.13
C LEU A 2728 -8.95 -26.44 31.42
N VAL A 2729 -8.97 -25.17 31.00
CA VAL A 2729 -7.74 -24.36 31.00
C VAL A 2729 -7.15 -24.13 32.38
N PRO A 2730 -7.90 -23.66 33.39
CA PRO A 2730 -7.22 -23.25 34.64
C PRO A 2730 -6.93 -24.39 35.61
N HIS A 2731 -7.65 -25.51 35.54
CA HIS A 2731 -7.48 -26.53 36.57
C HIS A 2731 -7.16 -27.90 35.97
N GLY A 2732 -7.62 -28.17 34.76
CA GLY A 2732 -7.25 -29.42 34.10
C GLY A 2732 -5.77 -29.49 33.77
N PHE A 2733 -5.22 -28.40 33.23
CA PHE A 2733 -3.80 -28.24 33.00
C PHE A 2733 -3.41 -26.85 33.49
N SER A 2734 -2.13 -26.51 33.36
CA SER A 2734 -1.69 -25.15 33.66
C SER A 2734 -1.78 -24.24 32.45
N LYS A 2735 -1.97 -24.78 31.26
CA LYS A 2735 -2.04 -24.02 30.02
C LYS A 2735 -2.97 -24.76 29.07
N LYS A 2736 -2.92 -24.40 27.79
CA LYS A 2736 -3.70 -25.07 26.75
C LYS A 2736 -2.75 -25.87 25.88
N TYR A 2737 -2.92 -27.19 25.89
CA TYR A 2737 -2.08 -28.09 25.12
C TYR A 2737 -2.92 -28.83 24.09
N TYR A 2738 -2.30 -29.14 22.95
CA TYR A 2738 -2.93 -29.87 21.87
C TYR A 2738 -2.36 -31.27 21.80
N PHE A 2739 -3.23 -32.25 21.54
CA PHE A 2739 -2.83 -33.64 21.39
C PHE A 2739 -3.51 -34.20 20.15
N ASN A 2740 -2.76 -34.30 19.07
CA ASN A 2740 -3.27 -34.62 17.75
C ASN A 2740 -2.96 -36.08 17.40
N ASP A 2741 -3.29 -36.46 16.17
CA ASP A 2741 -3.13 -37.84 15.73
C ASP A 2741 -1.67 -38.27 15.65
N CYS A 2742 -0.73 -37.31 15.55
CA CYS A 2742 0.68 -37.66 15.49
C CYS A 2742 1.15 -38.29 16.80
N ASP A 2743 0.68 -37.78 17.94
CA ASP A 2743 1.05 -38.35 19.22
C ASP A 2743 0.51 -39.76 19.37
N PHE A 2744 -0.74 -39.97 18.96
CA PHE A 2744 -1.32 -41.31 19.00
C PHE A 2744 -0.56 -42.27 18.10
N GLN A 2745 -0.16 -41.81 16.90
CA GLN A 2745 0.60 -42.65 15.99
C GLN A 2745 1.95 -43.03 16.58
N PHE A 2746 2.67 -42.06 17.15
CA PHE A 2746 4.00 -42.35 17.67
C PHE A 2746 3.94 -43.24 18.91
N ALA A 2747 2.96 -43.01 19.79
CA ALA A 2747 2.82 -43.90 20.93
C ALA A 2747 2.40 -45.30 20.51
N SER A 2748 1.57 -45.43 19.47
CA SER A 2748 1.20 -46.74 18.96
C SER A 2748 2.41 -47.46 18.37
N VAL A 2749 3.25 -46.74 17.62
CA VAL A 2749 4.46 -47.33 17.06
C VAL A 2749 5.40 -47.77 18.18
N TYR A 2750 5.54 -46.96 19.22
CA TYR A 2750 6.38 -47.35 20.35
C TYR A 2750 5.83 -48.59 21.04
N LEU A 2751 4.52 -48.67 21.21
CA LEU A 2751 3.91 -49.85 21.85
C LEU A 2751 4.13 -51.10 21.01
N GLU A 2752 3.97 -50.99 19.69
CA GLU A 2752 4.22 -52.13 18.81
C GLU A 2752 5.68 -52.54 18.84
N ASN A 2753 6.60 -51.56 18.88
CA ASN A 2753 8.02 -51.85 18.93
C ASN A 2753 8.40 -52.55 20.24
N VAL A 2754 7.80 -52.12 21.35
CA VAL A 2754 8.05 -52.78 22.63
C VAL A 2754 7.50 -54.19 22.63
N LEU A 2755 6.27 -54.37 22.15
CA LEU A 2755 5.64 -55.68 22.21
C LEU A 2755 6.28 -56.67 21.24
N ALA A 2756 6.82 -56.19 20.13
CA ALA A 2756 7.50 -57.07 19.19
C ALA A 2756 8.89 -57.47 19.69
N THR A 2757 9.59 -56.55 20.33
CA THR A 2757 10.96 -56.79 20.80
C THR A 2757 11.01 -57.41 22.20
N ASN A 2758 9.86 -57.62 22.84
CA ASN A 2758 9.80 -58.29 24.14
C ASN A 2758 8.75 -59.40 24.02
N SER A 2759 9.19 -60.57 23.55
CA SER A 2759 8.33 -61.73 23.37
C SER A 2759 8.24 -62.60 24.62
N THR A 2760 8.93 -62.24 25.69
CA THR A 2760 8.89 -63.00 26.93
C THR A 2760 7.66 -62.69 27.78
N ASN A 2761 6.82 -61.75 27.33
CA ASN A 2761 5.52 -61.42 27.91
C ASN A 2761 5.61 -60.82 29.32
N ASN A 2762 6.80 -60.47 29.77
CA ASN A 2762 6.97 -59.67 30.99
C ASN A 2762 7.18 -58.23 30.53
N ILE A 2763 6.10 -57.64 30.04
CA ILE A 2763 6.16 -56.35 29.34
C ILE A 2763 6.50 -55.25 30.34
N PRO A 2764 7.55 -54.45 30.08
CA PRO A 2764 7.94 -53.42 31.05
C PRO A 2764 6.99 -52.24 31.07
N TRP A 2765 5.95 -52.33 31.92
CA TRP A 2765 4.97 -51.25 32.00
C TRP A 2765 5.58 -49.96 32.55
N ALA A 2766 6.58 -50.06 33.42
CA ALA A 2766 7.25 -48.85 33.90
C ALA A 2766 7.95 -48.13 32.76
N GLN A 2767 8.59 -48.88 31.86
CA GLN A 2767 9.25 -48.29 30.70
C GLN A 2767 8.25 -47.61 29.78
N VAL A 2768 7.12 -48.27 29.52
CA VAL A 2768 6.08 -47.70 28.65
C VAL A 2768 5.49 -46.44 29.28
N ARG A 2769 5.22 -46.48 30.59
CA ARG A 2769 4.69 -45.32 31.29
C ARG A 2769 5.65 -44.15 31.20
N ASP A 2770 6.93 -44.38 31.50
CA ASP A 2770 7.91 -43.29 31.46
C ASP A 2770 8.07 -42.74 30.05
N HIS A 2771 8.07 -43.61 29.05
CA HIS A 2771 8.24 -43.13 27.67
C HIS A 2771 7.04 -42.31 27.22
N ILE A 2772 5.82 -42.81 27.44
CA ILE A 2772 4.65 -42.09 26.95
C ILE A 2772 4.43 -40.80 27.73
N ALA A 2773 4.63 -40.82 29.05
CA ALA A 2773 4.45 -39.60 29.84
C ALA A 2773 5.59 -38.63 29.67
N THR A 2774 6.75 -39.07 29.20
CA THR A 2774 7.93 -38.21 29.12
C THR A 2774 8.35 -37.86 27.70
N ILE A 2775 8.23 -38.80 26.75
CA ILE A 2775 8.73 -38.58 25.41
C ILE A 2775 7.61 -38.15 24.46
N VAL A 2776 6.62 -39.02 24.28
CA VAL A 2776 5.63 -38.82 23.22
C VAL A 2776 4.68 -37.69 23.58
N TYR A 2777 3.92 -37.85 24.67
CA TYR A 2777 2.95 -36.86 25.07
C TYR A 2777 3.52 -35.77 25.96
N GLY A 2778 4.75 -35.92 26.44
CA GLY A 2778 5.35 -34.98 27.34
C GLY A 2778 6.32 -33.99 26.73
N GLY A 2779 6.61 -34.11 25.44
CA GLY A 2779 7.49 -33.15 24.79
C GLY A 2779 6.87 -31.78 24.69
N LYS A 2780 5.57 -31.72 24.36
CA LYS A 2780 4.86 -30.45 24.28
C LYS A 2780 4.72 -29.79 25.64
N ILE A 2781 4.72 -30.57 26.71
CA ILE A 2781 4.45 -30.06 28.04
C ILE A 2781 5.67 -29.31 28.56
N ASP A 2782 5.45 -28.07 29.00
CA ASP A 2782 6.52 -27.20 29.47
C ASP A 2782 6.48 -26.96 30.97
N GLU A 2783 5.36 -27.20 31.63
CA GLU A 2783 5.23 -26.98 33.06
C GLU A 2783 5.35 -28.30 33.82
N GLU A 2784 6.04 -28.24 34.95
CA GLU A 2784 6.34 -29.45 35.72
C GLU A 2784 5.11 -30.04 36.40
N LYS A 2785 4.16 -29.21 36.81
CA LYS A 2785 2.91 -29.73 37.37
C LYS A 2785 2.13 -30.52 36.32
N ASP A 2786 2.13 -30.03 35.09
CA ASP A 2786 1.48 -30.75 34.01
C ASP A 2786 2.21 -32.05 33.67
N LEU A 2787 3.55 -32.05 33.80
CA LEU A 2787 4.29 -33.30 33.68
C LEU A 2787 3.90 -34.28 34.77
N GLU A 2788 3.69 -33.78 35.99
CA GLU A 2788 3.26 -34.65 37.08
C GLU A 2788 1.88 -35.24 36.83
N VAL A 2789 0.95 -34.41 36.31
CA VAL A 2789 -0.40 -34.93 36.09
C VAL A 2789 -0.44 -35.88 34.89
N VAL A 2790 0.38 -35.67 33.86
CA VAL A 2790 0.41 -36.64 32.77
C VAL A 2790 1.09 -37.92 33.22
N ALA A 2791 2.08 -37.83 34.12
CA ALA A 2791 2.67 -39.04 34.68
C ALA A 2791 1.66 -39.80 35.54
N LYS A 2792 0.84 -39.08 36.30
CA LYS A 2792 -0.22 -39.73 37.08
C LYS A 2792 -1.25 -40.39 36.17
N LEU A 2793 -1.63 -39.72 35.07
CA LEU A 2793 -2.57 -40.32 34.13
C LEU A 2793 -1.99 -41.57 33.49
N CYS A 2794 -0.71 -41.53 33.11
CA CYS A 2794 -0.07 -42.72 32.55
C CYS A 2794 0.07 -43.83 33.57
N ALA A 2795 0.28 -43.48 34.85
CA ALA A 2795 0.30 -44.49 35.90
C ALA A 2795 -1.08 -45.12 36.08
N HIS A 2796 -2.14 -44.34 35.87
CA HIS A 2796 -3.47 -44.88 36.01
C HIS A 2796 -3.86 -45.77 34.83
N VAL A 2797 -3.46 -45.39 33.62
CA VAL A 2797 -3.94 -46.10 32.43
C VAL A 2797 -3.02 -47.26 32.05
N PHE A 2798 -1.73 -47.17 32.35
CA PHE A 2798 -0.76 -48.21 32.00
C PHE A 2798 -0.16 -48.87 33.23
N CYS A 2799 -1.00 -49.17 34.22
CA CYS A 2799 -0.52 -49.83 35.43
C CYS A 2799 -0.14 -51.29 35.19
N GLY A 2800 -0.66 -51.90 34.13
CA GLY A 2800 -0.36 -53.29 33.85
C GLY A 2800 -0.91 -54.27 34.86
N SER A 2801 -2.13 -54.03 35.34
CA SER A 2801 -2.80 -54.94 36.26
C SER A 2801 -3.77 -55.84 35.52
N ASP A 2802 -4.11 -56.96 36.15
CA ASP A 2802 -5.07 -57.89 35.55
C ASP A 2802 -6.44 -57.26 35.42
N ASN A 2803 -6.89 -56.56 36.45
CA ASN A 2803 -8.16 -55.84 36.44
C ASN A 2803 -7.87 -54.37 36.66
N LEU A 2804 -8.24 -53.54 35.69
CA LEU A 2804 -7.99 -52.10 35.74
C LEU A 2804 -9.30 -51.36 35.57
N GLN A 2805 -9.59 -50.48 36.52
CA GLN A 2805 -10.79 -49.64 36.49
C GLN A 2805 -10.34 -48.28 35.94
N ILE A 2806 -10.28 -48.18 34.61
CA ILE A 2806 -9.75 -46.97 33.97
C ILE A 2806 -10.69 -45.79 34.17
N VAL A 2807 -11.99 -46.05 34.19
CA VAL A 2807 -12.99 -45.04 34.57
C VAL A 2807 -13.89 -45.67 35.62
N PRO A 2808 -14.52 -44.85 36.48
CA PRO A 2808 -15.33 -45.41 37.58
C PRO A 2808 -16.50 -46.29 37.14
N GLY A 2809 -16.79 -46.40 35.85
CA GLY A 2809 -17.87 -47.26 35.40
C GLY A 2809 -17.42 -48.49 34.64
N VAL A 2810 -16.33 -48.39 33.87
CA VAL A 2810 -15.91 -49.44 32.97
C VAL A 2810 -14.59 -50.04 33.45
N ARG A 2811 -14.54 -51.37 33.47
CA ARG A 2811 -13.36 -52.12 33.84
C ARG A 2811 -12.98 -53.06 32.70
N ILE A 2812 -11.70 -53.10 32.37
CA ILE A 2812 -11.20 -53.91 31.27
C ILE A 2812 -10.29 -55.01 31.81
N PRO A 2813 -10.50 -56.26 31.44
CA PRO A 2813 -9.58 -57.31 31.83
C PRO A 2813 -8.39 -57.39 30.88
N GLN A 2814 -7.38 -58.14 31.30
CA GLN A 2814 -6.22 -58.38 30.45
C GLN A 2814 -6.51 -59.52 29.47
N PRO A 2815 -5.84 -59.54 28.31
CA PRO A 2815 -6.09 -60.60 27.34
C PRO A 2815 -5.68 -61.97 27.84
N LEU A 2816 -6.38 -62.98 27.35
CA LEU A 2816 -6.08 -64.37 27.68
C LEU A 2816 -5.01 -64.90 26.72
N LEU A 2817 -4.69 -66.19 26.86
CA LEU A 2817 -3.66 -66.84 26.06
C LEU A 2817 -4.23 -67.85 25.08
N GLN A 2818 -5.54 -67.83 24.84
CA GLN A 2818 -6.17 -68.80 23.95
C GLN A 2818 -7.13 -68.14 22.95
N GLN A 2819 -7.07 -66.82 22.83
CA GLN A 2819 -7.94 -66.07 21.93
C GLN A 2819 -7.12 -65.49 20.77
N SER A 2820 -7.82 -64.85 19.84
CA SER A 2820 -7.22 -64.31 18.63
C SER A 2820 -7.49 -62.81 18.54
N GLU A 2821 -7.01 -62.22 17.44
CA GLU A 2821 -7.16 -60.78 17.23
C GLU A 2821 -8.62 -60.39 17.03
N GLU A 2822 -9.36 -61.17 16.24
CA GLU A 2822 -10.75 -60.83 15.93
C GLU A 2822 -11.63 -60.91 17.17
N GLU A 2823 -11.46 -61.96 17.97
CA GLU A 2823 -12.24 -62.09 19.20
C GLU A 2823 -11.89 -61.00 20.20
N GLU A 2824 -10.62 -60.62 20.28
CA GLU A 2824 -10.21 -59.53 21.16
C GLU A 2824 -10.83 -58.20 20.72
N ARG A 2825 -10.82 -57.93 19.41
CA ARG A 2825 -11.42 -56.71 18.91
C ARG A 2825 -12.93 -56.70 19.17
N ALA A 2826 -13.58 -57.85 18.99
CA ALA A 2826 -15.02 -57.95 19.28
C ALA A 2826 -15.32 -57.71 20.75
N ARG A 2827 -14.50 -58.29 21.64
CA ARG A 2827 -14.70 -58.11 23.07
C ARG A 2827 -14.52 -56.66 23.48
N LEU A 2828 -13.48 -56.00 22.95
CA LEU A 2828 -13.24 -54.61 23.34
C LEU A 2828 -14.29 -53.67 22.75
N THR A 2829 -14.75 -53.94 21.54
CA THR A 2829 -15.84 -53.15 20.97
C THR A 2829 -17.13 -53.35 21.77
N ALA A 2830 -17.37 -54.59 22.22
CA ALA A 2830 -18.55 -54.85 23.05
C ALA A 2830 -18.45 -54.12 24.39
N ILE A 2831 -17.27 -54.09 25.01
CA ILE A 2831 -17.14 -53.39 26.28
C ILE A 2831 -17.18 -51.87 26.09
N LEU A 2832 -16.89 -51.37 24.88
CA LEU A 2832 -17.11 -49.96 24.61
C LEU A 2832 -18.59 -49.65 24.40
N SER A 2833 -19.31 -50.55 23.72
CA SER A 2833 -20.73 -50.32 23.45
C SER A 2833 -21.54 -50.32 24.74
N ASN A 2834 -21.22 -51.21 25.68
CA ASN A 2834 -21.94 -51.28 26.94
C ASN A 2834 -21.61 -50.13 27.88
N THR A 2835 -20.55 -49.37 27.61
CA THR A 2835 -20.20 -48.24 28.45
C THR A 2835 -21.13 -47.07 28.19
N ILE A 2836 -21.69 -46.51 29.26
CA ILE A 2836 -22.60 -45.38 29.18
C ILE A 2836 -21.95 -44.21 29.89
N GLU A 2837 -21.74 -43.11 29.17
CA GLU A 2837 -21.14 -41.93 29.76
C GLU A 2837 -22.16 -41.23 30.65
N PRO A 2838 -21.86 -41.02 31.93
CA PRO A 2838 -22.79 -40.30 32.80
C PRO A 2838 -22.71 -38.79 32.55
N ALA A 2839 -23.70 -38.09 33.10
CA ALA A 2839 -23.76 -36.64 32.95
C ALA A 2839 -22.66 -35.91 33.71
N ASP A 2840 -21.96 -36.59 34.62
CA ASP A 2840 -20.90 -35.99 35.42
C ASP A 2840 -19.52 -36.46 34.99
N SER A 2841 -19.32 -36.68 33.69
CA SER A 2841 -18.08 -37.29 33.20
C SER A 2841 -16.93 -36.29 33.10
N LEU A 2842 -17.22 -34.99 33.14
CA LEU A 2842 -16.14 -34.01 33.05
C LEU A 2842 -15.32 -33.91 34.32
N SER A 2843 -15.85 -34.41 35.45
CA SER A 2843 -15.17 -34.35 36.74
C SER A 2843 -14.77 -35.71 37.27
N SER A 2844 -15.71 -36.66 37.31
CA SER A 2844 -15.43 -37.97 37.89
C SER A 2844 -14.45 -38.76 37.03
N TRP A 2845 -14.61 -38.72 35.71
CA TRP A 2845 -13.75 -39.51 34.83
C TRP A 2845 -12.33 -38.96 34.80
N LEU A 2846 -12.17 -37.65 34.88
CA LEU A 2846 -10.85 -37.03 34.91
C LEU A 2846 -10.29 -36.92 36.32
N GLN A 2847 -11.05 -37.34 37.34
CA GLN A 2847 -10.65 -37.27 38.75
C GLN A 2847 -10.25 -35.85 39.15
N LEU A 2848 -11.22 -34.94 39.07
CA LEU A 2848 -11.03 -33.53 39.35
C LEU A 2848 -12.10 -33.03 40.30
N PRO A 2849 -11.81 -31.99 41.07
CA PRO A 2849 -12.84 -31.41 41.95
C PRO A 2849 -13.97 -30.79 41.15
N ARG A 2850 -15.16 -30.78 41.77
CA ARG A 2850 -16.37 -30.41 41.07
C ARG A 2850 -16.44 -28.90 40.83
N GLU A 2851 -15.87 -28.10 41.72
CA GLU A 2851 -16.11 -26.65 41.71
C GLU A 2851 -15.57 -26.00 40.44
N SER A 2852 -14.38 -26.39 39.99
CA SER A 2852 -13.84 -25.85 38.74
C SER A 2852 -14.69 -26.24 37.55
N ILE A 2853 -15.21 -27.48 37.55
CA ILE A 2853 -16.11 -27.92 36.48
C ILE A 2853 -17.39 -27.10 36.50
N LEU A 2854 -17.89 -26.79 37.70
CA LEU A 2854 -19.07 -25.93 37.82
C LEU A 2854 -18.80 -24.56 37.22
N ASP A 2855 -17.64 -23.97 37.54
CA ASP A 2855 -17.33 -22.64 37.00
C ASP A 2855 -17.22 -22.67 35.48
N TYR A 2856 -16.53 -23.67 34.92
CA TYR A 2856 -16.33 -23.74 33.48
C TYR A 2856 -17.65 -23.99 32.75
N GLU A 2857 -18.42 -24.98 33.20
CA GLU A 2857 -19.69 -25.30 32.55
C GLU A 2857 -20.68 -24.16 32.71
N ARG A 2858 -20.68 -23.48 33.87
CA ARG A 2858 -21.58 -22.36 34.07
C ARG A 2858 -21.24 -21.20 33.16
N LEU A 2859 -19.95 -20.88 32.99
CA LEU A 2859 -19.57 -19.82 32.07
C LEU A 2859 -19.95 -20.16 30.64
N GLN A 2860 -19.70 -21.41 30.22
CA GLN A 2860 -20.03 -21.83 28.86
C GLN A 2860 -21.54 -21.75 28.61
N ALA A 2861 -22.32 -22.29 29.54
CA ALA A 2861 -23.78 -22.28 29.38
C ALA A 2861 -24.33 -20.87 29.44
N LYS A 2862 -23.75 -20.02 30.30
CA LYS A 2862 -24.19 -18.62 30.37
C LYS A 2862 -23.94 -17.90 29.06
N GLU A 2863 -22.77 -18.10 28.45
CA GLU A 2863 -22.49 -17.45 27.18
C GLU A 2863 -23.43 -17.96 26.09
N VAL A 2864 -23.64 -19.28 26.03
CA VAL A 2864 -24.52 -19.86 25.01
C VAL A 2864 -25.94 -19.36 25.17
N ALA A 2865 -26.44 -19.33 26.41
CA ALA A 2865 -27.82 -18.92 26.64
C ALA A 2865 -28.00 -17.42 26.48
N SER A 2866 -26.99 -16.61 26.80
CA SER A 2866 -27.07 -15.18 26.52
C SER A 2866 -27.12 -14.94 25.02
N SER A 2867 -26.33 -15.69 24.24
CA SER A 2867 -26.38 -15.56 22.79
C SER A 2867 -27.75 -15.96 22.25
N THR A 2868 -28.32 -17.05 22.74
CA THR A 2868 -29.62 -17.44 22.21
C THR A 2868 -30.75 -16.55 22.72
N GLU A 2869 -30.57 -15.85 23.84
CA GLU A 2869 -31.59 -14.90 24.26
C GLU A 2869 -31.51 -13.60 23.47
N GLN A 2870 -30.29 -13.20 23.09
CA GLN A 2870 -30.17 -12.05 22.19
C GLN A 2870 -30.62 -12.42 20.78
N LEU A 2871 -30.59 -13.70 20.43
CA LEU A 2871 -30.98 -14.13 19.09
C LEU A 2871 -32.47 -14.42 18.97
N LEU A 2872 -33.07 -15.03 19.99
CA LEU A 2872 -34.43 -15.56 19.87
C LEU A 2872 -35.49 -14.46 19.94
N GLN A 2873 -35.27 -13.41 20.73
CA GLN A 2873 -36.30 -12.40 20.92
C GLN A 2873 -36.54 -11.58 19.65
N GLU A 2874 -35.52 -11.36 18.84
CA GLU A 2874 -35.68 -10.60 17.60
C GLU A 2874 -36.10 -11.52 16.46
N VAL B 140 -14.46 60.43 -50.28
CA VAL B 140 -15.37 59.37 -50.70
C VAL B 140 -14.95 58.03 -50.08
N LEU B 141 -13.71 57.98 -49.59
CA LEU B 141 -13.20 56.80 -48.92
C LEU B 141 -12.94 57.01 -47.44
N LYS B 142 -13.12 58.22 -46.91
CA LYS B 142 -12.92 58.52 -45.51
C LYS B 142 -14.22 58.50 -44.70
N TRP B 143 -15.19 57.68 -45.09
CA TRP B 143 -16.48 57.67 -44.43
C TRP B 143 -16.39 57.01 -43.07
N ILE B 144 -16.98 57.65 -42.06
CA ILE B 144 -17.02 57.15 -40.70
C ILE B 144 -18.48 57.01 -40.30
N PRO B 145 -18.90 55.87 -39.75
CA PRO B 145 -20.30 55.72 -39.33
C PRO B 145 -20.64 56.64 -38.17
N ARG B 146 -21.94 56.91 -38.03
CA ARG B 146 -22.43 57.77 -36.96
C ARG B 146 -22.39 56.99 -35.63
N ASN B 147 -22.87 57.63 -34.56
CA ASN B 147 -22.86 57.02 -33.24
C ASN B 147 -24.12 56.24 -32.93
N LEU B 148 -25.06 56.14 -33.88
CA LEU B 148 -26.31 55.44 -33.63
C LEU B 148 -26.85 54.91 -34.94
N PRO B 149 -27.26 53.65 -35.00
CA PRO B 149 -27.85 53.11 -36.24
C PRO B 149 -29.22 53.72 -36.51
N SER B 150 -29.58 53.74 -37.79
CA SER B 150 -30.88 54.26 -38.20
C SER B 150 -31.94 53.19 -38.31
N CYS B 151 -31.55 51.91 -38.39
CA CYS B 151 -32.50 50.80 -38.45
C CYS B 151 -32.02 49.69 -37.53
N LEU B 152 -32.98 48.96 -36.97
CA LEU B 152 -32.70 47.82 -36.10
C LEU B 152 -33.38 46.59 -36.68
N ILE B 153 -32.63 45.50 -36.79
CA ILE B 153 -33.11 44.26 -37.40
C ILE B 153 -33.39 43.25 -36.30
N ASN B 154 -34.60 42.69 -36.30
CA ASN B 154 -35.01 41.68 -35.33
C ASN B 154 -34.95 40.30 -35.98
N VAL B 155 -34.21 39.39 -35.35
CA VAL B 155 -34.05 38.03 -35.84
C VAL B 155 -34.47 37.09 -34.72
N GLU B 156 -35.09 35.96 -35.10
CA GLU B 156 -35.56 34.99 -34.12
C GLU B 156 -34.44 34.37 -33.30
N SER B 157 -33.22 34.30 -33.86
CA SER B 157 -32.08 33.73 -33.15
C SER B 157 -30.85 34.60 -33.42
N SER B 158 -29.72 34.19 -32.87
CA SER B 158 -28.51 34.99 -32.95
C SER B 158 -27.96 35.02 -34.37
N VAL B 159 -27.37 36.15 -34.74
CA VAL B 159 -26.77 36.33 -36.06
C VAL B 159 -25.31 35.95 -35.99
N THR B 160 -24.88 35.05 -36.87
CA THR B 160 -23.50 34.57 -36.88
C THR B 160 -22.65 35.16 -38.00
N SER B 161 -23.25 35.53 -39.13
CA SER B 161 -22.50 36.12 -40.23
C SER B 161 -23.43 36.98 -41.07
N VAL B 162 -22.86 38.04 -41.66
CA VAL B 162 -23.58 38.92 -42.57
C VAL B 162 -22.70 39.17 -43.78
N LYS B 163 -23.33 39.62 -44.86
CA LYS B 163 -22.62 40.00 -46.08
C LYS B 163 -23.42 41.05 -46.83
N LEU B 164 -22.69 41.95 -47.49
CA LEU B 164 -23.27 43.08 -48.20
C LEU B 164 -23.30 42.77 -49.69
N HIS B 165 -24.45 43.00 -50.31
CA HIS B 165 -24.57 42.86 -51.76
C HIS B 165 -23.85 44.02 -52.44
N PRO B 166 -22.84 43.77 -53.29
CA PRO B 166 -22.07 44.88 -53.88
C PRO B 166 -22.85 45.76 -54.84
N ASN B 167 -24.02 45.32 -55.32
CA ASN B 167 -24.75 46.03 -56.36
C ASN B 167 -26.04 46.67 -55.86
N LEU B 168 -26.93 45.89 -55.25
CA LEU B 168 -28.22 46.40 -54.82
C LEU B 168 -28.33 46.40 -53.30
N PRO B 169 -29.09 47.33 -52.71
CA PRO B 169 -29.11 47.44 -51.23
C PRO B 169 -29.91 46.33 -50.56
N ILE B 170 -29.29 45.16 -50.44
CA ILE B 170 -29.85 44.03 -49.71
C ILE B 170 -28.74 43.48 -48.80
N VAL B 171 -29.07 43.28 -47.52
CA VAL B 171 -28.15 42.66 -46.58
C VAL B 171 -28.63 41.25 -46.27
N PHE B 172 -27.70 40.36 -45.96
CA PHE B 172 -27.99 38.96 -45.71
C PHE B 172 -27.69 38.64 -44.25
N VAL B 173 -28.62 37.92 -43.62
CA VAL B 173 -28.63 37.73 -42.18
C VAL B 173 -28.59 36.23 -41.86
N ALA B 174 -27.78 35.87 -40.87
CA ALA B 174 -27.67 34.49 -40.40
C ALA B 174 -28.71 34.21 -39.31
N THR B 175 -28.70 32.97 -38.82
CA THR B 175 -29.61 32.55 -37.78
C THR B 175 -29.01 31.36 -37.04
N ASP B 176 -29.07 31.39 -35.71
CA ASP B 176 -28.60 30.26 -34.91
C ASP B 176 -29.46 29.02 -35.15
N HIS B 177 -30.76 29.21 -35.43
CA HIS B 177 -31.61 28.09 -35.81
C HIS B 177 -31.24 27.50 -37.16
N GLY B 178 -30.42 28.19 -37.95
CA GLY B 178 -29.98 27.69 -39.24
C GLY B 178 -30.63 28.35 -40.44
N LYS B 179 -31.54 29.30 -40.23
CA LYS B 179 -32.21 29.96 -41.34
C LYS B 179 -31.24 30.91 -42.05
N LEU B 180 -31.57 31.23 -43.29
CA LEU B 180 -30.81 32.18 -44.10
C LEU B 180 -31.77 33.26 -44.58
N TYR B 181 -31.73 34.42 -43.92
CA TYR B 181 -32.67 35.49 -44.17
C TYR B 181 -32.21 36.37 -45.34
N ALA B 182 -33.07 37.32 -45.71
CA ALA B 182 -32.75 38.28 -46.75
C ALA B 182 -33.53 39.56 -46.42
N PHE B 183 -32.79 40.61 -46.07
CA PHE B 183 -33.38 41.87 -45.61
C PHE B 183 -32.88 43.02 -46.47
N ASP B 184 -33.79 43.90 -46.84
CA ASP B 184 -33.44 45.13 -47.54
C ASP B 184 -33.25 46.26 -46.54
N LEU B 185 -32.62 47.33 -47.00
CA LEU B 185 -32.24 48.44 -46.13
C LEU B 185 -33.35 49.46 -45.91
N PHE B 186 -34.51 49.28 -46.53
CA PHE B 186 -35.61 50.23 -46.40
C PHE B 186 -36.87 49.66 -45.76
N ASN B 187 -37.10 48.36 -45.89
CA ASN B 187 -38.27 47.71 -45.29
C ASN B 187 -37.79 46.44 -44.57
N TYR B 188 -37.43 46.59 -43.29
CA TYR B 188 -36.94 45.49 -42.49
C TYR B 188 -38.05 44.70 -41.81
N THR B 189 -39.31 45.10 -41.97
CA THR B 189 -40.40 44.43 -41.28
C THR B 189 -40.76 43.08 -41.90
N ILE B 190 -40.35 42.83 -43.13
CA ILE B 190 -40.69 41.58 -43.80
C ILE B 190 -39.48 41.06 -44.56
N PRO B 191 -39.11 39.79 -44.40
CA PRO B 191 -37.98 39.24 -45.14
C PRO B 191 -38.28 39.08 -46.62
N LEU B 192 -37.22 39.13 -47.44
CA LEU B 192 -37.36 38.79 -48.85
C LEU B 192 -37.55 37.29 -49.04
N ALA B 193 -36.74 36.49 -48.33
CA ALA B 193 -36.83 35.04 -48.43
C ALA B 193 -36.34 34.43 -47.13
N SER B 194 -36.73 33.18 -46.89
CA SER B 194 -36.34 32.45 -45.70
C SER B 194 -36.53 30.96 -45.96
N LEU B 195 -35.52 30.17 -45.57
CA LEU B 195 -35.60 28.72 -45.72
C LEU B 195 -34.71 28.08 -44.66
N GLN B 196 -34.96 26.80 -44.39
CA GLN B 196 -34.16 26.01 -43.47
C GLN B 196 -33.63 24.81 -44.23
N SER B 197 -32.39 24.93 -44.72
CA SER B 197 -31.72 23.84 -45.41
C SER B 197 -30.63 23.19 -44.56
N HIS B 198 -30.27 23.81 -43.45
CA HIS B 198 -29.21 23.32 -42.57
C HIS B 198 -29.81 22.87 -41.25
N THR B 199 -29.49 21.66 -40.82
CA THR B 199 -29.99 21.12 -39.57
C THR B 199 -29.30 21.75 -38.35
N LYS B 200 -28.22 22.50 -38.56
CA LYS B 200 -27.49 23.14 -37.48
C LYS B 200 -27.26 24.61 -37.83
N ALA B 201 -26.63 25.34 -36.92
CA ALA B 201 -26.32 26.74 -37.16
C ALA B 201 -25.22 26.87 -38.20
N ILE B 202 -25.15 28.05 -38.82
CA ILE B 202 -24.17 28.31 -39.85
C ILE B 202 -23.00 29.06 -39.22
N THR B 203 -21.88 29.07 -39.94
CA THR B 203 -20.64 29.63 -39.43
C THR B 203 -20.19 30.88 -40.19
N SER B 204 -20.26 30.85 -41.52
CA SER B 204 -19.82 31.98 -42.32
C SER B 204 -20.57 32.00 -43.64
N MET B 205 -20.61 33.17 -44.26
CA MET B 205 -21.26 33.37 -45.55
C MET B 205 -20.38 34.24 -46.44
N ASP B 206 -20.56 34.08 -47.75
CA ASP B 206 -19.88 34.92 -48.72
C ASP B 206 -20.68 34.94 -50.03
N VAL B 207 -20.57 36.07 -50.74
CA VAL B 207 -21.26 36.25 -52.01
C VAL B 207 -20.27 36.82 -53.02
N LEU B 208 -20.62 36.68 -54.30
CA LEU B 208 -19.81 37.21 -55.38
C LEU B 208 -20.67 37.36 -56.63
N PHE B 209 -20.45 38.44 -57.37
CA PHE B 209 -21.06 38.65 -58.68
C PHE B 209 -19.99 38.44 -59.74
N THR B 210 -20.12 37.36 -60.49
CA THR B 210 -19.09 36.97 -61.45
C THR B 210 -19.12 37.88 -62.68
N ASN B 211 -17.97 37.95 -63.35
CA ASN B 211 -17.82 38.71 -64.59
C ASN B 211 -17.30 37.81 -65.69
N TYR B 212 -17.70 38.11 -66.93
CA TYR B 212 -17.28 37.34 -68.08
C TYR B 212 -17.11 38.27 -69.28
N THR B 213 -15.94 38.21 -69.91
CA THR B 213 -15.68 39.00 -71.10
C THR B 213 -16.26 38.38 -72.37
N ASN B 214 -16.77 37.16 -72.30
CA ASN B 214 -17.34 36.49 -73.45
C ASN B 214 -18.81 36.88 -73.64
N ASN B 219 -23.84 36.13 -65.62
CA ASN B 219 -23.82 37.31 -64.78
C ASN B 219 -24.89 37.24 -63.70
N TYR B 220 -24.51 36.80 -62.51
CA TYR B 220 -25.45 36.63 -61.41
C TYR B 220 -24.68 36.64 -60.10
N LEU B 221 -25.43 36.73 -59.00
CA LEU B 221 -24.86 36.72 -57.65
C LEU B 221 -25.04 35.33 -57.05
N VAL B 222 -23.93 34.76 -56.58
CA VAL B 222 -23.92 33.40 -56.04
C VAL B 222 -23.70 33.47 -54.54
N ILE B 223 -24.50 32.71 -53.79
CA ILE B 223 -24.45 32.67 -52.33
C ILE B 223 -23.95 31.30 -51.92
N VAL B 224 -22.86 31.27 -51.15
CA VAL B 224 -22.28 30.05 -50.62
C VAL B 224 -22.26 30.15 -49.10
N THR B 225 -22.80 29.14 -48.42
CA THR B 225 -22.94 29.17 -46.97
C THR B 225 -22.48 27.85 -46.39
N ALA B 226 -21.67 27.94 -45.33
CA ALA B 226 -21.20 26.77 -44.59
C ALA B 226 -21.90 26.71 -43.24
N SER B 227 -22.18 25.50 -42.77
CA SER B 227 -22.95 25.30 -41.56
C SER B 227 -22.29 24.23 -40.69
N LYS B 228 -22.91 23.96 -39.54
CA LYS B 228 -22.44 22.91 -38.64
C LYS B 228 -23.10 21.57 -38.91
N ASP B 229 -23.73 21.40 -40.08
CA ASP B 229 -24.40 20.16 -40.44
C ASP B 229 -23.57 19.30 -41.38
N LEU B 230 -22.24 19.45 -41.32
CA LEU B 230 -21.29 18.67 -42.13
C LEU B 230 -21.50 18.86 -43.63
N GLN B 231 -21.96 20.04 -44.04
CA GLN B 231 -22.25 20.28 -45.44
C GLN B 231 -22.16 21.77 -45.75
N ILE B 232 -21.91 22.07 -47.02
CA ILE B 232 -21.91 23.44 -47.54
C ILE B 232 -22.96 23.52 -48.63
N HIS B 233 -23.86 24.49 -48.53
CA HIS B 233 -24.92 24.67 -49.50
C HIS B 233 -24.66 25.93 -50.31
N VAL B 234 -24.66 25.80 -51.63
CA VAL B 234 -24.46 26.92 -52.54
C VAL B 234 -25.82 27.31 -53.11
N PHE B 235 -26.17 28.59 -52.98
CA PHE B 235 -27.48 29.08 -53.37
C PHE B 235 -27.35 30.05 -54.54
N LYS B 236 -28.43 30.16 -55.30
CA LYS B 236 -28.53 31.08 -56.43
C LYS B 236 -29.48 32.20 -56.06
N TRP B 237 -29.02 33.44 -56.23
CA TRP B 237 -29.84 34.62 -55.94
C TRP B 237 -30.33 35.21 -57.26
N VAL B 238 -31.63 35.12 -57.50
CA VAL B 238 -32.23 35.70 -58.69
C VAL B 238 -32.60 37.14 -58.41
N SER B 239 -32.67 37.96 -59.46
CA SER B 239 -32.98 39.37 -59.31
C SER B 239 -34.33 39.76 -59.87
N GLU B 240 -34.90 38.96 -60.76
CA GLU B 240 -36.22 39.27 -61.33
C GLU B 240 -37.31 39.13 -60.27
N GLU B 241 -37.31 38.02 -59.53
CA GLU B 241 -38.29 37.77 -58.49
C GLU B 241 -37.69 37.83 -57.09
N CYS B 242 -36.36 37.96 -56.98
CA CYS B 242 -35.65 38.22 -55.72
C CYS B 242 -35.91 37.12 -54.68
N LYS B 243 -35.78 35.87 -55.10
CA LYS B 243 -35.92 34.72 -54.21
C LYS B 243 -34.59 33.98 -54.10
N PHE B 244 -34.56 33.00 -53.21
CA PHE B 244 -33.45 32.08 -53.09
C PHE B 244 -33.70 30.82 -53.91
N GLN B 245 -32.65 30.35 -54.58
CA GLN B 245 -32.70 29.10 -55.34
C GLN B 245 -31.49 28.26 -54.95
N GLN B 246 -31.72 26.98 -54.70
CA GLN B 246 -30.65 26.08 -54.27
C GLN B 246 -29.98 25.45 -55.48
N ILE B 247 -28.65 25.49 -55.51
CA ILE B 247 -27.89 24.94 -56.62
C ILE B 247 -27.47 23.52 -56.30
N ARG B 248 -26.65 23.36 -55.26
CA ARG B 248 -26.13 22.04 -54.88
C ARG B 248 -25.61 22.12 -53.46
N SER B 249 -25.29 20.94 -52.90
CA SER B 249 -24.74 20.81 -51.57
C SER B 249 -23.40 20.10 -51.65
N LEU B 250 -22.43 20.60 -50.89
CA LEU B 250 -21.07 20.06 -50.89
C LEU B 250 -20.90 19.15 -49.68
N LEU B 251 -20.35 17.96 -49.91
CA LEU B 251 -20.08 16.99 -48.87
C LEU B 251 -18.60 16.59 -48.91
N GLY B 252 -18.12 16.04 -47.80
CA GLY B 252 -16.77 15.51 -47.77
C GLY B 252 -16.00 15.83 -46.50
N HIS B 253 -16.32 16.95 -45.85
CA HIS B 253 -15.60 17.34 -44.65
C HIS B 253 -15.92 16.40 -43.50
N GLU B 254 -14.89 16.07 -42.71
CA GLU B 254 -15.03 15.14 -41.60
C GLU B 254 -15.77 15.76 -40.42
N HIS B 255 -15.65 17.06 -40.22
CA HIS B 255 -16.28 17.72 -39.07
C HIS B 255 -16.69 19.13 -39.47
N ILE B 256 -16.90 19.99 -38.47
CA ILE B 256 -17.57 21.27 -38.64
C ILE B 256 -16.78 22.16 -39.58
N VAL B 257 -17.39 22.50 -40.72
CA VAL B 257 -16.83 23.50 -41.61
C VAL B 257 -17.14 24.89 -41.06
N SER B 258 -16.16 25.79 -41.14
CA SER B 258 -16.25 27.08 -40.47
C SER B 258 -16.11 28.29 -41.39
N ALA B 259 -15.24 28.25 -42.39
CA ALA B 259 -15.00 29.43 -43.22
C ALA B 259 -15.14 29.06 -44.68
N VAL B 260 -15.45 30.06 -45.50
CA VAL B 260 -15.62 29.88 -46.94
C VAL B 260 -15.11 31.12 -47.65
N LYS B 261 -14.41 30.90 -48.77
CA LYS B 261 -13.87 31.97 -49.59
C LYS B 261 -14.18 31.69 -51.05
N ILE B 262 -14.48 32.74 -51.81
CA ILE B 262 -14.82 32.63 -53.22
C ILE B 262 -14.05 33.69 -53.99
N TRP B 263 -13.50 33.29 -55.13
CA TRP B 263 -12.77 34.22 -55.99
C TRP B 263 -12.95 33.79 -57.44
N GLN B 264 -12.77 34.75 -58.35
CA GLN B 264 -12.86 34.52 -59.78
C GLN B 264 -11.59 35.02 -60.45
N LYS B 265 -10.94 34.14 -61.22
CA LYS B 265 -9.72 34.49 -61.93
C LYS B 265 -9.66 33.70 -63.22
N ASN B 266 -9.35 34.40 -64.32
CA ASN B 266 -9.28 33.81 -65.66
C ASN B 266 -10.59 33.11 -66.03
N ASN B 267 -11.71 33.76 -65.70
CA ASN B 267 -13.06 33.25 -65.94
C ASN B 267 -13.29 31.88 -65.29
N ASP B 268 -12.65 31.64 -64.15
CA ASP B 268 -12.80 30.40 -63.40
C ASP B 268 -13.08 30.72 -61.94
N VAL B 269 -14.03 30.00 -61.35
CA VAL B 269 -14.45 30.23 -59.98
C VAL B 269 -14.26 28.96 -59.17
N HIS B 270 -13.80 29.11 -57.93
CA HIS B 270 -13.63 28.01 -57.00
C HIS B 270 -14.14 28.43 -55.63
N ILE B 271 -14.41 27.44 -54.79
CA ILE B 271 -14.90 27.67 -53.43
C ILE B 271 -13.88 27.08 -52.46
N ALA B 272 -13.40 27.91 -51.54
CA ALA B 272 -12.47 27.48 -50.51
C ALA B 272 -13.24 27.09 -49.25
N SER B 273 -12.64 26.21 -48.46
CA SER B 273 -13.33 25.65 -47.29
C SER B 273 -12.30 25.06 -46.34
N CYS B 274 -12.51 25.31 -45.04
CA CYS B 274 -11.70 24.72 -43.99
C CYS B 274 -12.61 24.29 -42.85
N SER B 275 -12.20 23.26 -42.12
CA SER B 275 -13.05 22.63 -41.12
C SER B 275 -12.20 22.17 -39.94
N ARG B 276 -12.82 21.40 -39.04
CA ARG B 276 -12.11 20.80 -37.92
C ARG B 276 -11.28 19.61 -38.35
N ASP B 277 -11.38 19.18 -39.61
CA ASP B 277 -10.60 18.06 -40.13
C ASP B 277 -9.14 18.43 -40.39
N GLN B 278 -8.68 19.55 -39.82
CA GLN B 278 -7.34 20.13 -39.99
C GLN B 278 -6.85 20.08 -41.44
N THR B 279 -7.76 20.26 -42.40
CA THR B 279 -7.43 20.28 -43.82
C THR B 279 -8.29 21.32 -44.51
N VAL B 280 -7.65 22.22 -45.25
CA VAL B 280 -8.36 23.16 -46.10
C VAL B 280 -8.65 22.47 -47.42
N LYS B 281 -9.90 22.58 -47.88
CA LYS B 281 -10.34 21.92 -49.10
C LYS B 281 -10.94 22.97 -50.03
N ILE B 282 -10.36 23.08 -51.22
CA ILE B 282 -10.82 24.01 -52.24
C ILE B 282 -11.47 23.19 -53.34
N TRP B 283 -12.75 23.44 -53.59
CA TRP B 283 -13.53 22.68 -54.55
C TRP B 283 -13.83 23.53 -55.78
N ASP B 284 -14.26 22.87 -56.85
CA ASP B 284 -14.63 23.52 -58.09
C ASP B 284 -16.15 23.62 -58.18
N PHE B 285 -16.64 24.84 -58.39
CA PHE B 285 -18.08 25.06 -58.50
C PHE B 285 -18.66 24.36 -59.73
N HIS B 286 -17.96 24.43 -60.86
CA HIS B 286 -18.49 23.88 -62.09
C HIS B 286 -18.32 22.36 -62.16
N ASN B 287 -17.11 21.87 -61.87
CA ASN B 287 -16.85 20.44 -61.93
C ASN B 287 -17.58 19.70 -60.81
N GLY B 288 -17.63 20.30 -59.62
CA GLY B 288 -18.21 19.65 -58.46
C GLY B 288 -17.27 18.76 -57.68
N TRP B 289 -15.99 18.72 -58.03
CA TRP B 289 -15.00 17.91 -57.35
C TRP B 289 -13.94 18.81 -56.74
N SER B 290 -13.25 18.26 -55.72
CA SER B 290 -12.19 19.00 -55.05
C SER B 290 -10.98 19.14 -55.97
N LEU B 291 -10.22 20.22 -55.76
CA LEU B 291 -9.02 20.48 -56.53
C LEU B 291 -7.73 20.36 -55.74
N LYS B 292 -7.77 20.62 -54.43
CA LYS B 292 -6.57 20.52 -53.61
C LYS B 292 -7.00 20.25 -52.17
N THR B 293 -6.15 19.53 -51.44
CA THR B 293 -6.41 19.20 -50.04
C THR B 293 -5.08 18.96 -49.35
N PHE B 294 -4.79 19.75 -48.32
CA PHE B 294 -3.51 19.64 -47.62
C PHE B 294 -3.69 20.12 -46.19
N GLN B 295 -2.70 19.79 -45.36
CA GLN B 295 -2.72 20.10 -43.93
C GLN B 295 -1.72 21.20 -43.62
N PRO B 296 -2.16 22.44 -43.45
CA PRO B 296 -1.23 23.54 -43.13
C PRO B 296 -0.97 23.75 -41.65
N HIS B 297 -1.67 23.04 -40.76
CA HIS B 297 -1.51 23.24 -39.33
C HIS B 297 -1.77 21.93 -38.61
N SER B 298 -1.10 21.76 -37.46
CA SER B 298 -1.28 20.56 -36.66
C SER B 298 -2.70 20.45 -36.13
N GLN B 299 -3.24 21.56 -35.63
CA GLN B 299 -4.62 21.60 -35.15
C GLN B 299 -5.54 22.04 -36.28
N TRP B 300 -6.79 22.31 -35.95
CA TRP B 300 -7.81 22.60 -36.95
C TRP B 300 -7.81 24.07 -37.34
N VAL B 301 -8.14 24.34 -38.60
CA VAL B 301 -8.08 25.68 -39.16
C VAL B 301 -9.46 26.32 -39.09
N ARG B 302 -9.53 27.55 -38.56
CA ARG B 302 -10.79 28.25 -38.33
C ARG B 302 -11.12 29.26 -39.42
N SER B 303 -10.13 29.95 -39.98
CA SER B 303 -10.38 31.02 -40.93
C SER B 303 -9.27 31.08 -41.97
N ILE B 304 -9.66 31.38 -43.21
CA ILE B 304 -8.75 31.48 -44.34
C ILE B 304 -9.16 32.66 -45.21
N ASP B 305 -8.27 33.03 -46.14
CA ASP B 305 -8.58 34.02 -47.17
C ASP B 305 -7.73 33.68 -48.39
N VAL B 306 -8.23 34.09 -49.56
CA VAL B 306 -7.60 33.78 -50.84
C VAL B 306 -7.30 35.09 -51.56
N LEU B 307 -6.06 35.25 -52.01
CA LEU B 307 -5.65 36.37 -52.86
C LEU B 307 -4.89 35.76 -54.04
N GLY B 308 -5.61 35.41 -55.10
CA GLY B 308 -5.01 34.81 -56.26
C GLY B 308 -4.53 33.39 -56.05
N ASP B 309 -3.22 33.19 -56.14
CA ASP B 309 -2.62 31.86 -56.02
C ASP B 309 -2.02 31.61 -54.64
N TYR B 310 -2.30 32.47 -53.66
CA TYR B 310 -1.85 32.28 -52.29
C TYR B 310 -3.06 32.18 -51.37
N ILE B 311 -2.90 31.38 -50.32
CA ILE B 311 -3.93 31.22 -49.29
C ILE B 311 -3.24 31.15 -47.93
N ILE B 312 -3.80 31.86 -46.95
CA ILE B 312 -3.29 31.88 -45.59
C ILE B 312 -4.35 31.30 -44.67
N SER B 313 -3.92 30.52 -43.69
CA SER B 313 -4.82 29.78 -42.81
C SER B 313 -4.66 30.23 -41.37
N GLY B 314 -5.78 30.36 -40.68
CA GLY B 314 -5.79 30.67 -39.25
C GLY B 314 -6.35 29.49 -38.48
N SER B 315 -5.52 28.95 -37.58
CA SER B 315 -5.83 27.71 -36.89
C SER B 315 -6.00 27.97 -35.40
N HIS B 316 -6.17 26.87 -34.66
CA HIS B 316 -6.43 26.92 -33.23
C HIS B 316 -5.14 26.93 -32.41
N ASP B 317 -3.98 26.71 -33.04
CA ASP B 317 -2.72 26.57 -32.34
C ASP B 317 -1.86 27.83 -32.37
N THR B 318 -2.49 29.01 -32.50
CA THR B 318 -1.85 30.32 -32.34
C THR B 318 -0.73 30.57 -33.35
N THR B 319 -0.75 29.86 -34.48
CA THR B 319 0.26 30.03 -35.52
C THR B 319 -0.40 30.11 -36.88
N LEU B 320 0.16 30.95 -37.75
CA LEU B 320 -0.35 31.10 -39.10
C LEU B 320 0.56 30.40 -40.10
N ARG B 321 -0.03 30.00 -41.23
CA ARG B 321 0.70 29.30 -42.27
C ARG B 321 0.31 29.88 -43.62
N LEU B 322 1.30 30.34 -44.38
CA LEU B 322 1.10 30.79 -45.75
C LEU B 322 1.48 29.66 -46.68
N THR B 323 0.52 29.22 -47.50
CA THR B 323 0.74 28.11 -48.42
C THR B 323 0.38 28.54 -49.84
N HIS B 324 1.20 28.12 -50.79
CA HIS B 324 0.94 28.34 -52.21
C HIS B 324 -0.04 27.27 -52.67
N TRP B 325 -1.21 27.71 -53.12
CA TRP B 325 -2.31 26.77 -53.39
C TRP B 325 -2.01 25.76 -54.50
N PRO B 326 -1.51 26.12 -55.69
CA PRO B 326 -1.24 25.07 -56.70
C PRO B 326 -0.18 24.07 -56.29
N SER B 327 0.84 24.48 -55.55
CA SER B 327 1.87 23.55 -55.10
C SER B 327 1.50 22.86 -53.80
N GLY B 328 0.71 23.51 -52.96
CA GLY B 328 0.28 22.91 -51.70
C GLY B 328 1.40 22.65 -50.71
N ASN B 329 2.31 23.61 -50.54
CA ASN B 329 3.40 23.47 -49.59
C ASN B 329 3.49 24.70 -48.69
N GLY B 330 3.91 24.48 -47.45
CA GLY B 330 4.06 25.59 -46.53
C GLY B 330 5.25 26.46 -46.88
N LEU B 331 5.15 27.74 -46.55
CA LEU B 331 6.19 28.70 -46.88
C LEU B 331 6.78 29.37 -45.65
N SER B 332 5.96 29.80 -44.70
CA SER B 332 6.46 30.50 -43.52
C SER B 332 5.54 30.25 -42.34
N VAL B 333 6.07 30.48 -41.14
CA VAL B 333 5.33 30.34 -39.89
C VAL B 333 5.39 31.65 -39.13
N GLY B 334 4.36 31.92 -38.35
CA GLY B 334 4.30 33.15 -37.59
C GLY B 334 3.94 32.94 -36.13
N THR B 335 4.83 33.34 -35.23
CA THR B 335 4.64 33.21 -33.79
C THR B 335 4.52 34.57 -33.15
N GLY B 336 3.81 34.62 -32.03
CA GLY B 336 3.56 35.87 -31.34
C GLY B 336 2.18 35.93 -30.73
N HIS B 337 1.35 34.94 -31.04
CA HIS B 337 0.00 34.84 -30.51
C HIS B 337 -0.05 33.81 -29.39
N GLU B 338 -0.90 34.06 -28.40
CA GLU B 338 -1.09 33.16 -27.27
C GLU B 338 -2.49 32.59 -27.18
N PHE B 339 -3.38 32.96 -28.08
CA PHE B 339 -4.76 32.51 -28.07
C PHE B 339 -5.21 32.23 -29.49
N PRO B 340 -6.17 31.31 -29.68
CA PRO B 340 -6.51 30.87 -31.04
C PRO B 340 -7.04 31.99 -31.92
N ILE B 341 -6.78 31.87 -33.22
CA ILE B 341 -7.16 32.87 -34.21
C ILE B 341 -8.65 32.74 -34.49
N GLU B 342 -9.32 33.88 -34.67
CA GLU B 342 -10.74 33.90 -34.99
C GLU B 342 -11.01 34.17 -36.47
N LYS B 343 -10.42 35.23 -37.03
CA LYS B 343 -10.55 35.52 -38.46
C LYS B 343 -9.26 36.18 -38.95
N VAL B 344 -8.83 35.79 -40.15
CA VAL B 344 -7.61 36.30 -40.77
C VAL B 344 -7.91 36.61 -42.23
N LYS B 345 -7.33 37.71 -42.72
CA LYS B 345 -7.50 38.09 -44.11
C LYS B 345 -6.31 38.94 -44.53
N PHE B 346 -6.14 39.09 -45.84
CA PHE B 346 -5.03 39.84 -46.39
C PHE B 346 -5.29 41.34 -46.31
N ILE B 347 -4.20 42.11 -46.36
CA ILE B 347 -4.25 43.56 -46.53
C ILE B 347 -4.10 43.80 -48.03
N HIS B 348 -5.23 44.05 -48.69
CA HIS B 348 -5.23 44.18 -50.14
C HIS B 348 -4.62 45.51 -50.57
N PHE B 349 -3.85 45.48 -51.65
CA PHE B 349 -3.21 46.69 -52.14
C PHE B 349 -4.23 47.65 -52.72
N ILE B 350 -4.13 48.92 -52.33
CA ILE B 350 -5.01 49.96 -52.82
C ILE B 350 -4.13 51.11 -53.32
N GLU B 351 -4.65 51.85 -54.31
CA GLU B 351 -3.92 52.96 -54.92
C GLU B 351 -4.78 54.22 -54.81
N ASP B 352 -4.36 55.14 -53.94
CA ASP B 352 -5.08 56.40 -53.75
C ASP B 352 -4.15 57.47 -53.21
N GLU B 355 -1.99 58.19 -48.46
CA GLU B 355 -0.75 57.42 -48.40
C GLU B 355 -0.73 56.51 -47.17
N ILE B 356 -1.45 55.39 -47.26
CA ILE B 356 -1.53 54.45 -46.15
C ILE B 356 -0.21 53.70 -46.02
N ARG B 357 0.30 53.60 -44.79
CA ARG B 357 1.59 52.96 -44.57
C ARG B 357 1.54 51.47 -44.86
N PHE B 358 0.47 50.79 -44.44
CA PHE B 358 0.40 49.34 -44.51
C PHE B 358 -0.30 48.82 -45.75
N ARG B 359 -0.78 49.68 -46.64
CA ARG B 359 -1.46 49.26 -47.85
C ARG B 359 -0.68 49.62 -49.12
N THR B 360 0.62 49.86 -48.99
CA THR B 360 1.47 50.18 -50.12
C THR B 360 2.68 49.26 -50.16
N PRO B 361 3.13 48.89 -51.35
CA PRO B 361 4.32 48.04 -51.46
C PRO B 361 5.59 48.77 -51.04
N SER B 362 6.61 47.98 -50.73
CA SER B 362 7.89 48.50 -50.28
C SER B 362 8.90 48.68 -51.41
N THR B 363 9.22 47.60 -52.13
CA THR B 363 10.16 47.66 -53.24
C THR B 363 9.51 47.05 -54.48
N ASP B 364 10.20 47.14 -55.61
CA ASP B 364 9.64 46.74 -56.89
C ASP B 364 9.38 45.24 -56.95
N ARG B 365 10.35 44.43 -56.50
CA ARG B 365 10.17 42.98 -56.51
C ARG B 365 9.07 42.56 -55.54
N TYR B 366 9.02 43.17 -54.36
CA TYR B 366 7.96 42.85 -53.41
C TYR B 366 6.62 43.41 -53.86
N LYS B 367 6.62 44.47 -54.66
CA LYS B 367 5.39 44.89 -55.33
C LYS B 367 4.94 43.85 -56.34
N ASN B 368 5.89 43.24 -57.06
CA ASN B 368 5.56 42.19 -58.02
C ASN B 368 5.19 40.88 -57.34
N TRP B 369 5.49 40.74 -56.04
CA TRP B 369 5.08 39.55 -55.31
C TRP B 369 3.57 39.42 -55.26
N GLY B 370 2.85 40.53 -55.06
CA GLY B 370 1.40 40.57 -55.08
C GLY B 370 0.78 41.18 -53.84
N MET B 371 1.37 40.93 -52.67
CA MET B 371 0.83 41.44 -51.42
C MET B 371 1.96 41.63 -50.43
N GLN B 372 1.70 42.45 -49.42
CA GLN B 372 2.70 42.76 -48.39
C GLN B 372 2.31 42.31 -47.00
N TYR B 373 1.09 42.61 -46.55
CA TYR B 373 0.71 42.38 -45.17
C TYR B 373 -0.57 41.56 -45.10
N CYS B 374 -0.72 40.86 -43.97
CA CYS B 374 -1.94 40.13 -43.65
C CYS B 374 -2.36 40.50 -42.23
N VAL B 375 -3.66 40.63 -42.03
CA VAL B 375 -4.23 41.05 -40.76
C VAL B 375 -5.00 39.89 -40.14
N SER B 376 -4.75 39.66 -38.85
CA SER B 376 -5.29 38.50 -38.14
C SER B 376 -5.78 38.92 -36.76
N ALA B 377 -6.94 38.39 -36.38
CA ALA B 377 -7.54 38.66 -35.08
C ALA B 377 -7.67 37.36 -34.31
N SER B 378 -7.40 37.41 -33.00
CA SER B 378 -7.42 36.21 -32.18
C SER B 378 -8.19 36.43 -30.88
N ARG B 379 -8.09 35.48 -29.95
CA ARG B 379 -8.79 35.55 -28.68
C ARG B 379 -7.97 36.19 -27.58
N ASP B 380 -6.77 36.67 -27.87
CA ASP B 380 -6.00 37.42 -26.88
C ASP B 380 -6.35 38.91 -26.88
N ARG B 381 -7.52 39.26 -27.42
CA ARG B 381 -8.05 40.62 -27.46
C ARG B 381 -7.16 41.57 -28.25
N THR B 382 -6.37 41.03 -29.18
CA THR B 382 -5.47 41.82 -30.01
C THR B 382 -5.65 41.46 -31.47
N ILE B 383 -5.46 42.47 -32.33
CA ILE B 383 -5.35 42.28 -33.77
C ILE B 383 -3.93 42.61 -34.18
N LYS B 384 -3.27 41.67 -34.84
CA LYS B 384 -1.86 41.80 -35.18
C LYS B 384 -1.68 41.92 -36.69
N ILE B 385 -0.80 42.83 -37.09
CA ILE B 385 -0.41 42.99 -38.50
C ILE B 385 0.92 42.26 -38.68
N TRP B 386 0.98 41.43 -39.72
CA TRP B 386 2.12 40.55 -39.94
C TRP B 386 2.84 40.94 -41.22
N GLU B 387 4.18 40.95 -41.16
CA GLU B 387 5.04 41.21 -42.30
C GLU B 387 5.47 39.89 -42.90
N ILE B 388 5.05 39.63 -44.14
CA ILE B 388 5.36 38.38 -44.82
C ILE B 388 6.77 38.42 -45.39
N PRO B 389 7.64 37.48 -45.03
CA PRO B 389 8.96 37.42 -45.65
C PRO B 389 8.87 37.00 -47.11
N LEU B 390 9.84 37.45 -47.89
CA LEU B 390 9.89 37.12 -49.31
C LEU B 390 10.45 35.71 -49.51
N PRO B 391 9.73 34.83 -50.20
CA PRO B 391 10.28 33.49 -50.46
C PRO B 391 11.21 33.48 -51.67
N THR B 392 11.71 32.31 -52.04
CA THR B 392 12.61 32.17 -53.18
C THR B 392 11.75 32.06 -54.45
N LEU B 393 11.81 33.09 -55.29
CA LEU B 393 11.04 33.12 -56.52
C LEU B 393 11.89 33.59 -57.70
N ALA B 398 6.37 27.92 -58.82
CA ALA B 398 6.46 27.22 -57.54
C ALA B 398 7.47 27.90 -56.61
N PRO B 399 6.96 28.65 -55.63
CA PRO B 399 7.86 29.31 -54.67
C PRO B 399 8.54 28.29 -53.76
N ILE B 400 9.73 28.68 -53.29
CA ILE B 400 10.54 27.85 -52.40
C ILE B 400 10.72 28.60 -51.10
N PRO B 401 10.45 27.99 -49.95
CA PRO B 401 10.62 28.70 -48.67
C PRO B 401 12.09 28.97 -48.39
N ASN B 402 12.39 30.21 -48.00
CA ASN B 402 13.74 30.59 -47.63
C ASN B 402 14.06 30.04 -46.24
N PRO B 403 15.13 29.26 -46.08
CA PRO B 403 15.49 28.78 -44.73
C PRO B 403 15.79 29.89 -43.73
N THR B 404 16.36 31.00 -44.19
CA THR B 404 16.67 32.12 -43.30
C THR B 404 15.56 33.16 -43.24
N ASP B 405 14.48 32.99 -43.99
CA ASP B 405 13.34 33.91 -43.99
C ASP B 405 12.04 33.13 -43.91
N SER B 406 11.97 32.17 -42.99
CA SER B 406 10.78 31.36 -42.81
C SER B 406 9.95 31.80 -41.62
N ASN B 407 10.20 32.99 -41.08
CA ASN B 407 9.48 33.51 -39.93
C ASN B 407 8.85 34.86 -40.25
N PHE B 408 7.72 35.13 -39.62
CA PHE B 408 7.04 36.40 -39.78
C PHE B 408 7.71 37.47 -38.93
N ARG B 409 7.15 38.68 -38.95
CA ARG B 409 7.71 39.79 -38.19
C ARG B 409 6.57 40.64 -37.65
N CYS B 410 6.75 41.15 -36.43
CA CYS B 410 5.74 41.98 -35.77
C CYS B 410 5.77 43.37 -36.38
N VAL B 411 5.02 43.56 -37.47
CA VAL B 411 4.94 44.89 -38.07
C VAL B 411 4.18 45.85 -37.16
N LEU B 412 3.04 45.41 -36.64
CA LEU B 412 2.24 46.24 -35.73
C LEU B 412 1.28 45.34 -34.97
N THR B 413 1.32 45.43 -33.64
CA THR B 413 0.34 44.79 -32.78
C THR B 413 -0.46 45.87 -32.07
N LEU B 414 -1.78 45.66 -31.96
CA LEU B 414 -2.67 46.66 -31.39
C LEU B 414 -3.57 46.02 -30.36
N LYS B 415 -3.87 46.77 -29.30
CA LYS B 415 -4.69 46.31 -28.19
C LYS B 415 -5.75 47.36 -27.89
N GLY B 416 -6.75 46.97 -27.10
CA GLY B 416 -7.80 47.89 -26.73
C GLY B 416 -9.17 47.25 -26.60
N HIS B 417 -9.29 46.00 -27.02
CA HIS B 417 -10.55 45.28 -26.90
C HIS B 417 -10.59 44.53 -25.57
N LEU B 418 -11.79 44.47 -24.98
CA LEU B 418 -11.96 43.86 -23.67
C LEU B 418 -12.17 42.36 -23.72
N SER B 419 -12.39 41.78 -24.90
CA SER B 419 -12.66 40.35 -25.02
C SER B 419 -12.16 39.87 -26.38
N TRP B 420 -12.59 38.68 -26.79
CA TRP B 420 -12.10 38.06 -28.02
C TRP B 420 -12.55 38.85 -29.24
N VAL B 421 -11.59 39.36 -30.01
CA VAL B 421 -11.90 40.08 -31.24
C VAL B 421 -12.45 39.09 -32.26
N ARG B 422 -13.71 39.28 -32.66
CA ARG B 422 -14.41 38.29 -33.47
C ARG B 422 -14.17 38.44 -34.97
N ASP B 423 -13.99 39.66 -35.46
CA ASP B 423 -13.85 39.86 -36.91
C ASP B 423 -13.09 41.15 -37.18
N ILE B 424 -12.65 41.28 -38.43
CA ILE B 424 -11.90 42.43 -38.90
C ILE B 424 -12.33 42.76 -40.31
N SER B 425 -12.15 44.04 -40.69
CA SER B 425 -12.44 44.50 -42.03
C SER B 425 -11.57 45.70 -42.34
N ILE B 426 -11.33 45.94 -43.63
CA ILE B 426 -10.42 46.98 -44.09
C ILE B 426 -11.18 47.93 -44.99
N ARG B 427 -11.08 49.22 -44.70
CA ARG B 427 -11.73 50.25 -45.52
C ARG B 427 -10.86 51.49 -45.50
N GLY B 428 -10.18 51.77 -46.61
CA GLY B 428 -9.30 52.91 -46.71
C GLY B 428 -8.12 52.84 -45.75
N GLN B 429 -7.98 53.84 -44.89
CA GLN B 429 -6.97 53.85 -43.85
C GLN B 429 -7.50 53.35 -42.52
N TYR B 430 -8.76 52.92 -42.46
CA TYR B 430 -9.39 52.51 -41.22
C TYR B 430 -9.64 51.02 -41.21
N LEU B 431 -9.57 50.43 -40.01
CA LEU B 431 -9.88 49.03 -39.78
C LEU B 431 -11.01 48.94 -38.77
N PHE B 432 -12.06 48.21 -39.10
CA PHE B 432 -13.21 48.05 -38.23
C PHE B 432 -13.22 46.65 -37.62
N SER B 433 -13.63 46.57 -36.36
CA SER B 433 -13.63 45.30 -35.64
C SER B 433 -14.62 45.38 -34.49
N CYS B 434 -15.01 44.21 -34.00
CA CYS B 434 -15.82 44.10 -32.80
C CYS B 434 -15.32 42.91 -31.99
N ALA B 435 -15.91 42.73 -30.81
CA ALA B 435 -15.49 41.65 -29.92
C ALA B 435 -16.69 41.19 -29.11
N ASP B 436 -16.42 40.45 -28.03
CA ASP B 436 -17.47 40.00 -27.14
C ASP B 436 -17.83 41.05 -26.08
N ASP B 437 -17.18 42.20 -26.10
CA ASP B 437 -17.42 43.26 -25.12
C ASP B 437 -18.52 44.22 -25.55
N LYS B 438 -19.41 43.79 -26.44
CA LYS B 438 -20.57 44.57 -26.89
C LYS B 438 -20.14 45.92 -27.49
N SER B 439 -19.02 45.93 -28.20
CA SER B 439 -18.47 47.16 -28.72
C SER B 439 -18.05 46.98 -30.17
N VAL B 440 -18.01 48.10 -30.89
CA VAL B 440 -17.53 48.16 -32.27
C VAL B 440 -16.45 49.25 -32.32
N ARG B 441 -15.34 48.94 -32.98
CA ARG B 441 -14.21 49.86 -33.03
C ARG B 441 -13.97 50.35 -34.44
N CYS B 442 -13.00 51.27 -34.55
CA CYS B 442 -12.51 51.75 -35.84
C CYS B 442 -11.06 52.19 -35.61
N TRP B 443 -10.11 51.33 -35.97
CA TRP B 443 -8.71 51.54 -35.64
C TRP B 443 -7.98 52.05 -36.88
N ASP B 444 -7.37 53.23 -36.75
CA ASP B 444 -6.66 53.86 -37.85
C ASP B 444 -5.33 53.14 -38.11
N LEU B 445 -5.05 52.85 -39.38
CA LEU B 445 -3.83 52.14 -39.73
C LEU B 445 -2.60 53.03 -39.62
N ASN B 446 -2.76 54.35 -39.70
CA ASN B 446 -1.60 55.24 -39.75
C ASN B 446 -0.96 55.40 -38.38
N THR B 447 -1.70 55.95 -37.41
CA THR B 447 -1.17 56.16 -36.07
C THR B 447 -1.38 54.97 -35.15
N GLY B 448 -2.16 53.98 -35.56
CA GLY B 448 -2.40 52.81 -34.73
C GLY B 448 -3.14 53.12 -33.45
N GLN B 449 -4.15 53.98 -33.51
CA GLN B 449 -4.90 54.41 -32.35
C GLN B 449 -6.39 54.31 -32.63
N CYS B 450 -7.14 53.86 -31.62
CA CYS B 450 -8.59 53.73 -31.74
C CYS B 450 -9.22 55.10 -31.85
N LEU B 451 -9.72 55.44 -33.04
CA LEU B 451 -10.32 56.76 -33.24
C LEU B 451 -11.68 56.88 -32.57
N HIS B 452 -12.52 55.86 -32.72
CA HIS B 452 -13.91 55.95 -32.27
C HIS B 452 -14.30 54.64 -31.62
N VAL B 453 -15.01 54.73 -30.50
CA VAL B 453 -15.52 53.57 -29.77
C VAL B 453 -17.03 53.59 -29.84
N TRP B 454 -17.63 52.51 -30.32
CA TRP B 454 -19.07 52.34 -30.40
C TRP B 454 -19.49 51.38 -29.29
N GLU B 455 -19.89 51.92 -28.15
CA GLU B 455 -20.14 51.11 -26.97
C GLU B 455 -21.61 50.69 -26.88
N LYS B 456 -21.82 49.45 -26.41
CA LYS B 456 -23.14 48.93 -26.03
C LYS B 456 -24.14 48.98 -27.17
N LEU B 457 -23.71 48.57 -28.37
CA LEU B 457 -24.65 48.43 -29.48
C LEU B 457 -25.50 47.18 -29.33
N HIS B 458 -24.99 46.16 -28.64
CA HIS B 458 -25.71 44.91 -28.46
C HIS B 458 -25.75 44.55 -26.98
N THR B 459 -26.88 43.98 -26.55
CA THR B 459 -26.99 43.54 -25.17
C THR B 459 -26.04 42.39 -24.88
N GLY B 460 -25.93 41.44 -25.81
CA GLY B 460 -25.00 40.33 -25.67
C GLY B 460 -23.79 40.51 -26.55
N PHE B 461 -23.19 39.39 -26.98
CA PHE B 461 -22.02 39.46 -27.84
C PHE B 461 -22.40 40.01 -29.22
N VAL B 462 -21.44 40.67 -29.86
CA VAL B 462 -21.56 41.06 -31.26
C VAL B 462 -20.52 40.26 -32.04
N ASN B 463 -20.97 39.61 -33.11
CA ASN B 463 -20.20 38.57 -33.80
C ASN B 463 -19.59 39.05 -35.11
N CYS B 464 -20.40 39.61 -35.99
CA CYS B 464 -20.00 39.80 -37.38
C CYS B 464 -20.23 41.24 -37.83
N LEU B 465 -19.27 41.75 -38.61
CA LEU B 465 -19.42 43.01 -39.33
C LEU B 465 -18.50 42.96 -40.54
N ASP B 466 -18.87 43.71 -41.57
CA ASP B 466 -18.06 43.76 -42.79
C ASP B 466 -18.42 45.00 -43.58
N LEU B 467 -17.53 45.36 -44.49
CA LEU B 467 -17.68 46.53 -45.35
C LEU B 467 -17.69 46.09 -46.81
N ASP B 468 -17.69 47.06 -47.71
CA ASP B 468 -17.62 46.80 -49.15
C ASP B 468 -16.16 46.73 -49.58
N VAL B 469 -15.89 45.93 -50.60
CA VAL B 469 -14.54 45.72 -51.08
C VAL B 469 -14.13 46.89 -51.98
N ASP B 470 -13.00 47.51 -51.66
CA ASP B 470 -12.49 48.62 -52.46
C ASP B 470 -11.34 48.24 -53.37
N PHE B 471 -10.70 47.09 -53.13
CA PHE B 471 -9.58 46.66 -53.97
C PHE B 471 -10.02 46.14 -55.33
N ASP B 472 -11.29 45.77 -55.48
CA ASP B 472 -11.80 45.21 -56.72
C ASP B 472 -12.45 46.30 -57.56
N SER B 473 -12.09 46.34 -58.84
CA SER B 473 -12.66 47.35 -59.74
C SER B 473 -14.14 47.11 -59.99
N ASN B 474 -14.56 45.85 -60.05
CA ASN B 474 -15.95 45.51 -60.35
C ASN B 474 -16.90 45.78 -59.19
N VAL B 475 -16.38 46.03 -57.99
CA VAL B 475 -17.20 46.28 -56.81
C VAL B 475 -16.96 47.71 -56.35
N THR B 476 -18.03 48.50 -56.30
CA THR B 476 -17.94 49.87 -55.83
C THR B 476 -17.97 49.91 -54.31
N PRO B 477 -16.96 50.47 -53.64
CA PRO B 477 -16.97 50.48 -52.18
C PRO B 477 -17.95 51.48 -51.59
N ARG B 478 -19.23 51.10 -51.52
CA ARG B 478 -20.25 51.99 -51.00
C ARG B 478 -20.15 52.10 -49.47
N GLN B 479 -20.82 53.10 -48.93
CA GLN B 479 -20.70 53.45 -47.52
C GLN B 479 -21.78 52.77 -46.68
N MET B 480 -21.87 51.45 -46.82
CA MET B 480 -22.82 50.64 -46.06
C MET B 480 -22.08 49.81 -45.01
N MET B 481 -22.63 49.77 -43.80
CA MET B 481 -22.08 48.96 -42.73
C MET B 481 -23.21 48.20 -42.04
N VAL B 482 -23.00 46.91 -41.80
CA VAL B 482 -23.95 46.06 -41.09
C VAL B 482 -23.20 45.29 -40.00
N THR B 483 -23.77 45.25 -38.80
CA THR B 483 -23.21 44.50 -37.68
C THR B 483 -24.26 43.54 -37.13
N GLY B 484 -23.84 42.31 -36.87
CA GLY B 484 -24.72 41.29 -36.33
C GLY B 484 -24.20 40.77 -35.01
N GLY B 485 -25.11 40.51 -34.06
CA GLY B 485 -24.74 40.18 -32.72
C GLY B 485 -25.41 38.89 -32.23
N LEU B 486 -24.90 38.40 -31.10
CA LEU B 486 -25.44 37.21 -30.46
C LEU B 486 -26.76 37.47 -29.76
N ASP B 487 -27.13 38.74 -29.56
CA ASP B 487 -28.38 39.10 -28.89
C ASP B 487 -29.60 38.98 -29.81
N CYS B 488 -29.47 38.27 -30.93
CA CYS B 488 -30.53 38.03 -31.91
C CYS B 488 -31.02 39.32 -32.57
N LYS B 489 -30.19 40.36 -32.57
CA LYS B 489 -30.49 41.60 -33.28
C LYS B 489 -29.30 41.98 -34.15
N SER B 490 -29.58 42.76 -35.18
CA SER B 490 -28.56 43.26 -36.10
C SER B 490 -28.73 44.76 -36.28
N ASN B 491 -27.62 45.44 -36.52
CA ASN B 491 -27.60 46.89 -36.71
C ASN B 491 -27.00 47.19 -38.07
N VAL B 492 -27.67 48.06 -38.83
CA VAL B 492 -27.23 48.45 -40.17
C VAL B 492 -27.02 49.96 -40.16
N PHE B 493 -25.86 50.40 -40.62
CA PHE B 493 -25.50 51.81 -40.65
C PHE B 493 -25.56 52.33 -42.08
N MET B 494 -26.30 53.42 -42.28
CA MET B 494 -26.40 54.08 -43.57
C MET B 494 -25.86 55.49 -43.47
N ARG B 495 -25.03 55.87 -44.45
CA ARG B 495 -24.42 57.19 -44.54
C ARG B 495 -23.60 57.56 -43.30
PG ATP C . 25.93 7.34 21.16
O1G ATP C . 24.75 6.99 22.01
O2G ATP C . 26.44 6.16 20.33
O3G ATP C . 25.69 8.52 20.23
PB ATP C . 28.62 7.26 22.42
O1B ATP C . 28.59 6.31 23.56
O2B ATP C . 29.25 6.76 21.14
O3B ATP C . 27.17 7.77 22.05
PA ATP C . 30.85 9.04 23.14
O1A ATP C . 31.53 9.59 21.96
O2A ATP C . 31.54 7.83 23.76
O3A ATP C . 29.36 8.61 22.82
O5' ATP C . 30.66 10.13 24.28
C5' ATP C . 30.21 11.47 23.96
C4' ATP C . 31.33 12.42 24.32
O4' ATP C . 31.86 12.05 25.61
C3' ATP C . 32.50 12.44 23.34
O3' ATP C . 32.65 13.71 22.75
C2' ATP C . 33.72 12.04 24.19
O2' ATP C . 34.83 12.86 23.88
C1' ATP C . 33.23 12.31 25.61
N9 ATP C . 33.85 11.45 26.62
C8 ATP C . 33.39 10.23 27.05
N7 ATP C . 34.14 9.67 27.97
C5 ATP C . 35.18 10.58 28.15
C6 ATP C . 36.31 10.58 28.98
N6 ATP C . 36.60 9.59 29.83
N1 ATP C . 37.14 11.65 28.92
C2 ATP C . 36.85 12.63 28.07
N3 ATP C . 35.81 12.75 27.24
C4 ATP C . 35.01 11.68 27.32
PB ADP D . 9.13 27.92 7.76
O1B ADP D . 10.10 28.23 8.87
O2B ADP D . 9.77 27.56 6.45
O3B ADP D . 7.98 27.01 8.16
PA ADP D . 9.12 30.42 6.51
O1A ADP D . 10.60 30.45 6.86
O2A ADP D . 8.71 30.14 5.09
O3A ADP D . 8.41 29.33 7.46
O5' ADP D . 8.47 31.80 6.98
C5' ADP D . 8.94 33.06 6.49
C4' ADP D . 7.98 34.16 6.89
O4' ADP D . 8.61 35.12 7.74
C3' ADP D . 7.46 34.93 5.70
O3' ADP D . 6.16 34.46 5.32
C2' ADP D . 7.38 36.37 6.15
O2' ADP D . 6.01 36.78 6.25
C1' ADP D . 8.02 36.40 7.53
N9 ADP D . 9.04 37.48 7.55
C8 ADP D . 9.42 38.21 6.49
N7 ADP D . 10.36 39.13 6.85
C5 ADP D . 10.57 38.98 8.18
C6 ADP D . 11.44 39.62 9.19
N6 ADP D . 12.27 40.62 8.85
N1 ADP D . 11.37 39.16 10.46
C2 ADP D . 10.53 38.16 10.81
N3 ADP D . 9.72 37.54 9.94
C4 ADP D . 9.69 37.90 8.64
PB ADP E . -15.65 15.94 -9.35
O1B ADP E . -14.64 17.05 -9.53
O2B ADP E . -15.34 14.67 -10.11
O3B ADP E . -16.08 15.70 -7.92
PA ADP E . -16.93 17.06 -11.56
O1A ADP E . -16.28 18.42 -11.56
O2A ADP E . -16.40 15.97 -12.46
O3A ADP E . -16.97 16.51 -10.05
O5' ADP E . -18.51 17.23 -11.87
C5' ADP E . -18.98 17.29 -13.21
C4' ADP E . -20.42 16.81 -13.23
O4' ADP E . -21.17 17.43 -12.18
C3' ADP E . -21.10 17.16 -14.55
O3' ADP E . -21.36 15.97 -15.30
C2' ADP E . -22.40 17.85 -14.17
O2' ADP E . -23.50 17.09 -14.67
C1' ADP E . -22.44 17.89 -12.65
N9 ADP E . -22.64 19.28 -12.19
C8 ADP E . -21.83 19.95 -11.35
N7 ADP E . -22.29 21.21 -11.11
C5 ADP E . -23.43 21.35 -11.81
C6 ADP E . -24.42 22.43 -12.00
N6 ADP E . -24.28 23.63 -11.38
N1 ADP E . -25.48 22.18 -12.80
C2 ADP E . -25.63 21.00 -13.42
N3 ADP E . -24.76 19.98 -13.29
C4 ADP E . -23.66 20.08 -12.51
PB ADP F . 19.88 -22.13 21.31
O1B ADP F . 19.14 -21.39 22.40
O2B ADP F . 19.41 -23.55 21.12
O3B ADP F . 20.07 -21.35 20.03
PA ADP F . 21.63 -23.43 23.01
O1A ADP F . 20.60 -23.25 24.10
O2A ADP F . 21.76 -24.76 22.32
O3A ADP F . 21.37 -22.31 21.90
O5' ADP F . 23.06 -23.06 23.63
C5' ADP F . 23.62 -23.95 24.59
C4' ADP F . 24.76 -23.31 25.36
O4' ADP F . 24.96 -24.06 26.55
C3' ADP F . 26.06 -23.31 24.58
O3' ADP F . 26.61 -21.99 24.55
C2' ADP F . 27.00 -24.22 25.35
O2' ADP F . 28.26 -23.57 25.52
C1' ADP F . 26.33 -24.42 26.70
N9 ADP F . 26.49 -25.82 27.19
C8 ADP F . 27.63 -26.36 27.62
N7 ADP F . 27.46 -27.64 28.02
C5 ADP F . 26.16 -27.93 27.86
C6 ADP F . 25.29 -29.12 28.09
N6 ADP F . 25.81 -30.27 28.59
N1 ADP F . 23.98 -29.01 27.79
C2 ADP F . 23.46 -27.88 27.29
N3 ADP F . 24.19 -26.77 27.06
C4 ADP F . 25.51 -26.73 27.32
MG MG G . 19.04 -22.64 18.66
#